data_7UTP
#
_entry.id   7UTP
#
_cell.length_a   1.00
_cell.length_b   1.00
_cell.length_c   1.00
_cell.angle_alpha   90.00
_cell.angle_beta   90.00
_cell.angle_gamma   90.00
#
_symmetry.space_group_name_H-M   'P 1'
#
loop_
_entity.id
_entity.type
_entity.pdbx_description
1 polymer 'Capsid protein VP1'
2 polymer 'Light chain antibody fragment'
3 polymer 'Heavy chain antibody fragment'
#
loop_
_entity_poly.entity_id
_entity_poly.type
_entity_poly.pdbx_seq_one_letter_code
_entity_poly.pdbx_strand_id
1 'polypeptide(L)'
;GVGISTGTFNNQTEFKFLENGWVEITANSSRLVHLNMPESENYRRVVVNNMDKTAVNGNMALDDIHAQIVTPWSLVDANA
WGVWFNPGDWQLIVNTMSELHLVSFEQEIFNVVLKTVSESATQPPTKVYNNDLTASLMVALDSNNTMPFTPAAMRSETLG
FYPWKPTIPTPWRYYFQWDRTLIPSHTGTSGTPTNIYHGTDPDDVQFYTIENSVPVHLLRTGDEFATGTFFFDCKPCRLT
HTWQTNRALGLPPFLNSLPQSEGATNFGDIGVQQDKRRGVTQMGNTNYITEATIMRPAEVGYSAPYYSFEASTQGPFKTP
IAAGRGGAQTDENQAADGNPRYAFGRQHGQKTTTTGETPERFTYIAHQDTGRYPEGDWIQNINFNLPVTNDNVLLPTDPI
GGKTGINYTNIFNTYGPLTALNNVPPVYPNGQIWDKEFDTDLKPRLHVNAPFVCQNNCPGQLFVKVAPNLTNEYDPDASA
NMSRIVTYSDFWWKGKLVFKAKLRASHTWNPIQQMSINVDNQFNYVPSNIGGMKIVYEKSQLAPRKLY
;
A,G,F,D,E,I,C,B
2 'polypeptide(L)'
;(UNK)(UNK)(UNK)(UNK)(UNK)(UNK)(UNK)(UNK)(UNK)(UNK)(UNK)(UNK)(UNK)(UNK)(UNK)(UNK)
(UNK)(UNK)(UNK)(UNK)(UNK)(UNK)(UNK)(UNK)(UNK)(UNK)(UNK)(UNK)(UNK)(UNK)(UNK)(UNK)
(UNK)(UNK)(UNK)(UNK)(UNK)(UNK)(UNK)(UNK)(UNK)(UNK)(UNK)(UNK)(UNK)(UNK)(UNK)(UNK)
(UNK)(UNK)(UNK)(UNK)(UNK)(UNK)(UNK)(UNK)(UNK)(UNK)(UNK)(UNK)(UNK)(UNK)(UNK)(UNK)
(UNK)(UNK)(UNK)(UNK)(UNK)(UNK)(UNK)(UNK)(UNK)(UNK)(UNK)(UNK)(UNK)(UNK)(UNK)(UNK)
(UNK)(UNK)(UNK)(UNK)(UNK)(UNK)(UNK)(UNK)(UNK)(UNK)(UNK)(UNK)(UNK)(UNK)(UNK)(UNK)
(UNK)(UNK)(UNK)
;
L
3 'polypeptide(L)'
;(UNK)(UNK)(UNK)(UNK)(UNK)(UNK)(UNK)(UNK)(UNK)(UNK)(UNK)(UNK)(UNK)(UNK)(UNK)(UNK)
(UNK)(UNK)(UNK)(UNK)(UNK)(UNK)(UNK)(UNK)(UNK)(UNK)(UNK)(UNK)(UNK)(UNK)(UNK)(UNK)
(UNK)(UNK)(UNK)(UNK)(UNK)(UNK)(UNK)(UNK)(UNK)(UNK)(UNK)(UNK)(UNK)(UNK)(UNK)(UNK)
(UNK)(UNK)(UNK)(UNK)(UNK)(UNK)(UNK)(UNK)(UNK)(UNK)(UNK)(UNK)(UNK)(UNK)(UNK)(UNK)
(UNK)(UNK)(UNK)(UNK)(UNK)(UNK)(UNK)(UNK)(UNK)(UNK)(UNK)(UNK)(UNK)(UNK)(UNK)(UNK)
(UNK)(UNK)(UNK)(UNK)(UNK)(UNK)(UNK)(UNK)(UNK)(UNK)(UNK)(UNK)(UNK)(UNK)(UNK)(UNK)
(UNK)(UNK)(UNK)(UNK)(UNK)(UNK)(UNK)(UNK)(UNK)(UNK)(UNK)(UNK)
;
H
#
# COMPACT_ATOMS: atom_id res chain seq x y z
N GLY A 1 4.82 -26.44 15.44
CA GLY A 1 3.54 -27.15 15.74
C GLY A 1 2.33 -26.25 15.69
N VAL A 2 1.22 -26.72 16.25
CA VAL A 2 -0.01 -25.94 16.24
C VAL A 2 0.09 -24.73 17.16
N GLY A 3 0.72 -24.90 18.32
CA GLY A 3 0.63 -23.94 19.41
C GLY A 3 1.66 -22.83 19.46
N ILE A 4 2.49 -22.67 18.43
CA ILE A 4 3.55 -21.67 18.40
C ILE A 4 3.18 -20.63 17.35
N SER A 5 3.29 -19.35 17.71
CA SER A 5 2.99 -18.27 16.79
C SER A 5 4.06 -18.16 15.72
N THR A 6 3.69 -17.59 14.57
CA THR A 6 4.56 -17.46 13.40
C THR A 6 4.77 -16.01 12.99
N GLY A 7 4.66 -15.06 13.92
CA GLY A 7 4.90 -13.68 13.59
C GLY A 7 4.47 -12.76 14.70
N THR A 8 4.39 -11.46 14.37
CA THR A 8 4.03 -10.42 15.32
C THR A 8 3.24 -9.33 14.61
N PHE A 9 2.14 -8.91 15.22
CA PHE A 9 1.36 -7.81 14.66
C PHE A 9 2.18 -6.53 14.82
N ASN A 10 2.18 -5.69 13.79
CA ASN A 10 3.02 -4.50 13.79
C ASN A 10 2.44 -3.46 12.86
N ASN A 11 1.91 -2.37 13.43
CA ASN A 11 1.49 -1.18 12.70
C ASN A 11 2.37 0.02 13.04
N GLN A 12 3.50 -0.18 13.72
CA GLN A 12 4.31 0.93 14.18
C GLN A 12 5.11 1.49 13.00
N THR A 13 4.81 2.74 12.63
CA THR A 13 5.58 3.41 11.59
C THR A 13 6.81 4.07 12.19
N GLU A 14 7.94 3.90 11.51
CA GLU A 14 9.25 4.26 12.02
C GLU A 14 9.91 5.22 11.04
N PHE A 15 10.37 6.36 11.57
CA PHE A 15 10.98 7.41 10.76
C PHE A 15 12.48 7.41 11.05
N LYS A 16 13.26 6.91 10.10
CA LYS A 16 14.71 6.77 10.25
C LYS A 16 15.38 7.75 9.29
N PHE A 17 16.36 8.49 9.80
CA PHE A 17 16.92 9.65 9.12
C PHE A 17 18.31 9.35 8.59
N LEU A 18 18.67 10.03 7.50
CA LEU A 18 19.92 9.81 6.79
C LEU A 18 20.60 11.15 6.50
N GLU A 19 21.71 11.08 5.80
CA GLU A 19 22.48 12.27 5.45
C GLU A 19 21.78 13.03 4.32
N ASN A 20 22.18 14.29 4.16
CA ASN A 20 21.68 15.17 3.11
C ASN A 20 20.17 15.39 3.19
N GLY A 21 19.60 15.31 4.38
CA GLY A 21 18.20 15.65 4.56
C GLY A 21 17.20 14.63 4.06
N TRP A 22 17.64 13.42 3.72
CA TRP A 22 16.73 12.36 3.33
C TRP A 22 16.28 11.60 4.57
N VAL A 23 15.02 11.13 4.55
CA VAL A 23 14.43 10.37 5.64
C VAL A 23 13.82 9.08 5.09
N GLU A 24 14.21 7.96 5.68
CA GLU A 24 13.71 6.64 5.32
C GLU A 24 12.48 6.37 6.18
N ILE A 25 11.37 6.02 5.54
CA ILE A 25 10.06 5.96 6.20
C ILE A 25 9.52 4.55 5.97
N THR A 26 9.41 3.78 7.06
CA THR A 26 8.99 2.40 7.04
C THR A 26 7.56 2.30 7.58
N ALA A 27 6.59 2.16 6.69
CA ALA A 27 5.19 2.01 7.07
C ALA A 27 4.93 0.53 7.30
N ASN A 28 4.90 0.13 8.57
CA ASN A 28 4.44 -1.20 8.94
C ASN A 28 2.92 -1.17 9.11
N SER A 29 2.26 -2.25 8.68
CA SER A 29 0.82 -2.35 8.75
C SER A 29 0.43 -3.81 8.92
N SER A 30 -0.75 -4.04 9.45
CA SER A 30 -1.22 -5.40 9.69
C SER A 30 -2.72 -5.38 9.95
N ARG A 31 -3.40 -6.40 9.43
CA ARG A 31 -4.84 -6.52 9.51
C ARG A 31 -5.21 -7.98 9.72
N LEU A 32 -6.35 -8.21 10.37
CA LEU A 32 -6.97 -9.52 10.44
C LEU A 32 -7.90 -9.69 9.25
N VAL A 33 -7.52 -10.54 8.29
CA VAL A 33 -8.30 -10.79 7.09
C VAL A 33 -9.18 -11.99 7.36
N HIS A 34 -10.49 -11.82 7.23
CA HIS A 34 -11.48 -12.87 7.43
C HIS A 34 -12.06 -13.28 6.09
N LEU A 35 -11.87 -14.54 5.72
CA LEU A 35 -12.20 -15.05 4.38
C LEU A 35 -13.22 -16.16 4.51
N ASN A 36 -14.41 -15.94 3.95
CA ASN A 36 -15.38 -17.01 3.81
C ASN A 36 -15.02 -17.87 2.61
N MET A 37 -15.63 -19.06 2.55
CA MET A 37 -15.35 -19.97 1.46
C MET A 37 -15.96 -19.42 0.17
N PRO A 38 -15.51 -19.88 -1.00
CA PRO A 38 -16.08 -19.37 -2.24
C PRO A 38 -17.51 -19.85 -2.43
N GLU A 39 -18.31 -19.00 -3.08
CA GLU A 39 -19.71 -19.35 -3.33
C GLU A 39 -19.83 -20.57 -4.23
N SER A 40 -19.02 -20.64 -5.28
CA SER A 40 -18.95 -21.80 -6.17
C SER A 40 -17.51 -21.98 -6.60
N GLU A 41 -17.01 -23.21 -6.47
CA GLU A 41 -15.61 -23.49 -6.78
C GLU A 41 -15.31 -23.35 -8.27
N ASN A 42 -16.28 -23.66 -9.12
CA ASN A 42 -16.03 -23.66 -10.55
C ASN A 42 -15.89 -22.24 -11.08
N TYR A 43 -15.00 -22.05 -12.03
CA TYR A 43 -14.87 -20.76 -12.71
C TYR A 43 -16.13 -20.49 -13.52
N ARG A 44 -16.44 -19.21 -13.71
CA ARG A 44 -17.62 -18.75 -14.42
C ARG A 44 -17.22 -17.82 -15.55
N ARG A 45 -18.15 -17.62 -16.48
CA ARG A 45 -18.09 -16.55 -17.46
C ARG A 45 -19.49 -15.96 -17.57
N VAL A 46 -19.67 -14.78 -16.99
CA VAL A 46 -20.97 -14.12 -16.88
C VAL A 46 -20.87 -12.78 -17.58
N VAL A 47 -21.83 -12.51 -18.47
CA VAL A 47 -21.98 -11.21 -19.12
C VAL A 47 -23.24 -10.56 -18.57
N VAL A 48 -23.11 -9.30 -18.19
CA VAL A 48 -24.20 -8.50 -17.64
C VAL A 48 -24.66 -7.52 -18.71
N ASN A 49 -25.96 -7.24 -18.73
CA ASN A 49 -26.58 -6.51 -19.85
C ASN A 49 -27.78 -5.78 -19.25
N ASN A 50 -27.62 -4.48 -19.04
CA ASN A 50 -28.75 -3.61 -18.68
C ASN A 50 -29.47 -3.06 -19.91
N MET A 51 -29.91 -3.96 -20.78
CA MET A 51 -30.67 -3.56 -21.97
C MET A 51 -31.96 -2.85 -21.55
N ASP A 52 -32.58 -3.32 -20.47
CA ASP A 52 -33.80 -2.68 -19.96
C ASP A 52 -33.53 -1.24 -19.57
N LYS A 53 -32.43 -0.97 -18.85
CA LYS A 53 -32.16 0.37 -18.37
C LYS A 53 -31.71 1.30 -19.49
N THR A 54 -30.86 0.81 -20.39
CA THR A 54 -30.32 1.65 -21.45
C THR A 54 -31.23 1.76 -22.67
N ALA A 55 -32.41 1.11 -22.66
CA ALA A 55 -33.29 1.18 -23.82
C ALA A 55 -33.85 2.58 -24.03
N VAL A 56 -34.05 3.34 -22.95
CA VAL A 56 -34.59 4.68 -23.06
C VAL A 56 -33.56 5.58 -23.72
N ASN A 57 -33.98 6.32 -24.74
CA ASN A 57 -33.09 7.25 -25.41
C ASN A 57 -32.70 8.38 -24.47
N GLY A 58 -31.40 8.49 -24.18
CA GLY A 58 -30.87 9.45 -23.22
C GLY A 58 -29.94 8.80 -22.23
N ASN A 59 -30.24 7.56 -21.84
CA ASN A 59 -29.40 6.82 -20.91
C ASN A 59 -28.23 6.11 -21.59
N MET A 60 -27.44 6.86 -22.36
CA MET A 60 -26.36 6.26 -23.14
C MET A 60 -25.09 6.14 -22.32
N ALA A 61 -24.79 7.14 -21.49
CA ALA A 61 -23.62 7.08 -20.63
C ALA A 61 -23.78 6.09 -19.48
N LEU A 62 -24.99 5.61 -19.23
CA LEU A 62 -25.26 4.66 -18.14
C LEU A 62 -24.98 3.21 -18.53
N ASP A 63 -24.30 2.98 -19.66
CA ASP A 63 -23.91 1.65 -20.10
C ASP A 63 -23.05 0.97 -19.03
N ASP A 64 -23.48 -0.21 -18.60
CA ASP A 64 -22.72 -1.10 -17.72
C ASP A 64 -22.57 -2.50 -18.30
N ILE A 65 -22.74 -2.66 -19.61
CA ILE A 65 -22.70 -3.97 -20.24
C ILE A 65 -21.24 -4.38 -20.40
N HIS A 66 -20.88 -5.48 -19.73
CA HIS A 66 -19.51 -5.98 -19.73
C HIS A 66 -19.56 -7.47 -19.43
N ALA A 67 -18.40 -8.12 -19.60
CA ALA A 67 -18.22 -9.55 -19.35
C ALA A 67 -17.03 -9.75 -18.43
N GLN A 68 -17.10 -10.77 -17.59
CA GLN A 68 -16.05 -11.03 -16.60
C GLN A 68 -15.99 -12.51 -16.28
N ILE A 69 -14.79 -12.98 -15.98
CA ILE A 69 -14.57 -14.31 -15.43
C ILE A 69 -14.57 -14.21 -13.91
N VAL A 70 -15.48 -14.92 -13.27
CA VAL A 70 -15.61 -14.92 -11.81
C VAL A 70 -14.88 -16.14 -11.27
N THR A 71 -13.77 -15.90 -10.59
CA THR A 71 -12.90 -16.94 -10.07
C THR A 71 -13.32 -17.32 -8.66
N PRO A 72 -12.95 -18.51 -8.17
CA PRO A 72 -13.20 -18.82 -6.75
C PRO A 72 -12.19 -18.23 -5.79
N TRP A 73 -11.20 -17.49 -6.28
CA TRP A 73 -10.13 -16.93 -5.47
C TRP A 73 -10.52 -15.54 -4.99
N SER A 74 -9.80 -15.08 -3.96
CA SER A 74 -10.00 -13.75 -3.39
C SER A 74 -8.64 -13.06 -3.27
N LEU A 75 -8.66 -11.74 -3.37
CA LEU A 75 -7.47 -10.93 -3.59
C LEU A 75 -7.18 -10.07 -2.37
N VAL A 76 -5.96 -10.16 -1.86
CA VAL A 76 -5.45 -9.29 -0.80
C VAL A 76 -4.57 -8.24 -1.46
N ASP A 77 -5.06 -7.01 -1.53
CA ASP A 77 -4.40 -5.90 -2.21
C ASP A 77 -4.21 -4.74 -1.23
N ALA A 78 -2.99 -4.21 -1.20
CA ALA A 78 -2.60 -3.15 -0.27
C ALA A 78 -2.47 -1.79 -0.95
N ASN A 79 -3.04 -1.61 -2.13
CA ASN A 79 -2.95 -0.33 -2.84
C ASN A 79 -3.89 0.68 -2.19
N ALA A 80 -3.43 1.32 -1.12
CA ALA A 80 -4.16 2.44 -0.53
C ALA A 80 -3.30 3.11 0.53
N TRP A 81 -3.31 4.45 0.54
CA TRP A 81 -2.55 5.16 1.57
C TRP A 81 -3.12 4.91 2.95
N GLY A 82 -4.44 4.72 3.05
CA GLY A 82 -5.04 4.43 4.34
C GLY A 82 -4.64 3.09 4.90
N VAL A 83 -4.27 2.13 4.05
CA VAL A 83 -3.79 0.85 4.54
C VAL A 83 -2.48 1.01 5.30
N TRP A 84 -1.68 2.03 4.98
CA TRP A 84 -0.30 2.12 5.41
C TRP A 84 -0.03 3.24 6.39
N PHE A 85 -0.74 4.37 6.29
CA PHE A 85 -0.54 5.55 7.10
C PHE A 85 -1.83 5.95 7.81
N ASN A 86 -1.68 6.81 8.80
CA ASN A 86 -2.76 7.36 9.61
C ASN A 86 -2.73 8.88 9.52
N PRO A 87 -3.73 9.58 10.10
CA PRO A 87 -3.73 11.05 10.03
C PRO A 87 -2.51 11.75 10.59
N GLY A 88 -1.94 11.28 11.70
CA GLY A 88 -0.74 11.92 12.23
C GLY A 88 0.46 11.70 11.34
N ASP A 89 0.66 10.45 10.90
CA ASP A 89 1.79 10.16 10.04
C ASP A 89 1.62 10.82 8.68
N TRP A 90 0.38 10.83 8.17
CA TRP A 90 0.11 11.53 6.92
C TRP A 90 0.31 13.02 7.07
N GLN A 91 0.02 13.56 8.26
CA GLN A 91 0.30 14.97 8.51
C GLN A 91 1.78 15.24 8.39
N LEU A 92 2.59 14.43 9.05
CA LEU A 92 4.03 14.66 9.04
C LEU A 92 4.60 14.50 7.63
N ILE A 93 4.07 13.51 6.89
CA ILE A 93 4.43 13.30 5.48
C ILE A 93 4.15 14.56 4.67
N VAL A 94 2.92 15.07 4.77
CA VAL A 94 2.51 16.17 3.91
C VAL A 94 3.24 17.44 4.30
N ASN A 95 3.41 17.65 5.60
CA ASN A 95 3.92 18.93 6.09
C ASN A 95 5.42 19.09 5.89
N THR A 96 6.21 18.06 6.23
CA THR A 96 7.65 18.23 6.35
C THR A 96 8.46 17.63 5.22
N MET A 97 7.91 16.74 4.41
CA MET A 97 8.59 16.24 3.21
C MET A 97 8.27 17.14 2.03
N SER A 98 9.17 17.17 1.05
CA SER A 98 8.96 17.85 -0.22
C SER A 98 8.88 16.89 -1.40
N GLU A 99 9.63 15.80 -1.35
CA GLU A 99 9.67 14.78 -2.39
C GLU A 99 9.49 13.41 -1.73
N LEU A 100 9.23 12.40 -2.55
CA LEU A 100 8.94 11.06 -2.04
C LEU A 100 9.27 10.03 -3.11
N HIS A 101 9.93 8.95 -2.69
CA HIS A 101 10.28 7.82 -3.55
C HIS A 101 9.62 6.56 -2.99
N LEU A 102 9.30 5.62 -3.88
CA LEU A 102 8.98 4.26 -3.46
C LEU A 102 10.24 3.42 -3.51
N VAL A 103 10.47 2.63 -2.46
CA VAL A 103 11.70 1.87 -2.27
C VAL A 103 11.43 0.38 -2.38
N SER A 104 10.58 -0.15 -1.49
CA SER A 104 10.41 -1.61 -1.40
C SER A 104 9.07 -1.94 -0.76
N PHE A 105 8.68 -3.21 -0.90
CA PHE A 105 7.38 -3.68 -0.47
C PHE A 105 7.43 -5.18 -0.26
N GLU A 106 6.77 -5.67 0.79
CA GLU A 106 6.67 -7.10 1.05
C GLU A 106 5.41 -7.38 1.87
N GLN A 107 4.89 -8.60 1.70
CA GLN A 107 3.77 -9.12 2.46
C GLN A 107 4.17 -10.43 3.10
N GLU A 108 3.40 -10.85 4.11
CA GLU A 108 3.59 -12.16 4.71
C GLU A 108 2.34 -12.53 5.49
N ILE A 109 1.79 -13.70 5.19
CA ILE A 109 0.63 -14.24 5.89
C ILE A 109 1.15 -15.05 7.07
N PHE A 110 0.52 -14.88 8.23
CA PHE A 110 0.97 -15.52 9.45
C PHE A 110 -0.21 -15.72 10.38
N ASN A 111 -0.09 -16.75 11.23
CA ASN A 111 -1.09 -17.06 12.25
C ASN A 111 -2.43 -17.40 11.60
N VAL A 112 -2.41 -18.41 10.75
CA VAL A 112 -3.60 -18.81 10.00
C VAL A 112 -4.44 -19.77 10.84
N VAL A 113 -5.76 -19.54 10.84
CA VAL A 113 -6.72 -20.35 11.58
C VAL A 113 -7.89 -20.66 10.66
N LEU A 114 -8.30 -21.93 10.63
CA LEU A 114 -9.42 -22.40 9.83
C LEU A 114 -10.41 -23.12 10.74
N LYS A 115 -11.69 -23.06 10.35
CA LYS A 115 -12.78 -23.41 11.25
C LYS A 115 -13.98 -23.85 10.43
N THR A 116 -14.82 -24.69 11.04
CA THR A 116 -16.03 -25.22 10.43
C THR A 116 -17.21 -24.95 11.35
N VAL A 117 -18.41 -25.19 10.82
CA VAL A 117 -19.66 -24.88 11.50
C VAL A 117 -20.61 -26.07 11.39
N SER A 118 -21.58 -26.11 12.29
CA SER A 118 -22.61 -27.14 12.27
C SER A 118 -23.85 -26.61 12.97
N GLU A 119 -25.00 -27.19 12.63
CA GLU A 119 -26.27 -26.78 13.23
C GLU A 119 -26.37 -27.30 14.66
N THR A 126 -28.27 -21.14 16.63
CA THR A 126 -28.18 -22.52 17.08
C THR A 126 -26.97 -23.24 16.48
N LYS A 127 -25.94 -22.48 16.13
CA LYS A 127 -24.76 -23.04 15.49
C LYS A 127 -23.74 -23.50 16.53
N VAL A 128 -22.85 -24.40 16.10
CA VAL A 128 -21.73 -24.87 16.91
C VAL A 128 -20.48 -24.66 16.08
N TYR A 129 -19.52 -23.92 16.64
CA TYR A 129 -18.28 -23.57 15.96
C TYR A 129 -17.17 -24.48 16.46
N ASN A 130 -16.56 -25.23 15.55
CA ASN A 130 -15.55 -26.23 15.87
C ASN A 130 -14.34 -25.99 14.99
N ASN A 131 -13.18 -25.90 15.63
CA ASN A 131 -11.95 -25.73 14.89
C ASN A 131 -11.64 -26.98 14.07
N ASP A 132 -11.06 -26.77 12.90
CA ASP A 132 -10.53 -27.84 12.05
C ASP A 132 -9.02 -27.64 12.02
N LEU A 133 -8.31 -28.44 12.81
CA LEU A 133 -6.87 -28.34 12.88
C LEU A 133 -6.19 -28.75 11.57
N THR A 134 -6.89 -29.51 10.71
CA THR A 134 -6.27 -30.15 9.57
C THR A 134 -6.48 -29.43 8.24
N ALA A 135 -7.46 -28.53 8.15
CA ALA A 135 -7.76 -27.89 6.88
C ALA A 135 -6.58 -27.03 6.43
N SER A 136 -6.62 -26.65 5.15
CA SER A 136 -5.53 -25.93 4.51
C SER A 136 -6.09 -24.74 3.76
N LEU A 137 -5.32 -23.65 3.76
CA LEU A 137 -5.63 -22.42 3.04
C LEU A 137 -4.73 -22.33 1.82
N MET A 138 -5.33 -22.31 0.63
CA MET A 138 -4.58 -22.17 -0.60
C MET A 138 -4.21 -20.70 -0.78
N VAL A 139 -2.92 -20.42 -0.95
CA VAL A 139 -2.41 -19.07 -1.12
C VAL A 139 -1.43 -19.10 -2.28
N ALA A 140 -1.49 -18.08 -3.14
CA ALA A 140 -0.64 -17.97 -4.31
C ALA A 140 -0.24 -16.52 -4.50
N LEU A 141 1.04 -16.29 -4.77
CA LEU A 141 1.58 -14.97 -5.06
C LEU A 141 2.10 -14.97 -6.49
N ASP A 142 1.58 -14.07 -7.31
CA ASP A 142 1.91 -14.03 -8.74
C ASP A 142 3.18 -13.20 -8.91
N SER A 143 4.30 -13.92 -8.84
CA SER A 143 5.61 -13.27 -8.96
C SER A 143 5.96 -12.94 -10.40
N ASN A 144 5.56 -13.80 -11.35
CA ASN A 144 5.88 -13.61 -12.75
C ASN A 144 4.93 -12.65 -13.46
N ASN A 145 3.99 -12.03 -12.74
CA ASN A 145 3.00 -11.14 -13.34
C ASN A 145 2.16 -11.87 -14.39
N THR A 146 1.91 -13.16 -14.15
CA THR A 146 1.25 -13.96 -15.17
C THR A 146 -0.25 -13.70 -15.20
N MET A 147 -0.88 -13.45 -14.05
CA MET A 147 -2.30 -13.15 -14.00
C MET A 147 -2.55 -11.68 -14.31
N PRO A 148 -3.72 -11.32 -14.87
CA PRO A 148 -3.90 -9.92 -15.30
C PRO A 148 -3.99 -8.98 -14.12
N PHE A 149 -3.53 -7.75 -14.32
CA PHE A 149 -3.47 -6.80 -13.23
C PHE A 149 -4.85 -6.22 -12.94
N THR A 150 -5.10 -5.96 -11.66
CA THR A 150 -6.40 -5.51 -11.18
C THR A 150 -6.17 -4.66 -9.93
N PRO A 151 -6.20 -3.33 -10.03
CA PRO A 151 -6.06 -2.53 -8.80
C PRO A 151 -7.36 -2.52 -8.01
N ALA A 152 -7.29 -2.99 -6.77
CA ALA A 152 -8.48 -3.02 -5.91
C ALA A 152 -8.89 -1.63 -5.43
N ALA A 153 -8.00 -0.64 -5.49
CA ALA A 153 -8.32 0.69 -5.02
C ALA A 153 -9.45 1.31 -5.83
N MET A 154 -9.51 0.98 -7.12
CA MET A 154 -10.42 1.68 -8.01
C MET A 154 -11.89 1.45 -7.73
N ARG A 155 -12.26 0.35 -7.07
CA ARG A 155 -13.64 0.09 -6.68
C ARG A 155 -13.83 0.07 -5.18
N SER A 156 -12.90 0.66 -4.42
CA SER A 156 -13.01 0.79 -2.97
C SER A 156 -13.11 -0.58 -2.30
N GLU A 157 -12.37 -1.54 -2.85
CA GLU A 157 -12.27 -2.89 -2.31
C GLU A 157 -10.87 -3.24 -1.83
N THR A 158 -10.08 -2.22 -1.44
CA THR A 158 -8.79 -2.51 -0.81
C THR A 158 -9.02 -3.04 0.61
N LEU A 159 -7.92 -3.26 1.31
CA LEU A 159 -8.01 -3.67 2.71
C LEU A 159 -8.47 -2.50 3.56
N GLY A 160 -9.13 -2.83 4.67
CA GLY A 160 -9.63 -1.79 5.55
C GLY A 160 -8.52 -0.97 6.17
N PHE A 161 -8.80 0.32 6.39
CA PHE A 161 -7.77 1.25 6.83
C PHE A 161 -7.58 1.21 8.34
N TYR A 162 -8.63 0.90 9.09
CA TYR A 162 -8.51 0.89 10.54
C TYR A 162 -7.70 -0.33 10.96
N PRO A 163 -6.57 -0.19 11.68
CA PRO A 163 -5.81 -1.40 12.03
C PRO A 163 -6.51 -2.31 13.04
N TRP A 164 -7.37 -1.78 13.91
CA TRP A 164 -8.00 -2.63 14.91
C TRP A 164 -9.12 -3.48 14.34
N LYS A 165 -9.95 -2.91 13.46
CA LYS A 165 -11.09 -3.65 12.95
C LYS A 165 -10.61 -4.78 12.03
N PRO A 166 -11.38 -5.86 11.88
CA PRO A 166 -11.03 -6.87 10.87
C PRO A 166 -11.37 -6.38 9.47
N THR A 167 -10.99 -7.20 8.49
CA THR A 167 -11.19 -6.92 7.08
C THR A 167 -11.59 -8.21 6.38
N ILE A 168 -11.95 -8.08 5.11
CA ILE A 168 -12.15 -9.22 4.21
C ILE A 168 -11.41 -8.96 2.90
N PRO A 169 -11.06 -9.98 2.13
CA PRO A 169 -10.53 -9.77 0.78
C PRO A 169 -11.64 -9.83 -0.25
N THR A 170 -11.50 -9.02 -1.27
CA THR A 170 -12.53 -9.01 -2.31
C THR A 170 -12.50 -10.33 -3.09
N PRO A 171 -13.64 -10.87 -3.50
CA PRO A 171 -13.60 -11.98 -4.47
C PRO A 171 -13.04 -11.49 -5.80
N TRP A 172 -12.12 -12.26 -6.37
CA TRP A 172 -11.38 -11.82 -7.54
C TRP A 172 -12.13 -12.19 -8.82
N ARG A 173 -11.99 -11.32 -9.82
CA ARG A 173 -12.57 -11.55 -11.13
C ARG A 173 -11.80 -10.70 -12.13
N TYR A 174 -11.94 -11.04 -13.41
CA TYR A 174 -11.29 -10.27 -14.46
C TYR A 174 -12.13 -10.28 -15.72
N TYR A 175 -11.93 -9.22 -16.50
CA TYR A 175 -12.58 -9.02 -17.78
C TYR A 175 -12.23 -10.10 -18.80
N PHE A 176 -13.26 -10.81 -19.27
CA PHE A 176 -13.22 -11.51 -20.54
C PHE A 176 -13.50 -10.51 -21.65
N GLN A 177 -13.31 -10.93 -22.90
CA GLN A 177 -13.55 -10.06 -24.03
C GLN A 177 -15.01 -10.08 -24.46
N TRP A 178 -15.48 -8.95 -24.98
CA TRP A 178 -16.80 -8.85 -25.57
C TRP A 178 -16.78 -7.77 -26.64
N ASP A 179 -17.57 -7.98 -27.68
CA ASP A 179 -17.79 -7.03 -28.76
C ASP A 179 -19.18 -6.43 -28.60
N ARG A 180 -19.30 -5.13 -28.78
CA ARG A 180 -20.58 -4.47 -28.57
C ARG A 180 -20.56 -3.09 -29.25
N THR A 181 -21.73 -2.69 -29.73
CA THR A 181 -21.97 -1.34 -30.25
C THR A 181 -23.21 -0.77 -29.57
N LEU A 182 -23.15 0.53 -29.26
CA LEU A 182 -24.28 1.26 -28.70
C LEU A 182 -24.27 2.63 -29.38
N ILE A 183 -25.22 2.86 -30.26
CA ILE A 183 -25.28 4.13 -30.99
C ILE A 183 -25.91 5.14 -30.04
N PRO A 184 -25.31 6.30 -29.79
CA PRO A 184 -25.94 7.23 -28.83
C PRO A 184 -27.24 7.79 -29.38
N SER A 185 -28.29 7.67 -28.58
CA SER A 185 -29.61 8.21 -28.87
C SER A 185 -30.09 8.93 -27.63
N HIS A 186 -30.76 10.06 -27.84
CA HIS A 186 -31.18 10.95 -26.77
C HIS A 186 -32.67 11.24 -26.93
N THR A 187 -33.24 11.87 -25.89
CA THR A 187 -34.68 11.77 -25.60
C THR A 187 -35.54 12.26 -26.75
N GLY A 188 -35.03 13.16 -27.58
CA GLY A 188 -35.78 13.64 -28.73
C GLY A 188 -35.74 12.70 -29.92
N THR A 189 -34.75 11.82 -29.97
CA THR A 189 -34.67 10.87 -31.07
C THR A 189 -35.83 9.89 -30.99
N SER A 190 -36.34 9.50 -32.16
CA SER A 190 -37.58 8.72 -32.24
C SER A 190 -37.30 7.22 -32.27
N GLY A 191 -36.58 6.75 -33.27
CA GLY A 191 -36.33 5.34 -33.42
C GLY A 191 -35.31 4.83 -32.43
N THR A 192 -35.35 3.52 -32.21
CA THR A 192 -34.41 2.90 -31.29
C THR A 192 -33.01 2.88 -31.92
N PRO A 193 -31.94 2.96 -31.12
CA PRO A 193 -30.60 2.72 -31.67
C PRO A 193 -30.28 1.23 -31.67
N THR A 194 -29.30 0.87 -32.49
CA THR A 194 -28.84 -0.51 -32.49
C THR A 194 -27.92 -0.74 -31.31
N ASN A 195 -28.45 -1.42 -30.29
CA ASN A 195 -27.74 -1.72 -29.05
C ASN A 195 -27.79 -3.24 -28.88
N ILE A 196 -26.71 -3.91 -29.27
CA ILE A 196 -26.71 -5.36 -29.41
C ILE A 196 -25.35 -5.89 -28.98
N TYR A 197 -25.35 -7.00 -28.23
CA TYR A 197 -24.13 -7.68 -27.83
C TYR A 197 -23.74 -8.64 -28.95
N HIS A 198 -22.70 -8.28 -29.71
CA HIS A 198 -22.31 -9.06 -30.88
C HIS A 198 -21.81 -10.46 -30.53
N GLY A 199 -21.06 -10.60 -29.44
CA GLY A 199 -20.45 -11.86 -29.07
C GLY A 199 -19.06 -11.66 -28.50
N THR A 200 -18.15 -12.58 -28.78
CA THR A 200 -16.74 -12.46 -28.43
C THR A 200 -15.90 -12.87 -29.61
N ASP A 201 -14.91 -12.05 -29.95
CA ASP A 201 -14.05 -12.36 -31.09
C ASP A 201 -13.17 -13.55 -30.72
N PRO A 202 -13.06 -14.61 -31.54
CA PRO A 202 -12.31 -15.80 -31.08
C PRO A 202 -10.83 -15.57 -30.82
N ASP A 203 -10.19 -14.63 -31.53
CA ASP A 203 -8.76 -14.47 -31.32
C ASP A 203 -8.41 -13.85 -29.97
N ASP A 204 -9.39 -13.27 -29.27
CA ASP A 204 -9.15 -12.54 -28.02
C ASP A 204 -9.50 -13.33 -26.77
N VAL A 205 -9.94 -14.58 -26.88
CA VAL A 205 -10.28 -15.35 -25.68
C VAL A 205 -9.01 -15.69 -24.93
N GLN A 206 -8.95 -15.29 -23.67
CA GLN A 206 -7.74 -15.32 -22.86
C GLN A 206 -8.06 -15.83 -21.45
N PHE A 207 -8.75 -16.96 -21.35
CA PHE A 207 -9.20 -17.51 -20.08
C PHE A 207 -8.00 -17.95 -19.24
N TYR A 208 -7.65 -17.14 -18.25
CA TYR A 208 -6.58 -17.45 -17.31
C TYR A 208 -7.13 -18.26 -16.14
N THR A 209 -6.24 -18.96 -15.45
CA THR A 209 -6.57 -19.68 -14.23
C THR A 209 -5.39 -19.61 -13.28
N ILE A 210 -5.70 -19.43 -11.99
CA ILE A 210 -4.65 -19.34 -10.98
C ILE A 210 -3.88 -20.65 -10.90
N GLU A 211 -4.58 -21.79 -11.04
CA GLU A 211 -3.97 -23.09 -10.77
C GLU A 211 -2.85 -23.41 -11.76
N ASN A 212 -3.05 -23.11 -13.03
CA ASN A 212 -2.10 -23.50 -14.08
C ASN A 212 -1.01 -22.47 -14.32
N SER A 213 -0.96 -21.38 -13.54
CA SER A 213 -0.12 -20.23 -13.85
C SER A 213 0.78 -19.77 -12.73
N VAL A 214 0.44 -20.06 -11.47
CA VAL A 214 1.27 -19.70 -10.31
C VAL A 214 1.41 -20.93 -9.41
N PRO A 215 2.52 -21.04 -8.66
CA PRO A 215 2.53 -22.07 -7.61
C PRO A 215 1.59 -21.68 -6.49
N VAL A 216 1.09 -22.70 -5.80
CA VAL A 216 0.11 -22.53 -4.73
C VAL A 216 0.61 -23.27 -3.51
N HIS A 217 0.66 -22.58 -2.37
CA HIS A 217 1.11 -23.15 -1.11
C HIS A 217 -0.10 -23.48 -0.25
N LEU A 218 -0.19 -24.73 0.17
CA LEU A 218 -1.31 -25.22 0.98
C LEU A 218 -1.02 -24.99 2.46
N LEU A 219 -1.17 -23.73 2.86
CA LEU A 219 -0.78 -23.31 4.20
C LEU A 219 -1.71 -23.94 5.23
N ARG A 220 -1.15 -24.70 6.17
CA ARG A 220 -1.92 -25.23 7.30
C ARG A 220 -1.87 -24.22 8.45
N THR A 221 -2.43 -24.61 9.59
CA THR A 221 -2.58 -23.69 10.71
C THR A 221 -1.26 -23.31 11.35
N GLY A 222 -0.24 -24.16 11.26
CA GLY A 222 1.02 -23.95 11.94
C GLY A 222 2.13 -23.33 11.13
N ASP A 223 1.88 -22.93 9.89
CA ASP A 223 2.90 -22.55 8.92
C ASP A 223 2.66 -21.14 8.34
N GLU A 224 3.60 -20.70 7.50
CA GLU A 224 3.77 -19.28 7.21
C GLU A 224 4.18 -19.11 5.75
N PHE A 225 3.90 -17.92 5.22
CA PHE A 225 4.26 -17.51 3.86
C PHE A 225 4.88 -16.13 4.01
N ALA A 226 6.06 -15.91 3.44
CA ALA A 226 6.66 -14.58 3.35
C ALA A 226 7.16 -14.31 1.95
N THR A 227 6.70 -13.20 1.38
CA THR A 227 7.24 -12.68 0.13
C THR A 227 8.61 -12.07 0.36
N GLY A 228 9.45 -12.16 -0.66
CA GLY A 228 10.69 -11.41 -0.65
C GLY A 228 10.44 -9.93 -0.84
N THR A 229 11.48 -9.15 -0.55
CA THR A 229 11.38 -7.70 -0.64
C THR A 229 11.38 -7.29 -2.10
N PHE A 230 10.20 -7.11 -2.68
CA PHE A 230 10.12 -6.56 -4.03
C PHE A 230 10.59 -5.12 -4.01
N PHE A 231 11.21 -4.69 -5.12
CA PHE A 231 11.83 -3.38 -5.23
C PHE A 231 11.17 -2.59 -6.36
N PHE A 232 10.81 -1.35 -6.07
CA PHE A 232 10.28 -0.44 -7.06
C PHE A 232 11.41 0.26 -7.81
N ASP A 233 11.03 0.90 -8.92
CA ASP A 233 11.90 1.81 -9.66
C ASP A 233 11.15 3.03 -10.18
N CYS A 234 10.11 3.47 -9.48
CA CYS A 234 9.27 4.54 -9.98
C CYS A 234 10.00 5.88 -9.92
N LYS A 235 9.47 6.86 -10.66
CA LYS A 235 10.01 8.20 -10.60
C LYS A 235 9.55 8.87 -9.31
N PRO A 236 10.29 9.89 -8.82
CA PRO A 236 9.86 10.55 -7.58
C PRO A 236 8.60 11.37 -7.78
N CYS A 237 7.70 11.28 -6.79
CA CYS A 237 6.55 12.16 -6.72
C CYS A 237 6.91 13.40 -5.92
N ARG A 238 6.23 14.50 -6.23
CA ARG A 238 6.44 15.79 -5.59
C ARG A 238 5.25 16.06 -4.69
N LEU A 239 5.53 16.42 -3.44
CA LEU A 239 4.49 16.70 -2.45
C LEU A 239 4.25 18.21 -2.38
N THR A 240 4.43 18.90 -3.51
CA THR A 240 4.26 20.34 -3.59
C THR A 240 3.69 20.69 -4.96
N HIS A 241 2.83 21.72 -4.97
CA HIS A 241 2.02 22.06 -6.13
C HIS A 241 2.54 23.33 -6.79
N THR A 242 2.21 23.47 -8.07
CA THR A 242 2.50 24.69 -8.82
C THR A 242 1.33 25.65 -8.73
N TRP A 243 1.66 26.94 -8.82
CA TRP A 243 0.66 28.01 -8.92
C TRP A 243 0.88 28.81 -10.19
N GLN A 244 2.13 28.89 -10.65
CA GLN A 244 2.42 29.67 -11.83
C GLN A 244 1.82 29.02 -13.06
N THR A 245 0.88 29.71 -13.69
CA THR A 245 0.34 29.37 -14.99
C THR A 245 1.01 30.28 -16.02
N ASN A 246 0.52 30.24 -17.26
CA ASN A 246 1.19 30.92 -18.37
C ASN A 246 1.38 32.40 -18.14
N ARG A 247 0.36 33.05 -17.59
CA ARG A 247 0.48 34.47 -17.29
C ARG A 247 1.52 34.73 -16.20
N ALA A 248 1.84 33.72 -15.38
CA ALA A 248 2.72 33.87 -14.23
C ALA A 248 4.11 33.30 -14.48
N LEU A 249 4.66 33.47 -15.69
CA LEU A 249 6.02 33.07 -16.02
C LEU A 249 6.77 34.22 -16.68
N GLY A 250 8.05 34.33 -16.37
CA GLY A 250 8.91 35.31 -16.99
C GLY A 250 8.96 36.62 -16.25
N LEU A 251 9.73 37.55 -16.81
CA LEU A 251 9.91 38.85 -16.17
C LEU A 251 8.60 39.64 -16.24
N PRO A 252 8.10 40.20 -15.14
CA PRO A 252 6.92 41.07 -15.23
C PRO A 252 7.23 42.32 -16.03
N PRO A 253 6.21 43.11 -16.41
CA PRO A 253 6.49 44.38 -17.06
C PRO A 253 6.96 45.41 -16.04
N PHE A 254 7.74 46.38 -16.52
CA PHE A 254 8.22 47.44 -15.65
C PHE A 254 7.15 48.51 -15.48
N LEU A 255 7.03 49.00 -14.25
CA LEU A 255 6.06 50.04 -13.90
C LEU A 255 6.80 51.36 -13.84
N ASN A 256 6.34 52.33 -14.63
CA ASN A 256 6.92 53.67 -14.62
C ASN A 256 6.33 54.56 -13.54
N SER A 257 5.18 54.19 -12.96
CA SER A 257 4.47 55.04 -11.99
C SER A 257 3.90 54.13 -10.89
N LEU A 258 4.62 54.07 -9.77
CA LEU A 258 4.20 53.28 -8.63
C LEU A 258 3.11 54.02 -7.86
N PRO A 259 2.32 53.34 -7.02
CA PRO A 259 1.36 54.06 -6.19
C PRO A 259 2.01 54.67 -4.96
N GLN A 260 1.38 55.75 -4.46
CA GLN A 260 1.84 56.52 -3.30
C GLN A 260 0.80 56.61 -2.18
N SER A 261 -0.16 55.68 -2.11
CA SER A 261 -1.10 55.64 -1.00
C SER A 261 -1.58 54.21 -0.77
N GLU A 262 -1.77 53.86 0.50
CA GLU A 262 -2.16 52.50 0.86
C GLU A 262 -3.60 52.24 0.43
N GLY A 263 -3.98 50.98 0.50
CA GLY A 263 -5.31 50.50 0.15
C GLY A 263 -5.32 49.75 -1.16
N ALA A 264 -6.25 48.81 -1.28
CA ALA A 264 -6.32 47.97 -2.47
C ALA A 264 -6.74 48.78 -3.70
N THR A 265 -7.52 49.84 -3.51
CA THR A 265 -8.00 50.61 -4.65
C THR A 265 -6.89 51.39 -5.35
N ASN A 266 -5.76 51.63 -4.70
CA ASN A 266 -4.66 52.39 -5.29
C ASN A 266 -3.79 51.46 -6.12
N PHE A 267 -4.29 51.14 -7.31
CA PHE A 267 -3.55 50.28 -8.23
C PHE A 267 -2.43 51.05 -8.91
N GLY A 268 -1.43 50.30 -9.40
CA GLY A 268 -0.35 50.89 -10.15
C GLY A 268 -0.74 51.14 -11.60
N ASP A 269 0.17 51.77 -12.34
CA ASP A 269 -0.04 52.12 -13.73
C ASP A 269 1.25 51.93 -14.52
N ILE A 270 1.11 51.33 -15.71
CA ILE A 270 2.23 51.20 -16.65
C ILE A 270 2.30 52.47 -17.46
N GLY A 271 3.52 52.93 -17.75
CA GLY A 271 3.71 54.19 -18.42
C GLY A 271 3.50 54.13 -19.91
N VAL A 272 4.19 53.22 -20.58
CA VAL A 272 4.14 53.16 -22.04
C VAL A 272 2.78 52.65 -22.48
N GLN A 273 2.21 53.28 -23.50
CA GLN A 273 0.93 52.85 -24.04
C GLN A 273 1.08 51.48 -24.69
N GLN A 274 -0.06 50.80 -24.85
CA GLN A 274 -0.05 49.41 -25.30
C GLN A 274 0.50 49.27 -26.72
N ASP A 275 0.13 50.17 -27.61
CA ASP A 275 0.59 50.06 -29.00
C ASP A 275 2.09 50.35 -29.17
N LYS A 276 2.74 50.98 -28.19
CA LYS A 276 4.14 51.37 -28.29
C LYS A 276 5.02 50.72 -27.21
N ARG A 277 4.59 49.61 -26.63
CA ARG A 277 5.37 48.94 -25.60
C ARG A 277 6.48 48.11 -26.23
N ARG A 278 7.39 47.62 -25.40
CA ARG A 278 8.49 46.75 -25.82
C ARG A 278 8.19 45.29 -25.50
N GLY A 279 8.87 44.39 -26.21
CA GLY A 279 8.84 42.96 -25.96
C GLY A 279 8.66 42.18 -27.24
N VAL A 280 8.38 40.88 -27.09
CA VAL A 280 8.18 39.97 -28.21
C VAL A 280 6.86 39.25 -28.01
N THR A 281 6.14 39.03 -29.12
CA THR A 281 4.91 38.25 -29.15
C THR A 281 5.00 37.19 -30.23
N GLN A 282 4.22 36.12 -30.06
CA GLN A 282 4.13 35.05 -31.05
C GLN A 282 3.02 35.29 -32.07
N MET A 283 2.59 36.54 -32.24
CA MET A 283 1.53 36.94 -33.17
C MET A 283 2.17 37.93 -34.14
N GLY A 284 2.30 37.51 -35.40
CA GLY A 284 3.20 38.16 -36.33
C GLY A 284 2.64 39.39 -37.03
N ASN A 285 1.41 39.81 -36.72
CA ASN A 285 0.78 40.97 -37.35
C ASN A 285 0.11 41.89 -36.34
N THR A 286 0.43 41.76 -35.06
CA THR A 286 -0.16 42.56 -33.98
C THR A 286 0.94 43.37 -33.32
N ASN A 287 0.84 44.69 -33.43
CA ASN A 287 1.82 45.57 -32.78
C ASN A 287 1.59 45.67 -31.28
N TYR A 288 0.45 45.21 -30.77
CA TYR A 288 0.11 45.41 -29.37
C TYR A 288 0.72 44.31 -28.52
N ILE A 289 1.63 44.69 -27.63
CA ILE A 289 2.27 43.79 -26.68
C ILE A 289 1.62 43.99 -25.33
N THR A 290 0.96 42.95 -24.84
CA THR A 290 0.23 42.95 -23.58
C THR A 290 0.58 41.70 -22.80
N GLU A 291 0.12 41.66 -21.56
CA GLU A 291 0.38 40.49 -20.72
C GLU A 291 -0.28 39.24 -21.29
N ALA A 292 -1.43 39.39 -21.94
CA ALA A 292 -2.10 38.24 -22.55
C ALA A 292 -1.44 37.81 -23.85
N THR A 293 -0.50 38.59 -24.41
CA THR A 293 0.09 38.34 -25.72
C THR A 293 1.61 38.28 -25.73
N ILE A 294 2.29 38.69 -24.65
CA ILE A 294 3.74 38.49 -24.57
C ILE A 294 4.03 37.01 -24.62
N MET A 295 5.05 36.64 -25.39
CA MET A 295 5.42 35.23 -25.52
C MET A 295 5.89 34.70 -24.18
N ARG A 296 5.53 33.46 -23.88
CA ARG A 296 6.02 32.69 -22.76
C ARG A 296 6.59 31.37 -23.25
N PRO A 297 7.52 30.75 -22.52
CA PRO A 297 8.28 29.63 -23.12
C PRO A 297 7.46 28.40 -23.43
N ALA A 298 6.44 28.09 -22.63
CA ALA A 298 5.68 26.86 -22.84
C ALA A 298 4.33 26.99 -22.16
N GLU A 299 3.39 26.15 -22.60
CA GLU A 299 2.03 26.19 -22.07
C GLU A 299 1.92 25.28 -20.85
N VAL A 300 1.27 25.77 -19.80
CA VAL A 300 1.04 25.01 -18.58
C VAL A 300 -0.34 24.39 -18.66
N GLY A 301 -0.41 23.09 -18.45
CA GLY A 301 -1.68 22.41 -18.59
C GLY A 301 -2.06 22.31 -20.06
N TYR A 302 -3.30 21.88 -20.27
CA TYR A 302 -3.82 21.74 -21.63
C TYR A 302 -5.34 21.69 -21.58
N SER A 303 -5.96 22.52 -22.40
CA SER A 303 -7.39 22.40 -22.61
C SER A 303 -7.66 21.15 -23.44
N ALA A 304 -8.62 20.36 -22.99
CA ALA A 304 -8.97 19.08 -23.61
C ALA A 304 -10.48 18.91 -23.61
N PRO A 305 -11.03 18.10 -24.51
CA PRO A 305 -12.48 18.10 -24.68
C PRO A 305 -13.20 17.48 -23.50
N TYR A 306 -13.87 18.31 -22.72
CA TYR A 306 -14.40 17.85 -21.45
C TYR A 306 -15.73 17.12 -21.66
N TYR A 307 -15.89 16.04 -20.90
CA TYR A 307 -17.07 15.16 -20.94
C TYR A 307 -17.29 14.59 -22.35
N SER A 308 -16.20 14.28 -23.03
CA SER A 308 -16.27 13.64 -24.34
C SER A 308 -16.25 12.13 -24.18
N PHE A 309 -17.29 11.48 -24.72
CA PHE A 309 -17.43 10.03 -24.72
C PHE A 309 -17.05 9.49 -26.08
N GLU A 310 -16.30 8.38 -26.09
CA GLU A 310 -15.93 7.68 -27.30
C GLU A 310 -15.96 6.19 -27.03
N ALA A 311 -16.00 5.41 -28.12
CA ALA A 311 -16.28 3.98 -28.07
C ALA A 311 -15.31 3.20 -28.94
N SER A 312 -15.18 1.92 -28.61
CA SER A 312 -14.40 0.96 -29.38
C SER A 312 -15.18 -0.35 -29.41
N THR A 313 -14.52 -1.46 -29.74
CA THR A 313 -15.21 -2.75 -29.82
C THR A 313 -15.87 -3.14 -28.50
N GLN A 314 -15.29 -2.74 -27.38
CA GLN A 314 -15.79 -3.09 -26.06
C GLN A 314 -16.78 -2.06 -25.49
N GLY A 315 -17.11 -1.01 -26.24
CA GLY A 315 -18.21 -0.13 -25.89
C GLY A 315 -17.81 1.27 -25.46
N PRO A 316 -18.80 2.15 -25.26
CA PRO A 316 -18.49 3.55 -24.95
C PRO A 316 -17.83 3.73 -23.59
N PHE A 317 -17.11 4.84 -23.47
CA PHE A 317 -16.26 5.13 -22.32
C PHE A 317 -15.99 6.64 -22.33
N LYS A 318 -15.52 7.16 -21.20
CA LYS A 318 -15.16 8.57 -21.11
C LYS A 318 -13.66 8.76 -21.32
N THR A 319 -13.30 9.80 -22.06
CA THR A 319 -11.89 10.13 -22.24
C THR A 319 -11.33 10.71 -20.94
N PRO A 320 -10.24 10.19 -20.39
CA PRO A 320 -9.75 10.73 -19.13
C PRO A 320 -9.00 12.04 -19.32
N ILE A 321 -8.82 12.76 -18.22
CA ILE A 321 -8.34 14.14 -18.20
C ILE A 321 -7.21 14.21 -17.19
N ALA A 322 -6.17 15.00 -17.48
CA ALA A 322 -5.07 15.11 -16.53
C ALA A 322 -5.40 15.98 -15.34
N ALA A 323 -6.05 17.12 -15.55
CA ALA A 323 -6.37 18.05 -14.47
C ALA A 323 -7.55 18.90 -14.90
N GLY A 324 -8.16 19.58 -13.93
CA GLY A 324 -9.31 20.42 -14.21
C GLY A 324 -9.55 21.44 -13.12
N ARG A 325 -10.48 22.33 -13.41
CA ARG A 325 -10.91 23.34 -12.46
C ARG A 325 -12.34 23.75 -12.76
N ALA A 336 -16.82 19.30 -9.99
CA ALA A 336 -16.31 20.18 -11.03
C ALA A 336 -15.72 19.37 -12.18
N ASP A 337 -15.38 20.06 -13.26
CA ASP A 337 -14.90 19.37 -14.46
C ASP A 337 -13.52 18.77 -14.23
N GLY A 338 -13.37 17.50 -14.57
CA GLY A 338 -12.06 16.88 -14.63
C GLY A 338 -11.47 16.40 -13.32
N ASN A 339 -11.92 16.94 -12.20
CA ASN A 339 -11.34 16.56 -10.92
C ASN A 339 -11.82 15.16 -10.51
N PRO A 340 -11.05 14.41 -9.72
CA PRO A 340 -11.49 13.07 -9.34
C PRO A 340 -12.49 13.10 -8.19
N ARG A 341 -13.48 12.20 -8.26
CA ARG A 341 -14.49 12.02 -7.23
C ARG A 341 -14.45 10.58 -6.75
N TYR A 342 -14.34 10.42 -5.43
CA TYR A 342 -14.19 9.11 -4.79
C TYR A 342 -15.46 8.76 -4.02
N ALA A 343 -15.89 7.50 -4.16
CA ALA A 343 -16.96 6.91 -3.37
C ALA A 343 -16.40 5.71 -2.63
N PHE A 344 -16.88 5.49 -1.40
CA PHE A 344 -16.28 4.51 -0.52
C PHE A 344 -17.23 4.17 0.63
N GLY A 345 -16.96 3.03 1.27
CA GLY A 345 -17.86 2.46 2.25
C GLY A 345 -17.37 2.62 3.68
N ARG A 346 -17.82 1.71 4.53
CA ARG A 346 -17.56 1.82 5.97
C ARG A 346 -16.13 1.42 6.31
N GLN A 347 -15.57 0.45 5.60
CA GLN A 347 -14.18 0.08 5.82
C GLN A 347 -13.22 1.21 5.47
N HIS A 348 -13.63 2.10 4.55
CA HIS A 348 -12.68 3.00 3.88
C HIS A 348 -13.04 4.47 4.02
N GLY A 349 -13.75 4.86 5.08
CA GLY A 349 -13.89 6.27 5.44
C GLY A 349 -15.25 6.71 5.93
N GLN A 350 -16.32 6.06 5.50
CA GLN A 350 -17.62 6.40 6.03
C GLN A 350 -17.68 6.07 7.51
N LYS A 351 -18.40 6.90 8.27
CA LYS A 351 -18.45 6.77 9.72
C LYS A 351 -19.16 5.46 10.05
N THR A 352 -18.49 4.58 10.79
CA THR A 352 -18.94 3.20 10.92
C THR A 352 -20.25 3.07 11.68
N THR A 353 -20.66 4.08 12.44
CA THR A 353 -21.91 3.98 13.18
C THR A 353 -23.14 4.00 12.28
N THR A 354 -23.03 4.53 11.07
CA THR A 354 -24.20 4.92 10.30
C THR A 354 -24.97 3.71 9.81
N THR A 355 -26.30 3.86 9.78
CA THR A 355 -27.18 2.90 9.15
C THR A 355 -27.21 3.16 7.65
N GLY A 356 -28.07 2.44 6.94
CA GLY A 356 -28.25 2.66 5.53
C GLY A 356 -27.12 2.05 4.70
N GLU A 357 -27.11 2.43 3.43
CA GLU A 357 -26.18 1.88 2.45
C GLU A 357 -25.63 2.89 1.45
N THR A 358 -25.91 4.18 1.61
CA THR A 358 -25.39 5.17 0.70
C THR A 358 -23.89 5.37 0.94
N PRO A 359 -23.00 5.18 -0.04
CA PRO A 359 -21.60 5.52 0.20
C PRO A 359 -21.41 7.01 0.41
N GLU A 360 -20.44 7.34 1.26
CA GLU A 360 -20.05 8.73 1.48
C GLU A 360 -18.98 9.13 0.46
N ARG A 361 -19.05 10.40 0.04
CA ARG A 361 -18.39 10.86 -1.17
C ARG A 361 -17.73 12.21 -0.93
N PHE A 362 -16.57 12.41 -1.56
CA PHE A 362 -15.95 13.72 -1.66
C PHE A 362 -15.43 13.88 -3.09
N THR A 363 -15.09 15.12 -3.44
CA THR A 363 -14.44 15.45 -4.70
C THR A 363 -13.15 16.20 -4.38
N TYR A 364 -12.03 15.65 -4.80
CA TYR A 364 -10.72 16.26 -4.54
C TYR A 364 -10.53 17.40 -5.52
N ILE A 365 -10.71 18.63 -5.02
CA ILE A 365 -10.28 19.81 -5.74
C ILE A 365 -8.79 19.97 -5.48
N ALA A 366 -7.97 19.45 -6.39
CA ALA A 366 -6.53 19.45 -6.19
C ALA A 366 -5.99 20.89 -6.21
N HIS A 367 -4.89 21.09 -5.51
CA HIS A 367 -4.36 22.42 -5.30
C HIS A 367 -3.51 22.93 -6.45
N GLN A 368 -3.02 22.04 -7.30
CA GLN A 368 -2.28 22.48 -8.49
C GLN A 368 -3.21 23.24 -9.41
N ASP A 369 -2.81 24.43 -9.83
CA ASP A 369 -3.65 25.34 -10.60
C ASP A 369 -3.40 25.23 -12.10
N THR A 370 -3.04 24.04 -12.57
CA THR A 370 -2.79 23.82 -13.99
C THR A 370 -4.06 23.64 -14.81
N GLY A 371 -5.24 23.70 -14.20
CA GLY A 371 -6.48 23.47 -14.91
C GLY A 371 -6.83 24.59 -15.86
N ARG A 372 -8.12 24.62 -16.23
CA ARG A 372 -8.66 25.61 -17.14
C ARG A 372 -10.00 26.11 -16.62
N TYR A 373 -10.28 27.37 -16.92
CA TYR A 373 -11.56 28.01 -16.65
C TYR A 373 -12.28 28.09 -17.99
N PRO A 374 -13.02 27.04 -18.39
CA PRO A 374 -13.44 26.95 -19.81
C PRO A 374 -14.39 28.04 -20.26
N GLU A 375 -15.06 28.72 -19.33
CA GLU A 375 -15.96 29.81 -19.73
C GLU A 375 -15.22 31.04 -20.22
N GLY A 376 -13.90 31.12 -20.04
CA GLY A 376 -13.11 32.30 -20.38
C GLY A 376 -12.28 32.23 -21.64
N ASP A 377 -12.31 31.11 -22.37
CA ASP A 377 -11.48 30.99 -23.57
C ASP A 377 -12.14 31.77 -24.71
N TRP A 378 -11.38 32.01 -25.79
CA TRP A 378 -11.99 32.57 -26.97
C TRP A 378 -11.05 32.32 -28.14
N ILE A 379 -11.55 32.52 -29.36
CA ILE A 379 -10.75 32.48 -30.58
C ILE A 379 -11.19 33.66 -31.42
N GLN A 380 -10.24 34.26 -32.16
CA GLN A 380 -10.53 35.40 -33.01
C GLN A 380 -9.77 35.26 -34.32
N ASN A 381 -10.21 36.05 -35.31
CA ASN A 381 -9.75 35.91 -36.68
C ASN A 381 -8.27 36.27 -36.79
N ILE A 382 -7.62 35.78 -37.85
CA ILE A 382 -6.21 36.01 -38.10
C ILE A 382 -5.88 37.50 -38.19
N ASN A 383 -6.81 38.31 -38.70
CA ASN A 383 -6.53 39.73 -38.90
C ASN A 383 -6.28 40.47 -37.60
N PHE A 384 -7.04 40.17 -36.55
CA PHE A 384 -6.84 40.75 -35.22
C PHE A 384 -7.02 42.27 -35.23
N ASN A 385 -8.21 42.69 -35.65
CA ASN A 385 -8.58 44.09 -35.47
C ASN A 385 -8.70 44.40 -33.98
N LEU A 386 -8.64 45.69 -33.65
CA LEU A 386 -8.40 46.08 -32.26
C LEU A 386 -9.59 45.74 -31.36
N PRO A 387 -10.83 46.31 -31.52
CA PRO A 387 -12.00 45.68 -30.92
C PRO A 387 -12.68 44.75 -31.92
N VAL A 388 -13.07 43.56 -31.49
CA VAL A 388 -13.57 42.55 -32.43
C VAL A 388 -15.05 42.79 -32.69
N THR A 389 -15.55 42.23 -33.79
CA THR A 389 -16.75 42.72 -34.47
C THR A 389 -17.84 41.67 -34.66
N ASN A 390 -17.89 40.63 -33.80
CA ASN A 390 -18.96 39.63 -33.69
C ASN A 390 -18.93 38.58 -34.81
N ASP A 391 -18.20 38.84 -35.90
CA ASP A 391 -18.02 37.85 -36.96
C ASP A 391 -16.63 37.22 -36.90
N ASN A 392 -15.66 37.98 -36.38
CA ASN A 392 -14.27 37.55 -36.26
C ASN A 392 -13.96 37.01 -34.87
N VAL A 393 -14.93 36.36 -34.21
CA VAL A 393 -14.71 35.82 -32.88
C VAL A 393 -15.72 34.72 -32.61
N LEU A 394 -15.26 33.67 -31.93
CA LEU A 394 -16.09 32.53 -31.52
C LEU A 394 -15.88 32.33 -30.03
N LEU A 395 -16.96 32.44 -29.26
CA LEU A 395 -16.94 32.49 -27.80
C LEU A 395 -17.57 31.23 -27.21
N PRO A 396 -17.35 30.96 -25.91
CA PRO A 396 -18.09 29.87 -25.27
C PRO A 396 -19.59 30.10 -25.21
N THR A 397 -20.06 31.34 -25.31
CA THR A 397 -21.49 31.57 -25.38
C THR A 397 -22.12 31.04 -26.66
N ASP A 398 -21.34 30.94 -27.75
CA ASP A 398 -21.90 30.66 -29.06
C ASP A 398 -22.07 29.15 -29.24
N PRO A 399 -22.99 28.68 -30.10
CA PRO A 399 -23.24 27.24 -30.21
C PRO A 399 -22.39 26.57 -31.27
N ILE A 400 -22.37 25.24 -31.22
CA ILE A 400 -21.78 24.39 -32.24
C ILE A 400 -22.89 23.50 -32.80
N GLY A 401 -23.11 23.60 -34.11
CA GLY A 401 -24.08 22.73 -34.76
C GLY A 401 -25.51 22.93 -34.28
N GLY A 402 -25.85 24.12 -33.81
CA GLY A 402 -27.20 24.38 -33.35
C GLY A 402 -27.50 23.94 -31.94
N LYS A 403 -26.62 23.18 -31.30
CA LYS A 403 -26.82 22.76 -29.91
C LYS A 403 -26.44 23.93 -29.01
N THR A 404 -27.44 24.53 -28.36
CA THR A 404 -27.19 25.69 -27.51
C THR A 404 -26.33 25.35 -26.31
N GLY A 405 -26.45 24.14 -25.78
CA GLY A 405 -25.70 23.75 -24.60
C GLY A 405 -24.26 23.38 -24.82
N ILE A 406 -23.86 23.11 -26.05
CA ILE A 406 -22.49 22.74 -26.40
C ILE A 406 -21.87 23.92 -27.13
N ASN A 407 -20.71 24.35 -26.67
CA ASN A 407 -19.90 25.38 -27.31
C ASN A 407 -18.62 24.75 -27.83
N TYR A 408 -17.73 25.58 -28.34
CA TYR A 408 -16.52 25.06 -28.98
C TYR A 408 -15.58 24.41 -27.96
N THR A 409 -15.57 24.91 -26.73
CA THR A 409 -14.63 24.40 -25.73
C THR A 409 -14.86 22.94 -25.40
N ASN A 410 -16.07 22.42 -25.63
CA ASN A 410 -16.29 20.98 -25.47
C ASN A 410 -15.55 20.18 -26.53
N ILE A 411 -15.42 20.70 -27.74
CA ILE A 411 -14.92 19.97 -28.91
C ILE A 411 -13.48 20.34 -29.23
N PHE A 412 -12.74 20.87 -28.25
CA PHE A 412 -11.55 21.65 -28.49
C PHE A 412 -10.41 21.15 -27.63
N ASN A 413 -9.21 21.11 -28.22
CA ASN A 413 -8.04 20.49 -27.59
C ASN A 413 -6.82 21.32 -27.94
N THR A 414 -5.95 21.57 -26.95
CA THR A 414 -4.71 22.29 -27.12
C THR A 414 -3.49 21.49 -26.68
N TYR A 415 -3.59 20.16 -26.68
CA TYR A 415 -2.38 19.37 -26.44
C TYR A 415 -1.41 19.58 -27.59
N GLY A 416 -0.15 19.81 -27.23
CA GLY A 416 0.84 20.19 -28.20
C GLY A 416 2.24 19.89 -27.68
N PRO A 417 3.27 20.32 -28.42
CA PRO A 417 4.63 20.08 -27.96
C PRO A 417 4.99 20.91 -26.74
N LEU A 418 4.25 21.98 -26.46
CA LEU A 418 4.59 22.96 -25.43
C LEU A 418 3.77 22.79 -24.16
N THR A 419 3.04 21.68 -24.01
CA THR A 419 2.20 21.46 -22.84
C THR A 419 3.03 20.80 -21.74
N ALA A 420 3.25 21.53 -20.65
CA ALA A 420 3.93 21.03 -19.47
C ALA A 420 2.88 20.69 -18.41
N LEU A 421 2.93 19.45 -17.93
CA LEU A 421 1.92 18.91 -17.03
C LEU A 421 2.58 18.40 -15.75
N ASN A 422 1.83 18.54 -14.66
CA ASN A 422 2.23 18.00 -13.36
C ASN A 422 1.57 16.64 -13.14
N ASN A 423 2.21 15.83 -12.30
CA ASN A 423 1.72 14.50 -12.01
C ASN A 423 0.43 14.60 -11.19
N VAL A 424 -0.33 13.51 -11.17
CA VAL A 424 -1.59 13.53 -10.42
C VAL A 424 -1.27 13.62 -8.93
N PRO A 425 -2.03 14.36 -8.12
CA PRO A 425 -1.69 14.43 -6.69
C PRO A 425 -1.95 13.10 -6.02
N PRO A 426 -1.20 12.74 -4.97
CA PRO A 426 -1.66 11.64 -4.10
C PRO A 426 -2.98 12.01 -3.45
N VAL A 427 -3.84 11.01 -3.26
CA VAL A 427 -5.11 11.16 -2.59
C VAL A 427 -5.10 10.25 -1.38
N TYR A 428 -5.41 10.81 -0.21
CA TYR A 428 -5.52 10.09 1.05
C TYR A 428 -6.98 10.04 1.48
N PRO A 429 -7.49 8.93 2.05
CA PRO A 429 -6.92 7.59 2.23
C PRO A 429 -7.24 6.62 1.09
N ASN A 430 -8.05 7.01 0.10
CA ASN A 430 -8.53 6.08 -0.92
C ASN A 430 -7.67 6.04 -2.17
N GLY A 431 -6.63 6.85 -2.27
CA GLY A 431 -5.87 6.89 -3.51
C GLY A 431 -4.98 5.67 -3.66
N GLN A 432 -4.89 5.19 -4.90
CA GLN A 432 -4.01 4.07 -5.22
C GLN A 432 -2.56 4.55 -5.19
N ILE A 433 -1.65 3.64 -4.85
CA ILE A 433 -0.23 3.98 -4.69
C ILE A 433 0.56 3.72 -5.98
N TRP A 434 0.46 2.51 -6.54
CA TRP A 434 1.26 2.08 -7.68
C TRP A 434 0.38 1.47 -8.75
N ASP A 435 0.84 1.58 -10.01
CA ASP A 435 0.19 0.95 -11.16
C ASP A 435 1.25 0.41 -12.11
N LYS A 436 0.86 -0.57 -12.90
CA LYS A 436 1.76 -1.12 -13.90
C LYS A 436 1.77 -0.25 -15.15
N GLU A 437 2.96 -0.03 -15.71
CA GLU A 437 3.05 0.61 -17.02
C GLU A 437 2.42 -0.30 -18.06
N PHE A 438 1.70 0.32 -19.00
CA PHE A 438 1.01 -0.44 -20.04
C PHE A 438 2.02 -1.16 -20.92
N ASP A 439 1.62 -2.32 -21.44
CA ASP A 439 2.47 -3.13 -22.29
C ASP A 439 2.48 -2.66 -23.75
N THR A 440 1.95 -1.48 -24.05
CA THR A 440 2.05 -0.94 -25.39
C THR A 440 3.50 -0.67 -25.77
N ASP A 441 3.74 -0.57 -27.07
CA ASP A 441 5.05 -0.14 -27.55
C ASP A 441 5.32 1.31 -27.19
N LEU A 442 4.29 2.16 -27.24
CA LEU A 442 4.34 3.54 -26.78
C LEU A 442 3.49 3.68 -25.53
N LYS A 443 4.04 4.35 -24.52
CA LYS A 443 3.52 4.35 -23.16
C LYS A 443 2.91 5.71 -22.82
N PRO A 444 1.89 5.78 -21.96
CA PRO A 444 1.34 7.09 -21.61
C PRO A 444 2.30 7.88 -20.74
N ARG A 445 2.16 9.21 -20.79
CA ARG A 445 3.08 10.06 -20.05
C ARG A 445 2.85 9.94 -18.55
N LEU A 446 1.59 9.83 -18.12
CA LEU A 446 1.25 9.67 -16.72
C LEU A 446 -0.04 8.89 -16.59
N HIS A 447 -0.25 8.35 -15.39
CA HIS A 447 -1.47 7.62 -15.05
C HIS A 447 -2.35 8.48 -14.16
N VAL A 448 -3.65 8.45 -14.43
CA VAL A 448 -4.57 9.31 -13.69
C VAL A 448 -4.84 8.80 -12.28
N ASN A 449 -4.57 7.53 -12.00
CA ASN A 449 -5.09 6.89 -10.79
C ASN A 449 -4.07 6.68 -9.69
N ALA A 450 -2.80 7.08 -9.90
CA ALA A 450 -1.83 7.03 -8.82
C ALA A 450 -0.63 7.89 -9.19
N PRO A 451 0.17 8.33 -8.23
CA PRO A 451 1.33 9.15 -8.60
C PRO A 451 2.50 8.34 -9.12
N PHE A 452 2.74 7.15 -8.58
CA PHE A 452 3.84 6.30 -8.98
C PHE A 452 3.35 5.31 -10.02
N VAL A 453 4.17 5.07 -11.04
CA VAL A 453 3.91 4.06 -12.06
C VAL A 453 5.08 3.08 -12.06
N CYS A 454 4.76 1.80 -11.95
CA CYS A 454 5.76 0.76 -12.01
C CYS A 454 6.36 0.77 -13.41
N GLN A 455 7.69 0.80 -13.53
CA GLN A 455 8.28 0.97 -14.86
C GLN A 455 8.21 -0.31 -15.69
N ASN A 456 8.73 -1.44 -15.18
CA ASN A 456 8.93 -2.65 -15.99
C ASN A 456 8.30 -3.92 -15.42
N ASN A 457 8.38 -4.13 -14.11
CA ASN A 457 7.80 -5.28 -13.44
C ASN A 457 7.44 -4.85 -12.03
N CYS A 458 6.32 -5.36 -11.52
CA CYS A 458 5.58 -4.55 -10.55
C CYS A 458 4.86 -5.51 -9.63
N PRO A 459 4.60 -5.11 -8.36
CA PRO A 459 4.52 -6.09 -7.26
C PRO A 459 3.47 -7.19 -7.44
N GLY A 460 3.88 -8.41 -7.12
CA GLY A 460 3.03 -9.56 -7.28
C GLY A 460 1.82 -9.51 -6.38
N GLN A 461 0.66 -9.88 -6.91
CA GLN A 461 -0.56 -9.88 -6.14
C GLN A 461 -0.73 -11.20 -5.40
N LEU A 462 -1.45 -11.14 -4.28
CA LEU A 462 -1.64 -12.26 -3.38
C LEU A 462 -3.07 -12.73 -3.48
N PHE A 463 -3.26 -14.00 -3.84
CA PHE A 463 -4.56 -14.62 -3.98
C PHE A 463 -4.72 -15.70 -2.91
N VAL A 464 -5.95 -15.87 -2.42
CA VAL A 464 -6.24 -16.71 -1.26
C VAL A 464 -7.53 -17.49 -1.48
N LYS A 465 -7.59 -18.70 -0.93
CA LYS A 465 -8.76 -19.58 -1.04
C LYS A 465 -8.59 -20.75 -0.09
N VAL A 466 -9.60 -21.01 0.75
CA VAL A 466 -9.60 -22.23 1.55
C VAL A 466 -9.74 -23.43 0.64
N ALA A 467 -8.95 -24.46 0.88
CA ALA A 467 -9.04 -25.68 0.09
C ALA A 467 -10.39 -26.35 0.34
N PRO A 468 -10.90 -27.13 -0.60
CA PRO A 468 -12.20 -27.78 -0.35
C PRO A 468 -12.10 -28.83 0.74
N ASN A 469 -13.11 -28.84 1.61
CA ASN A 469 -13.37 -29.95 2.52
C ASN A 469 -14.66 -30.61 2.08
N LEU A 470 -14.57 -31.84 1.60
CA LEU A 470 -15.68 -32.53 0.97
C LEU A 470 -16.41 -33.40 1.98
N THR A 471 -17.70 -33.61 1.72
CA THR A 471 -18.47 -34.62 2.45
C THR A 471 -18.21 -35.99 1.84
N ASN A 472 -18.56 -37.03 2.59
CA ASN A 472 -18.33 -38.39 2.11
C ASN A 472 -19.30 -38.74 0.98
N GLU A 473 -20.44 -38.06 0.88
CA GLU A 473 -21.44 -38.41 -0.13
C GLU A 473 -21.02 -38.05 -1.55
N TYR A 474 -19.94 -37.30 -1.74
CA TYR A 474 -19.59 -36.79 -3.06
C TYR A 474 -19.13 -37.90 -3.99
N ASP A 475 -19.54 -37.79 -5.26
CA ASP A 475 -18.85 -38.39 -6.38
C ASP A 475 -18.92 -37.43 -7.56
N PRO A 476 -17.91 -37.40 -8.45
CA PRO A 476 -17.95 -36.43 -9.54
C PRO A 476 -18.98 -36.73 -10.62
N ASP A 477 -19.49 -37.96 -10.69
CA ASP A 477 -20.41 -38.33 -11.76
C ASP A 477 -21.71 -37.55 -11.70
N ALA A 478 -22.10 -37.04 -10.53
CA ALA A 478 -23.27 -36.20 -10.44
C ALA A 478 -23.03 -34.87 -11.15
N SER A 479 -23.99 -34.47 -11.99
CA SER A 479 -23.90 -33.18 -12.66
C SER A 479 -24.05 -32.01 -11.70
N ALA A 480 -24.66 -32.22 -10.54
CA ALA A 480 -24.91 -31.14 -9.61
C ALA A 480 -23.60 -30.61 -9.03
N ASN A 481 -23.69 -29.45 -8.39
CA ASN A 481 -22.55 -28.89 -7.69
C ASN A 481 -22.16 -29.81 -6.54
N MET A 482 -20.87 -29.81 -6.21
CA MET A 482 -20.39 -30.68 -5.15
C MET A 482 -20.90 -30.23 -3.79
N SER A 483 -21.25 -31.22 -2.97
CA SER A 483 -21.56 -31.01 -1.56
C SER A 483 -20.25 -30.95 -0.80
N ARG A 484 -20.13 -29.99 0.11
CA ARG A 484 -18.87 -29.70 0.77
C ARG A 484 -19.16 -29.05 2.11
N ILE A 485 -18.22 -29.22 3.06
CA ILE A 485 -18.47 -28.75 4.42
C ILE A 485 -18.26 -27.25 4.46
N VAL A 486 -19.11 -26.57 5.24
CA VAL A 486 -19.08 -25.11 5.29
C VAL A 486 -17.91 -24.69 6.17
N THR A 487 -16.75 -24.49 5.55
CA THR A 487 -15.54 -24.08 6.26
C THR A 487 -15.31 -22.59 6.06
N TYR A 488 -14.43 -22.02 6.87
CA TYR A 488 -14.06 -20.62 6.78
C TYR A 488 -12.76 -20.46 7.56
N SER A 489 -12.07 -19.36 7.29
CA SER A 489 -10.76 -19.13 7.89
C SER A 489 -10.55 -17.64 8.08
N ASP A 490 -9.68 -17.32 9.03
CA ASP A 490 -9.18 -15.97 9.25
C ASP A 490 -7.69 -16.05 9.51
N PHE A 491 -6.98 -15.06 8.98
CA PHE A 491 -5.52 -15.06 9.03
C PHE A 491 -5.02 -13.63 9.11
N TRP A 492 -3.99 -13.43 9.94
CA TRP A 492 -3.35 -12.15 10.08
C TRP A 492 -2.40 -11.91 8.90
N TRP A 493 -2.50 -10.73 8.31
CA TRP A 493 -1.66 -10.29 7.22
C TRP A 493 -0.76 -9.18 7.76
N LYS A 494 0.54 -9.25 7.44
CA LYS A 494 1.50 -8.20 7.74
C LYS A 494 2.02 -7.64 6.42
N GLY A 495 2.38 -6.37 6.44
CA GLY A 495 2.97 -5.71 5.30
C GLY A 495 4.00 -4.70 5.75
N LYS A 496 5.04 -4.54 4.94
CA LYS A 496 6.05 -3.49 5.11
C LYS A 496 6.17 -2.78 3.78
N LEU A 497 6.03 -1.45 3.81
CA LEU A 497 6.16 -0.60 2.65
C LEU A 497 7.08 0.54 3.00
N VAL A 498 8.05 0.80 2.12
CA VAL A 498 9.21 1.63 2.42
C VAL A 498 9.20 2.83 1.48
N PHE A 499 9.57 3.99 2.03
CA PHE A 499 9.64 5.24 1.30
C PHE A 499 10.99 5.89 1.58
N LYS A 500 11.28 6.97 0.85
CA LYS A 500 12.55 7.67 0.94
C LYS A 500 12.33 9.10 0.49
N ALA A 501 12.20 10.01 1.45
CA ALA A 501 11.68 11.36 1.24
C ALA A 501 12.71 12.41 1.61
N LYS A 502 12.63 13.56 0.95
CA LYS A 502 13.46 14.73 1.23
C LYS A 502 12.70 15.72 2.09
N LEU A 503 13.34 16.19 3.17
CA LEU A 503 12.71 17.19 4.02
C LEU A 503 12.69 18.55 3.32
N ARG A 504 11.67 19.33 3.62
CA ARG A 504 11.51 20.62 2.96
C ARG A 504 12.53 21.62 3.47
N ALA A 505 12.59 22.77 2.79
CA ALA A 505 13.44 23.90 3.17
C ALA A 505 12.64 25.18 3.00
N SER A 506 12.85 26.13 3.92
CA SER A 506 12.08 27.36 3.96
C SER A 506 12.77 28.45 3.13
N HIS A 507 12.51 28.38 1.81
CA HIS A 507 13.03 29.41 0.91
C HIS A 507 12.22 30.69 1.01
N THR A 508 10.91 30.59 1.21
CA THR A 508 10.04 31.74 1.24
C THR A 508 10.30 32.57 2.48
N TRP A 509 9.93 33.86 2.39
CA TRP A 509 9.73 34.64 3.61
C TRP A 509 8.48 34.17 4.33
N ASN A 510 7.38 34.04 3.61
CA ASN A 510 6.10 33.79 4.24
C ASN A 510 5.99 32.34 4.69
N PRO A 511 5.12 32.05 5.66
CA PRO A 511 4.83 30.65 5.97
C PRO A 511 3.86 30.06 4.95
N ILE A 512 3.95 28.75 4.75
CA ILE A 512 3.17 28.06 3.73
C ILE A 512 1.90 27.52 4.35
N GLN A 513 0.95 27.10 3.50
CA GLN A 513 -0.21 26.36 3.96
C GLN A 513 0.27 25.10 4.67
N GLN A 514 -0.39 24.74 5.77
CA GLN A 514 -0.05 23.55 6.53
C GLN A 514 -1.33 22.90 7.03
N MET A 515 -1.37 21.57 6.93
CA MET A 515 -2.48 20.80 7.48
C MET A 515 -2.51 20.99 8.99
N SER A 516 -3.70 21.07 9.57
CA SER A 516 -3.84 21.31 10.99
C SER A 516 -5.21 20.86 11.46
N ILE A 517 -5.33 20.71 12.79
CA ILE A 517 -6.62 20.43 13.42
C ILE A 517 -7.19 21.77 13.91
N ASN A 518 -8.47 21.98 13.64
CA ASN A 518 -9.17 23.20 14.01
C ASN A 518 -10.51 22.81 14.63
N VAL A 519 -11.26 23.82 15.05
CA VAL A 519 -12.54 23.59 15.72
C VAL A 519 -13.51 22.90 14.78
N ASP A 520 -13.46 23.19 13.49
CA ASP A 520 -14.43 22.62 12.56
C ASP A 520 -14.20 21.12 12.37
N ASN A 521 -12.95 20.71 12.13
CA ASN A 521 -12.62 19.32 11.82
C ASN A 521 -12.14 18.53 13.03
N GLN A 522 -12.51 18.95 14.24
CA GLN A 522 -11.93 18.38 15.45
C GLN A 522 -12.44 16.96 15.72
N PHE A 523 -13.76 16.74 15.57
CA PHE A 523 -14.38 15.42 15.76
C PHE A 523 -14.23 14.49 14.56
N ASN A 524 -13.59 14.91 13.47
CA ASN A 524 -13.33 13.98 12.39
C ASN A 524 -12.27 12.94 12.74
N TYR A 525 -11.52 13.13 13.84
CA TYR A 525 -10.26 12.47 14.10
C TYR A 525 -10.24 11.69 15.40
N VAL A 526 -11.39 11.52 16.06
CA VAL A 526 -11.50 10.76 17.31
C VAL A 526 -12.81 9.97 17.29
N PRO A 527 -12.86 8.86 18.02
CA PRO A 527 -14.06 8.02 17.93
C PRO A 527 -15.27 8.67 18.59
N SER A 528 -16.45 8.15 18.24
CA SER A 528 -17.71 8.70 18.69
C SER A 528 -18.10 8.09 20.04
N ASN A 529 -19.34 8.34 20.45
CA ASN A 529 -19.84 7.80 21.72
C ASN A 529 -19.86 6.28 21.70
N ILE A 530 -20.35 5.68 20.63
CA ILE A 530 -20.44 4.22 20.49
C ILE A 530 -19.38 3.74 19.51
N GLY A 531 -18.24 4.43 19.45
CA GLY A 531 -17.08 3.93 18.73
C GLY A 531 -17.07 4.21 17.24
N GLY A 532 -17.99 5.03 16.73
CA GLY A 532 -17.97 5.37 15.32
C GLY A 532 -16.73 6.17 14.94
N MET A 533 -15.97 5.66 13.98
CA MET A 533 -14.75 6.27 13.49
C MET A 533 -14.86 6.54 11.99
N LYS A 534 -14.55 7.78 11.61
CA LYS A 534 -14.46 8.20 10.22
C LYS A 534 -13.06 8.76 9.98
N ILE A 535 -12.51 8.45 8.81
CA ILE A 535 -11.15 8.87 8.43
C ILE A 535 -11.29 9.74 7.19
N VAL A 536 -11.32 11.06 7.41
CA VAL A 536 -11.67 12.01 6.36
C VAL A 536 -10.47 12.22 5.44
N TYR A 537 -10.75 12.53 4.18
CA TYR A 537 -9.70 12.81 3.20
C TYR A 537 -8.89 14.03 3.61
N GLU A 538 -7.69 14.13 3.05
CA GLU A 538 -6.76 15.19 3.39
C GLU A 538 -5.98 15.57 2.15
N LYS A 539 -5.70 16.87 2.03
CA LYS A 539 -4.97 17.38 0.88
C LYS A 539 -3.52 16.93 0.97
N SER A 540 -2.92 16.62 -0.18
CA SER A 540 -1.57 16.08 -0.26
C SER A 540 -0.53 17.14 -0.59
N GLN A 541 -0.69 17.82 -1.73
CA GLN A 541 0.33 18.74 -2.24
C GLN A 541 0.06 20.15 -1.70
N LEU A 542 0.48 20.36 -0.46
CA LEU A 542 0.19 21.61 0.23
C LEU A 542 1.21 22.69 -0.08
N ALA A 543 2.50 22.38 -0.01
CA ALA A 543 3.51 23.42 -0.14
C ALA A 543 3.56 23.91 -1.59
N PRO A 544 3.77 25.21 -1.83
CA PRO A 544 3.89 25.68 -3.21
C PRO A 544 5.33 25.65 -3.68
N ARG A 545 5.52 25.45 -4.99
CA ARG A 545 6.82 25.33 -5.62
C ARG A 545 6.90 26.30 -6.79
N LYS A 546 8.08 26.86 -7.01
CA LYS A 546 8.30 27.69 -8.18
C LYS A 546 8.38 26.81 -9.42
N LEU A 547 7.66 27.20 -10.47
CA LEU A 547 7.66 26.44 -11.72
C LEU A 547 8.75 26.88 -12.68
N TYR A 548 9.31 28.07 -12.49
CA TYR A 548 10.16 28.67 -13.50
C TYR A 548 11.05 29.75 -12.91
N UNK B 1 -36.65 17.86 -3.92
CA UNK B 1 -37.26 19.03 -4.61
C UNK B 1 -38.43 19.58 -3.82
N UNK B 2 -38.99 20.69 -4.29
CA UNK B 2 -40.15 21.33 -3.68
C UNK B 2 -39.83 21.81 -2.26
N UNK B 3 -38.90 22.74 -2.16
CA UNK B 3 -38.63 23.41 -0.89
C UNK B 3 -39.70 24.47 -0.66
N UNK B 4 -39.56 25.24 0.42
CA UNK B 4 -40.55 26.26 0.75
C UNK B 4 -39.93 27.40 1.55
N UNK B 5 -40.72 28.44 1.81
CA UNK B 5 -40.26 29.60 2.53
C UNK B 5 -41.42 30.39 3.12
N UNK B 6 -41.09 31.48 3.80
CA UNK B 6 -42.10 32.34 4.42
C UNK B 6 -41.46 33.62 4.95
N UNK B 7 -42.29 34.57 5.34
CA UNK B 7 -41.82 35.84 5.88
C UNK B 7 -42.96 36.58 6.56
N UNK B 8 -42.79 36.87 7.85
CA UNK B 8 -43.83 37.51 8.65
C UNK B 8 -43.68 39.03 8.67
N UNK B 9 -43.07 39.61 7.64
CA UNK B 9 -42.85 41.05 7.56
C UNK B 9 -44.05 41.77 6.94
N UNK B 10 -44.08 43.08 7.09
CA UNK B 10 -45.12 43.91 6.50
C UNK B 10 -44.68 45.37 6.49
N UNK B 11 -44.66 45.99 7.67
CA UNK B 11 -44.20 47.37 7.82
C UNK B 11 -45.01 48.36 7.00
N UNK B 12 -44.72 48.44 5.70
CA UNK B 12 -45.37 49.42 4.81
C UNK B 12 -45.15 50.84 5.31
N UNK B 13 -43.96 51.11 5.84
CA UNK B 13 -43.63 52.45 6.34
C UNK B 13 -42.11 52.63 6.34
N UNK B 14 -41.43 52.04 7.32
CA UNK B 14 -39.98 52.11 7.42
C UNK B 14 -39.43 51.22 8.52
N UNK B 15 -39.98 50.01 8.64
CA UNK B 15 -39.58 49.08 9.69
C UNK B 15 -38.32 48.30 9.31
N UNK B 16 -38.10 48.11 8.01
CA UNK B 16 -36.88 47.47 7.51
C UNK B 16 -36.80 46.00 7.96
N UNK B 17 -35.60 45.45 8.14
CA UNK B 17 -35.38 44.07 8.60
C UNK B 17 -35.79 43.06 7.52
N UNK B 18 -37.06 42.71 7.43
CA UNK B 18 -37.55 41.75 6.44
C UNK B 18 -36.85 40.40 6.55
N UNK B 19 -36.88 39.82 7.75
CA UNK B 19 -36.17 38.57 8.02
C UNK B 19 -36.90 37.37 7.42
N UNK B 20 -36.80 37.22 6.10
CA UNK B 20 -37.38 36.07 5.40
C UNK B 20 -36.40 34.91 5.44
N UNK B 21 -36.90 33.69 5.22
CA UNK B 21 -36.05 32.50 5.23
C UNK B 21 -36.72 31.34 4.49
N UNK B 22 -36.01 30.22 4.39
CA UNK B 22 -36.53 29.07 3.66
C UNK B 22 -35.83 27.77 4.04
N UNK B 23 -36.61 26.68 4.02
CA UNK B 23 -36.10 25.34 4.24
C UNK B 23 -35.93 24.63 2.91
N UNK B 24 -34.80 23.96 2.72
CA UNK B 24 -34.47 23.34 1.45
C UNK B 24 -35.21 22.02 1.25
N UNK B 25 -34.92 21.37 0.13
CA UNK B 25 -35.47 20.05 -0.18
C UNK B 25 -34.48 19.26 -1.03
N UNK B 26 -33.20 19.42 -0.70
CA UNK B 26 -32.11 18.80 -1.44
C UNK B 26 -30.80 19.16 -0.77
N UNK B 27 -29.68 18.94 -1.45
CA UNK B 27 -28.37 19.29 -0.89
C UNK B 27 -28.25 20.81 -0.76
N UNK B 28 -27.62 21.24 0.33
CA UNK B 28 -27.40 22.67 0.57
C UNK B 28 -26.43 23.27 -0.44
N UNK B 29 -25.51 22.45 -0.94
CA UNK B 29 -24.53 22.93 -1.91
C UNK B 29 -25.19 23.32 -3.23
N UNK B 30 -25.77 24.51 -3.26
CA UNK B 30 -26.42 25.03 -4.45
C UNK B 30 -26.86 26.48 -4.20
N UNK B 31 -26.63 27.35 -5.18
CA UNK B 31 -26.95 28.76 -5.03
C UNK B 31 -28.45 29.01 -5.18
N UNK B 32 -28.84 30.26 -4.95
CA UNK B 32 -30.23 30.68 -5.08
C UNK B 32 -30.29 32.19 -4.99
N UNK B 33 -31.48 32.77 -5.10
CA UNK B 33 -31.61 34.22 -5.04
C UNK B 33 -33.05 34.66 -4.84
N UNK B 34 -33.22 35.86 -4.28
CA UNK B 34 -34.53 36.46 -4.07
C UNK B 34 -34.93 37.28 -5.29
N UNK B 35 -36.24 37.48 -5.46
CA UNK B 35 -36.77 38.26 -6.58
C UNK B 35 -38.05 38.96 -6.17
N UNK B 36 -38.45 39.96 -6.97
CA UNK B 36 -39.60 40.78 -6.64
C UNK B 36 -40.91 40.10 -7.05
N UNK B 37 -41.97 40.42 -6.32
CA UNK B 37 -43.30 39.89 -6.61
C UNK B 37 -44.38 40.79 -6.02
N UNK B 38 -44.15 42.09 -6.06
CA UNK B 38 -45.12 43.06 -5.55
C UNK B 38 -46.27 43.26 -6.55
N UNK B 39 -47.02 44.34 -6.39
CA UNK B 39 -48.13 44.64 -7.29
C UNK B 39 -47.64 44.80 -8.73
N UNK B 40 -47.96 43.81 -9.57
CA UNK B 40 -47.57 43.82 -10.97
C UNK B 40 -46.05 43.84 -11.15
N UNK B 41 -45.33 43.25 -10.20
CA UNK B 41 -43.86 43.20 -10.24
C UNK B 41 -43.40 41.86 -10.80
N UNK B 42 -42.17 41.83 -11.33
CA UNK B 42 -41.63 40.61 -11.91
C UNK B 42 -40.15 40.74 -12.26
N UNK B 43 -39.38 41.39 -11.39
CA UNK B 43 -37.95 41.54 -11.65
C UNK B 43 -37.19 42.11 -10.44
N UNK B 44 -36.29 41.30 -9.89
CA UNK B 44 -35.40 41.76 -8.83
C UNK B 44 -34.32 40.71 -8.54
N UNK B 45 -33.77 40.13 -9.60
CA UNK B 45 -32.71 39.14 -9.45
C UNK B 45 -31.45 39.81 -8.95
N UNK B 46 -31.33 39.92 -7.62
CA UNK B 46 -30.20 40.57 -6.97
C UNK B 46 -29.71 39.73 -5.80
N UNK B 47 -29.24 38.52 -6.11
CA UNK B 47 -28.73 37.63 -5.08
C UNK B 47 -28.04 36.42 -5.71
N UNK B 48 -27.29 35.68 -4.90
CA UNK B 48 -26.61 34.48 -5.35
C UNK B 48 -26.15 33.68 -4.14
N UNK B 49 -25.10 34.16 -3.47
CA UNK B 49 -24.63 33.56 -2.23
C UNK B 49 -24.19 32.11 -2.39
N UNK B 50 -23.33 31.84 -3.36
CA UNK B 50 -22.74 30.51 -3.50
C UNK B 50 -21.88 30.24 -2.27
N UNK B 51 -21.12 31.26 -1.87
CA UNK B 51 -20.30 31.22 -0.66
C UNK B 51 -19.88 32.66 -0.35
N UNK B 52 -19.14 33.25 -1.29
CA UNK B 52 -18.86 34.67 -1.24
C UNK B 52 -20.11 35.43 -1.67
N UNK B 53 -20.38 36.57 -1.03
CA UNK B 53 -21.60 37.32 -1.29
C UNK B 53 -21.58 37.96 -2.68
N UNK B 54 -22.74 38.40 -3.13
CA UNK B 54 -22.86 39.07 -4.42
C UNK B 54 -24.24 39.70 -4.59
N UNK B 55 -24.68 40.43 -3.57
CA UNK B 55 -25.92 41.20 -3.65
C UNK B 55 -25.77 42.25 -4.75
N UNK B 56 -26.87 42.62 -5.40
CA UNK B 56 -26.80 43.45 -6.59
C UNK B 56 -28.02 44.35 -6.76
N UNK B 57 -28.15 44.95 -7.94
CA UNK B 57 -29.28 45.80 -8.31
C UNK B 57 -29.25 47.13 -7.56
N UNK B 58 -30.16 48.02 -7.93
CA UNK B 58 -30.24 49.35 -7.35
C UNK B 58 -30.54 49.30 -5.85
N UNK B 59 -31.27 48.29 -5.42
CA UNK B 59 -31.57 48.11 -4.01
C UNK B 59 -30.31 47.71 -3.25
N UNK B 60 -29.46 48.68 -2.96
CA UNK B 60 -28.23 48.45 -2.19
C UNK B 60 -28.54 48.54 -0.70
N UNK B 61 -29.40 47.65 -0.23
CA UNK B 61 -29.82 47.62 1.16
C UNK B 61 -30.41 46.25 1.47
N UNK B 62 -29.57 45.22 1.37
CA UNK B 62 -30.00 43.85 1.59
C UNK B 62 -28.83 42.98 2.01
N UNK B 63 -29.15 41.78 2.50
CA UNK B 63 -28.14 40.82 2.91
C UNK B 63 -28.73 39.41 2.81
N UNK B 64 -27.89 38.40 2.99
CA UNK B 64 -28.33 37.02 2.87
C UNK B 64 -27.42 36.05 3.61
N UNK B 65 -27.92 34.84 3.82
CA UNK B 65 -27.17 33.77 4.47
C UNK B 65 -27.70 32.43 3.97
N UNK B 66 -26.96 31.36 4.23
CA UNK B 66 -27.36 30.04 3.76
C UNK B 66 -26.74 28.91 4.57
N UNK B 67 -26.51 29.14 5.86
CA UNK B 67 -26.03 28.09 6.74
C UNK B 67 -27.17 27.13 7.05
N UNK B 68 -27.03 25.88 6.61
CA UNK B 68 -28.05 24.85 6.78
C UNK B 68 -29.32 25.15 5.98
N UNK B 69 -30.05 26.20 6.35
CA UNK B 69 -31.26 26.64 5.65
C UNK B 69 -31.07 28.05 5.09
N UNK B 70 -32.01 28.48 4.25
CA UNK B 70 -31.92 29.78 3.60
C UNK B 70 -32.33 30.91 4.54
N UNK B 71 -31.78 32.10 4.31
CA UNK B 71 -32.08 33.27 5.13
C UNK B 71 -31.83 34.55 4.33
N UNK B 72 -32.61 35.58 4.61
CA UNK B 72 -32.48 36.86 3.94
C UNK B 72 -32.99 37.99 4.83
N UNK B 73 -32.44 39.18 4.64
CA UNK B 73 -32.82 40.35 5.44
C UNK B 73 -32.44 41.63 4.71
N UNK B 74 -32.76 42.77 5.31
CA UNK B 74 -32.46 44.06 4.70
C UNK B 74 -32.70 45.20 5.66
N UNK B 75 -32.42 46.42 5.20
CA UNK B 75 -32.60 47.63 6.00
C UNK B 75 -33.08 48.80 5.14
N UNK B 76 -33.86 48.50 4.10
CA UNK B 76 -34.41 49.53 3.22
C UNK B 76 -35.71 50.06 3.80
N UNK B 77 -36.13 51.24 3.35
CA UNK B 77 -37.38 51.83 3.81
C UNK B 77 -37.91 52.89 2.84
N UNK B 78 -37.64 52.72 1.55
CA UNK B 78 -38.07 53.66 0.52
C UNK B 78 -39.31 53.14 -0.21
N UNK B 79 -40.16 52.39 0.50
CA UNK B 79 -41.37 51.80 -0.09
C UNK B 79 -41.02 50.86 -1.24
N UNK B 80 -42.02 50.50 -2.04
CA UNK B 80 -41.81 49.67 -3.22
C UNK B 80 -41.30 48.28 -2.83
N UNK B 81 -42.08 47.58 -2.02
CA UNK B 81 -41.74 46.23 -1.59
C UNK B 81 -42.98 45.51 -1.06
N UNK B 82 -43.97 45.38 -1.94
CA UNK B 82 -45.25 44.78 -1.56
C UNK B 82 -45.17 43.28 -1.37
N UNK B 83 -44.28 42.62 -2.12
CA UNK B 83 -44.12 41.17 -2.01
C UNK B 83 -42.89 40.70 -2.78
N UNK B 84 -42.46 39.47 -2.51
CA UNK B 84 -41.28 38.91 -3.15
C UNK B 84 -41.25 37.39 -2.99
N UNK B 85 -40.21 36.78 -3.54
CA UNK B 85 -40.03 35.33 -3.45
C UNK B 85 -38.54 35.00 -3.59
N UNK B 86 -38.20 33.73 -3.43
CA UNK B 86 -36.81 33.30 -3.55
C UNK B 86 -36.72 31.82 -3.88
N UNK B 87 -35.73 31.46 -4.67
CA UNK B 87 -35.55 30.09 -5.13
C UNK B 87 -34.24 29.90 -5.86
N UNK B 88 -34.06 28.74 -6.49
CA UNK B 88 -32.85 28.44 -7.23
C UNK B 88 -32.82 29.18 -8.56
N UNK B 89 -31.84 28.85 -9.40
CA UNK B 89 -31.70 29.50 -10.71
C UNK B 89 -32.85 29.17 -11.66
N UNK B 90 -33.54 28.05 -11.42
CA UNK B 90 -34.65 27.60 -12.29
C UNK B 90 -35.88 27.10 -11.52
N UNK B 91 -35.80 26.98 -10.20
CA UNK B 91 -36.93 26.51 -9.39
C UNK B 91 -37.73 27.69 -8.85
N UNK B 92 -37.94 28.71 -9.68
CA UNK B 92 -38.54 29.97 -9.24
C UNK B 92 -39.98 29.81 -8.78
N UNK B 93 -40.17 29.25 -7.58
CA UNK B 93 -41.48 29.09 -6.97
C UNK B 93 -41.76 30.24 -6.00
N UNK B 94 -43.04 30.45 -5.69
CA UNK B 94 -43.46 31.52 -4.78
C UNK B 94 -43.62 30.97 -3.36
N UNK B 95 -43.14 31.73 -2.39
CA UNK B 95 -43.23 31.31 -0.99
C UNK B 95 -43.02 32.49 -0.04
N UNK B 96 -43.63 33.63 -0.37
CA UNK B 96 -43.53 34.83 0.46
C UNK B 96 -44.47 35.91 -0.05
N UNK B 97 -44.91 36.79 0.84
CA UNK B 97 -45.80 37.88 0.47
C UNK B 97 -45.86 38.98 1.53
N UNK B 98 -44.73 39.26 2.16
CA UNK B 98 -44.67 40.30 3.18
C UNK B 98 -44.89 41.67 2.54
N UNK B 99 -45.73 42.48 3.17
CA UNK B 99 -46.06 43.81 2.66
C UNK B 99 -44.84 44.72 2.65
N UNK C 1 -35.65 51.56 -22.95
CA UNK C 1 -35.31 50.81 -21.69
C UNK C 1 -34.94 49.37 -22.00
N UNK C 2 -34.11 48.78 -21.15
CA UNK C 2 -33.68 47.40 -21.33
C UNK C 2 -34.86 46.44 -21.15
N UNK C 3 -34.81 45.31 -21.85
CA UNK C 3 -35.83 44.28 -21.77
C UNK C 3 -37.19 44.80 -22.22
N UNK C 4 -37.26 45.25 -23.47
CA UNK C 4 -38.48 45.82 -24.02
C UNK C 4 -39.39 44.75 -24.63
N UNK C 5 -39.77 43.76 -23.81
CA UNK C 5 -40.67 42.71 -24.25
C UNK C 5 -42.12 43.16 -24.09
N UNK C 6 -42.61 43.90 -25.08
CA UNK C 6 -43.98 44.43 -25.04
C UNK C 6 -45.01 43.31 -25.05
N UNK C 7 -46.24 43.64 -24.68
CA UNK C 7 -47.30 42.64 -24.56
C UNK C 7 -47.89 42.30 -25.92
N UNK C 8 -48.52 41.12 -25.98
CA UNK C 8 -49.18 40.64 -27.18
C UNK C 8 -49.94 39.37 -26.85
N UNK C 9 -50.82 38.93 -27.75
CA UNK C 9 -51.60 37.73 -27.50
C UNK C 9 -52.34 37.23 -28.75
N UNK C 10 -52.24 35.94 -28.98
CA UNK C 10 -52.97 35.27 -30.05
C UNK C 10 -52.79 33.76 -29.90
N UNK C 11 -53.76 32.97 -30.34
CA UNK C 11 -53.66 31.53 -30.21
C UNK C 11 -54.57 30.78 -31.18
N UNK C 12 -55.83 30.52 -30.80
CA UNK C 12 -56.75 29.67 -31.56
C UNK C 12 -56.24 28.23 -31.68
N UNK C 13 -57.12 27.28 -31.36
CA UNK C 13 -56.82 25.85 -31.43
C UNK C 13 -55.70 25.47 -30.47
N UNK C 14 -54.43 25.57 -30.89
CA UNK C 14 -53.32 25.14 -30.06
C UNK C 14 -51.97 25.54 -30.66
N UNK C 15 -51.74 25.15 -31.91
CA UNK C 15 -50.48 25.44 -32.58
C UNK C 15 -50.38 26.92 -32.92
N UNK C 16 -50.10 27.74 -31.91
CA UNK C 16 -50.07 29.19 -32.07
C UNK C 16 -48.74 29.67 -32.66
N UNK C 17 -48.67 30.95 -32.96
CA UNK C 17 -47.45 31.57 -33.46
C UNK C 17 -46.45 31.70 -32.33
N UNK C 18 -45.20 31.98 -32.68
CA UNK C 18 -44.11 32.08 -31.70
C UNK C 18 -43.96 33.50 -31.17
N UNK C 19 -43.98 33.63 -29.85
CA UNK C 19 -43.73 34.91 -29.20
C UNK C 19 -42.26 35.25 -29.31
N UNK C 20 -41.89 36.46 -28.92
CA UNK C 20 -40.50 36.90 -29.00
C UNK C 20 -40.29 38.16 -28.17
N UNK C 21 -39.02 38.46 -27.89
CA UNK C 21 -38.67 39.63 -27.11
C UNK C 21 -37.21 39.99 -27.32
N UNK C 22 -36.88 41.27 -27.13
CA UNK C 22 -35.52 41.77 -27.31
C UNK C 22 -35.16 42.73 -26.18
N UNK C 23 -33.87 43.04 -26.06
CA UNK C 23 -33.39 43.89 -24.98
C UNK C 23 -33.66 45.36 -25.27
N UNK C 24 -32.84 45.98 -26.11
CA UNK C 24 -32.95 47.41 -26.37
C UNK C 24 -32.01 47.90 -27.47
N UNK C 25 -30.78 47.38 -27.50
CA UNK C 25 -29.78 47.83 -28.47
C UNK C 25 -28.76 46.74 -28.80
N UNK C 26 -29.20 45.48 -28.80
CA UNK C 26 -28.32 44.37 -29.14
C UNK C 26 -29.09 43.05 -29.20
N UNK C 27 -28.55 42.09 -29.91
CA UNK C 27 -29.13 40.75 -29.98
C UNK C 27 -28.92 40.05 -28.64
N UNK C 28 -29.59 38.91 -28.45
CA UNK C 28 -29.59 38.18 -27.19
C UNK C 28 -28.98 36.79 -27.32
N UNK C 29 -27.98 36.65 -28.19
CA UNK C 29 -27.33 35.36 -28.40
C UNK C 29 -26.47 34.96 -27.20
N UNK C 30 -25.78 35.95 -26.63
CA UNK C 30 -24.88 35.69 -25.52
C UNK C 30 -25.65 35.33 -24.26
N UNK C 31 -25.85 34.04 -24.04
CA UNK C 31 -26.58 33.55 -22.88
C UNK C 31 -28.00 34.09 -22.89
N UNK C 32 -28.64 34.18 -21.73
CA UNK C 32 -29.90 34.90 -21.60
C UNK C 32 -31.05 34.25 -22.38
N UNK C 33 -30.94 32.96 -22.65
CA UNK C 33 -31.92 32.27 -23.47
C UNK C 33 -33.06 31.65 -22.66
N UNK C 34 -33.25 32.10 -21.42
CA UNK C 34 -34.30 31.56 -20.55
C UNK C 34 -35.59 32.36 -20.69
N UNK C 35 -36.71 31.67 -20.52
CA UNK C 35 -38.03 32.30 -20.54
C UNK C 35 -38.95 31.57 -19.58
N UNK C 36 -38.82 31.88 -18.30
CA UNK C 36 -39.61 31.22 -17.25
C UNK C 36 -41.09 31.55 -17.42
N UNK C 37 -41.92 30.50 -17.41
CA UNK C 37 -43.34 30.62 -17.69
C UNK C 37 -44.19 30.67 -16.41
N UNK C 38 -45.49 30.53 -16.58
CA UNK C 38 -46.45 30.43 -15.46
C UNK C 38 -46.61 31.76 -14.71
N UNK C 39 -47.86 32.18 -14.57
CA UNK C 39 -48.18 33.39 -13.83
C UNK C 39 -49.68 33.48 -13.59
N UNK C 40 -50.27 32.37 -13.17
CA UNK C 40 -51.72 32.28 -12.96
C UNK C 40 -52.10 32.54 -11.50
N UNK C 41 -51.49 33.58 -10.92
CA UNK C 41 -51.74 33.95 -9.53
C UNK C 41 -51.37 32.82 -8.58
N UNK C 42 -50.16 32.30 -8.74
CA UNK C 42 -49.65 31.21 -7.91
C UNK C 42 -48.14 31.34 -7.75
N UNK C 43 -47.42 31.25 -8.87
CA UNK C 43 -45.97 31.34 -8.87
C UNK C 43 -45.44 31.31 -10.29
N UNK C 44 -44.12 31.22 -10.42
CA UNK C 44 -43.46 31.05 -11.71
C UNK C 44 -43.20 29.57 -11.94
N UNK C 45 -42.76 29.23 -13.16
CA UNK C 45 -42.41 27.85 -13.50
C UNK C 45 -41.27 27.83 -14.50
N UNK C 46 -40.43 26.81 -14.39
CA UNK C 46 -39.25 26.69 -15.24
C UNK C 46 -39.65 26.48 -16.71
N UNK C 47 -38.88 27.11 -17.59
CA UNK C 47 -39.13 27.00 -19.02
C UNK C 47 -37.99 27.65 -19.79
N UNK C 48 -37.52 26.96 -20.83
CA UNK C 48 -36.50 27.44 -21.77
C UNK C 48 -35.06 27.44 -21.26
N UNK C 49 -34.84 27.24 -19.95
CA UNK C 49 -33.51 27.09 -19.30
C UNK C 49 -32.37 27.94 -19.86
N UNK C 50 -31.92 27.55 -21.05
CA UNK C 50 -30.93 28.30 -21.80
C UNK C 50 -31.19 27.99 -23.27
N UNK C 51 -32.42 28.30 -23.69
CA UNK C 51 -32.95 27.82 -24.97
C UNK C 51 -32.97 26.30 -24.97
N UNK C 52 -33.35 25.73 -23.83
CA UNK C 52 -33.31 24.28 -23.62
C UNK C 52 -34.42 23.85 -22.66
N UNK C 53 -35.02 22.69 -22.92
CA UNK C 53 -36.18 22.23 -22.16
C UNK C 53 -35.86 21.95 -20.68
N UNK C 54 -36.86 21.43 -19.97
CA UNK C 54 -36.72 21.10 -18.56
C UNK C 54 -37.56 19.87 -18.22
N UNK C 55 -38.88 20.03 -18.20
CA UNK C 55 -39.78 18.92 -17.89
C UNK C 55 -41.24 19.30 -18.15
N UNK C 56 -41.50 19.95 -19.28
CA UNK C 56 -42.85 20.31 -19.70
C UNK C 56 -43.10 19.98 -21.17
N UNK C 57 -42.37 19.01 -21.70
CA UNK C 57 -42.57 18.52 -23.07
C UNK C 57 -42.31 19.59 -24.14
N UNK C 58 -42.43 19.17 -25.39
CA UNK C 58 -42.21 20.08 -26.52
C UNK C 58 -43.38 21.02 -26.79
N UNK C 59 -44.48 20.89 -26.04
CA UNK C 59 -45.64 21.77 -26.20
C UNK C 59 -45.25 23.22 -25.92
N UNK C 60 -44.41 23.40 -24.90
CA UNK C 60 -43.86 24.71 -24.54
C UNK C 60 -42.40 24.82 -24.99
N UNK C 61 -41.67 23.72 -24.87
CA UNK C 61 -40.25 23.68 -25.23
C UNK C 61 -40.05 23.94 -26.72
N UNK C 62 -39.72 25.18 -27.05
CA UNK C 62 -39.48 25.57 -28.43
C UNK C 62 -38.84 26.95 -28.46
N UNK C 63 -37.76 27.12 -27.71
CA UNK C 63 -37.08 28.41 -27.58
C UNK C 63 -36.03 28.59 -28.65
N UNK C 64 -36.42 29.17 -29.78
CA UNK C 64 -35.51 29.45 -30.88
C UNK C 64 -34.78 30.77 -30.65
N UNK C 65 -34.14 31.30 -31.68
CA UNK C 65 -33.45 32.58 -31.58
C UNK C 65 -33.25 33.21 -32.96
N UNK C 66 -33.45 34.52 -33.03
CA UNK C 66 -33.25 35.27 -34.27
C UNK C 66 -33.34 36.76 -33.97
N UNK C 67 -32.18 37.43 -33.93
CA UNK C 67 -32.08 38.83 -33.53
C UNK C 67 -32.58 38.98 -32.09
N UNK C 68 -33.89 39.02 -31.90
CA UNK C 68 -34.49 38.97 -30.57
C UNK C 68 -34.72 37.50 -30.20
N UNK C 69 -34.95 37.23 -28.93
CA UNK C 69 -35.23 35.87 -28.48
C UNK C 69 -36.59 35.44 -29.00
N UNK C 70 -36.81 34.13 -29.08
CA UNK C 70 -38.07 33.56 -29.60
C UNK C 70 -38.58 32.46 -28.69
N UNK C 71 -39.79 31.99 -28.99
CA UNK C 71 -40.42 30.94 -28.19
C UNK C 71 -41.70 30.46 -28.85
N UNK C 72 -41.64 29.30 -29.48
CA UNK C 72 -42.82 28.71 -30.13
C UNK C 72 -43.71 28.06 -29.08
N UNK C 73 -44.78 27.41 -29.53
CA UNK C 73 -45.71 26.76 -28.62
C UNK C 73 -46.71 25.88 -29.37
N UNK C 74 -47.40 25.03 -28.63
CA UNK C 74 -48.41 24.15 -29.21
C UNK C 74 -49.24 23.47 -28.12
N UNK C 75 -49.66 24.26 -27.12
CA UNK C 75 -50.42 23.74 -25.98
C UNK C 75 -51.92 23.91 -26.17
N UNK C 76 -52.68 23.16 -25.39
CA UNK C 76 -54.14 23.22 -25.43
C UNK C 76 -54.70 24.28 -24.47
N UNK C 77 -53.96 24.60 -23.42
CA UNK C 77 -54.38 25.62 -22.47
C UNK C 77 -53.16 26.18 -21.73
N UNK C 78 -53.17 27.48 -21.46
CA UNK C 78 -52.03 28.13 -20.81
C UNK C 78 -52.40 29.50 -20.25
N UNK C 79 -51.40 30.20 -19.71
CA UNK C 79 -51.58 31.50 -19.08
C UNK C 79 -50.38 32.40 -19.40
N UNK C 80 -50.26 33.52 -18.70
CA UNK C 80 -49.21 34.49 -18.95
C UNK C 80 -47.80 33.90 -18.76
N UNK C 81 -46.83 34.52 -19.42
CA UNK C 81 -45.43 34.08 -19.36
C UNK C 81 -44.50 35.27 -19.56
N UNK C 82 -43.28 35.16 -19.03
CA UNK C 82 -42.29 36.24 -19.05
C UNK C 82 -40.93 35.76 -19.56
N UNK C 83 -40.11 36.70 -20.01
CA UNK C 83 -38.77 36.40 -20.49
C UNK C 83 -37.81 36.20 -19.33
N UNK C 84 -36.52 36.12 -19.62
CA UNK C 84 -35.53 35.91 -18.57
C UNK C 84 -34.10 36.08 -19.09
N UNK C 85 -33.80 37.24 -19.66
CA UNK C 85 -32.45 37.54 -20.11
C UNK C 85 -31.61 38.06 -18.96
N UNK C 86 -30.30 37.90 -19.06
CA UNK C 86 -29.37 38.34 -18.02
C UNK C 86 -27.93 38.07 -18.43
N UNK C 87 -27.00 38.58 -17.62
CA UNK C 87 -25.57 38.31 -17.81
C UNK C 87 -25.20 37.05 -17.03
N UNK C 88 -25.16 35.92 -17.72
CA UNK C 88 -24.91 34.62 -17.09
C UNK C 88 -23.57 34.56 -16.38
N UNK C 89 -23.53 33.86 -15.25
CA UNK C 89 -22.34 33.79 -14.41
C UNK C 89 -21.38 32.71 -14.87
N UNK C 90 -21.73 31.45 -14.63
CA UNK C 90 -20.87 30.32 -14.95
C UNK C 90 -21.68 29.10 -15.36
N UNK C 91 -20.98 28.02 -15.69
CA UNK C 91 -21.61 26.79 -16.16
C UNK C 91 -22.19 25.93 -15.03
N UNK C 92 -22.06 26.36 -13.78
CA UNK C 92 -22.57 25.58 -12.65
C UNK C 92 -24.10 25.64 -12.54
N UNK C 93 -24.72 26.66 -13.11
CA UNK C 93 -26.17 26.82 -12.99
C UNK C 93 -26.72 27.76 -14.05
N UNK C 94 -28.03 28.02 -13.96
CA UNK C 94 -28.74 28.88 -14.91
C UNK C 94 -28.96 30.30 -14.37
N UNK C 95 -28.16 30.72 -13.40
CA UNK C 95 -28.30 32.04 -12.79
C UNK C 95 -27.52 33.07 -13.58
N UNK C 96 -27.36 34.27 -13.03
CA UNK C 96 -26.65 35.34 -13.71
C UNK C 96 -26.27 36.48 -12.77
N UNK C 97 -25.36 37.35 -13.23
CA UNK C 97 -24.96 38.55 -12.50
C UNK C 97 -25.72 39.77 -13.05
N UNK C 98 -27.00 39.58 -13.34
CA UNK C 98 -27.85 40.62 -13.89
C UNK C 98 -29.25 40.03 -14.04
N UNK C 99 -30.14 40.69 -14.76
CA UNK C 99 -31.51 40.19 -14.92
C UNK C 99 -32.30 40.95 -15.98
N UNK C 100 -33.56 40.52 -16.15
CA UNK C 100 -34.49 41.17 -17.07
C UNK C 100 -35.91 40.97 -16.57
N UNK C 101 -36.89 41.37 -17.38
CA UNK C 101 -38.29 41.37 -16.96
C UNK C 101 -39.21 41.35 -18.17
N UNK C 102 -40.43 41.91 -18.05
CA UNK C 102 -41.39 42.05 -19.16
C UNK C 102 -42.01 40.71 -19.52
N UNK C 103 -43.27 40.75 -19.94
CA UNK C 103 -44.04 39.53 -20.17
C UNK C 103 -45.29 39.81 -21.01
N UNK C 104 -46.18 38.84 -21.09
CA UNK C 104 -47.44 39.00 -21.82
C UNK C 104 -48.44 37.93 -21.39
N UNK C 105 -49.73 38.25 -21.55
CA UNK C 105 -50.80 37.31 -21.22
C UNK C 105 -51.03 36.35 -22.37
N UNK C 106 -51.58 35.18 -22.06
CA UNK C 106 -51.82 34.15 -23.06
C UNK C 106 -53.23 34.25 -23.65
N UNK C 107 -53.31 34.18 -24.97
CA UNK C 107 -54.59 34.15 -25.68
C UNK C 107 -55.12 32.72 -25.72
N UNK C 108 -56.16 32.50 -26.52
CA UNK C 108 -56.74 31.17 -26.67
C UNK C 108 -57.74 31.14 -27.82
N GLY D 1 45.94 48.04 -3.51
CA GLY D 1 45.71 49.52 -3.48
C GLY D 1 44.41 49.93 -4.15
N VAL D 2 43.82 51.02 -3.67
CA VAL D 2 42.56 51.51 -4.22
C VAL D 2 42.77 52.02 -5.64
N GLY D 3 43.92 52.63 -5.92
CA GLY D 3 44.15 53.26 -7.21
C GLY D 3 44.53 52.33 -8.34
N ILE D 4 44.68 51.03 -8.08
CA ILE D 4 45.08 50.07 -9.10
C ILE D 4 43.82 49.38 -9.60
N SER D 5 43.62 49.41 -10.92
CA SER D 5 42.51 48.68 -11.52
C SER D 5 42.74 47.19 -11.39
N THR D 6 41.62 46.44 -11.37
CA THR D 6 41.62 45.01 -11.01
C THR D 6 40.93 44.17 -12.08
N GLY D 7 41.08 44.52 -13.35
CA GLY D 7 40.48 43.73 -14.42
C GLY D 7 40.75 44.30 -15.80
N THR D 8 40.87 43.42 -16.80
CA THR D 8 41.23 43.79 -18.15
C THR D 8 40.02 43.63 -19.07
N PHE D 9 39.83 44.60 -19.95
CA PHE D 9 38.76 44.53 -20.93
C PHE D 9 39.04 43.46 -21.97
N ASN D 10 37.98 42.81 -22.44
CA ASN D 10 38.08 41.85 -23.53
C ASN D 10 36.73 41.71 -24.21
N ASN D 11 36.71 41.98 -25.53
CA ASN D 11 35.56 41.75 -26.39
C ASN D 11 35.82 40.81 -27.55
N GLN D 12 37.08 40.60 -27.93
CA GLN D 12 37.39 40.06 -29.24
C GLN D 12 37.08 38.57 -29.26
N THR D 13 36.12 38.18 -30.08
CA THR D 13 35.76 36.78 -30.22
C THR D 13 36.93 36.00 -30.81
N GLU D 14 37.10 34.76 -30.36
CA GLU D 14 38.20 33.89 -30.76
C GLU D 14 37.63 32.63 -31.37
N PHE D 15 38.20 32.22 -32.50
CA PHE D 15 37.88 30.95 -33.15
C PHE D 15 39.13 30.09 -33.06
N LYS D 16 38.97 28.86 -32.58
CA LYS D 16 40.09 27.93 -32.38
C LYS D 16 39.71 26.59 -32.98
N PHE D 17 40.40 26.19 -34.05
CA PHE D 17 40.07 24.94 -34.71
C PHE D 17 40.45 23.75 -33.84
N LEU D 18 39.73 22.65 -34.04
CA LEU D 18 40.00 21.38 -33.38
C LEU D 18 39.86 20.27 -34.42
N GLU D 19 40.36 19.08 -34.06
CA GLU D 19 40.35 17.97 -34.99
C GLU D 19 38.93 17.50 -35.26
N ASN D 20 38.76 16.78 -36.37
CA ASN D 20 37.47 16.23 -36.78
C ASN D 20 36.43 17.32 -37.03
N GLY D 21 36.85 18.47 -37.52
CA GLY D 21 35.92 19.50 -37.94
C GLY D 21 35.31 20.33 -36.83
N TRP D 22 35.55 20.00 -35.57
CA TRP D 22 35.02 20.80 -34.48
C TRP D 22 35.80 22.10 -34.33
N VAL D 23 35.10 23.15 -33.89
CA VAL D 23 35.71 24.44 -33.60
C VAL D 23 35.18 24.91 -32.25
N GLU D 24 36.10 25.27 -31.35
CA GLU D 24 35.76 25.85 -30.05
C GLU D 24 35.68 27.35 -30.24
N ILE D 25 34.61 27.95 -29.73
CA ILE D 25 34.24 29.32 -30.04
C ILE D 25 34.07 30.02 -28.69
N THR D 26 34.96 30.96 -28.40
CA THR D 26 34.97 31.67 -27.12
C THR D 26 34.56 33.11 -27.36
N ALA D 27 33.37 33.47 -26.86
CA ALA D 27 32.82 34.81 -27.03
C ALA D 27 33.05 35.60 -25.76
N ASN D 28 34.18 36.30 -25.70
CA ASN D 28 34.39 37.27 -24.64
C ASN D 28 33.58 38.52 -24.93
N SER D 29 33.02 39.13 -23.88
CA SER D 29 32.22 40.34 -24.04
C SER D 29 32.27 41.15 -22.76
N SER D 30 32.35 42.47 -22.92
CA SER D 30 32.49 43.39 -21.80
C SER D 30 31.71 44.66 -22.09
N ARG D 31 31.29 45.34 -21.02
CA ARG D 31 30.54 46.58 -21.14
C ARG D 31 30.64 47.35 -19.83
N LEU D 32 30.55 48.68 -19.95
CA LEU D 32 30.34 49.54 -18.78
C LEU D 32 28.86 49.60 -18.48
N VAL D 33 28.52 49.39 -17.21
CA VAL D 33 27.13 49.35 -16.74
C VAL D 33 26.97 50.44 -15.70
N HIS D 34 25.92 51.25 -15.86
CA HIS D 34 25.60 52.37 -14.97
C HIS D 34 24.37 52.02 -14.17
N LEU D 35 24.49 52.11 -12.84
CA LEU D 35 23.44 51.71 -11.91
C LEU D 35 23.13 52.89 -11.00
N ASN D 36 21.86 53.29 -10.98
CA ASN D 36 21.35 54.26 -10.01
C ASN D 36 20.75 53.53 -8.82
N MET D 37 20.53 54.29 -7.75
CA MET D 37 20.01 53.74 -6.52
C MET D 37 18.50 53.55 -6.63
N PRO D 38 17.90 52.74 -5.75
CA PRO D 38 16.46 52.46 -5.89
C PRO D 38 15.62 53.69 -5.61
N GLU D 39 14.38 53.64 -6.09
CA GLU D 39 13.41 54.65 -5.71
C GLU D 39 13.17 54.64 -4.20
N SER D 40 13.13 53.44 -3.62
CA SER D 40 13.13 53.28 -2.18
C SER D 40 13.66 51.90 -1.86
N GLU D 41 14.15 51.73 -0.63
CA GLU D 41 14.69 50.46 -0.20
C GLU D 41 13.60 49.41 0.03
N ASN D 42 12.34 49.79 0.12
CA ASN D 42 11.31 48.90 0.61
C ASN D 42 10.84 47.95 -0.49
N TYR D 43 10.77 46.66 -0.15
CA TYR D 43 10.10 45.70 -1.01
C TYR D 43 8.62 46.06 -1.11
N ARG D 44 8.10 46.09 -2.34
CA ARG D 44 6.84 46.73 -2.65
C ARG D 44 6.01 45.79 -3.52
N ARG D 45 4.73 45.68 -3.19
CA ARG D 45 3.75 44.95 -4.00
C ARG D 45 2.93 45.95 -4.80
N VAL D 46 2.48 45.54 -5.99
CA VAL D 46 1.57 46.35 -6.79
C VAL D 46 0.66 45.42 -7.57
N VAL D 47 -0.61 45.80 -7.67
CA VAL D 47 -1.58 45.18 -8.56
C VAL D 47 -1.83 46.17 -9.69
N VAL D 48 -1.57 45.73 -10.92
CA VAL D 48 -1.85 46.50 -12.12
C VAL D 48 -3.23 46.08 -12.61
N ASN D 49 -4.05 47.06 -13.00
CA ASN D 49 -5.44 46.79 -13.33
C ASN D 49 -5.87 47.93 -14.27
N ASN D 50 -5.89 47.62 -15.56
CA ASN D 50 -6.36 48.54 -16.59
C ASN D 50 -7.84 48.32 -16.87
N MET D 51 -8.67 48.34 -15.83
CA MET D 51 -10.10 48.14 -16.02
C MET D 51 -10.71 49.28 -16.83
N ASP D 52 -10.08 50.46 -16.81
CA ASP D 52 -10.51 51.56 -17.67
C ASP D 52 -10.50 51.17 -19.14
N LYS D 53 -9.46 50.47 -19.58
CA LYS D 53 -9.33 50.08 -20.98
C LYS D 53 -10.07 48.78 -21.29
N THR D 54 -10.02 47.79 -20.39
CA THR D 54 -10.68 46.53 -20.65
C THR D 54 -12.20 46.62 -20.49
N ALA D 55 -12.73 47.70 -19.93
CA ALA D 55 -14.17 47.78 -19.69
C ALA D 55 -14.96 47.85 -20.99
N VAL D 56 -14.43 48.50 -22.02
CA VAL D 56 -15.14 48.59 -23.29
C VAL D 56 -15.18 47.20 -23.90
N ASN D 57 -16.35 46.81 -24.40
CA ASN D 57 -16.55 45.44 -24.84
C ASN D 57 -15.90 45.20 -26.20
N GLY D 58 -15.33 44.01 -26.37
CA GLY D 58 -14.70 43.60 -27.60
C GLY D 58 -13.18 43.75 -27.64
N ASN D 59 -12.59 44.44 -26.65
CA ASN D 59 -11.16 44.67 -26.56
C ASN D 59 -10.48 43.71 -25.57
N MET D 60 -10.95 42.46 -25.53
CA MET D 60 -10.58 41.53 -24.44
C MET D 60 -9.10 41.17 -24.50
N ALA D 61 -8.53 41.08 -25.69
CA ALA D 61 -7.14 40.66 -25.81
C ALA D 61 -6.13 41.69 -25.29
N LEU D 62 -6.55 42.94 -25.05
CA LEU D 62 -5.65 43.97 -24.54
C LEU D 62 -5.49 43.96 -23.02
N ASP D 63 -5.85 42.84 -22.37
CA ASP D 63 -5.70 42.68 -20.93
C ASP D 63 -4.24 42.84 -20.50
N ASP D 64 -4.06 43.52 -19.36
CA ASP D 64 -2.75 43.66 -18.71
C ASP D 64 -2.82 43.44 -17.21
N ILE D 65 -3.95 42.97 -16.67
CA ILE D 65 -4.13 42.88 -15.22
C ILE D 65 -3.28 41.74 -14.67
N HIS D 66 -2.47 42.05 -13.67
CA HIS D 66 -1.57 41.12 -13.01
C HIS D 66 -1.14 41.74 -11.69
N ALA D 67 -0.24 41.04 -11.00
CA ALA D 67 0.38 41.53 -9.78
C ALA D 67 1.84 41.14 -9.77
N GLN D 68 2.66 41.93 -9.08
CA GLN D 68 4.09 41.68 -9.01
C GLN D 68 4.70 42.40 -7.81
N ILE D 69 5.78 41.83 -7.30
CA ILE D 69 6.56 42.44 -6.23
C ILE D 69 7.67 43.22 -6.88
N VAL D 70 7.72 44.52 -6.62
CA VAL D 70 8.77 45.41 -7.14
C VAL D 70 9.89 45.46 -6.12
N THR D 71 11.11 45.16 -6.56
CA THR D 71 12.25 44.94 -5.70
C THR D 71 13.20 46.12 -5.77
N PRO D 72 14.02 46.36 -4.73
CA PRO D 72 15.05 47.40 -4.84
C PRO D 72 16.26 46.97 -5.65
N TRP D 73 16.46 45.67 -5.84
CA TRP D 73 17.59 45.17 -6.60
C TRP D 73 17.40 45.41 -8.09
N SER D 74 18.51 45.29 -8.83
CA SER D 74 18.52 45.36 -10.29
C SER D 74 19.24 44.14 -10.84
N LEU D 75 18.76 43.64 -11.96
CA LEU D 75 19.22 42.39 -12.55
C LEU D 75 20.20 42.68 -13.69
N VAL D 76 21.35 42.02 -13.64
CA VAL D 76 22.26 41.95 -14.79
C VAL D 76 21.93 40.69 -15.55
N ASP D 77 21.71 40.83 -16.86
CA ASP D 77 21.30 39.71 -17.72
C ASP D 77 22.03 39.83 -19.04
N ALA D 78 22.81 38.81 -19.37
CA ALA D 78 23.55 38.72 -20.63
C ALA D 78 22.99 37.65 -21.55
N ASN D 79 21.72 37.28 -21.39
CA ASN D 79 21.16 36.15 -22.10
C ASN D 79 20.61 36.66 -23.43
N ALA D 80 21.47 37.00 -24.38
CA ALA D 80 21.00 37.42 -25.68
C ALA D 80 22.15 37.35 -26.67
N TRP D 81 21.83 36.97 -27.91
CA TRP D 81 22.87 36.73 -28.90
C TRP D 81 23.63 38.01 -29.24
N GLY D 82 22.93 39.15 -29.26
CA GLY D 82 23.58 40.41 -29.57
C GLY D 82 24.61 40.84 -28.54
N VAL D 83 24.45 40.40 -27.29
CA VAL D 83 25.41 40.78 -26.25
C VAL D 83 26.78 40.21 -26.54
N TRP D 84 26.85 39.03 -27.17
CA TRP D 84 28.10 38.27 -27.27
C TRP D 84 28.73 38.40 -28.65
N PHE D 85 28.01 38.01 -29.70
CA PHE D 85 28.56 38.01 -31.05
C PHE D 85 28.23 39.32 -31.74
N ASN D 86 29.24 39.90 -32.39
CA ASN D 86 29.03 41.09 -33.20
C ASN D 86 28.49 40.66 -34.57
N PRO D 87 28.10 41.62 -35.42
CA PRO D 87 27.59 41.23 -36.75
C PRO D 87 28.60 40.49 -37.59
N GLY D 88 29.90 40.73 -37.40
CA GLY D 88 30.90 39.96 -38.13
C GLY D 88 30.94 38.51 -37.71
N ASP D 89 30.84 38.25 -36.40
CA ASP D 89 30.94 36.88 -35.91
C ASP D 89 29.73 36.05 -36.36
N TRP D 90 28.54 36.63 -36.31
CA TRP D 90 27.34 35.87 -36.65
C TRP D 90 27.31 35.51 -38.12
N GLN D 91 27.91 36.34 -38.97
CA GLN D 91 28.05 35.98 -40.38
C GLN D 91 28.88 34.73 -40.54
N LEU D 92 29.97 34.63 -39.76
CA LEU D 92 30.83 33.45 -39.86
C LEU D 92 30.22 32.24 -39.17
N ILE D 93 29.32 32.47 -38.21
CA ILE D 93 28.66 31.35 -37.52
C ILE D 93 27.69 30.67 -38.47
N VAL D 94 26.69 31.41 -38.96
CA VAL D 94 25.61 30.78 -39.71
C VAL D 94 26.03 30.37 -41.10
N ASN D 95 27.04 31.02 -41.68
CA ASN D 95 27.45 30.73 -43.04
C ASN D 95 28.39 29.54 -43.16
N THR D 96 28.97 29.07 -42.04
CA THR D 96 29.99 28.02 -42.06
C THR D 96 29.77 26.90 -41.05
N MET D 97 28.94 27.10 -40.03
CA MET D 97 28.71 26.10 -38.99
C MET D 97 27.37 25.41 -39.21
N SER D 98 27.37 24.08 -39.04
CA SER D 98 26.17 23.27 -39.20
C SER D 98 25.50 22.97 -37.87
N GLU D 99 26.29 22.78 -36.81
CA GLU D 99 25.81 22.31 -35.52
C GLU D 99 26.47 23.21 -34.48
N LEU D 100 25.85 23.37 -33.31
CA LEU D 100 26.34 24.34 -32.35
C LEU D 100 25.88 24.02 -30.93
N HIS D 101 26.85 23.72 -30.05
CA HIS D 101 26.62 23.48 -28.63
C HIS D 101 27.00 24.67 -27.77
N LEU D 102 26.28 24.84 -26.67
CA LEU D 102 26.76 25.61 -25.54
C LEU D 102 27.61 24.74 -24.62
N VAL D 103 28.62 25.35 -24.02
CA VAL D 103 29.66 24.65 -23.27
C VAL D 103 29.74 25.20 -21.84
N SER D 104 30.07 26.49 -21.70
CA SER D 104 30.34 27.06 -20.39
C SER D 104 30.08 28.56 -20.44
N PHE D 105 30.05 29.17 -19.26
CA PHE D 105 29.71 30.58 -19.10
C PHE D 105 30.17 31.06 -17.73
N GLU D 106 30.72 32.27 -17.68
CA GLU D 106 31.14 32.87 -16.43
C GLU D 106 30.98 34.38 -16.50
N GLN D 107 30.85 35.00 -15.33
CA GLN D 107 30.72 36.45 -15.18
C GLN D 107 31.65 36.92 -14.07
N GLU D 108 32.23 38.10 -14.28
CA GLU D 108 32.98 38.79 -13.23
C GLU D 108 32.84 40.29 -13.41
N ILE D 109 32.66 40.98 -12.29
CA ILE D 109 32.52 42.43 -12.22
C ILE D 109 33.83 42.98 -11.69
N PHE D 110 34.27 44.12 -12.23
CA PHE D 110 35.52 44.72 -11.78
C PHE D 110 35.48 46.23 -11.99
N ASN D 111 36.43 46.92 -11.33
CA ASN D 111 36.59 48.36 -11.46
C ASN D 111 35.33 49.11 -11.05
N VAL D 112 34.70 48.65 -9.97
CA VAL D 112 33.50 49.30 -9.46
C VAL D 112 33.89 50.68 -8.94
N VAL D 113 33.09 51.68 -9.30
CA VAL D 113 33.30 53.08 -8.90
C VAL D 113 31.99 53.60 -8.32
N LEU D 114 32.06 54.16 -7.12
CA LEU D 114 30.91 54.73 -6.43
C LEU D 114 31.07 56.24 -6.40
N LYS D 115 29.99 56.97 -6.67
CA LYS D 115 29.98 58.43 -6.71
C LYS D 115 28.72 58.95 -6.05
N THR D 116 28.81 60.17 -5.51
CA THR D 116 27.68 60.92 -4.97
C THR D 116 27.53 62.22 -5.76
N VAL D 117 26.44 62.93 -5.47
CA VAL D 117 26.15 64.22 -6.09
C VAL D 117 25.64 65.18 -5.02
N SER D 118 25.82 66.47 -5.29
CA SER D 118 25.30 67.54 -4.47
C SER D 118 24.93 68.72 -5.36
N GLU D 119 23.83 69.38 -5.02
CA GLU D 119 23.36 70.52 -5.81
C GLU D 119 24.21 71.75 -5.50
N THR D 126 23.03 74.14 -10.49
CA THR D 126 24.32 73.48 -10.75
C THR D 126 24.46 72.25 -9.87
N LYS D 127 25.43 71.40 -10.23
CA LYS D 127 25.69 70.15 -9.52
C LYS D 127 27.19 69.93 -9.42
N VAL D 128 27.59 69.13 -8.43
CA VAL D 128 29.00 68.80 -8.20
C VAL D 128 29.06 67.34 -7.77
N TYR D 129 30.18 66.70 -8.10
CA TYR D 129 30.36 65.26 -7.95
C TYR D 129 31.56 64.98 -7.06
N ASN D 130 31.47 63.89 -6.30
CA ASN D 130 32.56 63.40 -5.48
C ASN D 130 32.62 61.89 -5.59
N ASN D 131 33.82 61.35 -5.37
CA ASN D 131 34.04 59.91 -5.41
C ASN D 131 33.77 59.31 -4.04
N ASP D 132 32.74 58.47 -3.94
CA ASP D 132 32.48 57.72 -2.72
C ASP D 132 33.51 56.59 -2.59
N LEU D 133 34.66 56.96 -2.04
CA LEU D 133 35.75 55.99 -1.87
C LEU D 133 35.41 54.94 -0.82
N THR D 134 34.43 55.19 0.04
CA THR D 134 34.05 54.29 1.12
C THR D 134 32.87 53.39 0.78
N ALA D 135 31.90 53.86 0.01
CA ALA D 135 30.63 53.18 -0.17
C ALA D 135 30.82 51.85 -0.91
N SER D 136 29.90 50.93 -0.65
CA SER D 136 29.97 49.55 -1.12
C SER D 136 28.83 49.26 -2.08
N LEU D 137 29.10 48.36 -3.03
CA LEU D 137 28.10 47.85 -3.95
C LEU D 137 27.66 46.46 -3.51
N MET D 138 26.35 46.27 -3.35
CA MET D 138 25.82 44.95 -3.06
C MET D 138 25.74 44.16 -4.37
N VAL D 139 26.28 42.95 -4.38
CA VAL D 139 26.18 42.04 -5.51
C VAL D 139 25.86 40.65 -4.99
N ALA D 140 25.03 39.91 -5.72
CA ALA D 140 24.46 38.66 -5.24
C ALA D 140 24.30 37.69 -6.40
N LEU D 141 24.75 36.45 -6.20
CA LEU D 141 24.67 35.38 -7.19
C LEU D 141 23.69 34.32 -6.70
N ASP D 142 22.75 33.93 -7.57
CA ASP D 142 21.86 32.79 -7.32
C ASP D 142 22.54 31.48 -7.76
N SER D 143 23.50 31.07 -6.95
CA SER D 143 24.21 29.83 -7.25
C SER D 143 23.29 28.62 -7.14
N ASN D 144 22.41 28.61 -6.14
CA ASN D 144 21.49 27.50 -5.92
C ASN D 144 20.23 27.58 -6.79
N ASN D 145 20.07 28.61 -7.62
CA ASN D 145 18.91 28.76 -8.50
C ASN D 145 17.61 28.81 -7.71
N THR D 146 17.63 29.57 -6.61
CA THR D 146 16.43 29.72 -5.79
C THR D 146 15.42 30.66 -6.42
N MET D 147 15.89 31.77 -6.98
CA MET D 147 15.00 32.86 -7.36
C MET D 147 14.19 32.46 -8.58
N PRO D 148 13.07 33.13 -8.87
CA PRO D 148 12.37 32.84 -10.12
C PRO D 148 13.18 33.35 -11.31
N PHE D 149 13.35 32.48 -12.30
CA PHE D 149 14.12 32.82 -13.49
C PHE D 149 13.36 33.86 -14.29
N THR D 150 13.97 35.03 -14.47
CA THR D 150 13.32 36.20 -15.05
C THR D 150 14.16 36.69 -16.23
N PRO D 151 14.07 36.04 -17.39
CA PRO D 151 14.93 36.42 -18.51
C PRO D 151 14.50 37.75 -19.10
N ALA D 152 15.45 38.68 -19.18
CA ALA D 152 15.12 40.01 -19.69
C ALA D 152 14.91 40.04 -21.20
N ALA D 153 15.22 38.96 -21.91
CA ALA D 153 15.05 38.97 -23.36
C ALA D 153 13.58 38.97 -23.76
N MET D 154 12.70 38.43 -22.92
CA MET D 154 11.29 38.39 -23.26
C MET D 154 10.68 39.78 -23.38
N ARG D 155 11.18 40.75 -22.61
CA ARG D 155 10.72 42.13 -22.68
C ARG D 155 11.80 43.10 -23.16
N SER D 156 12.92 42.58 -23.69
CA SER D 156 14.04 43.37 -24.19
C SER D 156 14.54 44.40 -23.17
N GLU D 157 15.12 43.87 -22.09
CA GLU D 157 15.98 44.68 -21.21
C GLU D 157 17.27 43.93 -20.88
N THR D 158 17.89 43.29 -21.86
CA THR D 158 19.19 42.65 -21.62
C THR D 158 20.27 43.73 -21.58
N LEU D 159 21.52 43.28 -21.47
CA LEU D 159 22.62 44.21 -21.66
C LEU D 159 22.59 44.73 -23.09
N GLY D 160 22.97 45.99 -23.26
CA GLY D 160 23.01 46.58 -24.59
C GLY D 160 24.01 45.87 -25.47
N PHE D 161 23.62 45.67 -26.74
CA PHE D 161 24.43 44.86 -27.64
C PHE D 161 25.65 45.61 -28.17
N TYR D 162 25.76 46.93 -27.95
CA TYR D 162 26.90 47.70 -28.40
C TYR D 162 28.01 47.66 -27.33
N PRO D 163 29.24 47.18 -27.67
CA PRO D 163 30.32 47.24 -26.66
C PRO D 163 30.71 48.65 -26.23
N TRP D 164 30.61 49.60 -27.17
CA TRP D 164 31.27 50.90 -27.03
C TRP D 164 30.31 51.99 -26.54
N LYS D 165 29.33 51.63 -25.73
CA LYS D 165 28.45 52.58 -25.05
C LYS D 165 28.13 52.05 -23.67
N PRO D 166 27.63 52.89 -22.76
CA PRO D 166 27.19 52.38 -21.46
C PRO D 166 25.97 51.49 -21.57
N THR D 167 25.52 51.02 -20.41
CA THR D 167 24.37 50.15 -20.30
C THR D 167 23.76 50.41 -18.92
N ILE D 168 22.47 50.15 -18.78
CA ILE D 168 21.73 50.28 -17.53
C ILE D 168 21.12 48.92 -17.20
N PRO D 169 21.23 48.41 -15.97
CA PRO D 169 20.60 47.12 -15.67
C PRO D 169 19.14 47.32 -15.27
N THR D 170 18.32 46.33 -15.63
CA THR D 170 16.88 46.49 -15.41
C THR D 170 16.56 46.39 -13.91
N PRO D 171 15.52 47.08 -13.43
CA PRO D 171 15.06 46.79 -12.06
C PRO D 171 14.36 45.45 -12.01
N TRP D 172 14.75 44.62 -11.05
CA TRP D 172 14.19 43.28 -10.97
C TRP D 172 12.78 43.34 -10.40
N ARG D 173 11.93 42.47 -10.91
CA ARG D 173 10.60 42.26 -10.34
C ARG D 173 10.18 40.83 -10.68
N TYR D 174 9.18 40.34 -9.97
CA TYR D 174 8.70 38.99 -10.22
C TYR D 174 7.23 38.88 -9.86
N TYR D 175 6.60 37.88 -10.44
CA TYR D 175 5.16 37.68 -10.34
C TYR D 175 4.77 37.17 -8.96
N PHE D 176 3.60 37.63 -8.52
CA PHE D 176 3.02 37.34 -7.21
C PHE D 176 1.58 36.94 -7.47
N GLN D 177 1.12 35.87 -6.83
CA GLN D 177 -0.09 35.19 -7.27
C GLN D 177 -1.33 36.06 -7.10
N TRP D 178 -2.24 35.94 -8.06
CA TRP D 178 -3.55 36.58 -8.01
C TRP D 178 -4.57 35.63 -8.61
N ASP D 179 -5.82 36.10 -8.71
CA ASP D 179 -6.90 35.34 -9.31
C ASP D 179 -7.82 36.33 -9.99
N ARG D 180 -8.30 35.97 -11.19
CA ARG D 180 -9.14 36.85 -11.96
C ARG D 180 -9.87 36.05 -13.04
N THR D 181 -11.11 36.46 -13.31
CA THR D 181 -11.90 35.96 -14.43
C THR D 181 -12.20 37.10 -15.39
N LEU D 182 -12.33 36.77 -16.68
CA LEU D 182 -12.77 37.72 -17.70
C LEU D 182 -13.57 36.94 -18.73
N ILE D 183 -14.89 37.05 -18.68
CA ILE D 183 -15.75 36.42 -19.67
C ILE D 183 -15.72 37.32 -20.90
N PRO D 184 -15.39 36.84 -22.11
CA PRO D 184 -15.30 37.77 -23.24
C PRO D 184 -16.66 38.28 -23.68
N SER D 185 -16.62 39.22 -24.61
CA SER D 185 -17.81 39.83 -25.17
C SER D 185 -17.47 40.43 -26.53
N HIS D 186 -18.50 40.65 -27.34
CA HIS D 186 -18.31 41.27 -28.65
C HIS D 186 -18.29 42.79 -28.47
N THR D 187 -18.13 43.49 -29.60
CA THR D 187 -18.61 44.86 -29.65
C THR D 187 -20.12 44.85 -29.82
N GLY D 188 -20.79 45.74 -29.12
CA GLY D 188 -22.23 45.86 -29.21
C GLY D 188 -23.01 44.96 -28.27
N THR D 189 -22.42 43.83 -27.87
CA THR D 189 -23.08 42.95 -26.92
C THR D 189 -23.23 43.65 -25.57
N SER D 190 -24.47 43.94 -25.19
CA SER D 190 -24.73 44.69 -23.97
C SER D 190 -24.38 43.91 -22.69
N GLY D 191 -24.31 44.64 -21.59
CA GLY D 191 -24.01 44.06 -20.30
C GLY D 191 -22.51 43.99 -20.04
N THR D 192 -22.19 43.80 -18.77
CA THR D 192 -20.79 43.73 -18.36
C THR D 192 -20.15 42.44 -18.89
N PRO D 193 -18.82 42.40 -19.05
CA PRO D 193 -18.13 41.11 -19.17
C PRO D 193 -17.75 40.49 -17.83
N THR D 194 -18.10 41.11 -16.71
CA THR D 194 -17.71 40.63 -15.38
C THR D 194 -16.20 40.56 -15.22
N ASN D 195 -15.54 41.68 -15.46
CA ASN D 195 -14.13 41.85 -15.13
C ASN D 195 -14.06 42.16 -13.65
N ILE D 196 -13.81 41.13 -12.83
CA ILE D 196 -13.63 41.27 -11.39
C ILE D 196 -12.33 40.60 -11.01
N TYR D 197 -11.76 41.03 -9.90
CA TYR D 197 -10.46 40.57 -9.40
C TYR D 197 -10.68 39.97 -8.02
N HIS D 198 -10.30 38.70 -7.87
CA HIS D 198 -10.65 37.90 -6.71
C HIS D 198 -9.63 37.96 -5.58
N GLY D 199 -8.51 38.68 -5.77
CA GLY D 199 -7.48 38.73 -4.75
C GLY D 199 -6.51 37.58 -4.84
N THR D 200 -5.78 37.33 -3.74
CA THR D 200 -4.73 36.33 -3.69
C THR D 200 -5.18 35.16 -2.82
N ASP D 201 -4.92 33.96 -3.31
CA ASP D 201 -5.30 32.72 -2.64
C ASP D 201 -4.15 32.41 -1.67
N PRO D 202 -4.40 32.20 -0.36
CA PRO D 202 -3.26 32.17 0.58
C PRO D 202 -2.26 31.04 0.37
N ASP D 203 -2.71 29.87 -0.10
CA ASP D 203 -1.81 28.73 -0.14
C ASP D 203 -0.69 28.92 -1.17
N ASP D 204 -0.99 29.61 -2.27
CA ASP D 204 -0.05 29.78 -3.36
C ASP D 204 0.94 30.91 -3.15
N VAL D 205 0.87 31.63 -2.03
CA VAL D 205 1.62 32.88 -1.91
C VAL D 205 3.09 32.58 -1.69
N GLN D 206 3.94 33.29 -2.42
CA GLN D 206 5.40 33.14 -2.35
C GLN D 206 6.02 34.53 -2.43
N PHE D 207 6.37 35.08 -1.28
CA PHE D 207 7.10 36.34 -1.20
C PHE D 207 8.57 36.01 -0.91
N TYR D 208 9.45 36.45 -1.79
CA TYR D 208 10.88 36.19 -1.72
C TYR D 208 11.65 37.48 -1.51
N THR D 209 12.85 37.33 -0.94
CA THR D 209 13.80 38.42 -0.76
C THR D 209 15.18 37.92 -1.15
N ILE D 210 15.97 38.76 -1.81
CA ILE D 210 17.35 38.40 -2.12
C ILE D 210 18.15 38.24 -0.84
N GLU D 211 17.84 39.05 0.17
CA GLU D 211 18.70 39.12 1.35
C GLU D 211 18.65 37.82 2.15
N ASN D 212 17.48 37.20 2.25
CA ASN D 212 17.34 35.98 3.03
C ASN D 212 17.70 34.71 2.25
N SER D 213 17.83 34.78 0.93
CA SER D 213 17.90 33.57 0.11
C SER D 213 19.32 33.24 -0.37
N VAL D 214 20.14 34.26 -0.66
CA VAL D 214 21.49 34.08 -1.20
C VAL D 214 22.49 34.90 -0.39
N PRO D 215 23.78 34.55 -0.44
CA PRO D 215 24.79 35.44 0.15
C PRO D 215 24.96 36.70 -0.69
N VAL D 216 25.40 37.78 -0.04
CA VAL D 216 25.63 39.06 -0.69
C VAL D 216 27.06 39.46 -0.39
N HIS D 217 27.82 39.81 -1.42
CA HIS D 217 29.16 40.34 -1.30
C HIS D 217 29.09 41.86 -1.40
N LEU D 218 29.63 42.54 -0.39
CA LEU D 218 29.63 43.99 -0.34
C LEU D 218 30.87 44.53 -1.06
N LEU D 219 30.76 44.61 -2.38
CA LEU D 219 31.93 44.94 -3.18
C LEU D 219 32.28 46.41 -3.01
N ARG D 220 33.47 46.68 -2.51
CA ARG D 220 34.01 48.02 -2.37
C ARG D 220 34.86 48.35 -3.60
N THR D 221 35.43 49.56 -3.58
CA THR D 221 36.10 50.09 -4.77
C THR D 221 37.29 49.26 -5.21
N GLY D 222 38.01 48.65 -4.27
CA GLY D 222 39.24 47.94 -4.56
C GLY D 222 39.13 46.45 -4.75
N ASP D 223 37.94 45.94 -5.09
CA ASP D 223 37.65 44.51 -5.06
C ASP D 223 37.00 44.06 -6.36
N GLU D 224 37.07 42.75 -6.60
CA GLU D 224 36.53 42.10 -7.78
C GLU D 224 35.68 40.91 -7.35
N PHE D 225 34.51 40.75 -8.00
CA PHE D 225 33.65 39.59 -7.82
C PHE D 225 33.72 38.74 -9.09
N ALA D 226 33.79 37.42 -8.91
CA ALA D 226 33.95 36.49 -10.02
C ALA D 226 33.12 35.24 -9.78
N THR D 227 32.13 35.03 -10.64
CA THR D 227 31.39 33.78 -10.67
C THR D 227 32.28 32.68 -11.24
N GLY D 228 32.07 31.47 -10.77
CA GLY D 228 32.81 30.34 -11.27
C GLY D 228 32.44 30.01 -12.70
N THR D 229 33.08 28.96 -13.22
CA THR D 229 32.89 28.54 -14.61
C THR D 229 31.75 27.53 -14.66
N PHE D 230 30.53 28.03 -14.78
CA PHE D 230 29.37 27.17 -14.95
C PHE D 230 29.47 26.43 -16.27
N PHE D 231 28.92 25.21 -16.30
CA PHE D 231 28.89 24.35 -17.49
C PHE D 231 27.46 23.98 -17.81
N PHE D 232 27.13 23.97 -19.09
CA PHE D 232 25.79 23.64 -19.58
C PHE D 232 25.69 22.16 -19.92
N ASP D 233 24.47 21.75 -20.26
CA ASP D 233 24.17 20.36 -20.60
C ASP D 233 23.17 20.23 -21.75
N CYS D 234 22.90 21.30 -22.49
CA CYS D 234 21.78 21.32 -23.43
C CYS D 234 22.06 20.44 -24.65
N LYS D 235 21.01 20.17 -25.41
CA LYS D 235 21.14 19.47 -26.67
C LYS D 235 21.74 20.41 -27.72
N PRO D 236 22.21 19.87 -28.86
CA PRO D 236 22.60 20.75 -29.97
C PRO D 236 21.44 21.56 -30.51
N CYS D 237 21.76 22.75 -31.03
CA CYS D 237 20.91 23.51 -31.92
C CYS D 237 21.38 23.31 -33.35
N ARG D 238 20.46 22.95 -34.22
CA ARG D 238 20.76 22.66 -35.62
C ARG D 238 20.64 23.94 -36.43
N LEU D 239 21.77 24.38 -37.01
CA LEU D 239 21.87 25.65 -37.73
C LEU D 239 21.60 25.49 -39.22
N THR D 240 20.74 24.57 -39.61
CA THR D 240 20.35 24.38 -40.99
C THR D 240 18.92 23.89 -41.05
N HIS D 241 18.07 24.62 -41.77
CA HIS D 241 16.65 24.36 -41.81
C HIS D 241 16.35 23.13 -42.68
N THR D 242 15.16 22.58 -42.46
CA THR D 242 14.60 21.57 -43.33
C THR D 242 13.61 22.23 -44.29
N TRP D 243 13.61 21.76 -45.53
CA TRP D 243 12.60 22.09 -46.52
C TRP D 243 11.59 21.00 -46.73
N GLN D 244 11.97 19.74 -46.50
CA GLN D 244 11.07 18.63 -46.74
C GLN D 244 9.90 18.67 -45.78
N THR D 245 8.70 18.70 -46.34
CA THR D 245 7.47 18.40 -45.64
C THR D 245 6.93 17.09 -46.17
N ASN D 246 5.70 16.76 -45.80
CA ASN D 246 5.04 15.63 -46.43
C ASN D 246 4.65 16.02 -47.85
N ARG D 247 4.70 15.03 -48.74
CA ARG D 247 4.88 15.07 -50.20
C ARG D 247 6.29 15.53 -50.60
N ALA D 248 7.24 15.62 -49.66
CA ALA D 248 8.66 15.72 -49.95
C ALA D 248 9.44 14.51 -49.42
N LEU D 249 8.75 13.51 -48.86
CA LEU D 249 9.37 12.32 -48.29
C LEU D 249 9.12 11.13 -49.20
N GLY D 250 10.07 10.21 -49.23
CA GLY D 250 9.88 8.94 -49.89
C GLY D 250 10.18 8.98 -51.38
N LEU D 251 10.05 7.80 -52.00
CA LEU D 251 10.37 7.64 -53.40
C LEU D 251 9.34 8.38 -54.26
N PRO D 252 9.74 9.12 -55.29
CA PRO D 252 8.74 9.70 -56.20
C PRO D 252 8.11 8.63 -57.08
N PRO D 253 6.97 8.92 -57.72
CA PRO D 253 6.45 8.00 -58.73
C PRO D 253 7.27 8.04 -60.00
N PHE D 254 7.20 6.95 -60.77
CA PHE D 254 7.97 6.84 -62.00
C PHE D 254 7.23 7.50 -63.15
N LEU D 255 7.99 8.15 -64.03
CA LEU D 255 7.45 8.84 -65.20
C LEU D 255 7.57 7.88 -66.38
N ASN D 256 6.43 7.52 -66.98
CA ASN D 256 6.44 6.70 -68.18
C ASN D 256 6.75 7.51 -69.44
N SER D 257 6.66 8.83 -69.39
CA SER D 257 6.99 9.69 -70.51
C SER D 257 7.71 10.93 -70.00
N LEU D 258 8.84 11.25 -70.63
CA LEU D 258 9.69 12.39 -70.29
C LEU D 258 9.51 13.49 -71.33
N PRO D 259 9.45 14.77 -70.95
CA PRO D 259 9.46 15.83 -71.98
C PRO D 259 10.72 15.80 -72.83
N GLN D 260 10.51 15.64 -74.14
CA GLN D 260 11.59 15.83 -75.11
C GLN D 260 11.73 17.29 -75.50
N SER D 261 10.64 18.06 -75.49
CA SER D 261 10.71 19.47 -75.80
C SER D 261 11.43 20.23 -74.69
N GLU D 262 12.27 21.18 -75.09
CA GLU D 262 13.05 21.95 -74.14
C GLU D 262 12.22 23.08 -73.54
N GLY D 263 12.84 23.80 -72.62
CA GLY D 263 12.23 24.98 -72.01
C GLY D 263 11.40 24.65 -70.78
N ALA D 264 10.99 25.71 -70.09
CA ALA D 264 10.22 25.60 -68.86
C ALA D 264 8.73 25.39 -69.11
N THR D 265 8.25 25.52 -70.35
CA THR D 265 6.81 25.45 -70.60
C THR D 265 6.30 24.01 -70.55
N ASN D 266 7.16 23.02 -70.76
CA ASN D 266 6.74 21.62 -70.76
C ASN D 266 6.65 21.08 -69.33
N PHE D 267 5.83 20.04 -69.16
CA PHE D 267 5.70 19.35 -67.88
C PHE D 267 5.64 17.85 -68.15
N GLY D 268 5.92 17.07 -67.11
CA GLY D 268 5.90 15.62 -67.23
C GLY D 268 4.50 15.04 -67.09
N ASP D 269 4.35 13.80 -67.56
CA ASP D 269 3.10 13.05 -67.49
C ASP D 269 3.37 11.68 -66.89
N ILE D 270 2.52 11.26 -65.95
CA ILE D 270 2.58 9.91 -65.41
C ILE D 270 1.68 9.01 -66.25
N GLY D 271 2.22 7.87 -66.67
CA GLY D 271 1.57 7.05 -67.68
C GLY D 271 0.25 6.43 -67.27
N VAL D 272 0.17 5.85 -66.08
CA VAL D 272 -0.92 4.97 -65.70
C VAL D 272 -2.00 5.80 -65.01
N GLN D 273 -3.26 5.44 -65.24
CA GLN D 273 -4.38 6.17 -64.67
C GLN D 273 -4.38 6.08 -63.15
N GLN D 274 -5.05 7.04 -62.51
CA GLN D 274 -5.01 7.16 -61.06
C GLN D 274 -5.61 5.94 -60.37
N ASP D 275 -6.70 5.38 -60.91
CA ASP D 275 -7.30 4.18 -60.33
C ASP D 275 -6.46 2.93 -60.55
N LYS D 276 -5.42 2.98 -61.38
CA LYS D 276 -4.65 1.82 -61.79
C LYS D 276 -3.19 1.85 -61.35
N ARG D 277 -2.75 2.87 -60.60
CA ARG D 277 -1.37 2.92 -60.14
C ARG D 277 -1.18 2.05 -58.90
N ARG D 278 0.09 1.81 -58.58
CA ARG D 278 0.51 0.93 -57.49
C ARG D 278 1.01 1.75 -56.31
N GLY D 279 1.08 1.10 -55.15
CA GLY D 279 1.61 1.68 -53.94
C GLY D 279 0.83 1.22 -52.73
N VAL D 280 0.99 1.95 -51.64
CA VAL D 280 0.25 1.75 -50.40
C VAL D 280 -0.34 3.08 -49.97
N THR D 281 -1.62 3.06 -49.60
CA THR D 281 -2.35 4.24 -49.16
C THR D 281 -3.10 3.89 -47.88
N GLN D 282 -3.17 4.86 -46.95
CA GLN D 282 -3.99 4.70 -45.76
C GLN D 282 -5.42 5.20 -46.00
N MET D 283 -6.12 4.48 -46.86
CA MET D 283 -7.55 4.69 -47.04
C MET D 283 -8.13 3.38 -47.54
N GLY D 284 -8.70 2.60 -46.62
CA GLY D 284 -9.09 1.23 -46.91
C GLY D 284 -10.14 1.09 -47.99
N ASN D 285 -11.06 2.05 -48.10
CA ASN D 285 -12.22 1.94 -48.97
C ASN D 285 -12.04 2.64 -50.32
N THR D 286 -10.83 3.10 -50.65
CA THR D 286 -10.57 3.94 -51.81
C THR D 286 -9.49 3.31 -52.66
N ASN D 287 -9.73 3.26 -53.97
CA ASN D 287 -8.78 2.67 -54.90
C ASN D 287 -7.71 3.65 -55.37
N TYR D 288 -8.04 4.95 -55.40
CA TYR D 288 -7.20 5.92 -56.09
C TYR D 288 -5.92 6.17 -55.31
N ILE D 289 -4.78 5.94 -55.98
CA ILE D 289 -3.45 6.20 -55.43
C ILE D 289 -2.92 7.45 -56.11
N THR D 290 -2.73 8.52 -55.33
CA THR D 290 -2.21 9.78 -55.83
C THR D 290 -1.20 10.31 -54.83
N GLU D 291 -0.58 11.44 -55.19
CA GLU D 291 0.45 12.01 -54.33
C GLU D 291 -0.11 12.50 -53.00
N ALA D 292 -1.39 12.87 -52.95
CA ALA D 292 -2.01 13.29 -51.71
C ALA D 292 -2.33 12.13 -50.79
N THR D 293 -2.76 11.00 -51.35
CA THR D 293 -3.18 9.85 -50.55
C THR D 293 -2.09 8.83 -50.29
N ILE D 294 -0.92 8.95 -50.92
CA ILE D 294 0.13 7.96 -50.70
C ILE D 294 0.61 8.07 -49.25
N MET D 295 0.76 6.90 -48.63
CA MET D 295 1.40 6.77 -47.32
C MET D 295 2.75 7.47 -47.28
N ARG D 296 2.98 8.22 -46.19
CA ARG D 296 4.27 8.79 -45.85
C ARG D 296 4.64 8.30 -44.46
N PRO D 297 5.93 8.30 -44.10
CA PRO D 297 6.31 7.67 -42.82
C PRO D 297 5.78 8.39 -41.59
N ALA D 298 5.62 9.71 -41.64
CA ALA D 298 5.07 10.46 -40.52
C ALA D 298 4.71 11.85 -41.02
N GLU D 299 4.28 12.71 -40.10
CA GLU D 299 3.81 14.05 -40.39
C GLU D 299 4.83 15.06 -39.91
N VAL D 300 5.16 16.02 -40.77
CA VAL D 300 6.04 17.14 -40.40
C VAL D 300 5.16 18.30 -39.97
N GLY D 301 5.45 18.84 -38.79
CA GLY D 301 4.70 19.97 -38.28
C GLY D 301 3.29 19.58 -37.88
N TYR D 302 2.54 20.58 -37.42
CA TYR D 302 1.16 20.36 -37.00
C TYR D 302 0.39 21.68 -37.07
N SER D 303 -0.89 21.55 -37.36
CA SER D 303 -1.81 22.67 -37.23
C SER D 303 -2.27 22.79 -35.79
N ALA D 304 -2.48 24.04 -35.36
CA ALA D 304 -2.91 24.38 -34.02
C ALA D 304 -4.03 25.41 -34.16
N PRO D 305 -4.87 25.58 -33.13
CA PRO D 305 -5.90 26.60 -33.24
C PRO D 305 -5.28 27.98 -33.20
N TYR D 306 -5.20 28.65 -34.35
CA TYR D 306 -4.38 29.85 -34.45
C TYR D 306 -5.15 31.06 -33.94
N TYR D 307 -4.47 31.84 -33.10
CA TYR D 307 -5.06 32.93 -32.34
C TYR D 307 -6.25 32.42 -31.52
N SER D 308 -5.97 31.44 -30.68
CA SER D 308 -6.86 30.99 -29.63
C SER D 308 -6.27 31.36 -28.28
N PHE D 309 -7.14 31.79 -27.37
CA PHE D 309 -6.77 32.17 -26.01
C PHE D 309 -7.45 31.24 -25.02
N GLU D 310 -6.68 30.81 -24.02
CA GLU D 310 -7.14 29.88 -22.99
C GLU D 310 -7.17 30.60 -21.65
N ALA D 311 -8.24 30.37 -20.90
CA ALA D 311 -8.46 31.04 -19.62
C ALA D 311 -7.97 30.16 -18.47
N SER D 312 -6.89 30.59 -17.84
CA SER D 312 -6.42 30.02 -16.59
C SER D 312 -7.09 30.72 -15.42
N THR D 313 -6.72 30.32 -14.20
CA THR D 313 -7.19 31.04 -13.03
C THR D 313 -6.59 32.45 -12.98
N GLN D 314 -5.40 32.63 -13.54
CA GLN D 314 -4.70 33.91 -13.55
C GLN D 314 -4.97 34.71 -14.81
N GLY D 315 -6.12 34.52 -15.45
CA GLY D 315 -6.54 35.31 -16.58
C GLY D 315 -6.16 34.69 -17.91
N PRO D 316 -6.72 35.21 -19.00
CA PRO D 316 -6.46 34.61 -20.32
C PRO D 316 -5.03 34.79 -20.80
N PHE D 317 -4.63 33.86 -21.66
CA PHE D 317 -3.32 33.89 -22.31
C PHE D 317 -3.42 33.23 -23.67
N LYS D 318 -2.49 33.56 -24.55
CA LYS D 318 -2.46 32.95 -25.88
C LYS D 318 -1.77 31.59 -25.81
N THR D 319 -2.34 30.62 -26.51
CA THR D 319 -1.67 29.33 -26.62
C THR D 319 -0.49 29.47 -27.57
N PRO D 320 0.71 28.99 -27.23
CA PRO D 320 1.84 29.15 -28.15
C PRO D 320 1.87 28.05 -29.20
N ILE D 321 2.28 28.44 -30.42
CA ILE D 321 2.43 27.54 -31.57
C ILE D 321 3.90 27.50 -31.94
N ALA D 322 4.31 26.36 -32.53
CA ALA D 322 5.72 26.12 -32.81
C ALA D 322 6.18 26.63 -34.17
N ALA D 323 5.27 26.99 -35.06
CA ALA D 323 5.66 27.44 -36.39
C ALA D 323 4.50 28.21 -37.03
N GLY D 324 4.83 28.89 -38.13
CA GLY D 324 3.85 29.64 -38.91
C GLY D 324 4.16 29.56 -40.39
N ARG D 325 3.83 30.64 -41.12
CA ARG D 325 4.09 30.74 -42.55
C ARG D 325 3.38 29.62 -43.32
N ALA D 336 1.29 35.96 -42.45
CA ALA D 336 2.31 36.43 -41.51
C ALA D 336 2.07 35.99 -40.07
N ASP D 337 1.00 35.23 -39.82
CA ASP D 337 0.68 34.83 -38.45
C ASP D 337 1.64 33.74 -37.98
N GLY D 338 1.69 33.58 -36.66
CA GLY D 338 2.45 32.49 -36.05
C GLY D 338 3.91 32.81 -35.77
N ASN D 339 4.58 33.49 -36.71
CA ASN D 339 5.99 33.78 -36.52
C ASN D 339 6.16 34.84 -35.43
N PRO D 340 7.30 34.89 -34.74
CA PRO D 340 7.43 35.83 -33.61
C PRO D 340 7.72 37.25 -34.07
N ARG D 341 7.06 38.21 -33.42
CA ARG D 341 7.22 39.64 -33.69
C ARG D 341 7.92 40.27 -32.50
N TYR D 342 9.06 40.90 -32.76
CA TYR D 342 9.91 41.49 -31.72
C TYR D 342 9.73 43.01 -31.68
N ALA D 343 10.10 43.60 -30.54
CA ALA D 343 10.09 45.05 -30.36
C ALA D 343 11.23 45.44 -29.45
N PHE D 344 11.90 46.56 -29.76
CA PHE D 344 13.16 46.88 -29.12
C PHE D 344 13.46 48.37 -29.25
N GLY D 345 14.33 48.85 -28.35
CA GLY D 345 14.63 50.25 -28.19
C GLY D 345 16.04 50.61 -28.62
N ARG D 346 16.54 51.71 -28.03
CA ARG D 346 17.78 52.32 -28.49
C ARG D 346 18.97 51.39 -28.31
N GLN D 347 19.15 50.87 -27.09
CA GLN D 347 20.31 50.03 -26.82
C GLN D 347 20.24 48.67 -27.52
N HIS D 348 19.06 48.26 -28.00
CA HIS D 348 18.82 46.89 -28.46
C HIS D 348 18.63 46.76 -29.97
N GLY D 349 18.88 47.82 -30.76
CA GLY D 349 18.93 47.69 -32.21
C GLY D 349 18.39 48.86 -33.01
N GLN D 350 17.70 49.80 -32.39
CA GLN D 350 17.21 50.96 -33.14
C GLN D 350 18.38 51.81 -33.61
N LYS D 351 18.12 52.59 -34.66
CA LYS D 351 19.06 53.64 -35.04
C LYS D 351 19.11 54.62 -33.88
N THR D 352 20.25 54.69 -33.20
CA THR D 352 20.31 55.29 -31.87
C THR D 352 20.00 56.78 -31.86
N THR D 353 20.15 57.46 -33.00
CA THR D 353 19.82 58.88 -33.09
C THR D 353 18.36 59.13 -33.47
N THR D 354 17.60 58.10 -33.85
CA THR D 354 16.19 58.28 -34.14
C THR D 354 15.45 58.61 -32.85
N THR D 355 14.82 59.79 -32.81
CA THR D 355 14.17 60.31 -31.61
C THR D 355 12.70 59.95 -31.64
N GLY D 356 12.24 59.33 -30.57
CA GLY D 356 10.85 58.91 -30.42
C GLY D 356 10.77 57.64 -29.60
N GLU D 357 9.68 57.53 -28.84
CA GLU D 357 9.47 56.37 -27.99
C GLU D 357 8.97 55.13 -28.74
N THR D 358 8.69 55.24 -30.03
CA THR D 358 8.14 54.12 -30.77
C THR D 358 9.23 53.06 -31.01
N PRO D 359 9.08 51.81 -30.54
CA PRO D 359 10.08 50.81 -30.89
C PRO D 359 10.00 50.42 -32.36
N GLU D 360 11.14 50.00 -32.91
CA GLU D 360 11.17 49.35 -34.21
C GLU D 360 10.90 47.87 -34.02
N ARG D 361 10.33 47.25 -35.05
CA ARG D 361 9.81 45.89 -34.96
C ARG D 361 10.13 45.14 -36.24
N PHE D 362 10.26 43.82 -36.11
CA PHE D 362 10.33 42.94 -37.26
C PHE D 362 9.65 41.61 -36.97
N THR D 363 9.34 40.90 -38.04
CA THR D 363 8.81 39.55 -38.01
C THR D 363 9.87 38.61 -38.56
N TYR D 364 10.22 37.59 -37.79
CA TYR D 364 11.23 36.62 -38.20
C TYR D 364 10.55 35.55 -39.04
N ILE D 365 10.65 35.70 -40.37
CA ILE D 365 10.13 34.68 -41.28
C ILE D 365 11.16 33.56 -41.31
N ALA D 366 10.94 32.54 -40.50
CA ALA D 366 11.89 31.43 -40.43
C ALA D 366 11.92 30.69 -41.76
N HIS D 367 13.13 30.46 -42.25
CA HIS D 367 13.32 29.81 -43.54
C HIS D 367 12.78 28.39 -43.55
N GLN D 368 12.72 27.72 -42.40
CA GLN D 368 12.20 26.36 -42.31
C GLN D 368 10.72 26.36 -42.67
N ASP D 369 10.31 25.35 -43.44
CA ASP D 369 8.98 25.27 -44.04
C ASP D 369 8.12 24.18 -43.42
N THR D 370 8.28 23.93 -42.12
CA THR D 370 7.48 22.91 -41.44
C THR D 370 6.06 23.34 -41.14
N GLY D 371 5.69 24.60 -41.39
CA GLY D 371 4.40 25.11 -40.97
C GLY D 371 3.22 24.59 -41.78
N ARG D 372 2.15 25.38 -41.80
CA ARG D 372 0.90 25.02 -42.45
C ARG D 372 0.34 26.22 -43.17
N TYR D 373 -0.60 25.95 -44.08
CA TYR D 373 -1.24 26.96 -44.93
C TYR D 373 -2.74 26.73 -44.73
N PRO D 374 -3.36 27.35 -43.71
CA PRO D 374 -4.72 26.92 -43.30
C PRO D 374 -5.79 27.11 -44.36
N GLU D 375 -5.58 27.99 -45.34
CA GLU D 375 -6.60 28.17 -46.37
C GLU D 375 -6.65 27.01 -47.37
N GLY D 376 -5.68 26.09 -47.33
CA GLY D 376 -5.64 24.95 -48.23
C GLY D 376 -6.18 23.64 -47.67
N ASP D 377 -6.58 23.62 -46.40
CA ASP D 377 -7.00 22.38 -45.76
C ASP D 377 -8.48 22.11 -46.01
N TRP D 378 -8.89 20.85 -45.85
CA TRP D 378 -10.30 20.52 -45.91
C TRP D 378 -10.54 19.14 -45.31
N ILE D 379 -11.78 18.92 -44.89
CA ILE D 379 -12.27 17.64 -44.39
C ILE D 379 -13.22 17.12 -45.45
N GLN D 380 -13.23 15.80 -45.68
CA GLN D 380 -14.24 15.18 -46.54
C GLN D 380 -14.67 13.83 -45.96
N ASN D 381 -15.86 13.40 -46.35
CA ASN D 381 -16.53 12.31 -45.67
C ASN D 381 -15.91 10.97 -46.06
N ILE D 382 -16.12 9.97 -45.18
CA ILE D 382 -15.45 8.68 -45.32
C ILE D 382 -15.88 7.91 -46.55
N ASN D 383 -17.04 8.22 -47.15
CA ASN D 383 -17.43 7.51 -48.37
C ASN D 383 -16.48 7.80 -49.51
N PHE D 384 -16.02 9.04 -49.64
CA PHE D 384 -14.99 9.42 -50.60
C PHE D 384 -15.45 9.20 -52.04
N ASN D 385 -16.65 9.65 -52.35
CA ASN D 385 -17.00 9.87 -53.75
C ASN D 385 -16.15 11.02 -54.24
N LEU D 386 -15.47 10.82 -55.38
CA LEU D 386 -14.32 11.65 -55.73
C LEU D 386 -14.68 13.11 -55.96
N PRO D 387 -15.67 13.44 -56.81
CA PRO D 387 -16.15 14.83 -56.84
C PRO D 387 -17.07 15.11 -55.65
N VAL D 388 -16.56 15.84 -54.66
CA VAL D 388 -17.31 16.04 -53.42
C VAL D 388 -18.54 16.91 -53.69
N THR D 389 -19.65 16.56 -53.05
CA THR D 389 -20.97 17.07 -53.41
C THR D 389 -21.51 18.13 -52.44
N ASN D 390 -20.62 18.86 -51.74
CA ASN D 390 -20.92 20.06 -50.94
C ASN D 390 -21.61 19.75 -49.60
N ASP D 391 -22.07 18.51 -49.39
CA ASP D 391 -22.53 18.07 -48.07
C ASP D 391 -21.53 17.14 -47.41
N ASN D 392 -20.68 16.48 -48.20
CA ASN D 392 -19.66 15.55 -47.73
C ASN D 392 -18.27 16.20 -47.67
N VAL D 393 -18.18 17.52 -47.62
CA VAL D 393 -16.91 18.23 -47.59
C VAL D 393 -17.07 19.51 -46.78
N LEU D 394 -16.00 19.88 -46.07
CA LEU D 394 -15.95 21.07 -45.24
C LEU D 394 -14.68 21.85 -45.61
N LEU D 395 -14.86 23.11 -46.02
CA LEU D 395 -13.80 23.99 -46.50
C LEU D 395 -13.45 25.05 -45.47
N PRO D 396 -12.37 25.81 -45.68
CA PRO D 396 -12.15 27.00 -44.83
C PRO D 396 -13.11 28.14 -45.11
N THR D 397 -13.82 28.10 -46.24
CA THR D 397 -14.86 29.09 -46.52
C THR D 397 -16.14 28.85 -45.72
N ASP D 398 -16.23 27.76 -44.96
CA ASP D 398 -17.48 27.32 -44.36
C ASP D 398 -17.59 27.92 -42.96
N PRO D 399 -18.62 28.68 -42.60
CA PRO D 399 -18.69 29.19 -41.22
C PRO D 399 -18.88 28.08 -40.20
N ILE D 400 -18.30 28.28 -39.02
CA ILE D 400 -18.51 27.44 -37.84
C ILE D 400 -19.30 28.25 -36.83
N GLY D 401 -20.42 27.68 -36.37
CA GLY D 401 -21.26 28.38 -35.42
C GLY D 401 -21.87 29.65 -35.95
N GLY D 402 -22.07 29.74 -37.25
CA GLY D 402 -22.68 30.91 -37.86
C GLY D 402 -21.77 32.10 -38.05
N LYS D 403 -20.54 32.05 -37.57
CA LYS D 403 -19.61 33.18 -37.67
C LYS D 403 -18.90 33.11 -39.01
N THR D 404 -19.21 34.07 -39.89
CA THR D 404 -18.63 34.08 -41.24
C THR D 404 -17.11 34.22 -41.23
N GLY D 405 -16.54 34.83 -40.19
CA GLY D 405 -15.11 35.05 -40.12
C GLY D 405 -14.28 33.91 -39.57
N ILE D 406 -14.90 32.90 -38.97
CA ILE D 406 -14.20 31.81 -38.29
C ILE D 406 -14.60 30.51 -38.98
N ASN D 407 -13.61 29.64 -39.21
CA ASN D 407 -13.79 28.38 -39.93
C ASN D 407 -13.19 27.24 -39.11
N TYR D 408 -13.20 26.05 -39.71
CA TYR D 408 -12.83 24.85 -38.96
C TYR D 408 -11.36 24.82 -38.60
N THR D 409 -10.51 25.45 -39.42
CA THR D 409 -9.08 25.44 -39.14
C THR D 409 -8.76 26.23 -37.87
N ASN D 410 -9.59 27.20 -37.52
CA ASN D 410 -9.36 27.95 -36.30
C ASN D 410 -9.50 27.08 -35.05
N ILE D 411 -10.33 26.03 -35.13
CA ILE D 411 -10.59 25.14 -34.00
C ILE D 411 -9.82 23.82 -34.08
N PHE D 412 -8.97 23.65 -35.09
CA PHE D 412 -8.39 22.34 -35.42
C PHE D 412 -7.05 22.15 -34.73
N ASN D 413 -6.71 20.89 -34.46
CA ASN D 413 -5.46 20.55 -33.79
C ASN D 413 -5.07 19.14 -34.24
N THR D 414 -4.04 19.04 -35.08
CA THR D 414 -3.63 17.80 -35.72
C THR D 414 -2.42 17.16 -35.08
N TYR D 415 -1.98 17.62 -33.91
CA TYR D 415 -0.88 16.95 -33.24
C TYR D 415 -1.34 15.56 -32.84
N GLY D 416 -0.48 14.59 -33.14
CA GLY D 416 -0.71 13.20 -32.82
C GLY D 416 0.59 12.55 -32.42
N PRO D 417 0.62 11.22 -32.32
CA PRO D 417 1.90 10.55 -32.07
C PRO D 417 2.88 10.66 -33.23
N LEU D 418 2.42 11.00 -34.43
CA LEU D 418 3.23 11.02 -35.64
C LEU D 418 3.80 12.40 -35.95
N THR D 419 3.70 13.36 -35.04
CA THR D 419 4.14 14.72 -35.31
C THR D 419 5.66 14.82 -35.21
N ALA D 420 6.29 15.16 -36.33
CA ALA D 420 7.70 15.58 -36.34
C ALA D 420 7.77 17.10 -36.28
N LEU D 421 8.70 17.59 -35.46
CA LEU D 421 8.83 19.02 -35.23
C LEU D 421 10.30 19.35 -35.03
N ASN D 422 10.63 20.62 -35.26
CA ASN D 422 12.00 21.12 -35.23
C ASN D 422 12.11 22.23 -34.21
N ASN D 423 13.33 22.49 -33.74
CA ASN D 423 13.54 23.44 -32.67
C ASN D 423 13.35 24.87 -33.20
N VAL D 424 13.03 25.77 -32.27
CA VAL D 424 12.90 27.20 -32.61
C VAL D 424 14.26 27.70 -33.13
N PRO D 425 14.33 28.48 -34.21
CA PRO D 425 15.63 28.96 -34.65
C PRO D 425 16.19 29.98 -33.68
N PRO D 426 17.51 30.19 -33.67
CA PRO D 426 18.04 31.41 -33.08
C PRO D 426 17.64 32.61 -33.94
N VAL D 427 17.57 33.77 -33.30
CA VAL D 427 17.37 35.04 -34.00
C VAL D 427 18.31 36.06 -33.38
N TYR D 428 18.94 36.87 -34.22
CA TYR D 428 19.91 37.89 -33.84
C TYR D 428 19.31 39.28 -34.05
N PRO D 429 19.54 40.26 -33.15
CA PRO D 429 20.26 40.21 -31.85
C PRO D 429 19.36 39.91 -30.65
N ASN D 430 18.04 39.88 -30.79
CA ASN D 430 17.14 39.81 -29.64
C ASN D 430 16.86 38.40 -29.14
N GLY D 431 17.39 37.38 -29.80
CA GLY D 431 17.05 36.02 -29.41
C GLY D 431 17.60 35.64 -28.05
N GLN D 432 16.72 35.06 -27.24
CA GLN D 432 17.14 34.39 -26.02
C GLN D 432 18.12 33.27 -26.36
N ILE D 433 19.17 33.15 -25.56
CA ILE D 433 20.14 32.06 -25.75
C ILE D 433 19.69 30.79 -25.06
N TRP D 434 19.55 30.82 -23.73
CA TRP D 434 19.23 29.65 -22.93
C TRP D 434 18.03 29.94 -22.04
N ASP D 435 17.40 28.86 -21.60
CA ASP D 435 16.24 28.92 -20.72
C ASP D 435 16.30 27.73 -19.80
N LYS D 436 15.57 27.81 -18.69
CA LYS D 436 15.54 26.73 -17.72
C LYS D 436 14.42 25.76 -18.03
N GLU D 437 14.71 24.46 -17.94
CA GLU D 437 13.66 23.44 -18.05
C GLU D 437 12.63 23.65 -16.96
N PHE D 438 11.36 23.53 -17.32
CA PHE D 438 10.28 23.74 -16.37
C PHE D 438 10.34 22.66 -15.29
N ASP D 439 9.89 23.04 -14.09
CA ASP D 439 9.92 22.13 -12.94
C ASP D 439 8.67 21.25 -12.88
N THR D 440 7.93 21.16 -13.97
CA THR D 440 6.82 20.22 -14.05
C THR D 440 7.34 18.79 -13.96
N ASP D 441 6.42 17.87 -13.68
CA ASP D 441 6.76 16.45 -13.70
C ASP D 441 6.85 15.89 -15.11
N LEU D 442 6.18 16.52 -16.07
CA LEU D 442 6.26 16.14 -17.48
C LEU D 442 6.81 17.34 -18.25
N LYS D 443 8.02 17.19 -18.77
CA LYS D 443 8.67 18.31 -19.42
C LYS D 443 8.01 18.58 -20.78
N PRO D 444 8.02 19.83 -21.27
CA PRO D 444 7.60 20.06 -22.65
C PRO D 444 8.73 19.74 -23.61
N ARG D 445 8.34 19.48 -24.86
CA ARG D 445 9.31 19.02 -25.84
C ARG D 445 10.27 20.13 -26.26
N LEU D 446 9.78 21.36 -26.36
CA LEU D 446 10.56 22.50 -26.82
C LEU D 446 10.13 23.75 -26.06
N HIS D 447 10.86 24.84 -26.29
CA HIS D 447 10.51 26.17 -25.80
C HIS D 447 10.48 27.14 -26.96
N VAL D 448 9.42 27.96 -27.03
CA VAL D 448 9.27 28.87 -28.16
C VAL D 448 10.24 30.05 -28.13
N ASN D 449 10.90 30.31 -27.00
CA ASN D 449 11.65 31.56 -26.84
C ASN D 449 13.14 31.39 -27.14
N ALA D 450 13.75 30.28 -26.72
CA ALA D 450 15.19 30.05 -26.82
C ALA D 450 15.47 28.73 -27.52
N PRO D 451 16.62 28.59 -28.24
CA PRO D 451 16.95 27.28 -28.83
C PRO D 451 17.29 26.23 -27.79
N PHE D 452 18.18 26.60 -26.88
CA PHE D 452 18.64 25.73 -25.80
C PHE D 452 17.69 25.75 -24.62
N VAL D 453 17.74 24.66 -23.85
CA VAL D 453 17.11 24.61 -22.53
C VAL D 453 18.09 23.97 -21.56
N CYS D 454 18.29 24.61 -20.42
CA CYS D 454 19.06 24.02 -19.35
C CYS D 454 18.33 22.80 -18.81
N GLN D 455 18.89 21.61 -19.00
CA GLN D 455 18.23 20.41 -18.50
C GLN D 455 18.38 20.30 -16.98
N ASN D 456 19.61 20.29 -16.48
CA ASN D 456 19.90 20.36 -15.05
C ASN D 456 19.93 21.83 -14.64
N ASN D 457 20.51 22.15 -13.48
CA ASN D 457 20.68 23.52 -13.00
C ASN D 457 21.29 24.40 -14.07
N CYS D 458 21.07 25.70 -13.95
CA CYS D 458 21.12 26.61 -15.08
C CYS D 458 21.70 27.90 -14.52
N PRO D 459 22.36 28.74 -15.34
CA PRO D 459 23.25 29.78 -14.78
C PRO D 459 22.55 30.78 -13.86
N GLY D 460 23.22 31.08 -12.75
CA GLY D 460 22.66 31.94 -11.73
C GLY D 460 22.48 33.37 -12.17
N GLN D 461 21.31 33.93 -11.92
CA GLN D 461 21.08 35.34 -12.19
C GLN D 461 21.86 36.20 -11.22
N LEU D 462 22.48 37.26 -11.72
CA LEU D 462 23.31 38.17 -10.94
C LEU D 462 22.52 39.42 -10.63
N PHE D 463 22.42 39.75 -9.34
CA PHE D 463 21.68 40.90 -8.86
C PHE D 463 22.66 41.94 -8.32
N VAL D 464 22.25 43.21 -8.38
CA VAL D 464 23.11 44.33 -7.99
C VAL D 464 22.26 45.42 -7.36
N LYS D 465 22.80 46.04 -6.31
CA LYS D 465 22.17 47.19 -5.67
C LYS D 465 23.25 47.99 -4.96
N VAL D 466 23.30 49.30 -5.20
CA VAL D 466 24.22 50.14 -4.46
C VAL D 466 23.76 50.18 -3.00
N ALA D 467 24.70 50.06 -2.08
CA ALA D 467 24.34 49.96 -0.68
C ALA D 467 23.79 51.30 -0.20
N PRO D 468 22.99 51.32 0.88
CA PRO D 468 22.51 52.60 1.39
C PRO D 468 23.65 53.45 1.91
N ASN D 469 23.45 54.78 1.84
CA ASN D 469 24.40 55.77 2.34
C ASN D 469 23.55 56.85 3.00
N LEU D 470 23.36 56.72 4.31
CA LEU D 470 22.35 57.48 5.02
C LEU D 470 22.86 58.85 5.46
N THR D 471 21.94 59.80 5.54
CA THR D 471 22.21 61.07 6.20
C THR D 471 22.25 60.88 7.72
N ASN D 472 22.61 61.95 8.43
CA ASN D 472 22.67 61.89 9.88
C ASN D 472 21.28 61.85 10.52
N GLU D 473 20.24 62.29 9.82
CA GLU D 473 18.92 62.43 10.42
C GLU D 473 18.15 61.13 10.51
N TYR D 474 18.66 60.03 9.97
CA TYR D 474 17.88 58.79 9.89
C TYR D 474 17.59 58.23 11.28
N ASP D 475 16.34 57.83 11.47
CA ASP D 475 15.93 57.00 12.60
C ASP D 475 14.67 56.25 12.17
N PRO D 476 14.53 54.98 12.56
CA PRO D 476 13.43 54.19 12.00
C PRO D 476 12.07 54.43 12.64
N ASP D 477 12.00 55.14 13.77
CA ASP D 477 10.73 55.41 14.41
C ASP D 477 9.81 56.25 13.53
N ALA D 478 10.38 57.10 12.69
CA ALA D 478 9.59 57.86 11.73
C ALA D 478 9.28 57.00 10.52
N SER D 479 8.03 57.08 10.06
CA SER D 479 7.56 56.31 8.92
C SER D 479 7.85 56.97 7.57
N ALA D 480 8.46 58.15 7.56
CA ALA D 480 8.74 58.82 6.30
C ALA D 480 9.81 58.06 5.51
N ASN D 481 9.95 58.42 4.24
CA ASN D 481 11.00 57.84 3.41
C ASN D 481 12.36 58.19 3.98
N MET D 482 13.25 57.20 3.99
CA MET D 482 14.58 57.39 4.58
C MET D 482 15.36 58.44 3.80
N SER D 483 16.10 59.27 4.53
CA SER D 483 16.93 60.31 3.91
C SER D 483 18.22 59.65 3.42
N ARG D 484 18.26 59.34 2.14
CA ARG D 484 19.38 58.67 1.51
C ARG D 484 20.20 59.67 0.71
N ILE D 485 21.50 59.74 0.99
CA ILE D 485 22.40 60.58 0.22
C ILE D 485 22.45 60.03 -1.19
N VAL D 486 22.26 60.89 -2.19
CA VAL D 486 22.04 60.40 -3.53
C VAL D 486 23.38 59.90 -4.08
N THR D 487 23.37 58.69 -4.62
CA THR D 487 24.60 58.02 -5.05
C THR D 487 24.30 57.14 -6.26
N TYR D 488 25.35 56.82 -7.01
CA TYR D 488 25.22 55.94 -8.15
C TYR D 488 26.53 55.19 -8.35
N SER D 489 26.47 54.14 -9.19
CA SER D 489 27.56 53.21 -9.40
C SER D 489 27.79 52.99 -10.89
N ASP D 490 29.07 52.93 -11.26
CA ASP D 490 29.51 52.47 -12.57
C ASP D 490 30.42 51.27 -12.37
N PHE D 491 30.20 50.20 -13.13
CA PHE D 491 31.07 49.02 -13.04
C PHE D 491 31.18 48.37 -14.41
N TRP D 492 32.36 47.80 -14.67
CA TRP D 492 32.64 47.14 -15.94
C TRP D 492 32.31 45.66 -15.80
N TRP D 493 31.24 45.23 -16.46
CA TRP D 493 30.88 43.82 -16.51
C TRP D 493 31.71 43.14 -17.60
N LYS D 494 32.09 41.90 -17.35
CA LYS D 494 32.72 41.07 -18.37
C LYS D 494 32.25 39.63 -18.19
N GLY D 495 32.08 38.95 -19.32
CA GLY D 495 31.74 37.54 -19.32
C GLY D 495 32.38 36.84 -20.50
N LYS D 496 32.54 35.52 -20.36
CA LYS D 496 33.07 34.65 -21.40
C LYS D 496 32.04 33.56 -21.62
N LEU D 497 31.54 33.45 -22.85
CA LEU D 497 30.60 32.41 -23.25
C LEU D 497 31.30 31.51 -24.26
N VAL D 498 31.32 30.21 -23.98
CA VAL D 498 32.04 29.21 -24.76
C VAL D 498 31.05 28.38 -25.55
N PHE D 499 31.38 28.11 -26.80
CA PHE D 499 30.54 27.35 -27.72
C PHE D 499 31.41 26.27 -28.35
N LYS D 500 30.77 25.24 -28.89
CA LYS D 500 31.42 24.26 -29.75
C LYS D 500 30.54 24.12 -30.98
N ALA D 501 31.15 24.17 -32.16
CA ALA D 501 30.44 24.07 -33.43
C ALA D 501 31.17 23.13 -34.37
N LYS D 502 30.44 22.68 -35.39
CA LYS D 502 30.96 21.78 -36.42
C LYS D 502 30.83 22.46 -37.77
N LEU D 503 31.93 22.47 -38.53
CA LEU D 503 31.92 23.10 -39.84
C LEU D 503 31.07 22.28 -40.81
N ARG D 504 30.60 22.95 -41.85
CA ARG D 504 29.84 22.28 -42.89
C ARG D 504 30.72 21.34 -43.70
N ALA D 505 30.07 20.53 -44.54
CA ALA D 505 30.72 19.81 -45.62
C ALA D 505 29.90 20.00 -46.88
N SER D 506 30.57 19.98 -48.03
CA SER D 506 29.91 20.23 -49.31
C SER D 506 29.19 18.97 -49.80
N HIS D 507 27.96 18.79 -49.30
CA HIS D 507 27.16 17.65 -49.72
C HIS D 507 26.62 17.86 -51.13
N THR D 508 26.16 19.07 -51.43
CA THR D 508 25.35 19.31 -52.61
C THR D 508 26.21 19.77 -53.79
N TRP D 509 25.59 19.74 -54.98
CA TRP D 509 26.22 20.32 -56.16
C TRP D 509 26.03 21.83 -56.19
N ASN D 510 24.82 22.28 -55.91
CA ASN D 510 24.51 23.70 -56.03
C ASN D 510 25.12 24.49 -54.86
N PRO D 511 25.28 25.80 -55.01
CA PRO D 511 25.66 26.62 -53.85
C PRO D 511 24.44 26.91 -52.98
N ILE D 512 24.65 26.78 -51.67
CA ILE D 512 23.57 26.96 -50.70
C ILE D 512 23.49 28.45 -50.41
N GLN D 513 22.42 28.89 -49.74
CA GLN D 513 22.26 30.30 -49.42
C GLN D 513 23.35 30.78 -48.49
N GLN D 514 23.73 32.05 -48.65
CA GLN D 514 24.79 32.69 -47.89
C GLN D 514 24.34 34.09 -47.50
N MET D 515 24.64 34.49 -46.27
CA MET D 515 24.41 35.87 -45.83
C MET D 515 25.59 36.73 -46.31
N SER D 516 25.28 37.72 -47.15
CA SER D 516 26.27 38.54 -47.82
C SER D 516 25.83 39.98 -47.80
N ILE D 517 26.76 40.88 -47.46
CA ILE D 517 26.45 42.31 -47.50
C ILE D 517 26.37 42.73 -48.96
N ASN D 518 25.25 43.34 -49.34
CA ASN D 518 24.96 43.72 -50.72
C ASN D 518 24.41 45.14 -50.74
N VAL D 519 24.20 45.65 -51.95
CA VAL D 519 23.87 47.06 -52.14
C VAL D 519 22.54 47.41 -51.49
N ASP D 520 21.58 46.49 -51.53
CA ASP D 520 20.28 46.75 -50.95
C ASP D 520 20.30 46.89 -49.43
N ASN D 521 21.38 46.43 -48.76
CA ASN D 521 21.54 46.58 -47.33
C ASN D 521 22.97 46.94 -46.92
N GLN D 522 23.75 47.57 -47.81
CA GLN D 522 25.16 47.79 -47.53
C GLN D 522 25.38 48.77 -46.38
N PHE D 523 24.47 49.72 -46.20
CA PHE D 523 24.66 50.83 -45.28
C PHE D 523 24.00 50.60 -43.91
N ASN D 524 23.40 49.44 -43.67
CA ASN D 524 22.85 49.15 -42.35
C ASN D 524 23.96 48.86 -41.34
N TYR D 525 25.05 48.24 -41.78
CA TYR D 525 26.08 47.75 -40.87
C TYR D 525 27.14 48.80 -40.53
N VAL D 526 27.28 49.84 -41.34
CA VAL D 526 28.36 50.83 -41.17
C VAL D 526 27.81 51.94 -40.29
N PRO D 527 28.59 52.56 -39.39
CA PRO D 527 28.05 53.69 -38.62
C PRO D 527 27.74 54.89 -39.51
N SER D 528 26.75 55.67 -39.09
CA SER D 528 26.31 56.83 -39.85
C SER D 528 27.17 58.04 -39.53
N ASN D 529 26.99 59.09 -40.34
CA ASN D 529 27.80 60.30 -40.18
C ASN D 529 27.50 61.01 -38.87
N ILE D 530 26.24 60.98 -38.43
CA ILE D 530 25.85 61.62 -37.17
C ILE D 530 26.19 60.75 -35.96
N GLY D 531 26.86 59.61 -36.17
CA GLY D 531 27.27 58.74 -35.08
C GLY D 531 26.28 57.66 -34.70
N GLY D 532 25.10 57.65 -35.30
CA GLY D 532 24.14 56.60 -34.99
C GLY D 532 24.57 55.26 -35.55
N MET D 533 24.03 54.20 -34.93
CA MET D 533 24.29 52.84 -35.35
C MET D 533 23.02 52.01 -35.16
N LYS D 534 22.92 50.94 -35.93
CA LYS D 534 21.82 49.99 -35.84
C LYS D 534 22.38 48.59 -35.98
N ILE D 535 21.59 47.61 -35.53
CA ILE D 535 21.88 46.20 -35.69
C ILE D 535 20.68 45.61 -36.40
N VAL D 536 20.77 45.52 -37.73
CA VAL D 536 19.68 44.95 -38.52
C VAL D 536 19.54 43.47 -38.16
N TYR D 537 18.31 42.97 -38.20
CA TYR D 537 18.07 41.57 -37.92
C TYR D 537 18.68 40.71 -39.02
N GLU D 538 18.99 39.45 -38.69
CA GLU D 538 19.61 38.54 -39.63
C GLU D 538 19.09 37.13 -39.40
N LYS D 539 19.11 36.35 -40.48
CA LYS D 539 18.59 34.99 -40.46
C LYS D 539 19.64 34.05 -39.89
N SER D 540 19.18 32.88 -39.45
CA SER D 540 20.01 31.92 -38.71
C SER D 540 20.19 30.59 -39.46
N GLN D 541 19.08 29.96 -39.84
CA GLN D 541 19.14 28.66 -40.50
C GLN D 541 19.30 28.83 -42.00
N LEU D 542 20.47 29.26 -42.44
CA LEU D 542 20.67 29.57 -43.86
C LEU D 542 20.67 28.31 -44.71
N ALA D 543 21.45 27.31 -44.31
CA ALA D 543 21.70 26.17 -45.19
C ALA D 543 20.54 25.17 -45.11
N PRO D 544 20.35 24.32 -46.13
CA PRO D 544 19.35 23.26 -46.04
C PRO D 544 19.98 21.94 -45.59
N ARG D 545 19.10 20.99 -45.28
CA ARG D 545 19.51 19.63 -44.96
C ARG D 545 18.41 18.67 -45.38
N LYS D 546 18.80 17.44 -45.69
CA LYS D 546 17.83 16.38 -45.88
C LYS D 546 17.11 16.11 -44.57
N LEU D 547 15.78 16.03 -44.63
CA LEU D 547 15.00 15.57 -43.49
C LEU D 547 14.91 14.05 -43.48
N TYR D 548 14.79 13.45 -44.66
CA TYR D 548 14.52 12.02 -44.77
C TYR D 548 15.01 11.48 -46.10
N VAL E 2 38.34 -14.81 -65.25
CA VAL E 2 37.04 -14.51 -65.91
C VAL E 2 36.07 -15.67 -65.69
N GLY E 3 36.46 -16.86 -66.15
CA GLY E 3 35.59 -18.01 -66.12
C GLY E 3 35.60 -18.78 -64.82
N ILE E 4 35.41 -18.09 -63.69
CA ILE E 4 35.30 -18.71 -62.37
C ILE E 4 34.14 -18.04 -61.65
N SER E 5 33.28 -18.85 -61.05
CA SER E 5 32.14 -18.31 -60.31
C SER E 5 32.62 -17.56 -59.08
N THR E 6 31.78 -16.60 -58.65
CA THR E 6 32.11 -15.68 -57.56
C THR E 6 31.00 -15.60 -56.52
N GLY E 7 30.31 -16.71 -56.24
CA GLY E 7 29.29 -16.72 -55.22
C GLY E 7 28.45 -17.98 -55.30
N THR E 8 27.46 -18.07 -54.42
CA THR E 8 26.55 -19.21 -54.34
C THR E 8 25.11 -18.73 -54.18
N PHE E 9 24.22 -19.33 -54.96
CA PHE E 9 22.79 -19.22 -54.71
C PHE E 9 22.47 -19.77 -53.32
N ASN E 10 21.87 -18.94 -52.48
CA ASN E 10 21.54 -19.34 -51.11
C ASN E 10 20.31 -18.56 -50.67
N ASN E 11 19.16 -19.24 -50.64
CA ASN E 11 17.95 -18.76 -50.00
C ASN E 11 17.51 -19.66 -48.84
N GLN E 12 18.38 -20.56 -48.38
CA GLN E 12 18.00 -21.56 -47.39
C GLN E 12 18.06 -20.90 -46.02
N THR E 13 16.91 -20.42 -45.54
CA THR E 13 16.88 -19.78 -44.23
C THR E 13 17.05 -20.83 -43.14
N GLU E 14 17.87 -20.47 -42.14
CA GLU E 14 18.27 -21.36 -41.06
C GLU E 14 17.81 -20.80 -39.73
N PHE E 15 17.33 -21.69 -38.86
CA PHE E 15 16.78 -21.34 -37.56
C PHE E 15 17.68 -21.94 -36.49
N LYS E 16 18.58 -21.13 -35.94
CA LYS E 16 19.52 -21.56 -34.92
C LYS E 16 18.97 -21.14 -33.57
N PHE E 17 19.06 -22.05 -32.60
CA PHE E 17 18.40 -21.90 -31.30
C PHE E 17 19.44 -21.61 -30.23
N LEU E 18 19.23 -20.52 -29.50
CA LEU E 18 20.11 -20.06 -28.43
C LEU E 18 19.49 -20.42 -27.08
N GLU E 19 20.22 -20.12 -26.00
CA GLU E 19 19.73 -20.39 -24.66
C GLU E 19 18.57 -19.45 -24.33
N ASN E 20 17.84 -19.80 -23.26
CA ASN E 20 16.74 -19.00 -22.71
C ASN E 20 15.65 -18.69 -23.73
N GLY E 21 15.45 -19.56 -24.71
CA GLY E 21 14.34 -19.43 -25.63
C GLY E 21 14.54 -18.45 -26.76
N TRP E 22 15.68 -17.77 -26.83
CA TRP E 22 15.96 -16.93 -27.97
C TRP E 22 16.33 -17.79 -29.18
N VAL E 23 16.04 -17.28 -30.37
CA VAL E 23 16.31 -17.96 -31.63
C VAL E 23 16.91 -16.96 -32.60
N GLU E 24 17.93 -17.39 -33.34
CA GLU E 24 18.54 -16.58 -34.39
C GLU E 24 18.00 -17.04 -35.74
N ILE E 25 17.40 -16.12 -36.48
CA ILE E 25 16.84 -16.38 -37.80
C ILE E 25 17.70 -15.63 -38.81
N THR E 26 18.44 -16.37 -39.62
CA THR E 26 19.28 -15.81 -40.68
C THR E 26 18.56 -16.04 -42.00
N ALA E 27 17.89 -14.99 -42.48
CA ALA E 27 17.13 -15.07 -43.72
C ALA E 27 18.07 -14.82 -44.88
N ASN E 28 18.59 -15.91 -45.46
CA ASN E 28 19.31 -15.82 -46.71
C ASN E 28 18.33 -15.62 -47.85
N SER E 29 18.69 -14.75 -48.80
CA SER E 29 17.84 -14.47 -49.94
C SER E 29 18.72 -14.00 -51.09
N SER E 30 18.28 -14.31 -52.31
CA SER E 30 19.06 -13.96 -53.49
C SER E 30 18.21 -14.04 -54.74
N ARG E 31 18.64 -13.28 -55.76
CA ARG E 31 17.84 -13.09 -56.96
C ARG E 31 18.77 -13.02 -58.16
N LEU E 32 18.17 -13.02 -59.35
CA LEU E 32 18.85 -12.66 -60.59
C LEU E 32 18.28 -11.32 -61.04
N VAL E 33 19.11 -10.28 -61.02
CA VAL E 33 18.69 -8.91 -61.30
C VAL E 33 19.17 -8.54 -62.69
N HIS E 34 18.30 -7.89 -63.46
CA HIS E 34 18.56 -7.52 -64.84
C HIS E 34 18.48 -6.01 -64.99
N LEU E 35 19.48 -5.42 -65.64
CA LEU E 35 19.57 -3.97 -65.87
C LEU E 35 19.57 -3.67 -67.36
N ASN E 36 18.75 -2.71 -67.76
CA ASN E 36 18.74 -2.14 -69.08
C ASN E 36 19.57 -0.85 -69.09
N MET E 37 20.00 -0.45 -70.28
CA MET E 37 20.72 0.80 -70.42
C MET E 37 19.84 1.97 -69.99
N PRO E 38 20.37 2.95 -69.24
CA PRO E 38 19.53 4.11 -68.90
C PRO E 38 19.16 4.90 -70.13
N GLU E 39 17.94 5.46 -70.13
CA GLU E 39 17.42 6.12 -71.32
C GLU E 39 18.22 7.35 -71.68
N SER E 40 18.84 8.00 -70.69
CA SER E 40 19.70 9.15 -70.96
C SER E 40 20.66 9.33 -69.80
N GLU E 41 21.88 9.75 -70.12
CA GLU E 41 22.90 9.99 -69.10
C GLU E 41 22.66 11.28 -68.33
N ASN E 42 21.85 12.20 -68.86
CA ASN E 42 21.68 13.49 -68.21
C ASN E 42 20.81 13.34 -66.96
N TYR E 43 21.19 14.07 -65.91
CA TYR E 43 20.39 14.15 -64.69
C TYR E 43 19.26 15.13 -64.94
N ARG E 44 18.19 14.67 -65.60
CA ARG E 44 17.11 15.56 -65.99
C ARG E 44 16.29 15.94 -64.78
N ARG E 45 15.80 17.19 -64.77
CA ARG E 45 14.93 17.72 -63.72
C ARG E 45 13.57 17.98 -64.35
N VAL E 46 12.54 17.35 -63.80
CA VAL E 46 11.21 17.31 -64.42
C VAL E 46 10.18 17.62 -63.36
N VAL E 47 9.11 18.31 -63.77
CA VAL E 47 7.98 18.66 -62.91
C VAL E 47 6.72 18.09 -63.54
N VAL E 48 5.93 17.40 -62.75
CA VAL E 48 4.69 16.78 -63.18
C VAL E 48 3.57 17.77 -62.94
N ASN E 49 2.58 17.76 -63.84
CA ASN E 49 1.44 18.67 -63.75
C ASN E 49 0.22 17.94 -64.26
N ASN E 50 -0.80 17.82 -63.41
CA ASN E 50 -2.10 17.26 -63.80
C ASN E 50 -3.16 18.34 -63.64
N MET E 51 -2.83 19.55 -64.10
CA MET E 51 -3.78 20.65 -64.10
C MET E 51 -5.03 20.30 -64.89
N ASP E 52 -4.89 19.51 -65.95
CA ASP E 52 -6.06 19.10 -66.73
C ASP E 52 -7.03 18.28 -65.88
N LYS E 53 -6.51 17.37 -65.05
CA LYS E 53 -7.35 16.53 -64.21
C LYS E 53 -7.77 17.24 -62.93
N THR E 54 -6.96 18.18 -62.44
CA THR E 54 -7.21 18.84 -61.16
C THR E 54 -7.99 20.13 -61.29
N ALA E 55 -7.87 20.85 -62.41
CA ALA E 55 -8.51 22.16 -62.52
C ALA E 55 -10.03 22.05 -62.52
N VAL E 56 -10.58 20.93 -63.01
CA VAL E 56 -12.01 20.72 -62.91
C VAL E 56 -12.40 20.63 -61.43
N ASN E 57 -13.50 21.28 -61.08
CA ASN E 57 -13.78 21.60 -59.69
C ASN E 57 -14.18 20.36 -58.89
N GLY E 58 -13.77 20.33 -57.62
CA GLY E 58 -14.10 19.27 -56.69
C GLY E 58 -13.08 18.16 -56.58
N ASN E 59 -12.14 18.05 -57.53
CA ASN E 59 -11.14 16.99 -57.54
C ASN E 59 -9.85 17.37 -56.83
N MET E 60 -9.90 17.50 -55.50
CA MET E 60 -8.73 17.91 -54.74
C MET E 60 -7.77 16.75 -54.52
N ALA E 61 -8.30 15.56 -54.24
CA ALA E 61 -7.46 14.41 -53.93
C ALA E 61 -6.67 13.92 -55.15
N LEU E 62 -7.01 14.36 -56.36
CA LEU E 62 -6.31 13.95 -57.57
C LEU E 62 -5.02 14.74 -57.81
N ASP E 63 -4.57 15.55 -56.86
CA ASP E 63 -3.39 16.38 -57.02
C ASP E 63 -2.11 15.55 -57.07
N ASP E 64 -1.48 15.47 -58.24
CA ASP E 64 -0.22 14.76 -58.46
C ASP E 64 0.96 15.69 -58.70
N ILE E 65 0.79 16.99 -58.47
CA ILE E 65 1.78 17.96 -58.92
C ILE E 65 3.01 17.87 -58.02
N HIS E 66 4.17 17.65 -58.63
CA HIS E 66 5.43 17.59 -57.90
C HIS E 66 6.58 17.69 -58.88
N ALA E 67 7.79 17.81 -58.32
CA ALA E 67 9.03 17.96 -59.06
C ALA E 67 10.06 16.99 -58.52
N GLN E 68 10.96 16.55 -59.40
CA GLN E 68 11.94 15.52 -59.03
C GLN E 68 13.12 15.55 -59.99
N ILE E 69 14.14 14.79 -59.63
CA ILE E 69 15.35 14.61 -60.42
C ILE E 69 15.37 13.17 -60.89
N VAL E 70 15.24 12.97 -62.20
CA VAL E 70 15.25 11.63 -62.80
C VAL E 70 16.71 11.26 -63.06
N THR E 71 17.25 10.36 -62.25
CA THR E 71 18.66 10.00 -62.34
C THR E 71 18.88 8.89 -63.37
N PRO E 72 20.09 8.74 -63.91
CA PRO E 72 20.36 7.60 -64.79
C PRO E 72 20.57 6.28 -64.03
N TRP E 73 20.85 6.35 -62.74
CA TRP E 73 21.11 5.20 -61.89
C TRP E 73 19.83 4.44 -61.60
N SER E 74 19.98 3.26 -61.00
CA SER E 74 18.87 2.44 -60.54
C SER E 74 19.20 1.84 -59.19
N LEU E 75 18.17 1.55 -58.41
CA LEU E 75 18.27 1.26 -56.99
C LEU E 75 17.93 -0.21 -56.73
N VAL E 76 18.83 -0.92 -56.05
CA VAL E 76 18.62 -2.31 -55.66
C VAL E 76 18.16 -2.34 -54.21
N ASP E 77 16.84 -2.28 -54.00
CA ASP E 77 16.24 -2.17 -52.68
C ASP E 77 15.64 -3.52 -52.29
N ALA E 78 15.86 -3.92 -51.04
CA ALA E 78 15.35 -5.17 -50.49
C ALA E 78 14.61 -4.97 -49.18
N ASN E 79 14.02 -3.79 -48.98
CA ASN E 79 13.39 -3.43 -47.71
C ASN E 79 11.90 -3.78 -47.73
N ALA E 80 11.63 -5.09 -47.77
CA ALA E 80 10.27 -5.58 -47.69
C ALA E 80 10.28 -7.02 -47.16
N TRP E 81 9.17 -7.42 -46.53
CA TRP E 81 9.12 -8.74 -45.91
C TRP E 81 9.21 -9.85 -46.96
N GLY E 82 8.54 -9.69 -48.09
CA GLY E 82 8.45 -10.76 -49.07
C GLY E 82 9.76 -11.12 -49.72
N VAL E 83 10.71 -10.18 -49.75
CA VAL E 83 12.00 -10.45 -50.39
C VAL E 83 12.79 -11.53 -49.66
N TRP E 84 12.57 -11.68 -48.36
CA TRP E 84 13.39 -12.53 -47.50
C TRP E 84 12.69 -13.81 -47.09
N PHE E 85 11.49 -13.71 -46.51
CA PHE E 85 10.76 -14.87 -46.00
C PHE E 85 9.74 -15.34 -47.03
N ASN E 86 9.75 -16.64 -47.31
CA ASN E 86 8.65 -17.28 -48.02
C ASN E 86 7.50 -17.50 -47.04
N PRO E 87 6.32 -17.88 -47.52
CA PRO E 87 5.19 -18.11 -46.59
C PRO E 87 5.46 -19.21 -45.57
N GLY E 88 6.33 -20.16 -45.88
CA GLY E 88 6.61 -21.23 -44.93
C GLY E 88 7.27 -20.73 -43.65
N ASP E 89 8.31 -19.90 -43.79
CA ASP E 89 8.98 -19.37 -42.61
C ASP E 89 8.13 -18.30 -41.91
N TRP E 90 7.32 -17.58 -42.68
CA TRP E 90 6.47 -16.56 -42.05
C TRP E 90 5.44 -17.20 -41.14
N GLN E 91 4.98 -18.41 -41.48
CA GLN E 91 4.14 -19.18 -40.56
C GLN E 91 4.88 -19.45 -39.26
N LEU E 92 6.10 -19.96 -39.34
CA LEU E 92 6.81 -20.37 -38.15
C LEU E 92 7.19 -19.17 -37.29
N ILE E 93 7.28 -17.98 -37.89
CA ILE E 93 7.60 -16.78 -37.12
C ILE E 93 6.40 -16.36 -36.28
N VAL E 94 5.26 -16.14 -36.93
CA VAL E 94 4.10 -15.61 -36.22
C VAL E 94 3.47 -16.65 -35.30
N ASN E 95 3.51 -17.93 -35.68
CA ASN E 95 2.83 -18.95 -34.90
C ASN E 95 3.57 -19.35 -33.63
N THR E 96 4.86 -18.98 -33.49
CA THR E 96 5.67 -19.37 -32.35
C THR E 96 6.37 -18.24 -31.63
N MET E 97 6.85 -17.22 -32.34
CA MET E 97 7.64 -16.15 -31.73
C MET E 97 6.71 -15.10 -31.14
N SER E 98 7.14 -14.49 -30.04
CA SER E 98 6.40 -13.41 -29.38
C SER E 98 6.98 -12.04 -29.71
N GLU E 99 8.31 -11.92 -29.70
CA GLU E 99 9.01 -10.67 -29.96
C GLU E 99 10.00 -10.89 -31.09
N LEU E 100 10.53 -9.79 -31.62
CA LEU E 100 11.43 -9.85 -32.77
C LEU E 100 12.35 -8.64 -32.75
N HIS E 101 13.65 -8.91 -32.89
CA HIS E 101 14.68 -7.88 -33.00
C HIS E 101 15.30 -7.92 -34.38
N LEU E 102 15.71 -6.74 -34.87
CA LEU E 102 16.50 -6.64 -36.09
C LEU E 102 17.96 -6.54 -35.71
N VAL E 103 18.78 -7.45 -36.24
CA VAL E 103 20.16 -7.65 -35.79
C VAL E 103 21.16 -7.05 -36.79
N SER E 104 21.20 -7.57 -38.00
CA SER E 104 22.24 -7.20 -38.95
C SER E 104 21.75 -7.43 -40.37
N PHE E 105 22.49 -6.85 -41.32
CA PHE E 105 22.11 -6.82 -42.73
C PHE E 105 23.38 -6.71 -43.57
N GLU E 106 23.39 -7.39 -44.72
CA GLU E 106 24.53 -7.34 -45.62
C GLU E 106 24.09 -7.62 -47.05
N GLN E 107 24.97 -7.30 -48.00
CA GLN E 107 24.70 -7.45 -49.42
C GLN E 107 26.01 -7.74 -50.15
N GLU E 108 25.92 -8.51 -51.23
CA GLU E 108 26.99 -8.57 -52.21
C GLU E 108 26.42 -8.94 -53.57
N ILE E 109 27.02 -8.38 -54.61
CA ILE E 109 26.63 -8.58 -56.00
C ILE E 109 27.70 -9.46 -56.63
N PHE E 110 27.29 -10.41 -57.46
CA PHE E 110 28.20 -11.45 -57.91
C PHE E 110 27.71 -12.04 -59.24
N ASN E 111 28.68 -12.55 -60.00
CA ASN E 111 28.43 -13.16 -61.30
C ASN E 111 27.78 -12.17 -62.26
N VAL E 112 28.31 -10.95 -62.29
CA VAL E 112 27.84 -9.95 -63.25
C VAL E 112 28.30 -10.38 -64.64
N VAL E 113 27.41 -10.27 -65.61
CA VAL E 113 27.71 -10.52 -67.02
C VAL E 113 26.98 -9.47 -67.85
N LEU E 114 27.68 -8.93 -68.85
CA LEU E 114 27.20 -7.82 -69.66
C LEU E 114 27.19 -8.24 -71.12
N LYS E 115 26.14 -7.81 -71.83
CA LYS E 115 25.85 -8.23 -73.20
C LYS E 115 25.74 -7.01 -74.08
N THR E 116 25.89 -7.22 -75.40
CA THR E 116 25.62 -6.22 -76.42
C THR E 116 24.66 -6.83 -77.45
N VAL E 117 23.88 -5.96 -78.09
CA VAL E 117 22.85 -6.35 -79.05
C VAL E 117 23.23 -5.79 -80.43
N SER E 118 23.27 -6.68 -81.42
CA SER E 118 23.48 -6.33 -82.81
C SER E 118 22.22 -6.67 -83.59
N GLU E 119 21.67 -5.70 -84.30
CA GLU E 119 20.44 -5.90 -85.06
C GLU E 119 20.68 -6.82 -86.25
N THR E 126 15.60 -8.83 -86.78
CA THR E 126 16.48 -9.86 -86.23
C THR E 126 17.47 -9.24 -85.25
N LYS E 127 17.96 -10.06 -84.33
CA LYS E 127 18.89 -9.64 -83.29
C LYS E 127 19.94 -10.71 -83.06
N VAL E 128 21.12 -10.28 -82.63
CA VAL E 128 22.21 -11.16 -82.24
C VAL E 128 22.77 -10.66 -80.91
N TYR E 129 22.92 -11.57 -79.95
CA TYR E 129 23.33 -11.25 -78.59
C TYR E 129 24.74 -11.77 -78.38
N ASN E 130 25.64 -10.91 -77.90
CA ASN E 130 27.06 -11.22 -77.75
C ASN E 130 27.59 -10.71 -76.43
N ASN E 131 28.59 -11.42 -75.90
CA ASN E 131 29.29 -10.94 -74.73
C ASN E 131 30.10 -9.69 -75.08
N ASP E 132 30.22 -8.80 -74.09
CA ASP E 132 31.05 -7.61 -74.19
C ASP E 132 31.91 -7.57 -72.92
N LEU E 133 33.16 -8.03 -73.05
CA LEU E 133 34.05 -8.11 -71.90
C LEU E 133 34.65 -6.76 -71.53
N THR E 134 34.54 -5.75 -72.39
CA THR E 134 35.03 -4.42 -72.05
C THR E 134 34.06 -3.68 -71.13
N ALA E 135 32.77 -3.98 -71.20
CA ALA E 135 31.77 -3.26 -70.43
C ALA E 135 31.94 -3.54 -68.93
N SER E 136 31.32 -2.69 -68.12
CA SER E 136 31.48 -2.71 -66.69
C SER E 136 30.23 -2.17 -66.01
N LEU E 137 29.89 -2.75 -64.85
CA LEU E 137 28.71 -2.37 -64.10
C LEU E 137 29.14 -1.42 -62.98
N MET E 138 28.69 -0.17 -63.04
CA MET E 138 28.96 0.77 -61.97
C MET E 138 28.07 0.48 -60.79
N VAL E 139 28.68 0.29 -59.61
CA VAL E 139 27.96 -0.01 -58.37
C VAL E 139 28.46 0.94 -57.30
N ALA E 140 27.51 1.49 -56.51
CA ALA E 140 27.80 2.47 -55.48
C ALA E 140 26.93 2.18 -54.27
N LEU E 141 27.54 2.29 -53.08
CA LEU E 141 26.88 2.06 -51.80
C LEU E 141 26.98 3.32 -50.96
N ASP E 142 25.82 3.88 -50.58
CA ASP E 142 25.78 5.08 -49.77
C ASP E 142 26.00 4.74 -48.30
N SER E 143 27.26 4.44 -47.98
CA SER E 143 27.61 4.07 -46.61
C SER E 143 27.43 5.23 -45.64
N ASN E 144 27.73 6.45 -46.08
CA ASN E 144 27.63 7.63 -45.24
C ASN E 144 26.20 8.14 -45.09
N ASN E 145 25.21 7.48 -45.71
CA ASN E 145 23.80 7.89 -45.62
C ASN E 145 23.59 9.31 -46.13
N THR E 146 24.32 9.66 -47.19
CA THR E 146 24.21 11.00 -47.76
C THR E 146 22.88 11.18 -48.49
N MET E 147 22.41 10.15 -49.19
CA MET E 147 21.33 10.31 -50.15
C MET E 147 20.02 10.51 -49.41
N PRO E 148 18.98 11.03 -50.08
CA PRO E 148 17.64 10.96 -49.48
C PRO E 148 17.11 9.54 -49.52
N PHE E 149 16.56 9.09 -48.39
CA PHE E 149 16.09 7.72 -48.28
C PHE E 149 14.79 7.55 -49.06
N THR E 150 14.74 6.50 -49.87
CA THR E 150 13.62 6.22 -50.77
C THR E 150 13.26 4.75 -50.66
N PRO E 151 12.53 4.35 -49.60
CA PRO E 151 12.15 2.93 -49.52
C PRO E 151 11.17 2.55 -50.60
N ALA E 152 11.60 1.65 -51.49
CA ALA E 152 10.83 1.29 -52.68
C ALA E 152 9.58 0.47 -52.35
N ALA E 153 9.41 0.01 -51.10
CA ALA E 153 8.16 -0.62 -50.72
C ALA E 153 6.99 0.35 -50.75
N MET E 154 7.27 1.66 -50.71
CA MET E 154 6.20 2.65 -50.68
C MET E 154 5.37 2.59 -51.95
N ARG E 155 6.03 2.51 -53.10
CA ARG E 155 5.38 2.43 -54.41
C ARG E 155 5.45 1.03 -55.02
N SER E 156 5.83 0.02 -54.25
CA SER E 156 5.89 -1.36 -54.72
C SER E 156 6.87 -1.51 -55.87
N GLU E 157 8.12 -1.12 -55.64
CA GLU E 157 9.21 -1.28 -56.59
C GLU E 157 10.44 -1.94 -55.98
N THR E 158 10.25 -2.78 -54.97
CA THR E 158 11.34 -3.57 -54.43
C THR E 158 11.68 -4.71 -55.39
N LEU E 159 12.67 -5.50 -55.02
CA LEU E 159 13.01 -6.67 -55.82
C LEU E 159 11.90 -7.72 -55.69
N GLY E 160 11.88 -8.66 -56.63
CA GLY E 160 10.82 -9.62 -56.70
C GLY E 160 10.79 -10.58 -55.52
N PHE E 161 9.59 -11.04 -55.19
CA PHE E 161 9.38 -11.92 -54.05
C PHE E 161 9.53 -13.40 -54.41
N TYR E 162 9.54 -13.74 -55.71
CA TYR E 162 9.70 -15.12 -56.14
C TYR E 162 11.18 -15.40 -56.42
N PRO E 163 11.86 -16.31 -55.69
CA PRO E 163 13.29 -16.51 -55.97
C PRO E 163 13.59 -17.05 -57.36
N TRP E 164 12.73 -17.89 -57.90
CA TRP E 164 13.05 -18.53 -59.18
C TRP E 164 12.95 -17.56 -60.34
N LYS E 165 11.99 -16.65 -60.32
CA LYS E 165 11.87 -15.71 -61.43
C LYS E 165 13.00 -14.69 -61.38
N PRO E 166 13.44 -14.14 -62.51
CA PRO E 166 14.33 -12.98 -62.45
C PRO E 166 13.59 -11.74 -61.94
N THR E 167 14.34 -10.67 -61.77
CA THR E 167 13.80 -9.39 -61.33
C THR E 167 14.54 -8.25 -62.00
N ILE E 168 13.95 -7.06 -61.90
CA ILE E 168 14.51 -5.82 -62.45
C ILE E 168 14.41 -4.76 -61.37
N PRO E 169 15.36 -3.83 -61.24
CA PRO E 169 15.22 -2.76 -60.23
C PRO E 169 14.57 -1.53 -60.83
N THR E 170 14.26 -0.57 -59.94
CA THR E 170 13.57 0.67 -60.31
C THR E 170 14.58 1.75 -60.67
N PRO E 171 14.35 2.60 -61.68
CA PRO E 171 15.23 3.77 -61.85
C PRO E 171 15.04 4.76 -60.71
N TRP E 172 16.15 5.23 -60.14
CA TRP E 172 16.05 5.98 -58.90
C TRP E 172 15.71 7.42 -59.28
N ARG E 173 14.93 8.08 -58.43
CA ARG E 173 14.62 9.49 -58.60
C ARG E 173 14.31 10.04 -57.21
N TYR E 174 14.34 11.36 -57.09
CA TYR E 174 14.10 11.97 -55.79
C TYR E 174 13.50 13.35 -55.97
N TYR E 175 12.71 13.73 -54.97
CA TYR E 175 11.92 14.96 -55.01
C TYR E 175 12.81 16.19 -54.99
N PHE E 176 12.50 17.16 -55.84
CA PHE E 176 13.00 18.52 -55.73
C PHE E 176 12.04 19.28 -54.85
N GLN E 177 12.30 20.58 -54.66
CA GLN E 177 11.36 21.42 -53.92
C GLN E 177 10.44 22.09 -54.93
N TRP E 178 9.21 22.35 -54.48
CA TRP E 178 8.19 22.93 -55.34
C TRP E 178 7.11 23.55 -54.47
N ASP E 179 6.87 24.83 -54.67
CA ASP E 179 5.80 25.56 -54.01
C ASP E 179 4.59 25.59 -54.93
N ARG E 180 3.45 25.18 -54.41
CA ARG E 180 2.18 25.30 -55.10
C ARG E 180 1.09 25.58 -54.08
N THR E 181 0.02 26.21 -54.55
CA THR E 181 -1.16 26.49 -53.73
C THR E 181 -2.39 26.02 -54.49
N LEU E 182 -3.20 25.17 -53.84
CA LEU E 182 -4.42 24.65 -54.42
C LEU E 182 -5.49 24.75 -53.36
N ILE E 183 -6.53 25.54 -53.62
CA ILE E 183 -7.55 25.87 -52.62
C ILE E 183 -8.61 24.77 -52.67
N PRO E 184 -9.21 24.38 -51.54
CA PRO E 184 -10.38 23.49 -51.60
C PRO E 184 -11.51 24.06 -52.45
N SER E 185 -12.34 23.16 -52.98
CA SER E 185 -13.36 23.53 -53.95
C SER E 185 -14.52 22.54 -53.88
N HIS E 186 -15.74 23.07 -54.05
CA HIS E 186 -16.93 22.23 -54.03
C HIS E 186 -17.16 21.61 -55.41
N THR E 187 -18.20 20.78 -55.50
CA THR E 187 -18.87 20.58 -56.78
C THR E 187 -19.86 21.72 -56.97
N GLY E 188 -19.52 22.64 -57.86
CA GLY E 188 -20.28 23.85 -58.07
C GLY E 188 -19.69 25.06 -57.37
N THR E 189 -18.37 25.23 -57.48
CA THR E 189 -17.74 26.48 -57.10
C THR E 189 -18.07 27.53 -58.16
N SER E 190 -18.14 28.79 -57.73
CA SER E 190 -18.57 29.87 -58.63
C SER E 190 -17.65 30.04 -59.83
N GLY E 191 -16.36 29.84 -59.66
CA GLY E 191 -15.41 29.90 -60.77
C GLY E 191 -14.28 28.94 -60.51
N THR E 192 -13.13 29.23 -61.11
CA THR E 192 -11.97 28.38 -60.93
C THR E 192 -11.33 28.66 -59.58
N PRO E 193 -10.83 27.66 -58.85
CA PRO E 193 -10.05 27.95 -57.64
C PRO E 193 -8.59 28.19 -57.99
N THR E 194 -7.91 28.88 -57.09
CA THR E 194 -6.50 29.21 -57.32
C THR E 194 -5.66 27.95 -57.26
N ASN E 195 -5.13 27.53 -58.42
CA ASN E 195 -4.31 26.32 -58.55
C ASN E 195 -3.09 26.70 -59.39
N ILE E 196 -2.07 27.25 -58.73
CA ILE E 196 -0.88 27.81 -59.36
C ILE E 196 0.34 27.08 -58.85
N TYR E 197 1.35 26.94 -59.70
CA TYR E 197 2.68 26.45 -59.33
C TYR E 197 3.54 27.72 -59.21
N HIS E 198 4.20 27.89 -58.06
CA HIS E 198 4.94 29.11 -57.74
C HIS E 198 6.45 28.97 -57.96
N GLY E 199 6.88 28.14 -58.90
CA GLY E 199 8.30 28.00 -59.13
C GLY E 199 9.04 27.34 -57.97
N THR E 200 10.32 27.66 -57.87
CA THR E 200 11.23 27.07 -56.90
C THR E 200 11.77 28.15 -55.97
N ASP E 201 11.85 27.86 -54.68
CA ASP E 201 12.48 28.77 -53.72
C ASP E 201 13.98 28.52 -53.91
N PRO E 202 14.81 29.52 -54.20
CA PRO E 202 16.24 29.22 -54.35
C PRO E 202 16.93 28.78 -53.07
N ASP E 203 16.36 29.09 -51.90
CA ASP E 203 17.03 28.78 -50.65
C ASP E 203 16.99 27.30 -50.31
N ASP E 204 15.98 26.57 -50.79
CA ASP E 204 15.76 25.17 -50.42
C ASP E 204 16.32 24.17 -51.42
N VAL E 205 17.06 24.61 -52.44
CA VAL E 205 17.56 23.68 -53.44
C VAL E 205 18.69 22.85 -52.86
N GLN E 206 18.60 21.52 -53.03
CA GLN E 206 19.71 20.61 -52.77
C GLN E 206 19.74 19.57 -53.89
N PHE E 207 20.46 19.90 -54.96
CA PHE E 207 20.68 18.96 -56.05
C PHE E 207 21.86 18.07 -55.71
N TYR E 208 21.62 16.76 -55.72
CA TYR E 208 22.63 15.74 -55.39
C TYR E 208 22.94 14.90 -56.61
N THR E 209 24.08 14.21 -56.56
CA THR E 209 24.51 13.28 -57.59
C THR E 209 25.37 12.20 -56.94
N ILE E 210 25.49 11.06 -57.61
CA ILE E 210 26.26 9.94 -57.04
C ILE E 210 27.73 10.10 -57.34
N GLU E 211 28.06 10.58 -58.55
CA GLU E 211 29.45 10.62 -58.99
C GLU E 211 30.29 11.58 -58.16
N ASN E 212 29.67 12.53 -57.44
CA ASN E 212 30.37 13.47 -56.58
C ASN E 212 30.20 13.21 -55.10
N SER E 213 29.26 12.33 -54.71
CA SER E 213 28.96 12.09 -53.30
C SER E 213 29.57 10.80 -52.76
N VAL E 214 29.47 9.71 -53.52
CA VAL E 214 29.79 8.35 -53.04
C VAL E 214 30.88 7.78 -53.95
N PRO E 215 31.89 7.05 -53.44
CA PRO E 215 32.81 6.37 -54.35
C PRO E 215 32.11 5.24 -55.10
N VAL E 216 32.53 5.03 -56.35
CA VAL E 216 31.88 4.11 -57.27
C VAL E 216 32.88 3.02 -57.64
N HIS E 217 32.41 1.78 -57.69
CA HIS E 217 33.20 0.62 -58.07
C HIS E 217 32.82 0.18 -59.48
N LEU E 218 33.82 -0.09 -60.31
CA LEU E 218 33.64 -0.51 -61.70
C LEU E 218 33.94 -2.01 -61.78
N LEU E 219 32.88 -2.81 -61.74
CA LEU E 219 33.02 -4.26 -61.82
C LEU E 219 32.99 -4.70 -63.28
N ARG E 220 34.07 -5.35 -63.73
CA ARG E 220 34.13 -5.74 -65.15
C ARG E 220 33.35 -7.02 -65.41
N THR E 221 33.84 -8.16 -64.90
CA THR E 221 33.05 -9.39 -64.88
C THR E 221 33.14 -10.14 -63.56
N GLY E 222 34.32 -10.16 -62.94
CA GLY E 222 34.63 -10.96 -61.78
C GLY E 222 35.10 -10.19 -60.57
N ASP E 223 34.66 -8.93 -60.41
CA ASP E 223 35.16 -8.10 -59.32
C ASP E 223 34.55 -8.45 -57.98
N GLU E 224 33.28 -8.88 -57.95
CA GLU E 224 32.60 -9.33 -56.73
C GLU E 224 32.58 -8.19 -55.71
N PHE E 225 31.76 -7.17 -55.96
CA PHE E 225 31.47 -6.19 -54.94
C PHE E 225 30.79 -6.86 -53.76
N ALA E 226 31.19 -6.48 -52.55
CA ALA E 226 30.60 -7.04 -51.33
C ALA E 226 30.61 -6.01 -50.22
N THR E 227 29.61 -6.10 -49.35
CA THR E 227 29.35 -5.13 -48.29
C THR E 227 29.48 -5.81 -46.94
N GLY E 228 30.04 -5.10 -45.96
CA GLY E 228 30.13 -5.64 -44.63
C GLY E 228 28.80 -5.62 -43.91
N THR E 229 28.77 -6.23 -42.73
CA THR E 229 27.50 -6.40 -42.02
C THR E 229 27.15 -5.15 -41.24
N PHE E 230 26.24 -4.34 -41.80
CA PHE E 230 25.66 -3.23 -41.06
C PHE E 230 24.85 -3.77 -39.90
N PHE E 231 25.06 -3.18 -38.72
CA PHE E 231 24.41 -3.59 -37.49
C PHE E 231 23.32 -2.58 -37.11
N PHE E 232 22.12 -3.08 -36.85
CA PHE E 232 21.02 -2.24 -36.39
C PHE E 232 21.09 -2.05 -34.87
N ASP E 233 20.28 -1.10 -34.38
CA ASP E 233 20.03 -0.93 -32.96
C ASP E 233 18.56 -0.62 -32.71
N CYS E 234 17.66 -1.17 -33.51
CA CYS E 234 16.24 -0.83 -33.42
C CYS E 234 15.64 -1.37 -32.14
N LYS E 235 14.53 -0.76 -31.73
CA LYS E 235 13.72 -1.31 -30.67
C LYS E 235 13.01 -2.57 -31.17
N PRO E 236 12.61 -3.48 -30.29
CA PRO E 236 11.92 -4.69 -30.75
C PRO E 236 10.49 -4.41 -31.20
N CYS E 237 9.95 -5.35 -31.97
CA CYS E 237 8.55 -5.37 -32.38
C CYS E 237 7.88 -6.60 -31.78
N ARG E 238 6.68 -6.40 -31.25
CA ARG E 238 5.93 -7.46 -30.58
C ARG E 238 4.93 -8.04 -31.57
N LEU E 239 5.06 -9.35 -31.83
CA LEU E 239 4.18 -10.06 -32.75
C LEU E 239 2.94 -10.60 -32.02
N THR E 240 2.22 -9.72 -31.34
CA THR E 240 1.01 -10.09 -30.62
C THR E 240 0.23 -8.82 -30.31
N HIS E 241 -1.10 -8.94 -30.31
CA HIS E 241 -2.00 -7.81 -30.30
C HIS E 241 -2.67 -7.65 -28.94
N THR E 242 -3.02 -6.41 -28.61
CA THR E 242 -3.72 -6.10 -27.37
C THR E 242 -5.21 -6.02 -27.65
N TRP E 243 -6.00 -6.79 -26.91
CA TRP E 243 -7.46 -6.72 -27.03
C TRP E 243 -8.05 -5.65 -26.11
N GLN E 244 -7.40 -5.35 -24.99
CA GLN E 244 -8.00 -4.45 -24.01
C GLN E 244 -7.97 -3.01 -24.51
N THR E 245 -9.16 -2.44 -24.66
CA THR E 245 -9.34 -1.01 -24.73
C THR E 245 -9.76 -0.54 -23.34
N ASN E 246 -10.22 0.70 -23.23
CA ASN E 246 -10.93 1.07 -22.01
C ASN E 246 -12.23 0.29 -21.94
N ARG E 247 -12.79 0.19 -20.73
CA ARG E 247 -13.81 -0.76 -20.29
C ARG E 247 -13.23 -2.15 -20.00
N ALA E 248 -11.95 -2.39 -20.32
CA ALA E 248 -11.28 -3.66 -20.10
C ALA E 248 -10.05 -3.56 -19.18
N LEU E 249 -9.71 -2.35 -18.71
CA LEU E 249 -8.60 -2.17 -17.80
C LEU E 249 -9.07 -2.21 -16.35
N GLY E 250 -8.66 -3.23 -15.60
CA GLY E 250 -8.86 -3.29 -14.16
C GLY E 250 -9.84 -4.34 -13.66
N LEU E 251 -10.31 -4.18 -12.41
CA LEU E 251 -11.24 -5.09 -11.73
C LEU E 251 -12.66 -4.91 -12.25
N PRO E 252 -13.38 -5.95 -12.67
CA PRO E 252 -14.82 -5.79 -12.89
C PRO E 252 -15.55 -5.46 -11.60
N PRO E 253 -16.78 -4.97 -11.67
CA PRO E 253 -17.59 -4.86 -10.44
C PRO E 253 -18.00 -6.22 -9.93
N PHE E 254 -18.26 -6.30 -8.63
CA PHE E 254 -18.70 -7.54 -8.01
C PHE E 254 -20.20 -7.71 -8.19
N LEU E 255 -20.60 -8.92 -8.57
CA LEU E 255 -21.98 -9.26 -8.85
C LEU E 255 -22.59 -9.93 -7.63
N ASN E 256 -23.67 -9.36 -7.12
CA ASN E 256 -24.43 -9.97 -6.04
C ASN E 256 -25.37 -11.07 -6.52
N SER E 257 -25.66 -11.15 -7.83
CA SER E 257 -26.65 -12.08 -8.38
C SER E 257 -26.04 -12.76 -9.61
N LEU E 258 -25.35 -13.88 -9.37
CA LEU E 258 -24.85 -14.70 -10.47
C LEU E 258 -26.03 -15.42 -11.12
N PRO E 259 -25.88 -15.90 -12.36
CA PRO E 259 -26.99 -16.62 -13.01
C PRO E 259 -27.07 -18.05 -12.51
N GLN E 260 -28.30 -18.51 -12.25
CA GLN E 260 -28.50 -19.82 -11.64
C GLN E 260 -28.63 -20.94 -12.66
N SER E 261 -29.20 -20.66 -13.84
CA SER E 261 -29.50 -21.66 -14.85
C SER E 261 -28.55 -21.51 -16.03
N GLU E 262 -28.37 -22.60 -16.76
CA GLU E 262 -27.50 -22.60 -17.93
C GLU E 262 -28.17 -21.86 -19.08
N GLY E 263 -27.42 -21.68 -20.16
CA GLY E 263 -27.90 -21.05 -21.38
C GLY E 263 -27.39 -19.64 -21.55
N ALA E 264 -27.37 -19.19 -22.81
CA ALA E 264 -26.83 -17.88 -23.14
C ALA E 264 -27.78 -16.74 -22.78
N THR E 265 -29.09 -16.98 -22.80
CA THR E 265 -30.04 -15.89 -22.56
C THR E 265 -30.03 -15.43 -21.10
N ASN E 266 -29.51 -16.23 -20.18
CA ASN E 266 -29.51 -15.88 -18.75
C ASN E 266 -28.28 -15.02 -18.47
N PHE E 267 -28.48 -13.71 -18.55
CA PHE E 267 -27.44 -12.76 -18.21
C PHE E 267 -27.40 -12.53 -16.70
N GLY E 268 -26.24 -12.12 -16.21
CA GLY E 268 -26.10 -11.76 -14.81
C GLY E 268 -26.65 -10.38 -14.53
N ASP E 269 -26.56 -9.98 -13.27
CA ASP E 269 -27.07 -8.70 -12.83
C ASP E 269 -26.21 -8.15 -11.70
N ILE E 270 -25.94 -6.85 -11.76
CA ILE E 270 -25.18 -6.17 -10.72
C ILE E 270 -26.13 -5.86 -9.57
N GLY E 271 -25.60 -5.90 -8.34
CA GLY E 271 -26.46 -5.98 -7.17
C GLY E 271 -27.28 -4.73 -6.91
N VAL E 272 -26.64 -3.57 -6.86
CA VAL E 272 -27.20 -2.38 -6.23
C VAL E 272 -27.21 -1.25 -7.25
N GLN E 273 -28.10 -0.28 -7.04
CA GLN E 273 -28.47 0.73 -8.02
C GLN E 273 -27.25 1.55 -8.47
N GLN E 274 -27.43 2.25 -9.60
CA GLN E 274 -26.32 2.95 -10.23
C GLN E 274 -25.80 4.08 -9.36
N ASP E 275 -26.69 4.83 -8.70
CA ASP E 275 -26.27 5.96 -7.88
C ASP E 275 -25.75 5.56 -6.50
N LYS E 276 -25.79 4.26 -6.15
CA LYS E 276 -25.34 3.77 -4.85
C LYS E 276 -24.01 3.03 -4.88
N ARG E 277 -23.47 2.71 -6.06
CA ARG E 277 -22.29 1.86 -6.10
C ARG E 277 -21.05 2.64 -5.69
N ARG E 278 -20.07 1.92 -5.16
CA ARG E 278 -18.78 2.49 -4.79
C ARG E 278 -17.87 2.55 -6.02
N GLY E 279 -16.82 3.37 -5.90
CA GLY E 279 -15.81 3.51 -6.93
C GLY E 279 -15.34 4.94 -7.02
N VAL E 280 -14.56 5.22 -8.06
CA VAL E 280 -14.01 6.56 -8.32
C VAL E 280 -14.36 6.92 -9.75
N THR E 281 -14.81 8.16 -9.94
CA THR E 281 -15.11 8.75 -11.24
C THR E 281 -14.28 10.00 -11.40
N GLN E 282 -13.88 10.31 -12.63
CA GLN E 282 -13.15 11.54 -12.94
C GLN E 282 -14.13 12.60 -13.44
N MET E 283 -15.23 12.75 -12.68
CA MET E 283 -16.28 13.71 -13.01
C MET E 283 -16.86 14.18 -11.68
N GLY E 284 -16.52 15.40 -11.29
CA GLY E 284 -16.75 15.85 -9.93
C GLY E 284 -18.20 16.11 -9.57
N ASN E 285 -19.06 16.34 -10.55
CA ASN E 285 -20.45 16.75 -10.29
C ASN E 285 -21.45 15.60 -10.40
N THR E 286 -21.00 14.38 -10.69
CA THR E 286 -21.88 13.24 -10.93
C THR E 286 -21.61 12.15 -9.89
N ASN E 287 -22.70 11.59 -9.35
CA ASN E 287 -22.60 10.55 -8.33
C ASN E 287 -22.66 9.13 -8.89
N TYR E 288 -22.96 8.98 -10.17
CA TYR E 288 -23.30 7.68 -10.75
C TYR E 288 -22.02 6.94 -11.13
N ILE E 289 -21.79 5.79 -10.50
CA ILE E 289 -20.76 4.87 -10.94
C ILE E 289 -21.30 4.08 -12.13
N THR E 290 -20.58 4.10 -13.24
CA THR E 290 -20.88 3.27 -14.39
C THR E 290 -19.58 2.70 -14.92
N GLU E 291 -19.69 1.67 -15.76
CA GLU E 291 -18.51 1.20 -16.46
C GLU E 291 -17.99 2.24 -17.45
N ALA E 292 -18.85 3.13 -17.94
CA ALA E 292 -18.42 4.17 -18.86
C ALA E 292 -17.71 5.33 -18.16
N THR E 293 -18.04 5.60 -16.89
CA THR E 293 -17.53 6.75 -16.16
C THR E 293 -16.37 6.42 -15.22
N ILE E 294 -16.13 5.14 -14.93
CA ILE E 294 -15.12 4.77 -13.94
C ILE E 294 -13.74 5.13 -14.51
N MET E 295 -12.85 5.60 -13.65
CA MET E 295 -11.56 6.13 -14.11
C MET E 295 -10.66 4.95 -14.49
N ARG E 296 -10.50 4.70 -15.78
CA ARG E 296 -9.55 3.68 -16.19
C ARG E 296 -8.14 4.27 -16.03
N PRO E 297 -7.10 3.42 -15.91
CA PRO E 297 -5.76 3.98 -15.63
C PRO E 297 -5.21 4.88 -16.72
N ALA E 298 -5.56 4.67 -17.99
CA ALA E 298 -5.08 5.55 -19.05
C ALA E 298 -5.98 5.34 -20.27
N GLU E 299 -5.58 5.90 -21.40
CA GLU E 299 -6.30 5.80 -22.66
C GLU E 299 -5.58 4.80 -23.56
N VAL E 300 -6.33 3.91 -24.20
CA VAL E 300 -5.83 3.09 -25.29
C VAL E 300 -6.34 3.69 -26.59
N GLY E 301 -5.41 4.09 -27.45
CA GLY E 301 -5.77 4.67 -28.73
C GLY E 301 -6.28 6.09 -28.59
N TYR E 302 -6.56 6.70 -29.75
CA TYR E 302 -7.08 8.05 -29.79
C TYR E 302 -7.86 8.21 -31.09
N SER E 303 -8.86 9.08 -31.06
CA SER E 303 -9.63 9.40 -32.25
C SER E 303 -8.99 10.58 -32.97
N ALA E 304 -8.44 10.33 -34.14
CA ALA E 304 -7.83 11.33 -34.99
C ALA E 304 -8.88 11.96 -35.90
N PRO E 305 -8.61 13.12 -36.50
CA PRO E 305 -9.51 13.60 -37.56
C PRO E 305 -9.33 12.77 -38.82
N TYR E 306 -10.34 11.95 -39.14
CA TYR E 306 -10.18 10.95 -40.19
C TYR E 306 -10.54 11.54 -41.54
N TYR E 307 -9.73 11.21 -42.55
CA TYR E 307 -9.70 11.90 -43.84
C TYR E 307 -9.60 13.41 -43.64
N SER E 308 -8.55 13.80 -42.93
CA SER E 308 -8.16 15.20 -42.81
C SER E 308 -7.05 15.49 -43.81
N PHE E 309 -7.20 16.58 -44.56
CA PHE E 309 -6.23 17.00 -45.56
C PHE E 309 -5.76 18.40 -45.21
N GLU E 310 -4.44 18.56 -45.07
CA GLU E 310 -3.82 19.81 -44.64
C GLU E 310 -2.80 20.23 -45.68
N ALA E 311 -2.54 21.53 -45.73
CA ALA E 311 -1.73 22.15 -46.78
C ALA E 311 -0.40 22.66 -46.21
N SER E 312 0.69 22.17 -46.79
CA SER E 312 2.01 22.76 -46.60
C SER E 312 2.28 23.78 -47.69
N THR E 313 3.53 24.20 -47.79
CA THR E 313 3.93 24.98 -48.97
C THR E 313 3.91 24.13 -50.22
N GLN E 314 4.21 22.84 -50.08
CA GLN E 314 4.21 21.89 -51.19
C GLN E 314 2.85 21.20 -51.35
N GLY E 315 1.79 21.99 -51.41
CA GLY E 315 0.48 21.46 -51.72
C GLY E 315 -0.10 20.61 -50.62
N PRO E 316 -1.34 20.14 -50.79
CA PRO E 316 -2.00 19.36 -49.75
C PRO E 316 -1.71 17.87 -49.75
N PHE E 317 -1.77 17.32 -48.53
CA PHE E 317 -1.49 15.93 -48.20
C PHE E 317 -2.59 15.45 -47.26
N LYS E 318 -2.77 14.13 -47.19
CA LYS E 318 -3.58 13.53 -46.15
C LYS E 318 -2.77 13.42 -44.87
N THR E 319 -3.36 13.82 -43.75
CA THR E 319 -2.69 13.65 -42.47
C THR E 319 -2.72 12.18 -42.07
N PRO E 320 -1.63 11.58 -41.60
CA PRO E 320 -1.66 10.15 -41.31
C PRO E 320 -2.40 9.87 -40.01
N ILE E 321 -2.91 8.63 -39.91
CA ILE E 321 -3.65 8.14 -38.76
C ILE E 321 -2.91 6.94 -38.19
N ALA E 322 -2.79 6.87 -36.87
CA ALA E 322 -2.02 5.79 -36.26
C ALA E 322 -2.73 4.45 -36.42
N ALA E 323 -4.02 4.40 -36.13
CA ALA E 323 -4.78 3.15 -36.18
C ALA E 323 -6.24 3.48 -36.42
N GLY E 324 -7.00 2.46 -36.82
CA GLY E 324 -8.41 2.66 -37.10
C GLY E 324 -9.15 1.34 -37.24
N ARG E 325 -10.45 1.47 -37.42
CA ARG E 325 -11.34 0.33 -37.62
C ARG E 325 -12.42 0.69 -38.63
N ALA E 336 -12.17 0.92 -44.78
CA ALA E 336 -12.38 1.70 -43.57
C ALA E 336 -11.19 2.62 -43.32
N ASP E 337 -11.45 3.70 -42.57
CA ASP E 337 -10.40 4.67 -42.27
C ASP E 337 -9.31 4.06 -41.39
N GLY E 338 -8.08 4.49 -41.63
CA GLY E 338 -6.96 4.10 -40.79
C GLY E 338 -6.25 2.85 -41.24
N ASN E 339 -6.99 1.85 -41.70
CA ASN E 339 -6.38 0.59 -42.08
C ASN E 339 -5.59 0.77 -43.38
N PRO E 340 -4.34 0.32 -43.48
CA PRO E 340 -3.58 0.59 -44.70
C PRO E 340 -4.02 -0.29 -45.85
N ARG E 341 -4.10 0.31 -47.04
CA ARG E 341 -4.49 -0.39 -48.27
C ARG E 341 -3.30 -0.45 -49.20
N TYR E 342 -3.02 -1.64 -49.73
CA TYR E 342 -1.88 -1.91 -50.59
C TYR E 342 -2.35 -2.20 -52.00
N ALA E 343 -1.46 -1.98 -52.96
CA ALA E 343 -1.69 -2.30 -54.36
C ALA E 343 -0.37 -2.74 -54.98
N PHE E 344 -0.41 -3.78 -55.81
CA PHE E 344 0.82 -4.39 -56.30
C PHE E 344 0.51 -5.20 -57.55
N GLY E 345 1.58 -5.51 -58.30
CA GLY E 345 1.47 -6.12 -59.60
C GLY E 345 1.89 -7.58 -59.60
N ARG E 346 2.33 -8.03 -60.78
CA ARG E 346 2.68 -9.43 -60.99
C ARG E 346 3.88 -9.84 -60.14
N GLN E 347 4.91 -9.00 -60.15
CA GLN E 347 6.18 -9.34 -59.52
C GLN E 347 6.09 -9.45 -58.01
N HIS E 348 5.14 -8.76 -57.37
CA HIS E 348 5.09 -8.61 -55.92
C HIS E 348 3.79 -9.14 -55.31
N GLY E 349 3.13 -10.12 -55.93
CA GLY E 349 2.05 -10.86 -55.30
C GLY E 349 0.87 -11.23 -56.18
N GLN E 350 0.59 -10.46 -57.23
CA GLN E 350 -0.47 -10.84 -58.14
C GLN E 350 -0.10 -12.11 -58.90
N LYS E 351 -1.12 -12.85 -59.33
CA LYS E 351 -0.90 -14.10 -60.03
C LYS E 351 -0.19 -13.85 -61.35
N THR E 352 0.85 -14.63 -61.61
CA THR E 352 1.78 -14.29 -62.69
C THR E 352 1.18 -14.52 -64.08
N THR E 353 0.07 -15.25 -64.18
CA THR E 353 -0.55 -15.54 -65.47
C THR E 353 -1.65 -14.54 -65.86
N THR E 354 -1.94 -13.56 -65.02
CA THR E 354 -3.09 -12.69 -65.29
C THR E 354 -2.80 -11.76 -66.47
N THR E 355 -3.75 -11.72 -67.40
CA THR E 355 -3.71 -10.71 -68.45
C THR E 355 -4.11 -9.36 -67.87
N GLY E 356 -3.98 -8.32 -68.68
CA GLY E 356 -4.27 -6.97 -68.24
C GLY E 356 -3.15 -6.43 -67.37
N GLU E 357 -3.45 -5.28 -66.74
CA GLU E 357 -2.47 -4.59 -65.91
C GLU E 357 -3.08 -3.97 -64.64
N THR E 358 -4.28 -4.36 -64.24
CA THR E 358 -4.83 -3.88 -62.98
C THR E 358 -4.04 -4.49 -61.83
N PRO E 359 -3.67 -3.72 -60.79
CA PRO E 359 -2.94 -4.32 -59.66
C PRO E 359 -3.88 -4.88 -58.61
N GLU E 360 -3.52 -6.05 -58.08
CA GLU E 360 -4.31 -6.63 -57.01
C GLU E 360 -4.07 -5.83 -55.73
N ARG E 361 -5.03 -5.88 -54.81
CA ARG E 361 -5.06 -4.94 -53.71
C ARG E 361 -5.90 -5.50 -52.57
N PHE E 362 -5.42 -5.30 -51.34
CA PHE E 362 -6.13 -5.69 -50.14
C PHE E 362 -6.09 -4.55 -49.15
N THR E 363 -6.87 -4.68 -48.08
CA THR E 363 -6.85 -3.79 -46.94
C THR E 363 -6.51 -4.62 -45.71
N TYR E 364 -5.42 -4.25 -45.02
CA TYR E 364 -4.96 -5.02 -43.87
C TYR E 364 -5.81 -4.64 -42.66
N ILE E 365 -6.84 -5.45 -42.40
CA ILE E 365 -7.65 -5.28 -41.21
C ILE E 365 -6.83 -5.87 -40.07
N ALA E 366 -6.19 -5.01 -39.28
CA ALA E 366 -5.33 -5.47 -38.21
C ALA E 366 -6.15 -6.07 -37.07
N HIS E 367 -5.53 -6.97 -36.32
CA HIS E 367 -6.21 -7.56 -35.17
C HIS E 367 -6.40 -6.58 -34.03
N GLN E 368 -5.48 -5.63 -33.84
CA GLN E 368 -5.44 -4.84 -32.62
C GLN E 368 -6.67 -3.94 -32.54
N ASP E 369 -7.35 -3.98 -31.40
CA ASP E 369 -8.58 -3.24 -31.17
C ASP E 369 -8.32 -1.84 -30.61
N THR E 370 -7.09 -1.32 -30.68
CA THR E 370 -6.80 0.01 -30.17
C THR E 370 -7.33 1.12 -31.07
N GLY E 371 -8.02 0.82 -32.18
CA GLY E 371 -8.69 1.84 -32.96
C GLY E 371 -9.95 2.32 -32.26
N ARG E 372 -10.76 3.04 -33.02
CA ARG E 372 -11.93 3.73 -32.51
C ARG E 372 -13.07 3.58 -33.51
N TYR E 373 -14.30 3.72 -33.00
CA TYR E 373 -15.53 3.55 -33.76
C TYR E 373 -16.25 4.90 -33.73
N PRO E 374 -16.05 5.76 -34.74
CA PRO E 374 -16.59 7.13 -34.63
C PRO E 374 -18.11 7.21 -34.56
N GLU E 375 -18.83 6.19 -35.01
CA GLU E 375 -20.29 6.25 -35.00
C GLU E 375 -20.87 6.20 -33.60
N GLY E 376 -20.11 5.77 -32.59
CA GLY E 376 -20.59 5.67 -31.23
C GLY E 376 -20.20 6.80 -30.30
N ASP E 377 -19.37 7.74 -30.76
CA ASP E 377 -18.87 8.79 -29.91
C ASP E 377 -19.94 9.85 -29.66
N TRP E 378 -19.80 10.56 -28.54
CA TRP E 378 -20.64 11.71 -28.26
C TRP E 378 -19.96 12.57 -27.20
N ILE E 379 -20.35 13.85 -27.17
CA ILE E 379 -20.00 14.78 -26.10
C ILE E 379 -21.31 15.34 -25.56
N GLN E 380 -21.31 15.71 -24.28
CA GLN E 380 -22.49 16.32 -23.67
C GLN E 380 -22.06 17.22 -22.51
N ASN E 381 -23.04 17.96 -21.98
CA ASN E 381 -22.76 19.14 -21.17
C ASN E 381 -22.26 18.67 -19.79
N ILE E 382 -21.59 19.59 -19.08
CA ILE E 382 -21.10 19.30 -17.73
C ILE E 382 -22.25 18.93 -16.80
N ASN E 383 -23.39 19.64 -16.91
CA ASN E 383 -24.52 19.35 -16.04
C ASN E 383 -25.17 18.04 -16.46
N PHE E 384 -24.59 16.95 -15.97
CA PHE E 384 -24.96 15.60 -16.34
C PHE E 384 -26.29 15.20 -15.70
N ASN E 385 -27.34 15.24 -16.50
CA ASN E 385 -28.62 14.61 -16.17
C ASN E 385 -28.77 13.34 -16.98
N LEU E 386 -29.50 12.36 -16.42
CA LEU E 386 -29.60 11.06 -17.06
C LEU E 386 -30.39 11.13 -18.37
N PRO E 387 -31.69 11.49 -18.38
CA PRO E 387 -32.39 11.57 -19.67
C PRO E 387 -32.08 12.88 -20.38
N VAL E 388 -30.95 12.90 -21.11
CA VAL E 388 -30.48 14.13 -21.73
C VAL E 388 -31.45 14.54 -22.83
N THR E 389 -31.62 15.86 -23.00
CA THR E 389 -32.85 16.47 -23.53
C THR E 389 -32.89 16.60 -25.06
N ASN E 390 -31.88 16.13 -25.80
CA ASN E 390 -31.69 16.27 -27.25
C ASN E 390 -31.25 17.67 -27.68
N ASP E 391 -31.34 18.63 -26.78
CA ASP E 391 -30.35 19.68 -26.67
C ASP E 391 -29.45 19.34 -25.49
N ASN E 392 -28.33 20.07 -25.42
CA ASN E 392 -27.22 19.98 -24.45
C ASN E 392 -26.25 18.84 -24.76
N VAL E 393 -26.39 18.20 -25.91
CA VAL E 393 -25.66 16.99 -26.27
C VAL E 393 -25.46 17.00 -27.78
N LEU E 394 -24.40 16.33 -28.23
CA LEU E 394 -24.00 16.32 -29.64
C LEU E 394 -23.93 14.88 -30.13
N LEU E 395 -24.89 14.50 -30.98
CA LEU E 395 -24.86 13.19 -31.59
C LEU E 395 -23.75 13.13 -32.64
N PRO E 396 -23.34 11.92 -33.07
CA PRO E 396 -22.46 11.84 -34.24
C PRO E 396 -23.18 12.05 -35.56
N THR E 397 -24.52 12.17 -35.56
CA THR E 397 -25.28 12.50 -36.76
C THR E 397 -25.53 14.00 -36.92
N ASP E 398 -25.23 14.82 -35.91
CA ASP E 398 -25.50 16.24 -36.02
C ASP E 398 -24.51 16.87 -37.00
N PRO E 399 -24.89 17.94 -37.71
CA PRO E 399 -23.98 18.52 -38.72
C PRO E 399 -23.12 19.63 -38.14
N ILE E 400 -21.87 19.66 -38.58
CA ILE E 400 -20.98 20.79 -38.34
C ILE E 400 -21.09 21.73 -39.54
N GLY E 401 -21.34 23.00 -39.25
CA GLY E 401 -21.42 23.99 -40.32
C GLY E 401 -22.54 23.79 -41.31
N GLY E 402 -23.61 23.10 -40.89
CA GLY E 402 -24.74 22.87 -41.77
C GLY E 402 -24.55 21.81 -42.82
N LYS E 403 -23.41 21.12 -42.84
CA LYS E 403 -23.11 20.10 -43.84
C LYS E 403 -23.56 18.74 -43.29
N THR E 404 -24.57 18.17 -43.92
CA THR E 404 -25.21 16.97 -43.40
C THR E 404 -24.33 15.74 -43.44
N GLY E 405 -23.26 15.74 -44.25
CA GLY E 405 -22.36 14.62 -44.34
C GLY E 405 -21.23 14.61 -43.34
N ILE E 406 -20.81 15.77 -42.85
CA ILE E 406 -19.63 15.91 -42.00
C ILE E 406 -20.12 16.15 -40.58
N ASN E 407 -19.68 15.30 -39.66
CA ASN E 407 -20.06 15.36 -38.25
C ASN E 407 -18.88 15.83 -37.41
N TYR E 408 -19.09 15.85 -36.09
CA TYR E 408 -18.08 16.40 -35.19
C TYR E 408 -16.87 15.48 -35.09
N THR E 409 -17.06 14.17 -35.27
CA THR E 409 -15.93 13.25 -35.11
C THR E 409 -14.88 13.43 -36.20
N ASN E 410 -15.25 13.99 -37.36
CA ASN E 410 -14.27 14.19 -38.42
C ASN E 410 -13.21 15.22 -38.03
N ILE E 411 -13.59 16.21 -37.21
CA ILE E 411 -12.67 17.26 -36.77
C ILE E 411 -12.16 17.03 -35.35
N PHE E 412 -12.66 16.02 -34.65
CA PHE E 412 -12.31 15.84 -33.25
C PHE E 412 -10.87 15.36 -33.13
N ASN E 413 -10.28 15.58 -31.96
CA ASN E 413 -8.95 15.06 -31.65
C ASN E 413 -8.83 14.88 -30.15
N THR E 414 -8.82 13.63 -29.70
CA THR E 414 -8.70 13.28 -28.29
C THR E 414 -7.30 12.76 -27.93
N TYR E 415 -6.29 13.05 -28.74
CA TYR E 415 -4.93 12.75 -28.34
C TYR E 415 -4.58 13.54 -27.09
N GLY E 416 -3.79 12.92 -26.23
CA GLY E 416 -3.39 13.55 -24.99
C GLY E 416 -2.18 12.87 -24.40
N PRO E 417 -1.70 13.37 -23.26
CA PRO E 417 -0.56 12.73 -22.60
C PRO E 417 -0.92 11.44 -21.89
N LEU E 418 -2.20 11.08 -21.82
CA LEU E 418 -2.66 9.84 -21.22
C LEU E 418 -2.84 8.71 -22.25
N THR E 419 -2.36 8.88 -23.47
CA THR E 419 -2.62 7.95 -24.57
C THR E 419 -1.50 6.96 -24.78
N ALA E 420 -1.90 5.77 -25.22
CA ALA E 420 -1.04 4.62 -25.43
C ALA E 420 -1.33 4.03 -26.80
N LEU E 421 -0.28 3.55 -27.47
CA LEU E 421 -0.38 3.06 -28.84
C LEU E 421 0.65 1.97 -29.08
N ASN E 422 0.28 1.04 -29.95
CA ASN E 422 1.18 0.00 -30.43
C ASN E 422 1.76 0.41 -31.78
N ASN E 423 2.83 -0.28 -32.18
CA ASN E 423 3.41 -0.05 -33.50
C ASN E 423 2.46 -0.57 -34.57
N VAL E 424 2.70 -0.12 -35.80
CA VAL E 424 1.95 -0.71 -36.91
C VAL E 424 2.38 -2.18 -37.06
N PRO E 425 1.49 -3.11 -37.41
CA PRO E 425 1.91 -4.50 -37.45
C PRO E 425 2.82 -4.76 -38.65
N PRO E 426 3.65 -5.80 -38.62
CA PRO E 426 4.29 -6.23 -39.86
C PRO E 426 3.25 -6.67 -40.87
N VAL E 427 3.51 -6.38 -42.14
CA VAL E 427 2.60 -6.68 -43.24
C VAL E 427 3.34 -7.56 -44.24
N TYR E 428 2.83 -8.77 -44.46
CA TYR E 428 3.41 -9.73 -45.39
C TYR E 428 2.55 -9.82 -46.64
N PRO E 429 3.12 -9.91 -47.86
CA PRO E 429 4.52 -9.86 -48.28
C PRO E 429 5.02 -8.46 -48.63
N ASN E 430 4.16 -7.44 -48.70
CA ASN E 430 4.57 -6.13 -49.17
C ASN E 430 5.30 -5.28 -48.13
N GLY E 431 5.02 -5.46 -46.85
CA GLY E 431 5.40 -4.47 -45.83
C GLY E 431 6.89 -4.24 -45.68
N GLN E 432 7.23 -2.97 -45.47
CA GLN E 432 8.59 -2.53 -45.26
C GLN E 432 9.08 -2.99 -43.88
N ILE E 433 10.40 -3.16 -43.76
CA ILE E 433 10.99 -3.71 -42.53
C ILE E 433 11.58 -2.53 -41.77
N TRP E 434 12.62 -1.92 -42.34
CA TRP E 434 13.39 -0.86 -41.68
C TRP E 434 13.04 0.50 -42.28
N ASP E 435 13.32 1.54 -41.51
CA ASP E 435 13.08 2.92 -41.95
C ASP E 435 13.95 3.85 -41.12
N LYS E 436 14.34 4.97 -41.72
CA LYS E 436 15.27 5.88 -41.04
C LYS E 436 14.47 6.83 -40.15
N GLU E 437 15.00 7.11 -38.96
CA GLU E 437 14.42 8.14 -38.12
C GLU E 437 14.66 9.51 -38.74
N PHE E 438 13.67 10.38 -38.62
CA PHE E 438 13.77 11.71 -39.21
C PHE E 438 14.86 12.51 -38.51
N ASP E 439 15.48 13.42 -39.26
CA ASP E 439 16.62 14.21 -38.80
C ASP E 439 16.18 15.36 -37.89
N THR E 440 14.87 15.60 -37.74
CA THR E 440 14.38 16.70 -36.92
C THR E 440 14.78 16.52 -35.46
N ASP E 441 14.81 17.64 -34.73
CA ASP E 441 15.26 17.58 -33.33
C ASP E 441 14.30 16.80 -32.46
N LEU E 442 12.99 16.96 -32.69
CA LEU E 442 11.95 16.19 -32.01
C LEU E 442 11.48 15.11 -32.97
N LYS E 443 11.67 13.86 -32.57
CA LYS E 443 11.39 12.72 -33.43
C LYS E 443 9.92 12.31 -33.31
N PRO E 444 9.34 11.66 -34.32
CA PRO E 444 7.98 11.13 -34.13
C PRO E 444 7.99 9.91 -33.24
N ARG E 445 6.83 9.64 -32.64
CA ARG E 445 6.73 8.52 -31.71
C ARG E 445 6.87 7.19 -32.44
N LEU E 446 6.14 7.01 -33.54
CA LEU E 446 6.17 5.77 -34.32
C LEU E 446 6.28 6.14 -35.79
N HIS E 447 6.62 5.14 -36.61
CA HIS E 447 6.64 5.26 -38.05
C HIS E 447 5.55 4.34 -38.61
N VAL E 448 4.67 4.91 -39.43
CA VAL E 448 3.46 4.19 -39.80
C VAL E 448 3.68 3.24 -40.98
N ASN E 449 4.76 3.42 -41.76
CA ASN E 449 4.99 2.61 -42.94
C ASN E 449 5.79 1.34 -42.67
N ALA E 450 6.54 1.28 -41.57
CA ALA E 450 7.37 0.14 -41.22
C ALA E 450 7.37 -0.06 -39.71
N PRO E 451 7.61 -1.31 -39.21
CA PRO E 451 7.59 -1.52 -37.77
C PRO E 451 8.88 -1.11 -37.06
N PHE E 452 10.02 -1.36 -37.70
CA PHE E 452 11.33 -1.07 -37.13
C PHE E 452 11.83 0.25 -37.65
N VAL E 453 12.49 1.02 -36.78
CA VAL E 453 13.02 2.35 -37.11
C VAL E 453 14.51 2.34 -36.79
N CYS E 454 15.33 2.66 -37.80
CA CYS E 454 16.76 2.84 -37.59
C CYS E 454 16.96 4.09 -36.74
N GLN E 455 17.50 3.92 -35.53
CA GLN E 455 17.48 4.99 -34.54
C GLN E 455 18.33 6.20 -34.95
N ASN E 456 19.54 5.98 -35.46
CA ASN E 456 20.46 7.06 -35.82
C ASN E 456 20.98 6.92 -37.25
N ASN E 457 21.19 5.69 -37.70
CA ASN E 457 21.66 5.45 -39.06
C ASN E 457 21.17 4.09 -39.51
N CYS E 458 20.94 4.00 -40.82
CA CYS E 458 20.18 2.92 -41.43
C CYS E 458 21.01 2.47 -42.62
N PRO E 459 20.89 1.21 -43.05
CA PRO E 459 21.92 0.66 -43.96
C PRO E 459 21.94 1.34 -45.32
N GLY E 460 23.13 1.43 -45.89
CA GLY E 460 23.34 2.28 -47.05
C GLY E 460 22.59 1.76 -48.27
N GLN E 461 21.99 2.68 -49.01
CA GLN E 461 21.33 2.33 -50.26
C GLN E 461 22.37 1.92 -51.29
N LEU E 462 21.98 0.97 -52.14
CA LEU E 462 22.85 0.40 -53.17
C LEU E 462 22.30 0.81 -54.53
N PHE E 463 23.14 1.45 -55.34
CA PHE E 463 22.79 1.99 -56.64
C PHE E 463 23.63 1.31 -57.71
N VAL E 464 23.04 1.12 -58.90
CA VAL E 464 23.67 0.35 -59.97
C VAL E 464 23.39 1.02 -61.31
N LYS E 465 24.39 0.98 -62.19
CA LYS E 465 24.25 1.43 -63.56
C LYS E 465 25.28 0.71 -64.42
N VAL E 466 24.86 0.28 -65.62
CA VAL E 466 25.80 -0.21 -66.61
C VAL E 466 26.61 0.97 -67.11
N ALA E 467 27.93 0.82 -67.14
CA ALA E 467 28.80 1.93 -67.52
C ALA E 467 28.57 2.27 -69.00
N PRO E 468 28.84 3.52 -69.41
CA PRO E 468 28.64 3.84 -70.83
C PRO E 468 29.64 3.11 -71.72
N ASN E 469 29.14 2.63 -72.85
CA ASN E 469 29.97 2.16 -73.95
C ASN E 469 29.46 2.82 -75.22
N LEU E 470 30.31 3.66 -75.82
CA LEU E 470 29.91 4.57 -76.88
C LEU E 470 30.53 4.13 -78.21
N THR E 471 29.79 4.34 -79.29
CA THR E 471 30.36 4.10 -80.60
C THR E 471 31.50 5.09 -80.86
N ASN E 472 32.37 4.75 -81.80
CA ASN E 472 33.58 5.53 -82.03
C ASN E 472 33.26 6.92 -82.58
N GLU E 473 32.11 7.09 -83.23
CA GLU E 473 31.77 8.37 -83.83
C GLU E 473 31.38 9.45 -82.82
N TYR E 474 31.24 9.11 -81.54
CA TYR E 474 30.79 10.04 -80.52
C TYR E 474 31.75 11.23 -80.38
N ASP E 475 31.16 12.42 -80.22
CA ASP E 475 31.86 13.68 -79.97
C ASP E 475 31.27 14.29 -78.69
N PRO E 476 32.05 14.60 -77.65
CA PRO E 476 31.47 15.30 -76.49
C PRO E 476 30.89 16.66 -76.83
N ASP E 477 31.46 17.37 -77.81
CA ASP E 477 30.98 18.71 -78.16
C ASP E 477 29.65 18.69 -78.90
N ALA E 478 29.17 17.54 -79.34
CA ALA E 478 27.91 17.47 -80.07
C ALA E 478 26.74 17.83 -79.16
N SER E 479 25.79 18.60 -79.71
CA SER E 479 24.59 18.96 -78.96
C SER E 479 23.69 17.76 -78.73
N ALA E 480 23.65 16.81 -79.66
CA ALA E 480 22.76 15.67 -79.54
C ALA E 480 23.25 14.73 -78.43
N ASN E 481 22.40 13.76 -78.11
CA ASN E 481 22.73 12.78 -77.08
C ASN E 481 23.88 11.90 -77.55
N MET E 482 24.63 11.38 -76.58
CA MET E 482 25.70 10.45 -76.88
C MET E 482 25.12 9.16 -77.46
N SER E 483 25.78 8.66 -78.51
CA SER E 483 25.31 7.44 -79.20
C SER E 483 25.86 6.23 -78.45
N ARG E 484 25.07 5.75 -77.49
CA ARG E 484 25.45 4.57 -76.74
C ARG E 484 25.23 3.31 -77.56
N ILE E 485 26.15 2.36 -77.44
CA ILE E 485 25.93 1.02 -77.96
C ILE E 485 24.84 0.36 -77.12
N VAL E 486 23.96 -0.40 -77.78
CA VAL E 486 22.88 -1.06 -77.07
C VAL E 486 23.48 -2.13 -76.17
N THR E 487 23.39 -1.91 -74.86
CA THR E 487 24.02 -2.76 -73.86
C THR E 487 22.99 -3.11 -72.79
N TYR E 488 23.15 -4.29 -72.20
CA TYR E 488 22.42 -4.62 -70.99
C TYR E 488 23.31 -5.54 -70.17
N SER E 489 22.88 -5.82 -68.95
CA SER E 489 23.64 -6.70 -68.05
C SER E 489 22.68 -7.34 -67.07
N ASP E 490 23.13 -8.45 -66.50
CA ASP E 490 22.41 -9.10 -65.42
C ASP E 490 23.40 -9.66 -64.41
N PHE E 491 23.05 -9.51 -63.14
CA PHE E 491 23.90 -9.91 -62.03
C PHE E 491 23.05 -10.57 -60.97
N TRP E 492 23.66 -11.48 -60.22
CA TRP E 492 23.01 -12.12 -59.09
C TRP E 492 23.27 -11.31 -57.82
N TRP E 493 22.21 -11.05 -57.07
CA TRP E 493 22.25 -10.34 -55.80
C TRP E 493 21.98 -11.35 -54.70
N LYS E 494 22.72 -11.25 -53.59
CA LYS E 494 22.46 -12.03 -52.39
C LYS E 494 22.60 -11.12 -51.18
N GLY E 495 21.78 -11.39 -50.16
CA GLY E 495 21.86 -10.66 -48.91
C GLY E 495 21.43 -11.55 -47.76
N LYS E 496 21.96 -11.23 -46.58
CA LYS E 496 21.64 -11.91 -45.33
C LYS E 496 21.06 -10.90 -44.38
N LEU E 497 19.95 -11.26 -43.73
CA LEU E 497 19.26 -10.40 -42.77
C LEU E 497 19.01 -11.22 -41.51
N VAL E 498 19.65 -10.83 -40.41
CA VAL E 498 19.64 -11.61 -39.18
C VAL E 498 18.60 -11.01 -38.24
N PHE E 499 17.84 -11.88 -37.58
CA PHE E 499 16.87 -11.50 -36.56
C PHE E 499 17.21 -12.20 -35.25
N LYS E 500 16.64 -11.69 -34.16
CA LYS E 500 16.56 -12.41 -32.89
C LYS E 500 15.11 -12.38 -32.43
N ALA E 501 14.59 -13.54 -32.03
CA ALA E 501 13.21 -13.67 -31.60
C ALA E 501 13.14 -14.60 -30.40
N LYS E 502 12.11 -14.39 -29.58
CA LYS E 502 11.87 -15.16 -28.36
C LYS E 502 10.62 -16.01 -28.59
N LEU E 503 10.69 -17.27 -28.23
CA LEU E 503 9.57 -18.17 -28.43
C LEU E 503 8.51 -17.94 -27.36
N ARG E 504 7.24 -18.11 -27.73
CA ARG E 504 6.16 -17.84 -26.80
C ARG E 504 5.99 -18.99 -25.82
N ALA E 505 5.21 -18.71 -24.77
CA ALA E 505 4.79 -19.71 -23.80
C ALA E 505 3.31 -19.53 -23.52
N SER E 506 2.55 -20.60 -23.68
CA SER E 506 1.09 -20.55 -23.63
C SER E 506 0.66 -20.42 -22.18
N HIS E 507 0.43 -19.19 -21.75
CA HIS E 507 -0.08 -18.95 -20.40
C HIS E 507 -1.56 -19.23 -20.28
N THR E 508 -2.32 -18.99 -21.36
CA THR E 508 -3.76 -19.18 -21.33
C THR E 508 -4.12 -20.65 -21.27
N TRP E 509 -5.24 -20.94 -20.60
CA TRP E 509 -5.86 -22.25 -20.76
C TRP E 509 -6.30 -22.47 -22.19
N ASN E 510 -6.93 -21.46 -22.78
CA ASN E 510 -7.47 -21.61 -24.11
C ASN E 510 -6.34 -21.62 -25.15
N PRO E 511 -6.57 -22.20 -26.33
CA PRO E 511 -5.66 -21.94 -27.45
C PRO E 511 -5.91 -20.57 -28.05
N ILE E 512 -4.98 -20.15 -28.91
CA ILE E 512 -5.03 -18.86 -29.58
C ILE E 512 -4.76 -19.07 -31.07
N GLN E 513 -4.91 -18.00 -31.84
CA GLN E 513 -5.01 -18.12 -33.29
C GLN E 513 -3.65 -18.36 -33.95
N GLN E 514 -3.67 -19.21 -34.98
CA GLN E 514 -2.53 -19.50 -35.84
C GLN E 514 -2.88 -19.21 -37.30
N MET E 515 -1.89 -18.73 -38.04
CA MET E 515 -1.90 -18.86 -39.49
C MET E 515 -2.03 -20.33 -39.86
N SER E 516 -2.99 -20.67 -40.71
CA SER E 516 -3.26 -22.08 -40.97
C SER E 516 -3.86 -22.27 -42.35
N ILE E 517 -3.33 -23.26 -43.06
CA ILE E 517 -3.92 -23.68 -44.34
C ILE E 517 -5.21 -24.41 -44.02
N ASN E 518 -6.23 -24.23 -44.86
CA ASN E 518 -7.44 -25.03 -44.76
C ASN E 518 -8.03 -25.18 -46.15
N VAL E 519 -9.24 -25.73 -46.21
CA VAL E 519 -9.85 -26.08 -47.49
C VAL E 519 -10.11 -24.82 -48.31
N ASP E 520 -10.46 -23.71 -47.67
CA ASP E 520 -10.70 -22.47 -48.41
C ASP E 520 -9.43 -21.95 -49.04
N ASN E 521 -8.34 -21.88 -48.26
CA ASN E 521 -7.11 -21.23 -48.72
C ASN E 521 -6.08 -22.23 -49.24
N GLN E 522 -6.50 -23.46 -49.58
CA GLN E 522 -5.54 -24.52 -49.87
C GLN E 522 -4.77 -24.26 -51.16
N PHE E 523 -5.43 -23.71 -52.17
CA PHE E 523 -4.84 -23.61 -53.50
C PHE E 523 -4.07 -22.31 -53.74
N ASN E 524 -4.02 -21.39 -52.77
CA ASN E 524 -3.32 -20.12 -52.98
C ASN E 524 -1.83 -20.20 -52.69
N TYR E 525 -1.31 -21.33 -52.21
CA TYR E 525 0.09 -21.49 -51.86
C TYR E 525 0.78 -22.61 -52.63
N VAL E 526 0.17 -23.13 -53.70
CA VAL E 526 0.72 -24.19 -54.52
C VAL E 526 0.62 -23.66 -55.96
N PRO E 527 1.58 -23.89 -56.87
CA PRO E 527 1.48 -23.25 -58.18
C PRO E 527 0.33 -23.78 -59.02
N SER E 528 -0.11 -22.95 -59.96
CA SER E 528 -1.27 -23.28 -60.78
C SER E 528 -0.89 -24.31 -61.84
N ASN E 529 -1.82 -24.55 -62.76
CA ASN E 529 -1.62 -25.57 -63.79
C ASN E 529 -0.45 -25.23 -64.71
N ILE E 530 -0.31 -23.95 -65.07
CA ILE E 530 0.73 -23.49 -65.99
C ILE E 530 1.89 -22.83 -65.22
N GLY E 531 2.07 -23.17 -63.95
CA GLY E 531 3.20 -22.66 -63.19
C GLY E 531 3.04 -21.28 -62.61
N GLY E 532 1.83 -20.71 -62.63
CA GLY E 532 1.62 -19.43 -62.00
C GLY E 532 1.69 -19.55 -60.48
N MET E 533 1.90 -18.42 -59.82
CA MET E 533 2.03 -18.37 -58.37
C MET E 533 1.48 -17.05 -57.84
N LYS E 534 0.95 -17.10 -56.62
CA LYS E 534 0.40 -15.93 -55.95
C LYS E 534 0.61 -16.05 -54.44
N ILE E 535 1.05 -14.96 -53.84
CA ILE E 535 1.30 -14.86 -52.41
C ILE E 535 0.13 -14.03 -51.86
N VAL E 536 -0.81 -14.68 -51.19
CA VAL E 536 -1.88 -13.98 -50.49
C VAL E 536 -1.28 -13.33 -49.25
N TYR E 537 -1.83 -12.19 -48.84
CA TYR E 537 -1.38 -11.54 -47.62
C TYR E 537 -1.72 -12.38 -46.39
N GLU E 538 -0.89 -12.26 -45.36
CA GLU E 538 -1.01 -13.03 -44.12
C GLU E 538 -1.00 -12.10 -42.92
N LYS E 539 -1.59 -12.59 -41.84
CA LYS E 539 -1.63 -11.84 -40.60
C LYS E 539 -0.29 -11.98 -39.87
N SER E 540 -0.03 -11.03 -38.97
CA SER E 540 1.23 -10.97 -38.24
C SER E 540 1.04 -11.12 -36.74
N GLN E 541 0.12 -10.34 -36.17
CA GLN E 541 -0.08 -10.28 -34.72
C GLN E 541 -1.20 -11.22 -34.29
N LEU E 542 -0.96 -12.52 -34.44
CA LEU E 542 -2.01 -13.49 -34.17
C LEU E 542 -2.26 -13.63 -32.67
N ALA E 543 -1.20 -13.77 -31.87
CA ALA E 543 -1.37 -14.11 -30.48
C ALA E 543 -1.89 -12.90 -29.69
N PRO E 544 -2.72 -13.11 -28.67
CA PRO E 544 -3.11 -11.98 -27.81
C PRO E 544 -2.08 -11.72 -26.73
N ARG E 545 -2.00 -10.45 -26.35
CA ARG E 545 -1.08 -9.97 -25.30
C ARG E 545 -1.88 -9.11 -24.35
N LYS E 546 -1.70 -9.34 -23.06
CA LYS E 546 -2.35 -8.52 -22.06
C LYS E 546 -1.79 -7.11 -22.11
N LEU E 547 -2.61 -6.16 -21.65
CA LEU E 547 -2.26 -4.75 -21.53
C LEU E 547 -2.10 -4.28 -20.10
N TYR E 548 -2.93 -4.78 -19.19
CA TYR E 548 -2.92 -4.29 -17.82
C TYR E 548 -3.72 -5.25 -16.95
N GLY F 1 5.02 -36.99 17.09
CA GLY F 1 3.70 -36.69 17.70
C GLY F 1 2.59 -37.61 17.22
N VAL F 2 1.37 -37.09 17.17
CA VAL F 2 0.24 -37.89 16.75
C VAL F 2 0.30 -38.18 15.25
N GLY F 3 0.69 -37.19 14.46
CA GLY F 3 0.49 -37.23 13.02
C GLY F 3 1.57 -37.86 12.17
N ILE F 4 2.68 -38.33 12.75
CA ILE F 4 3.83 -38.84 12.00
C ILE F 4 3.96 -40.32 12.27
N SER F 5 4.08 -41.11 11.20
CA SER F 5 4.11 -42.57 11.33
C SER F 5 5.49 -43.05 11.72
N THR F 6 5.54 -44.27 12.26
CA THR F 6 6.76 -44.89 12.76
C THR F 6 6.83 -46.38 12.39
N GLY F 7 6.48 -46.73 11.16
CA GLY F 7 6.52 -48.12 10.76
C GLY F 7 6.05 -48.29 9.33
N THR F 8 6.29 -49.50 8.82
CA THR F 8 5.84 -49.90 7.48
C THR F 8 5.20 -51.28 7.55
N PHE F 9 4.07 -51.44 6.89
CA PHE F 9 3.36 -52.71 6.88
C PHE F 9 3.95 -53.60 5.80
N ASN F 10 4.20 -54.87 6.13
CA ASN F 10 4.95 -55.76 5.26
C ASN F 10 4.62 -57.21 5.57
N ASN F 11 4.39 -58.01 4.53
CA ASN F 11 4.41 -59.47 4.63
C ASN F 11 5.21 -60.10 3.49
N GLN F 12 6.21 -59.40 2.95
CA GLN F 12 7.01 -59.96 1.87
C GLN F 12 7.86 -61.10 2.41
N THR F 13 7.67 -62.30 1.84
CA THR F 13 8.48 -63.47 2.19
C THR F 13 9.66 -63.51 1.23
N GLU F 14 10.82 -63.05 1.71
CA GLU F 14 12.00 -62.95 0.88
C GLU F 14 12.69 -64.31 0.77
N PHE F 15 13.40 -64.50 -0.35
CA PHE F 15 14.18 -65.72 -0.60
C PHE F 15 15.50 -65.27 -1.26
N LYS F 16 16.51 -65.03 -0.43
CA LYS F 16 17.83 -64.61 -0.88
C LYS F 16 18.72 -65.85 -0.99
N PHE F 17 19.09 -66.20 -2.21
CA PHE F 17 19.96 -67.35 -2.45
C PHE F 17 21.43 -66.96 -2.29
N LEU F 18 22.20 -67.87 -1.71
CA LEU F 18 23.54 -67.61 -1.20
C LEU F 18 24.52 -68.56 -1.87
N GLU F 19 25.77 -68.50 -1.43
CA GLU F 19 26.79 -69.41 -1.93
C GLU F 19 26.49 -70.83 -1.49
N ASN F 20 26.92 -71.79 -2.31
CA ASN F 20 26.77 -73.22 -2.05
C ASN F 20 25.30 -73.64 -1.95
N GLY F 21 24.40 -72.91 -2.59
CA GLY F 21 22.99 -73.28 -2.61
C GLY F 21 22.19 -72.90 -1.39
N TRP F 22 22.80 -72.28 -0.38
CA TRP F 22 22.05 -71.90 0.80
C TRP F 22 21.11 -70.74 0.48
N VAL F 23 19.95 -70.73 1.14
CA VAL F 23 18.90 -69.75 0.93
C VAL F 23 18.38 -69.27 2.28
N GLU F 24 18.22 -67.96 2.41
CA GLU F 24 17.78 -67.30 3.64
C GLU F 24 16.32 -66.91 3.42
N ILE F 25 15.41 -67.62 4.07
CA ILE F 25 13.98 -67.33 3.95
C ILE F 25 13.68 -66.27 5.00
N THR F 26 13.27 -65.08 4.54
CA THR F 26 13.02 -63.94 5.42
C THR F 26 11.53 -63.65 5.36
N ALA F 27 10.79 -64.21 6.32
CA ALA F 27 9.33 -64.12 6.34
C ALA F 27 8.93 -62.89 7.16
N ASN F 28 8.74 -61.77 6.48
CA ASN F 28 8.12 -60.62 7.11
C ASN F 28 6.63 -60.89 7.29
N SER F 29 6.04 -60.23 8.28
CA SER F 29 4.62 -60.38 8.54
C SER F 29 4.15 -59.22 9.41
N SER F 30 2.96 -58.72 9.13
CA SER F 30 2.38 -57.63 9.89
C SER F 30 0.87 -57.77 9.92
N ARG F 31 0.29 -57.51 11.10
CA ARG F 31 -1.14 -57.68 11.34
C ARG F 31 -1.66 -56.50 12.15
N LEU F 32 -2.90 -56.12 11.89
CA LEU F 32 -3.63 -55.23 12.77
C LEU F 32 -4.23 -56.03 13.92
N VAL F 33 -3.97 -55.57 15.15
CA VAL F 33 -4.37 -56.24 16.37
C VAL F 33 -5.37 -55.34 17.09
N HIS F 34 -6.35 -55.96 17.76
CA HIS F 34 -7.43 -55.24 18.43
C HIS F 34 -7.46 -55.72 19.88
N LEU F 35 -7.53 -54.77 20.81
CA LEU F 35 -7.55 -55.05 22.26
C LEU F 35 -8.62 -54.20 22.94
N ASN F 36 -9.70 -54.84 23.39
CA ASN F 36 -10.62 -54.19 24.31
C ASN F 36 -9.99 -54.13 25.70
N MET F 37 -10.65 -53.38 26.59
CA MET F 37 -10.18 -53.32 27.96
C MET F 37 -10.50 -54.65 28.67
N PRO F 38 -9.78 -55.00 29.74
CA PRO F 38 -10.10 -56.26 30.43
C PRO F 38 -11.45 -56.20 31.12
N GLU F 39 -12.01 -57.38 31.36
CA GLU F 39 -13.28 -57.47 32.08
C GLU F 39 -13.16 -56.92 33.49
N SER F 40 -12.00 -57.10 34.13
CA SER F 40 -11.76 -56.59 35.47
C SER F 40 -10.27 -56.45 35.67
N GLU F 41 -9.87 -55.37 36.36
CA GLU F 41 -8.46 -55.15 36.65
C GLU F 41 -7.90 -56.20 37.60
N ASN F 42 -8.73 -56.75 38.47
CA ASN F 42 -8.24 -57.64 39.51
C ASN F 42 -7.80 -58.98 38.94
N TYR F 43 -6.70 -59.51 39.49
CA TYR F 43 -6.31 -60.89 39.21
C TYR F 43 -7.29 -61.83 39.91
N ARG F 44 -7.80 -62.81 39.18
CA ARG F 44 -8.82 -63.73 39.67
C ARG F 44 -8.31 -65.16 39.63
N ARG F 45 -8.40 -65.85 40.77
CA ARG F 45 -8.04 -67.27 40.88
C ARG F 45 -9.30 -68.10 40.64
N VAL F 46 -9.62 -68.30 39.36
CA VAL F 46 -10.79 -69.09 38.99
C VAL F 46 -10.48 -70.57 39.20
N VAL F 47 -11.46 -71.29 39.74
CA VAL F 47 -11.40 -72.74 39.91
C VAL F 47 -12.70 -73.32 39.36
N VAL F 48 -12.58 -74.36 38.55
CA VAL F 48 -13.75 -74.95 37.89
C VAL F 48 -14.65 -75.59 38.92
N HIS F 66 -10.04 -77.78 37.38
CA HIS F 66 -8.71 -77.19 37.47
C HIS F 66 -8.79 -75.74 37.91
N ALA F 67 -7.63 -75.13 38.15
CA ALA F 67 -7.52 -73.76 38.65
C ALA F 67 -6.60 -72.96 37.74
N GLN F 68 -6.94 -71.69 37.54
CA GLN F 68 -6.15 -70.78 36.72
C GLN F 68 -6.22 -69.39 37.32
N ILE F 69 -5.17 -68.60 37.05
CA ILE F 69 -5.12 -67.19 37.41
C ILE F 69 -5.55 -66.41 36.16
N VAL F 70 -6.80 -65.95 36.14
CA VAL F 70 -7.28 -65.13 35.04
C VAL F 70 -6.61 -63.77 35.14
N THR F 71 -5.63 -63.55 34.29
CA THR F 71 -4.81 -62.34 34.30
C THR F 71 -5.46 -61.27 33.40
N PRO F 72 -5.56 -59.99 33.80
CA PRO F 72 -6.18 -59.00 32.90
C PRO F 72 -5.40 -58.78 31.61
N TRP F 73 -4.09 -58.98 31.64
CA TRP F 73 -3.27 -58.77 30.46
C TRP F 73 -3.64 -59.79 29.38
N SER F 74 -3.45 -59.37 28.12
CA SER F 74 -3.71 -60.18 26.94
C SER F 74 -2.39 -60.49 26.26
N LEU F 75 -2.37 -61.61 25.53
CA LEU F 75 -1.12 -62.19 25.01
C LEU F 75 -1.10 -62.13 23.48
N VAL F 76 -0.02 -61.57 22.94
CA VAL F 76 0.24 -61.55 21.50
C VAL F 76 1.28 -62.63 21.24
N ASP F 77 0.84 -63.74 20.64
CA ASP F 77 1.67 -64.91 20.35
C ASP F 77 1.63 -65.19 18.86
N ALA F 78 2.80 -65.18 18.21
CA ALA F 78 2.94 -65.43 16.79
C ALA F 78 3.52 -66.80 16.48
N ASN F 79 3.40 -67.75 17.41
CA ASN F 79 4.06 -69.06 17.29
C ASN F 79 3.18 -70.03 16.50
N ALA F 80 3.04 -69.76 15.21
CA ALA F 80 2.31 -70.63 14.30
C ALA F 80 2.81 -70.39 12.89
N TRP F 81 2.91 -71.46 12.10
CA TRP F 81 3.55 -71.39 10.79
C TRP F 81 2.81 -70.48 9.82
N GLY F 82 1.48 -70.57 9.77
CA GLY F 82 0.74 -69.83 8.74
C GLY F 82 0.80 -68.33 8.91
N VAL F 83 1.07 -67.85 10.12
CA VAL F 83 1.19 -66.41 10.35
C VAL F 83 2.33 -65.81 9.54
N TRP F 84 3.36 -66.58 9.26
CA TRP F 84 4.56 -66.13 8.57
C TRP F 84 4.62 -66.56 7.11
N PHE F 85 3.96 -67.66 6.75
CA PHE F 85 4.01 -68.23 5.41
C PHE F 85 2.59 -68.50 4.91
N ASN F 86 2.22 -67.84 3.83
CA ASN F 86 0.93 -68.09 3.18
C ASN F 86 1.05 -69.40 2.39
N PRO F 87 -0.08 -70.02 2.01
CA PRO F 87 0.02 -71.30 1.26
C PRO F 87 0.74 -71.19 -0.07
N GLY F 88 0.82 -69.99 -0.65
CA GLY F 88 1.66 -69.81 -1.82
C GLY F 88 3.13 -70.08 -1.55
N ASP F 89 3.59 -69.76 -0.34
CA ASP F 89 4.93 -70.20 0.04
C ASP F 89 4.97 -71.70 0.31
N TRP F 90 4.00 -72.22 1.06
CA TRP F 90 4.00 -73.66 1.36
C TRP F 90 3.77 -74.50 0.10
N GLN F 91 3.25 -73.87 -0.97
CA GLN F 91 3.30 -74.44 -2.31
C GLN F 91 4.72 -74.51 -2.88
N LEU F 92 5.71 -73.89 -2.23
CA LEU F 92 7.11 -73.83 -2.65
C LEU F 92 8.09 -74.42 -1.64
N ILE F 93 7.97 -74.09 -0.35
CA ILE F 93 9.02 -74.40 0.63
C ILE F 93 9.22 -75.90 0.78
N VAL F 94 8.13 -76.64 1.01
CA VAL F 94 8.30 -78.08 1.25
C VAL F 94 8.70 -78.82 -0.02
N ASN F 95 8.34 -78.31 -1.19
CA ASN F 95 8.62 -78.99 -2.45
C ASN F 95 9.97 -78.63 -3.06
N THR F 96 10.71 -77.67 -2.49
CA THR F 96 12.04 -77.29 -3.00
C THR F 96 13.12 -77.18 -1.94
N MET F 97 12.81 -76.83 -0.69
CA MET F 97 13.78 -76.96 0.39
C MET F 97 13.79 -78.39 0.91
N HIS F 101 16.19 -74.88 10.87
CA HIS F 101 16.38 -73.76 9.95
C HIS F 101 16.43 -72.41 10.66
N LEU F 102 15.81 -72.32 11.84
CA LEU F 102 15.52 -71.03 12.47
C LEU F 102 16.79 -70.29 12.84
N VAL F 103 16.93 -69.07 12.32
CA VAL F 103 18.10 -68.22 12.58
C VAL F 103 17.78 -67.12 13.58
N SER F 104 16.68 -66.37 13.39
CA SER F 104 16.45 -65.16 14.16
C SER F 104 14.96 -64.86 14.22
N PHE F 105 14.62 -63.90 15.09
CA PHE F 105 13.25 -63.50 15.37
C PHE F 105 13.30 -62.07 15.92
N GLU F 106 12.28 -61.28 15.60
CA GLU F 106 12.06 -60.00 16.26
C GLU F 106 10.65 -59.50 15.96
N GLN F 107 10.18 -58.60 16.82
CA GLN F 107 8.84 -58.02 16.75
C GLN F 107 8.90 -56.54 17.05
N GLU F 108 8.05 -55.77 16.38
CA GLU F 108 7.83 -54.37 16.73
C GLU F 108 6.33 -54.09 16.66
N ILE F 109 5.88 -53.18 17.53
CA ILE F 109 4.53 -52.62 17.48
C ILE F 109 4.68 -51.14 17.13
N PHE F 110 3.78 -50.62 16.31
CA PHE F 110 3.81 -49.24 15.90
C PHE F 110 2.41 -48.76 15.54
N ASN F 111 2.24 -47.45 15.51
CA ASN F 111 0.99 -46.81 15.09
C ASN F 111 -0.17 -47.22 15.99
N VAL F 112 -0.01 -47.02 17.29
CA VAL F 112 -1.08 -47.34 18.23
C VAL F 112 -2.17 -46.28 18.12
N VAL F 113 -3.41 -46.69 18.33
CA VAL F 113 -4.55 -45.79 18.43
C VAL F 113 -5.37 -46.22 19.65
N LEU F 114 -5.85 -45.24 20.41
CA LEU F 114 -6.69 -45.47 21.57
C LEU F 114 -7.92 -44.58 21.46
N LYS F 115 -9.09 -45.16 21.73
CA LYS F 115 -10.36 -44.48 21.58
C LYS F 115 -11.26 -44.81 22.76
N THR F 116 -12.27 -43.97 22.96
CA THR F 116 -13.27 -44.14 24.00
C THR F 116 -14.65 -44.07 23.37
N VAL F 117 -15.56 -44.90 23.88
CA VAL F 117 -16.94 -44.98 23.40
C VAL F 117 -17.85 -44.37 24.44
N SER F 118 -18.70 -43.43 24.01
CA SER F 118 -19.66 -42.75 24.87
C SER F 118 -21.06 -43.19 24.49
N GLU F 119 -21.85 -43.58 25.47
CA GLU F 119 -23.23 -44.00 25.24
C GLU F 119 -24.08 -42.82 24.79
N THR F 126 -27.28 -45.26 21.48
CA THR F 126 -26.43 -44.60 20.50
C THR F 126 -24.98 -44.51 21.00
N LYS F 127 -24.05 -44.98 20.15
CA LYS F 127 -22.62 -44.99 20.44
C LYS F 127 -21.94 -43.96 19.56
N VAL F 128 -21.03 -43.19 20.16
CA VAL F 128 -20.20 -42.21 19.46
C VAL F 128 -18.78 -42.40 19.94
N TYR F 129 -17.83 -42.33 19.01
CA TYR F 129 -16.44 -42.75 19.23
C TYR F 129 -15.55 -41.53 19.21
N ASN F 130 -14.74 -41.38 20.26
CA ASN F 130 -13.87 -40.23 20.47
C ASN F 130 -12.44 -40.72 20.61
N ASN F 131 -11.50 -39.96 20.05
CA ASN F 131 -10.10 -40.34 20.10
C ASN F 131 -9.44 -39.79 21.35
N ASP F 132 -8.84 -40.67 22.14
CA ASP F 132 -8.21 -40.33 23.41
C ASP F 132 -6.71 -40.22 23.18
N LEU F 133 -6.23 -39.00 22.99
CA LEU F 133 -4.80 -38.79 22.81
C LEU F 133 -4.02 -39.09 24.09
N THR F 134 -4.64 -38.91 25.25
CA THR F 134 -3.96 -39.11 26.52
C THR F 134 -3.91 -40.57 26.97
N ALA F 135 -4.68 -41.45 26.35
CA ALA F 135 -4.71 -42.84 26.77
C ALA F 135 -3.37 -43.51 26.45
N SER F 136 -3.06 -44.56 27.22
CA SER F 136 -1.78 -45.26 27.17
C SER F 136 -2.00 -46.75 27.03
N LEU F 137 -1.14 -47.38 26.23
CA LEU F 137 -1.08 -48.83 26.09
C LEU F 137 0.18 -49.34 26.77
N MET F 138 0.01 -50.23 27.73
CA MET F 138 1.15 -50.84 28.40
C MET F 138 1.61 -52.06 27.60
N VAL F 139 2.93 -52.20 27.47
CA VAL F 139 3.55 -53.28 26.73
C VAL F 139 4.74 -53.79 27.52
N ALA F 140 4.96 -55.10 27.50
CA ALA F 140 6.09 -55.71 28.18
C ALA F 140 6.39 -57.06 27.55
N LEU F 141 7.68 -57.31 27.31
CA LEU F 141 8.18 -58.57 26.77
C LEU F 141 8.98 -59.27 27.85
N ASP F 142 8.70 -60.55 28.06
CA ASP F 142 9.36 -61.34 29.10
C ASP F 142 10.80 -61.61 28.67
N SER F 143 11.67 -60.65 28.96
CA SER F 143 13.04 -60.66 28.46
C SER F 143 13.90 -61.77 29.06
N ASN F 144 13.49 -62.39 30.18
CA ASN F 144 14.27 -63.43 30.85
C ASN F 144 13.45 -64.69 31.13
N ASN F 145 12.30 -64.86 30.45
CA ASN F 145 11.44 -66.04 30.63
C ASN F 145 11.01 -66.21 32.08
N THR F 146 10.72 -65.09 32.75
CA THR F 146 10.29 -65.14 34.13
C THR F 146 8.95 -65.83 34.29
N MET F 147 8.01 -65.56 33.39
CA MET F 147 6.66 -66.09 33.50
C MET F 147 6.59 -67.52 32.95
N PRO F 148 5.57 -68.30 33.30
CA PRO F 148 5.43 -69.64 32.70
C PRO F 148 5.16 -69.55 31.22
N PHE F 149 5.66 -70.54 30.49
CA PHE F 149 5.52 -70.56 29.04
C PHE F 149 4.11 -71.00 28.65
N THR F 150 3.47 -70.19 27.79
CA THR F 150 2.05 -70.33 27.46
C THR F 150 1.90 -70.36 25.94
N PRO F 151 2.07 -71.53 25.30
CA PRO F 151 1.91 -71.56 23.84
C PRO F 151 0.45 -71.46 23.42
N ALA F 152 0.11 -70.39 22.69
CA ALA F 152 -1.27 -70.18 22.27
C ALA F 152 -1.73 -71.18 21.23
N ALA F 153 -0.81 -71.88 20.56
CA ALA F 153 -1.21 -72.84 19.53
C ALA F 153 -1.97 -74.02 20.11
N MET F 154 -1.64 -74.43 21.34
CA MET F 154 -2.31 -75.57 21.95
C MET F 154 -3.79 -75.28 22.18
N ARG F 155 -4.10 -74.11 22.74
CA ARG F 155 -5.48 -73.68 22.92
C ARG F 155 -6.08 -73.07 21.65
N SER F 156 -5.34 -73.05 20.53
CA SER F 156 -5.84 -72.51 19.27
C SER F 156 -6.18 -71.03 19.41
N GLU F 157 -5.17 -70.22 19.74
CA GLU F 157 -5.37 -68.81 20.06
C GLU F 157 -4.29 -67.90 19.47
N THR F 158 -3.54 -68.36 18.47
CA THR F 158 -2.53 -67.52 17.86
C THR F 158 -3.19 -66.44 17.00
N LEU F 159 -2.36 -65.53 16.47
CA LEU F 159 -2.85 -64.50 15.58
C LEU F 159 -3.42 -65.13 14.31
N GLY F 160 -4.43 -64.48 13.74
CA GLY F 160 -5.08 -65.00 12.56
C GLY F 160 -4.16 -65.07 11.37
N PHE F 161 -4.30 -66.13 10.58
CA PHE F 161 -3.33 -66.39 9.52
C PHE F 161 -3.51 -65.47 8.33
N TYR F 162 -4.73 -65.01 8.05
CA TYR F 162 -4.92 -64.08 6.94
C TYR F 162 -4.28 -62.74 7.29
N PRO F 163 -3.56 -62.08 6.34
CA PRO F 163 -2.89 -60.83 6.71
C PRO F 163 -3.82 -59.63 6.71
N TRP F 164 -4.77 -59.59 5.77
CA TRP F 164 -5.64 -58.42 5.65
C TRP F 164 -6.67 -58.36 6.76
N LYS F 165 -7.20 -59.49 7.19
CA LYS F 165 -8.25 -59.46 8.21
C LYS F 165 -7.65 -59.03 9.54
N PRO F 166 -8.35 -58.26 10.38
CA PRO F 166 -7.80 -57.94 11.70
C PRO F 166 -7.73 -59.17 12.58
N THR F 167 -7.04 -59.00 13.71
CA THR F 167 -6.80 -60.07 14.67
C THR F 167 -6.97 -59.53 16.08
N ILE F 168 -6.91 -60.44 17.06
CA ILE F 168 -6.95 -60.13 18.49
C ILE F 168 -5.88 -60.92 19.23
N PRO F 169 -5.45 -60.47 20.43
CA PRO F 169 -4.82 -61.39 21.36
C PRO F 169 -5.92 -62.08 22.16
N THR F 170 -5.56 -63.00 23.05
CA THR F 170 -6.49 -63.69 23.92
C THR F 170 -6.06 -63.49 25.36
N PRO F 171 -6.98 -63.65 26.32
CA PRO F 171 -6.60 -63.39 27.72
C PRO F 171 -5.52 -64.36 28.20
N TRP F 172 -4.55 -63.83 28.92
CA TRP F 172 -3.50 -64.65 29.48
C TRP F 172 -4.02 -65.36 30.72
N ARG F 173 -3.60 -66.60 30.91
CA ARG F 173 -3.92 -67.35 32.11
C ARG F 173 -2.91 -68.47 32.28
N TYR F 174 -2.56 -68.74 33.53
CA TYR F 174 -1.66 -69.83 33.88
C TYR F 174 -2.26 -70.57 35.07
N TYR F 175 -1.91 -71.84 35.19
CA TYR F 175 -2.47 -72.70 36.21
C TYR F 175 -1.88 -72.39 37.58
N PHE F 207 2.39 -67.28 43.44
CA PHE F 207 1.68 -66.18 42.80
C PHE F 207 2.48 -65.61 41.64
N TYR F 208 1.81 -64.85 40.78
CA TYR F 208 2.46 -64.17 39.67
C TYR F 208 1.66 -62.94 39.28
N THR F 209 2.38 -61.88 38.91
CA THR F 209 1.81 -60.69 38.31
C THR F 209 2.77 -60.19 37.26
N ILE F 210 2.21 -59.59 36.20
CA ILE F 210 3.05 -59.04 35.14
C ILE F 210 3.68 -57.72 35.57
N GLU F 211 3.04 -57.01 36.51
CA GLU F 211 3.56 -55.72 36.94
C GLU F 211 4.90 -55.86 37.64
N ASN F 212 5.08 -56.92 38.43
CA ASN F 212 6.30 -57.13 39.22
C ASN F 212 7.36 -57.95 38.50
N SER F 213 7.01 -58.67 37.44
CA SER F 213 7.90 -59.66 36.85
C SER F 213 8.76 -59.14 35.70
N VAL F 214 8.56 -57.90 35.26
CA VAL F 214 9.25 -57.41 34.06
C VAL F 214 9.22 -55.89 34.05
N PRO F 215 10.18 -55.19 33.44
CA PRO F 215 9.97 -53.76 33.17
C PRO F 215 8.90 -53.58 32.11
N VAL F 216 7.90 -52.77 32.44
CA VAL F 216 6.70 -52.60 31.63
C VAL F 216 6.76 -51.22 30.98
N HIS F 217 6.80 -51.21 29.65
CA HIS F 217 6.83 -49.96 28.89
C HIS F 217 5.43 -49.40 28.73
N LEU F 218 5.36 -48.11 28.42
CA LEU F 218 4.13 -47.34 28.35
C LEU F 218 4.09 -46.59 27.04
N LEU F 219 3.17 -46.99 26.16
CA LEU F 219 3.12 -46.51 24.78
C LEU F 219 1.85 -45.68 24.61
N ARG F 220 2.01 -44.36 24.57
CA ARG F 220 0.93 -43.47 24.19
C ARG F 220 0.81 -43.46 22.66
N THR F 221 -0.25 -42.84 22.17
CA THR F 221 -0.42 -42.64 20.73
C THR F 221 0.74 -41.85 20.15
N GLY F 222 1.51 -42.50 19.27
CA GLY F 222 2.66 -41.91 18.61
C GLY F 222 3.99 -42.56 18.95
N ASP F 223 4.05 -43.38 20.00
CA ASP F 223 5.28 -44.07 20.35
C ASP F 223 5.46 -45.32 19.49
N GLU F 224 6.66 -45.90 19.59
CA GLU F 224 7.00 -47.17 18.97
C GLU F 224 7.68 -48.05 20.01
N PHE F 225 7.41 -49.35 19.93
CA PHE F 225 8.11 -50.36 20.72
C PHE F 225 8.75 -51.30 19.71
N ALA F 226 10.03 -51.62 19.95
CA ALA F 226 10.79 -52.53 19.11
C ALA F 226 11.54 -53.50 19.99
N THR F 227 11.40 -54.78 19.71
CA THR F 227 12.02 -55.82 20.51
C THR F 227 13.48 -56.01 20.13
N GLY F 228 14.29 -56.43 21.10
CA GLY F 228 15.61 -56.92 20.79
C GLY F 228 15.50 -58.26 20.09
N THR F 229 16.19 -58.40 18.96
CA THR F 229 16.05 -59.60 18.15
C THR F 229 16.59 -60.83 18.89
N PHE F 230 15.84 -61.93 18.79
CA PHE F 230 16.24 -63.22 19.32
C PHE F 230 16.96 -64.01 18.23
N PHE F 231 17.82 -64.94 18.66
CA PHE F 231 18.59 -65.78 17.77
C PHE F 231 18.49 -67.24 18.20
N PHE F 232 18.26 -68.11 17.21
CA PHE F 232 18.11 -69.56 17.40
C PHE F 232 17.15 -69.93 18.53
N TYR F 342 -6.64 -81.65 15.06
CA TYR F 342 -6.62 -80.20 15.19
C TYR F 342 -8.00 -79.59 14.95
N ALA F 343 -8.33 -78.57 15.74
CA ALA F 343 -9.54 -77.77 15.57
C ALA F 343 -9.14 -76.31 15.51
N PHE F 344 -9.67 -75.60 14.52
CA PHE F 344 -9.28 -74.21 14.25
C PHE F 344 -10.49 -73.42 13.78
N GLY F 345 -10.59 -72.18 14.26
CA GLY F 345 -11.73 -71.33 14.00
C GLY F 345 -11.58 -70.49 12.75
N ARG F 346 -12.52 -69.54 12.61
CA ARG F 346 -12.55 -68.69 11.42
C ARG F 346 -11.32 -67.80 11.35
N GLN F 347 -10.88 -67.29 12.49
CA GLN F 347 -9.60 -66.59 12.55
C GLN F 347 -8.44 -67.50 12.18
N HIS F 348 -8.56 -68.80 12.44
CA HIS F 348 -7.46 -69.75 12.30
C HIS F 348 -7.62 -70.70 11.12
N GLY F 349 -8.39 -70.32 10.09
CA GLY F 349 -8.39 -71.02 8.81
C GLY F 349 -9.67 -71.70 8.41
N GLN F 350 -10.72 -71.72 9.23
CA GLN F 350 -12.01 -72.24 8.78
C GLN F 350 -12.57 -71.31 7.70
N LYS F 351 -13.45 -71.84 6.85
CA LYS F 351 -14.09 -71.04 5.81
C LYS F 351 -14.87 -69.91 6.48
N THR F 352 -14.67 -68.68 6.00
CA THR F 352 -15.11 -67.51 6.74
C THR F 352 -16.63 -67.42 6.79
N THR F 353 -17.31 -67.78 5.69
CA THR F 353 -18.75 -67.58 5.61
C THR F 353 -19.55 -68.63 6.38
N THR F 354 -18.93 -69.66 6.91
CA THR F 354 -19.67 -70.69 7.63
C THR F 354 -20.27 -70.14 8.91
N THR F 355 -21.50 -70.56 9.21
CA THR F 355 -22.22 -70.14 10.39
C THR F 355 -22.10 -71.17 11.50
N GLY F 356 -22.46 -70.75 12.72
CA GLY F 356 -22.56 -71.66 13.83
C GLY F 356 -21.28 -71.79 14.64
N GLU F 357 -21.37 -72.62 15.68
CA GLU F 357 -20.28 -72.81 16.62
C GLU F 357 -19.31 -73.92 16.23
N THR F 358 -19.49 -74.54 15.08
CA THR F 358 -18.72 -75.75 14.76
C THR F 358 -17.36 -75.36 14.22
N PRO F 359 -16.24 -75.71 14.87
CA PRO F 359 -14.93 -75.39 14.29
C PRO F 359 -14.57 -76.37 13.19
N GLU F 360 -13.87 -75.85 12.17
CA GLU F 360 -13.32 -76.72 11.14
C GLU F 360 -12.15 -77.52 11.70
N ARG F 361 -11.98 -78.74 11.19
CA ARG F 361 -11.09 -79.72 11.79
C ARG F 361 -10.38 -80.52 10.70
N PHE F 362 -9.21 -81.06 11.06
CA PHE F 362 -8.48 -81.99 10.22
C PHE F 362 -7.61 -82.85 11.10
N THR F 363 -7.12 -83.96 10.55
CA THR F 363 -6.24 -84.86 11.27
C THR F 363 -5.43 -85.70 10.28
N VAL F 427 1.17 -79.87 10.39
CA VAL F 427 2.26 -78.96 10.73
C VAL F 427 1.95 -77.54 10.27
N TYR F 428 1.23 -77.43 9.14
CA TYR F 428 0.76 -76.17 8.57
C TYR F 428 -0.77 -76.16 8.52
N PRO F 429 -1.44 -75.02 8.81
CA PRO F 429 -0.97 -73.71 9.30
C PRO F 429 -0.90 -73.63 10.83
N ASN F 430 -1.60 -74.50 11.54
CA ASN F 430 -1.78 -74.36 12.98
C ASN F 430 -0.63 -74.93 13.81
N GLY F 431 0.37 -75.54 13.18
CA GLY F 431 1.44 -76.16 13.96
C GLY F 431 2.31 -75.14 14.64
N GLN F 432 2.78 -75.48 15.83
CA GLN F 432 3.68 -74.61 16.58
C GLN F 432 5.07 -74.63 15.96
N ILE F 433 5.66 -73.44 15.84
CA ILE F 433 6.99 -73.34 15.21
C ILE F 433 8.06 -73.81 16.17
N TRP F 434 8.24 -73.11 17.29
CA TRP F 434 9.33 -73.33 18.22
C TRP F 434 8.78 -73.84 19.55
N ASP F 435 9.63 -74.56 20.28
CA ASP F 435 9.27 -75.04 21.60
C ASP F 435 9.20 -73.89 22.58
N CYS F 458 15.17 -69.61 24.95
CA CYS F 458 13.78 -69.60 24.49
C CYS F 458 13.34 -68.14 24.22
N PRO F 459 12.53 -67.88 23.18
CA PRO F 459 12.08 -66.50 22.96
C PRO F 459 11.18 -66.01 24.08
N GLY F 460 11.28 -64.72 24.38
CA GLY F 460 10.35 -64.10 25.31
C GLY F 460 9.05 -63.73 24.63
N GLN F 461 7.96 -63.84 25.39
CA GLN F 461 6.61 -63.74 24.86
C GLN F 461 5.98 -62.42 25.29
N LEU F 462 5.26 -61.78 24.36
CA LEU F 462 4.89 -60.38 24.46
C LEU F 462 3.51 -60.24 25.08
N PHE F 463 3.39 -59.31 26.02
CA PHE F 463 2.15 -59.02 26.73
C PHE F 463 1.73 -57.59 26.47
N VAL F 464 0.42 -57.33 26.56
CA VAL F 464 -0.16 -56.02 26.26
C VAL F 464 -1.41 -55.83 27.11
N LYS F 465 -1.75 -54.57 27.36
CA LYS F 465 -2.98 -54.22 28.06
C LYS F 465 -3.16 -52.71 27.89
N VAL F 466 -4.40 -52.28 27.65
CA VAL F 466 -4.70 -50.85 27.64
C VAL F 466 -4.78 -50.37 29.08
N ALA F 467 -4.14 -49.25 29.37
CA ALA F 467 -3.97 -48.81 30.75
C ALA F 467 -5.31 -48.40 31.36
N PRO F 468 -5.43 -48.40 32.70
CA PRO F 468 -6.71 -48.02 33.30
C PRO F 468 -7.02 -46.54 33.13
N ASN F 469 -8.11 -46.24 32.40
CA ASN F 469 -8.62 -44.87 32.26
C ASN F 469 -9.69 -44.68 33.33
N LEU F 470 -9.31 -43.97 34.39
CA LEU F 470 -10.21 -43.78 35.53
C LEU F 470 -11.19 -42.66 35.27
N THR F 471 -12.43 -42.86 35.73
CA THR F 471 -13.41 -41.79 35.82
C THR F 471 -13.18 -40.97 37.08
N ASN F 472 -13.96 -39.90 37.23
CA ASN F 472 -13.84 -39.02 38.39
C ASN F 472 -14.67 -39.49 39.60
N GLU F 473 -15.42 -40.59 39.48
CA GLU F 473 -16.18 -41.11 40.61
C GLU F 473 -15.35 -42.04 41.49
N TYR F 474 -14.09 -42.29 41.14
CA TYR F 474 -13.36 -43.40 41.74
C TYR F 474 -12.95 -43.09 43.17
N ASP F 475 -13.36 -43.97 44.09
CA ASP F 475 -12.83 -44.06 45.44
C ASP F 475 -12.18 -45.42 45.63
N PRO F 476 -10.92 -45.54 46.08
CA PRO F 476 -10.32 -46.88 46.14
C PRO F 476 -10.86 -47.75 47.27
N ASP F 477 -11.49 -47.14 48.28
CA ASP F 477 -12.03 -47.88 49.42
C ASP F 477 -13.37 -48.54 49.13
N ALA F 478 -13.87 -48.47 47.90
CA ALA F 478 -15.16 -49.07 47.58
C ALA F 478 -15.09 -50.59 47.63
N SER F 479 -16.11 -51.21 48.22
CA SER F 479 -16.21 -52.66 48.19
C SER F 479 -16.39 -53.18 46.77
N ALA F 480 -17.23 -52.50 45.99
CA ALA F 480 -17.52 -52.93 44.63
C ALA F 480 -16.34 -52.63 43.71
N ASN F 481 -16.43 -53.15 42.49
CA ASN F 481 -15.40 -52.91 41.49
C ASN F 481 -15.41 -51.44 41.09
N MET F 482 -14.25 -50.97 40.62
CA MET F 482 -14.16 -49.60 40.16
C MET F 482 -14.94 -49.40 38.87
N SER F 483 -15.04 -48.15 38.45
CA SER F 483 -15.62 -47.78 37.15
C SER F 483 -14.52 -47.20 36.29
N ARG F 484 -14.55 -47.53 35.00
CA ARG F 484 -13.59 -47.01 34.02
C ARG F 484 -14.35 -46.60 32.76
N ILE F 485 -13.76 -45.67 32.02
CA ILE F 485 -14.32 -45.29 30.73
C ILE F 485 -14.19 -46.47 29.79
N VAL F 486 -15.25 -46.72 29.01
CA VAL F 486 -15.20 -47.79 28.02
C VAL F 486 -14.15 -47.40 26.98
N THR F 487 -13.04 -48.12 26.97
CA THR F 487 -11.87 -47.78 26.17
C THR F 487 -11.40 -49.02 25.43
N TYR F 488 -10.83 -48.80 24.25
CA TYR F 488 -10.23 -49.87 23.48
C TYR F 488 -9.11 -49.28 22.64
N SER F 489 -8.43 -50.16 21.91
CA SER F 489 -7.28 -49.78 21.10
C SER F 489 -7.07 -50.77 19.99
N ASP F 490 -6.26 -50.37 19.01
CA ASP F 490 -5.69 -51.30 18.05
C ASP F 490 -4.32 -50.79 17.65
N PHE F 491 -3.48 -51.70 17.16
CA PHE F 491 -2.10 -51.39 16.87
C PHE F 491 -1.56 -52.36 15.83
N TRP F 492 -0.72 -51.85 14.94
CA TRP F 492 -0.13 -52.66 13.87
C TRP F 492 1.12 -53.35 14.42
N TRP F 493 1.04 -54.68 14.58
CA TRP F 493 2.19 -55.50 14.92
C TRP F 493 2.94 -55.84 13.64
N LYS F 494 4.27 -55.89 13.74
CA LYS F 494 5.12 -56.43 12.69
C LYS F 494 6.22 -57.27 13.32
N GLY F 495 6.55 -58.39 12.67
CA GLY F 495 7.68 -59.21 13.06
C GLY F 495 8.44 -59.70 11.85
N LYS F 496 9.57 -60.35 12.13
CA LYS F 496 10.47 -60.84 11.10
C LYS F 496 11.16 -62.10 11.60
N LEU F 497 11.06 -63.17 10.81
CA LEU F 497 11.79 -64.42 11.03
C LEU F 497 12.81 -64.61 9.92
N VAL F 498 13.92 -65.26 10.27
CA VAL F 498 14.97 -65.64 9.33
C VAL F 498 15.20 -67.12 9.49
N PHE F 499 15.07 -67.86 8.38
CA PHE F 499 15.32 -69.29 8.32
C PHE F 499 16.40 -69.55 7.27
N LYS F 500 17.20 -70.59 7.51
CA LYS F 500 18.26 -71.02 6.61
C LYS F 500 17.94 -72.41 6.09
N ALA F 501 18.06 -72.59 4.78
CA ALA F 501 17.81 -73.87 4.14
C ALA F 501 18.70 -73.95 2.90
N LYS F 502 18.43 -74.94 2.04
CA LYS F 502 19.21 -75.16 0.82
C LYS F 502 18.28 -75.23 -0.39
N MET F 515 3.95 -81.43 -10.52
CA MET F 515 4.73 -80.39 -9.86
C MET F 515 3.92 -79.13 -9.52
N SER F 516 2.73 -79.00 -10.12
CA SER F 516 1.89 -77.81 -9.99
C SER F 516 0.62 -78.14 -9.20
N ILE F 517 -0.24 -77.13 -9.04
CA ILE F 517 -1.54 -77.28 -8.41
C ILE F 517 -2.38 -78.22 -9.26
N ASN F 518 -3.34 -78.90 -8.64
CA ASN F 518 -4.22 -79.84 -9.33
C ASN F 518 -5.62 -79.69 -8.79
N VAL F 519 -6.54 -80.54 -9.29
CA VAL F 519 -7.95 -80.39 -9.00
C VAL F 519 -8.26 -80.69 -7.54
N ASP F 520 -7.53 -81.63 -6.93
CA ASP F 520 -7.82 -82.03 -5.55
C ASP F 520 -7.59 -80.90 -4.55
N ASN F 521 -6.73 -79.92 -4.88
CA ASN F 521 -6.50 -78.72 -4.09
C ASN F 521 -6.79 -77.47 -4.92
N GLN F 522 -7.87 -77.52 -5.70
CA GLN F 522 -8.19 -76.43 -6.62
C GLN F 522 -8.48 -75.13 -5.90
N PHE F 523 -9.13 -75.18 -4.74
CA PHE F 523 -9.67 -74.02 -4.05
C PHE F 523 -8.96 -73.82 -2.71
N ASN F 524 -7.63 -73.97 -2.72
CA ASN F 524 -6.82 -73.67 -1.55
C ASN F 524 -6.40 -72.21 -1.48
N TYR F 525 -6.46 -71.48 -2.61
CA TYR F 525 -5.76 -70.20 -2.75
C TYR F 525 -6.62 -69.18 -3.50
N VAL F 526 -7.94 -69.27 -3.39
CA VAL F 526 -8.86 -68.34 -4.04
C VAL F 526 -10.09 -68.10 -3.15
N PRO F 527 -10.78 -66.96 -3.27
CA PRO F 527 -11.98 -66.75 -2.44
C PRO F 527 -13.19 -67.48 -3.00
N SER F 528 -14.25 -67.49 -2.19
CA SER F 528 -15.58 -67.82 -2.69
C SER F 528 -16.17 -66.59 -3.38
N ASN F 529 -17.26 -66.82 -4.11
CA ASN F 529 -17.96 -65.70 -4.75
C ASN F 529 -18.54 -64.75 -3.71
N ILE F 530 -18.95 -65.27 -2.56
CA ILE F 530 -19.46 -64.41 -1.49
C ILE F 530 -18.33 -63.56 -0.92
N GLY F 531 -17.15 -64.17 -0.72
CA GLY F 531 -15.95 -63.45 -0.29
C GLY F 531 -15.13 -64.14 0.79
N GLY F 532 -15.48 -65.36 1.18
CA GLY F 532 -14.79 -66.02 2.27
C GLY F 532 -13.44 -66.59 1.86
N MET F 533 -12.66 -66.97 2.88
CA MET F 533 -11.35 -67.59 2.72
C MET F 533 -11.22 -68.80 3.61
N LYS F 534 -10.42 -69.75 3.14
CA LYS F 534 -10.07 -70.96 3.87
C LYS F 534 -8.60 -71.26 3.63
N ILE F 535 -7.99 -71.96 4.57
CA ILE F 535 -6.63 -72.49 4.44
C ILE F 535 -6.73 -73.99 4.62
N VAL F 536 -6.23 -74.73 3.63
CA VAL F 536 -6.19 -76.19 3.72
C VAL F 536 -4.94 -76.62 4.48
N TYR F 537 -5.02 -77.79 5.10
CA TYR F 537 -3.84 -78.36 5.74
C TYR F 537 -2.85 -78.82 4.67
N GLU F 538 -1.60 -79.00 5.09
CA GLU F 538 -0.52 -79.33 4.17
C GLU F 538 0.55 -80.12 4.90
N LYS F 539 1.42 -80.75 4.13
CA LYS F 539 2.54 -81.51 4.67
C LYS F 539 3.48 -80.62 5.47
N GLY G 1 4.55 -31.97 12.54
CA GLY G 1 3.31 -32.46 13.19
C GLY G 1 2.06 -32.25 12.36
N VAL G 2 0.92 -32.16 13.04
CA VAL G 2 -0.37 -32.03 12.34
C VAL G 2 -0.47 -30.68 11.63
N GLY G 3 0.07 -29.63 12.22
CA GLY G 3 -0.22 -28.28 11.78
C GLY G 3 0.69 -27.72 10.69
N ILE G 4 1.54 -28.54 10.08
CA ILE G 4 2.52 -28.10 9.09
C ILE G 4 2.26 -28.84 7.78
N SER G 5 2.27 -28.11 6.67
CA SER G 5 2.17 -28.71 5.36
C SER G 5 3.50 -29.34 4.98
N THR G 6 3.48 -30.17 3.92
CA THR G 6 4.64 -30.91 3.46
C THR G 6 4.90 -30.79 1.96
N GLY G 7 4.00 -30.18 1.19
CA GLY G 7 4.17 -30.07 -0.24
C GLY G 7 3.42 -28.88 -0.80
N THR G 8 3.59 -28.66 -2.10
CA THR G 8 3.02 -27.53 -2.82
C THR G 8 2.27 -28.02 -4.03
N PHE G 9 1.07 -27.48 -4.23
CA PHE G 9 0.35 -27.69 -5.47
C PHE G 9 1.15 -27.02 -6.59
N ASN G 10 1.14 -27.66 -7.76
CA ASN G 10 1.85 -27.16 -8.93
C ASN G 10 1.25 -27.77 -10.17
N ASN G 11 0.84 -26.92 -11.11
CA ASN G 11 0.18 -27.33 -12.35
C ASN G 11 0.70 -26.60 -13.58
N GLN G 12 1.69 -25.71 -13.45
CA GLN G 12 2.19 -24.98 -14.61
C GLN G 12 3.19 -25.86 -15.34
N THR G 13 2.83 -26.27 -16.55
CA THR G 13 3.75 -27.00 -17.39
C THR G 13 4.78 -26.04 -17.97
N GLU G 14 6.05 -26.35 -17.75
CA GLU G 14 7.15 -25.45 -18.05
C GLU G 14 7.88 -25.94 -19.28
N PHE G 15 8.47 -24.98 -20.01
CA PHE G 15 9.25 -25.25 -21.21
C PHE G 15 10.64 -24.67 -21.01
N LYS G 16 11.66 -25.49 -21.29
CA LYS G 16 13.06 -25.10 -21.17
C LYS G 16 13.78 -25.56 -22.42
N PHE G 17 14.59 -24.68 -23.00
CA PHE G 17 15.16 -24.87 -24.32
C PHE G 17 16.64 -25.24 -24.20
N LEU G 18 17.02 -26.28 -24.94
CA LEU G 18 18.33 -26.92 -24.86
C LEU G 18 19.09 -26.71 -26.18
N GLU G 19 20.29 -27.28 -26.28
CA GLU G 19 21.11 -27.16 -27.47
C GLU G 19 20.46 -27.88 -28.65
N ASN G 20 20.75 -27.36 -29.85
CA ASN G 20 20.34 -27.97 -31.13
C ASN G 20 18.82 -28.11 -31.22
N GLY G 21 18.09 -27.16 -30.64
CA GLY G 21 16.65 -27.11 -30.83
C GLY G 21 15.84 -28.05 -29.97
N TRP G 22 16.46 -28.85 -29.12
CA TRP G 22 15.69 -29.61 -28.15
C TRP G 22 15.00 -28.66 -27.18
N VAL G 23 13.85 -29.10 -26.67
CA VAL G 23 13.12 -28.39 -25.62
C VAL G 23 12.68 -29.41 -24.58
N GLU G 24 12.97 -29.11 -23.31
CA GLU G 24 12.54 -29.93 -22.19
C GLU G 24 11.21 -29.40 -21.68
N ILE G 25 10.20 -30.27 -21.66
CA ILE G 25 8.85 -29.94 -21.22
C ILE G 25 8.62 -30.67 -19.91
N THR G 26 8.35 -29.91 -18.85
CA THR G 26 8.19 -30.43 -17.49
C THR G 26 6.72 -30.25 -17.11
N ALA G 27 5.93 -31.30 -17.31
CA ALA G 27 4.50 -31.25 -17.05
C ALA G 27 4.25 -31.50 -15.56
N ASN G 28 4.38 -30.44 -14.77
CA ASN G 28 3.94 -30.52 -13.39
C ASN G 28 2.43 -30.70 -13.35
N SER G 29 1.95 -31.53 -12.43
CA SER G 29 0.53 -31.76 -12.30
C SER G 29 0.18 -32.08 -10.85
N SER G 30 -0.96 -31.54 -10.41
CA SER G 30 -1.42 -31.72 -9.04
C SER G 30 -2.95 -31.70 -9.02
N ARG G 31 -3.52 -32.39 -8.04
CA ARG G 31 -4.97 -32.42 -7.89
C ARG G 31 -5.31 -33.13 -6.59
N LEU G 32 -6.43 -32.73 -6.00
CA LEU G 32 -6.91 -33.35 -4.77
C LEU G 32 -7.63 -34.65 -5.12
N VAL G 33 -7.47 -35.66 -4.27
CA VAL G 33 -7.84 -37.03 -4.57
C VAL G 33 -8.58 -37.59 -3.36
N HIS G 34 -9.87 -37.87 -3.54
CA HIS G 34 -10.80 -38.15 -2.46
C HIS G 34 -11.25 -39.60 -2.51
N LEU G 35 -11.24 -40.28 -1.36
CA LEU G 35 -11.34 -41.73 -1.28
C LEU G 35 -12.28 -42.11 -0.14
N ASN G 36 -13.34 -42.86 -0.45
CA ASN G 36 -14.18 -43.49 0.55
C ASN G 36 -13.60 -44.85 0.92
N MET G 37 -14.02 -45.37 2.08
CA MET G 37 -13.52 -46.66 2.52
C MET G 37 -14.10 -47.77 1.63
N PRO G 38 -13.46 -48.94 1.61
CA PRO G 38 -13.92 -49.99 0.68
C PRO G 38 -15.29 -50.53 1.06
N GLU G 39 -15.87 -51.29 0.13
CA GLU G 39 -17.15 -51.94 0.41
C GLU G 39 -16.99 -52.96 1.52
N SER G 40 -15.91 -53.72 1.50
CA SER G 40 -15.59 -54.66 2.57
C SER G 40 -14.10 -54.92 2.53
N GLU G 41 -13.57 -55.43 3.63
CA GLU G 41 -12.15 -55.74 3.71
C GLU G 41 -11.76 -56.94 2.84
N ASN G 42 -12.72 -57.78 2.45
CA ASN G 42 -12.39 -59.06 1.84
C ASN G 42 -12.05 -58.92 0.37
N TYR G 43 -11.12 -59.75 -0.08
CA TYR G 43 -10.97 -60.05 -1.50
C TYR G 43 -12.14 -60.92 -1.95
N ARG G 44 -12.68 -60.60 -3.11
CA ARG G 44 -13.90 -61.21 -3.62
C ARG G 44 -13.74 -61.55 -5.11
N ARG G 45 -13.78 -62.82 -5.43
CA ARG G 45 -13.96 -63.26 -6.81
C ARG G 45 -15.41 -63.04 -7.19
N VAL G 46 -15.65 -62.81 -8.47
CA VAL G 46 -17.01 -62.71 -8.99
C VAL G 46 -16.98 -63.08 -10.48
N VAL G 47 -17.89 -63.97 -10.86
CA VAL G 47 -18.03 -64.42 -12.24
C VAL G 47 -19.16 -63.61 -12.84
N VAL G 48 -18.80 -62.49 -13.46
CA VAL G 48 -19.79 -61.67 -14.16
C VAL G 48 -20.32 -62.46 -15.34
N ASN G 49 -21.64 -62.42 -15.55
CA ASN G 49 -22.28 -63.19 -16.60
C ASN G 49 -23.49 -62.43 -17.13
N ASN G 50 -23.76 -62.64 -18.42
CA ASN G 50 -24.90 -62.06 -19.12
C ASN G 50 -25.53 -63.11 -20.05
N MET G 51 -25.64 -64.34 -19.53
CA MET G 51 -26.10 -65.48 -20.34
C MET G 51 -27.51 -65.28 -20.88
N ASP G 52 -28.35 -64.56 -20.14
CA ASP G 52 -29.71 -64.30 -20.62
C ASP G 52 -29.68 -63.44 -21.88
N LYS G 53 -28.80 -62.44 -21.93
CA LYS G 53 -28.68 -61.61 -23.12
C LYS G 53 -27.93 -62.34 -24.23
N THR G 54 -26.99 -63.21 -23.88
CA THR G 54 -26.18 -63.90 -24.88
C THR G 54 -26.90 -65.09 -25.49
N ALA G 55 -27.90 -65.65 -24.79
CA ALA G 55 -28.54 -66.87 -25.26
C ALA G 55 -29.34 -66.67 -26.54
N VAL G 56 -29.79 -65.45 -26.83
CA VAL G 56 -30.57 -65.21 -28.05
C VAL G 56 -29.65 -65.34 -29.25
N ASN G 57 -30.14 -66.04 -30.28
CA ASN G 57 -29.34 -66.24 -31.48
C ASN G 57 -29.14 -64.93 -32.22
N GLY G 58 -28.04 -64.84 -32.96
CA GLY G 58 -27.73 -63.64 -33.72
C GLY G 58 -27.22 -62.48 -32.90
N ASN G 59 -26.69 -62.73 -31.70
CA ASN G 59 -26.25 -61.68 -30.79
C ASN G 59 -24.95 -62.07 -30.11
N MET G 60 -23.98 -62.58 -30.89
CA MET G 60 -22.73 -63.04 -30.29
C MET G 60 -21.91 -61.87 -29.74
N ALA G 61 -21.98 -60.71 -30.37
CA ALA G 61 -21.02 -59.64 -30.10
C ALA G 61 -21.20 -59.00 -28.72
N LEU G 62 -22.38 -59.11 -28.11
CA LEU G 62 -22.66 -58.44 -26.85
C LEU G 62 -22.18 -59.24 -25.62
N ASP G 63 -21.40 -60.31 -25.82
CA ASP G 63 -20.97 -61.17 -24.73
C ASP G 63 -20.12 -60.35 -23.76
N ASP G 64 -20.43 -60.48 -22.47
CA ASP G 64 -19.77 -59.72 -21.41
C ASP G 64 -19.39 -60.60 -20.23
N ILE G 65 -19.31 -61.92 -20.40
CA ILE G 65 -18.94 -62.79 -19.30
C ILE G 65 -17.45 -62.62 -19.02
N HIS G 66 -17.10 -62.51 -17.75
CA HIS G 66 -15.71 -62.53 -17.34
C HIS G 66 -15.66 -62.73 -15.83
N ALA G 67 -14.47 -63.09 -15.35
CA ALA G 67 -14.18 -63.31 -13.94
C ALA G 67 -13.11 -62.32 -13.49
N GLN G 68 -13.30 -61.74 -12.29
CA GLN G 68 -12.38 -60.76 -11.75
C GLN G 68 -12.34 -60.86 -10.24
N ILE G 69 -11.28 -60.29 -9.66
CA ILE G 69 -11.09 -60.21 -8.22
C ILE G 69 -11.39 -58.77 -7.84
N VAL G 70 -12.38 -58.57 -6.98
CA VAL G 70 -12.74 -57.25 -6.48
C VAL G 70 -11.98 -57.03 -5.18
N THR G 71 -11.01 -56.14 -5.21
CA THR G 71 -10.17 -55.81 -4.07
C THR G 71 -10.71 -54.59 -3.34
N PRO G 72 -10.41 -54.41 -2.04
CA PRO G 72 -10.72 -53.13 -1.41
C PRO G 72 -9.80 -52.00 -1.83
N TRP G 73 -8.69 -52.27 -2.50
CA TRP G 73 -7.75 -51.24 -2.86
C TRP G 73 -8.30 -50.42 -4.02
N SER G 74 -7.62 -49.30 -4.30
CA SER G 74 -8.07 -48.35 -5.31
C SER G 74 -6.84 -47.71 -5.96
N LEU G 75 -6.84 -47.67 -7.28
CA LEU G 75 -5.68 -47.28 -8.07
C LEU G 75 -5.72 -45.79 -8.35
N VAL G 76 -4.59 -45.13 -8.15
CA VAL G 76 -4.39 -43.74 -8.57
C VAL G 76 -3.62 -43.79 -9.88
N ASP G 77 -4.32 -43.60 -10.99
CA ASP G 77 -3.74 -43.65 -12.32
C ASP G 77 -3.68 -42.25 -12.91
N ALA G 78 -2.50 -41.87 -13.40
CA ALA G 78 -2.28 -40.60 -14.10
C ALA G 78 -1.82 -40.80 -15.53
N ASN G 79 -2.10 -41.97 -16.13
CA ASN G 79 -1.63 -42.29 -17.46
C ASN G 79 -2.65 -41.86 -18.51
N ALA G 80 -2.90 -40.57 -18.61
CA ALA G 80 -3.77 -40.03 -19.64
C ALA G 80 -3.35 -38.60 -19.94
N TRP G 81 -3.53 -38.19 -21.20
CA TRP G 81 -2.96 -36.92 -21.66
C TRP G 81 -3.62 -35.73 -20.97
N GLY G 82 -4.92 -35.82 -20.72
CA GLY G 82 -5.63 -34.70 -20.12
C GLY G 82 -5.15 -34.35 -18.71
N VAL G 83 -4.55 -35.31 -18.00
CA VAL G 83 -4.08 -35.04 -16.66
C VAL G 83 -2.90 -34.08 -16.64
N TRP G 84 -2.08 -34.05 -17.71
CA TRP G 84 -0.80 -33.36 -17.69
C TRP G 84 -0.71 -32.11 -18.55
N PHE G 85 -1.67 -31.85 -19.43
CA PHE G 85 -1.65 -30.69 -20.30
C PHE G 85 -3.07 -30.14 -20.47
N ASN G 86 -3.18 -28.82 -20.52
CA ASN G 86 -4.41 -28.15 -20.92
C ASN G 86 -4.34 -27.84 -22.40
N PRO G 87 -5.46 -27.40 -23.01
CA PRO G 87 -5.42 -27.08 -24.44
C PRO G 87 -4.44 -25.99 -24.83
N GLY G 88 -4.12 -25.08 -23.90
CA GLY G 88 -3.09 -24.09 -24.18
C GLY G 88 -1.73 -24.72 -24.37
N ASP G 89 -1.36 -25.69 -23.52
CA ASP G 89 -0.07 -26.33 -23.67
C ASP G 89 -0.05 -27.25 -24.88
N TRP G 90 -1.14 -27.99 -25.10
CA TRP G 90 -1.17 -28.94 -26.20
C TRP G 90 -1.16 -28.23 -27.54
N GLN G 91 -1.70 -27.01 -27.60
CA GLN G 91 -1.59 -26.26 -28.84
C GLN G 91 -0.13 -25.98 -29.14
N LEU G 92 0.68 -25.69 -28.12
CA LEU G 92 2.09 -25.46 -28.37
C LEU G 92 2.81 -26.76 -28.70
N ILE G 93 2.49 -27.84 -27.99
CA ILE G 93 3.22 -29.10 -28.15
C ILE G 93 2.93 -29.70 -29.52
N VAL G 94 1.67 -29.69 -29.93
CA VAL G 94 1.28 -30.33 -31.19
C VAL G 94 1.92 -29.61 -32.36
N ASN G 95 2.01 -28.29 -32.28
CA ASN G 95 2.06 -27.51 -33.51
C ASN G 95 3.50 -27.31 -33.93
N THR G 96 4.37 -26.98 -32.97
CA THR G 96 5.76 -26.64 -33.21
C THR G 96 6.69 -27.83 -33.12
N MET G 97 6.51 -28.71 -32.13
CA MET G 97 7.38 -29.88 -32.03
C MET G 97 7.07 -30.90 -33.12
N SER G 98 8.13 -31.62 -33.52
CA SER G 98 8.07 -32.69 -34.51
C SER G 98 8.20 -34.07 -33.88
N GLU G 99 9.29 -34.31 -33.13
CA GLU G 99 9.49 -35.54 -32.36
C GLU G 99 9.17 -35.28 -30.89
N LEU G 100 9.04 -36.36 -30.14
CA LEU G 100 8.66 -36.30 -28.73
C LEU G 100 9.21 -37.51 -28.01
N HIS G 101 9.97 -37.26 -26.94
CA HIS G 101 10.61 -38.30 -26.13
C HIS G 101 10.01 -38.27 -24.74
N LEU G 102 9.82 -39.44 -24.15
CA LEU G 102 9.44 -39.55 -22.74
C LEU G 102 10.69 -39.75 -21.90
N VAL G 103 10.92 -38.85 -20.94
CA VAL G 103 12.19 -38.76 -20.23
C VAL G 103 12.09 -39.38 -18.84
N SER G 104 11.22 -38.86 -17.98
CA SER G 104 11.19 -39.26 -16.59
C SER G 104 9.80 -38.98 -16.02
N PHE G 105 9.59 -39.42 -14.79
CA PHE G 105 8.25 -39.43 -14.20
C PHE G 105 8.37 -39.63 -12.69
N GLU G 106 7.48 -38.99 -11.94
CA GLU G 106 7.46 -39.15 -10.50
C GLU G 106 6.07 -38.81 -9.95
N GLN G 107 5.91 -39.03 -8.66
CA GLN G 107 4.65 -38.85 -7.95
C GLN G 107 4.95 -38.46 -6.52
N GLU G 108 3.95 -37.88 -5.86
CA GLU G 108 4.00 -37.74 -4.41
C GLU G 108 2.61 -37.45 -3.88
N ILE G 109 2.37 -37.92 -2.65
CA ILE G 109 1.11 -37.81 -1.93
C ILE G 109 1.40 -37.04 -0.65
N PHE G 110 0.77 -35.87 -0.50
CA PHE G 110 1.02 -35.01 0.65
C PHE G 110 -0.30 -34.43 1.16
N ASN G 111 -0.24 -33.90 2.38
CA ASN G 111 -1.37 -33.22 3.01
C ASN G 111 -2.55 -34.16 3.19
N VAL G 112 -2.25 -35.36 3.71
CA VAL G 112 -3.29 -36.34 3.97
C VAL G 112 -4.15 -35.87 5.13
N VAL G 113 -5.47 -35.96 4.96
CA VAL G 113 -6.45 -35.74 6.02
C VAL G 113 -7.47 -36.86 6.02
N LEU G 114 -7.81 -37.32 7.23
CA LEU G 114 -8.79 -38.36 7.46
C LEU G 114 -9.86 -37.81 8.39
N LYS G 115 -11.12 -38.14 8.10
CA LYS G 115 -12.25 -37.65 8.87
C LYS G 115 -13.26 -38.78 9.00
N THR G 116 -14.15 -38.65 9.98
CA THR G 116 -15.19 -39.64 10.25
C THR G 116 -16.54 -38.94 10.37
N VAL G 117 -17.60 -39.70 10.10
CA VAL G 117 -18.97 -39.21 10.06
C VAL G 117 -19.73 -39.85 11.23
N SER G 118 -20.44 -39.02 11.98
CA SER G 118 -21.38 -39.47 13.00
C SER G 118 -22.79 -39.02 12.60
N GLU G 119 -23.74 -39.93 12.74
CA GLU G 119 -25.11 -39.66 12.35
C GLU G 119 -25.73 -38.58 13.24
N THR G 126 -28.76 -34.46 9.47
CA THR G 126 -28.45 -34.88 10.85
C THR G 126 -27.05 -35.45 11.04
N LYS G 127 -26.24 -35.48 10.00
CA LYS G 127 -24.88 -36.02 10.11
C LYS G 127 -23.93 -34.90 10.49
N VAL G 128 -22.82 -35.28 11.14
CA VAL G 128 -21.80 -34.33 11.56
C VAL G 128 -20.43 -34.98 11.41
N TYR G 129 -19.44 -34.16 11.07
CA TYR G 129 -18.12 -34.61 10.65
C TYR G 129 -17.10 -34.34 11.75
N ASN G 130 -16.18 -35.28 11.93
CA ASN G 130 -15.15 -35.21 12.96
C ASN G 130 -13.81 -35.59 12.36
N ASN G 131 -12.75 -35.08 12.98
CA ASN G 131 -11.38 -35.34 12.54
C ASN G 131 -10.79 -36.47 13.36
N ASP G 132 -10.38 -37.55 12.69
CA ASP G 132 -9.55 -38.60 13.30
C ASP G 132 -8.10 -38.26 12.96
N LEU G 133 -7.45 -37.55 13.90
CA LEU G 133 -6.04 -37.23 13.72
C LEU G 133 -5.18 -38.49 13.77
N THR G 134 -5.62 -39.52 14.48
CA THR G 134 -4.83 -40.71 14.72
C THR G 134 -4.96 -41.74 13.60
N ALA G 135 -6.00 -41.68 12.78
CA ALA G 135 -6.22 -42.69 11.75
C ALA G 135 -5.13 -42.61 10.69
N SER G 136 -5.12 -43.64 9.81
CA SER G 136 -4.02 -43.87 8.88
C SER G 136 -4.55 -44.18 7.48
N LEU G 137 -3.76 -43.80 6.48
CA LEU G 137 -4.03 -44.10 5.07
C LEU G 137 -2.93 -45.02 4.57
N MET G 138 -3.33 -46.18 4.05
CA MET G 138 -2.37 -47.14 3.53
C MET G 138 -2.11 -46.85 2.06
N VAL G 139 -0.83 -46.70 1.72
CA VAL G 139 -0.37 -46.43 0.36
C VAL G 139 0.72 -47.43 0.01
N ALA G 140 0.65 -47.96 -1.22
CA ALA G 140 1.57 -48.98 -1.68
C ALA G 140 1.94 -48.69 -3.14
N LEU G 141 3.21 -48.92 -3.47
CA LEU G 141 3.75 -48.67 -4.80
C LEU G 141 4.40 -49.96 -5.31
N ASP G 142 3.83 -50.52 -6.37
CA ASP G 142 4.39 -51.74 -6.95
C ASP G 142 5.59 -51.27 -7.76
N SER G 143 6.76 -51.19 -7.11
CA SER G 143 7.96 -50.76 -7.81
C SER G 143 8.51 -51.81 -8.77
N ASN G 144 8.22 -53.09 -8.54
CA ASN G 144 8.77 -54.17 -9.34
C ASN G 144 7.91 -54.57 -10.53
N ASN G 145 6.74 -53.96 -10.72
CA ASN G 145 5.78 -54.37 -11.74
C ASN G 145 5.40 -55.85 -11.59
N THR G 146 5.29 -56.29 -10.35
CA THR G 146 4.88 -57.65 -10.05
C THR G 146 3.36 -57.82 -10.04
N MET G 147 2.62 -56.79 -9.62
CA MET G 147 1.17 -56.83 -9.69
C MET G 147 0.73 -56.73 -11.15
N PRO G 148 -0.46 -57.25 -11.51
CA PRO G 148 -0.89 -57.18 -12.90
C PRO G 148 -1.28 -55.76 -13.30
N PHE G 149 -0.83 -55.36 -14.48
CA PHE G 149 -0.87 -53.96 -14.88
C PHE G 149 -2.19 -53.65 -15.58
N THR G 150 -2.83 -52.55 -15.17
CA THR G 150 -4.21 -52.25 -15.52
C THR G 150 -4.29 -50.93 -16.28
N PRO G 151 -4.48 -50.93 -17.62
CA PRO G 151 -4.73 -49.74 -18.41
C PRO G 151 -6.00 -49.05 -17.96
N ALA G 152 -5.89 -48.30 -16.87
CA ALA G 152 -7.07 -47.64 -16.29
C ALA G 152 -7.62 -46.53 -17.17
N ALA G 153 -6.85 -46.07 -18.16
CA ALA G 153 -7.40 -45.11 -19.12
C ALA G 153 -8.35 -45.78 -20.10
N MET G 154 -8.14 -47.08 -20.40
CA MET G 154 -8.90 -47.72 -21.46
C MET G 154 -10.36 -47.88 -21.08
N ARG G 155 -10.63 -48.34 -19.85
CA ARG G 155 -11.99 -48.39 -19.32
C ARG G 155 -12.46 -47.03 -18.77
N SER G 156 -11.72 -45.95 -19.02
CA SER G 156 -12.13 -44.59 -18.64
C SER G 156 -12.17 -44.44 -17.13
N GLU G 157 -11.15 -44.99 -16.46
CA GLU G 157 -10.97 -44.91 -15.02
C GLU G 157 -9.82 -43.99 -14.62
N THR G 158 -9.21 -43.26 -15.56
CA THR G 158 -8.08 -42.42 -15.21
C THR G 158 -8.53 -41.22 -14.38
N LEU G 159 -7.54 -40.47 -13.88
CA LEU G 159 -7.83 -39.35 -13.00
C LEU G 159 -8.44 -38.20 -13.79
N GLY G 160 -9.09 -37.28 -13.09
CA GLY G 160 -9.73 -36.16 -13.74
C GLY G 160 -8.73 -35.22 -14.36
N PHE G 161 -9.23 -34.35 -15.25
CA PHE G 161 -8.39 -33.48 -16.06
C PHE G 161 -8.50 -32.02 -15.61
N TYR G 162 -9.66 -31.63 -15.09
CA TYR G 162 -9.85 -30.26 -14.62
C TYR G 162 -9.04 -30.06 -13.33
N PRO G 163 -8.17 -29.03 -13.23
CA PRO G 163 -7.47 -28.80 -11.96
C PRO G 163 -8.36 -28.57 -10.76
N TRP G 164 -9.46 -27.85 -10.93
CA TRP G 164 -10.15 -27.27 -9.78
C TRP G 164 -11.18 -28.22 -9.20
N LYS G 165 -11.77 -29.07 -10.02
CA LYS G 165 -12.75 -30.01 -9.51
C LYS G 165 -12.03 -31.08 -8.69
N PRO G 166 -12.67 -31.66 -7.67
CA PRO G 166 -12.05 -32.82 -7.02
C PRO G 166 -12.20 -34.06 -7.88
N THR G 167 -11.43 -35.10 -7.56
CA THR G 167 -11.39 -36.34 -8.30
C THR G 167 -11.36 -37.52 -7.33
N ILE G 168 -11.58 -38.71 -7.90
CA ILE G 168 -11.69 -39.97 -7.14
C ILE G 168 -10.75 -40.98 -7.77
N PRO G 169 -10.08 -41.87 -7.01
CA PRO G 169 -9.36 -42.97 -7.65
C PRO G 169 -10.31 -44.13 -7.83
N THR G 170 -10.20 -44.81 -8.97
CA THR G 170 -11.12 -45.91 -9.24
C THR G 170 -10.83 -47.07 -8.28
N PRO G 171 -11.83 -47.85 -7.88
CA PRO G 171 -11.52 -49.12 -7.23
C PRO G 171 -10.76 -50.03 -8.18
N TRP G 172 -9.71 -50.67 -7.68
CA TRP G 172 -8.88 -51.53 -8.49
C TRP G 172 -9.61 -52.86 -8.70
N ARG G 173 -9.36 -53.48 -9.86
CA ARG G 173 -9.98 -54.75 -10.20
C ARG G 173 -9.20 -55.39 -11.33
N TYR G 174 -8.60 -56.54 -11.06
CA TYR G 174 -7.79 -57.27 -12.02
C TYR G 174 -8.46 -58.60 -12.32
N TYR G 175 -8.29 -59.07 -13.55
CA TYR G 175 -9.13 -60.12 -14.10
C TYR G 175 -8.53 -61.50 -13.83
N PHE G 176 -9.41 -62.46 -13.59
CA PHE G 176 -9.06 -63.81 -13.19
C PHE G 176 -9.50 -64.77 -14.30
N GLN G 177 -8.80 -65.90 -14.42
CA GLN G 177 -8.96 -66.74 -15.59
C GLN G 177 -10.31 -67.42 -15.53
N TRP G 178 -10.93 -67.62 -16.69
CA TRP G 178 -12.25 -68.18 -16.82
C TRP G 178 -12.36 -68.95 -18.14
N ASP G 179 -12.69 -70.24 -18.05
CA ASP G 179 -12.85 -71.09 -19.21
C ASP G 179 -14.17 -70.75 -19.89
N ARG G 180 -14.25 -70.94 -21.20
CA ARG G 180 -15.41 -70.54 -21.97
C ARG G 180 -15.43 -71.21 -23.33
N THR G 181 -16.65 -71.44 -23.82
CA THR G 181 -16.90 -71.76 -25.22
C THR G 181 -18.22 -71.13 -25.62
N LEU G 182 -18.22 -70.48 -26.79
CA LEU G 182 -19.42 -69.83 -27.33
C LEU G 182 -19.38 -70.01 -28.84
N ILE G 183 -20.36 -70.72 -29.37
CA ILE G 183 -20.44 -70.91 -30.83
C ILE G 183 -21.19 -69.72 -31.43
N PRO G 184 -20.70 -69.06 -32.48
CA PRO G 184 -21.52 -68.07 -33.18
C PRO G 184 -22.85 -68.62 -33.66
N SER G 185 -23.82 -67.72 -33.78
CA SER G 185 -25.14 -68.02 -34.30
C SER G 185 -25.57 -66.91 -35.24
N HIS G 186 -26.02 -67.28 -36.43
CA HIS G 186 -26.55 -66.32 -37.38
C HIS G 186 -27.97 -65.95 -36.99
N THR G 187 -28.36 -64.71 -37.30
CA THR G 187 -29.67 -64.20 -36.93
C THR G 187 -30.79 -65.07 -37.50
N GLY G 188 -31.74 -65.42 -36.63
CA GLY G 188 -32.87 -66.24 -37.04
C GLY G 188 -32.62 -67.73 -37.10
N THR G 189 -31.41 -68.19 -36.77
CA THR G 189 -31.16 -69.62 -36.77
C THR G 189 -31.92 -70.30 -35.63
N SER G 190 -32.47 -71.48 -35.93
CA SER G 190 -33.33 -72.17 -34.99
C SER G 190 -32.57 -72.96 -33.94
N GLY G 191 -31.42 -73.55 -34.29
CA GLY G 191 -30.70 -74.37 -33.34
C GLY G 191 -30.15 -73.55 -32.19
N THR G 192 -30.16 -74.14 -31.00
CA THR G 192 -29.64 -73.47 -29.81
C THR G 192 -28.12 -73.61 -29.78
N PRO G 193 -27.33 -72.54 -29.84
CA PRO G 193 -25.88 -72.72 -29.80
C PRO G 193 -25.40 -73.06 -28.40
N THR G 194 -24.24 -73.70 -28.33
CA THR G 194 -23.66 -74.06 -27.04
C THR G 194 -22.98 -72.85 -26.42
N ASN G 195 -23.41 -72.47 -25.22
CA ASN G 195 -22.73 -71.42 -24.45
C ASN G 195 -22.79 -71.86 -22.98
N ILE G 196 -21.61 -72.00 -22.39
CA ILE G 196 -21.44 -72.51 -21.02
C ILE G 196 -20.12 -71.98 -20.48
N TYR G 197 -20.14 -71.55 -19.23
CA TYR G 197 -18.92 -71.22 -18.49
C TYR G 197 -18.45 -72.50 -17.80
N HIS G 198 -17.38 -73.09 -18.34
CA HIS G 198 -16.91 -74.38 -17.81
C HIS G 198 -16.42 -74.26 -16.38
N GLY G 199 -15.70 -73.18 -16.06
CA GLY G 199 -15.01 -73.06 -14.79
C GLY G 199 -13.66 -72.39 -14.95
N THR G 200 -12.61 -73.11 -14.55
CA THR G 200 -11.25 -72.60 -14.56
C THR G 200 -10.31 -73.80 -14.67
N ASP G 201 -9.21 -73.63 -15.42
CA ASP G 201 -8.19 -74.66 -15.50
C ASP G 201 -7.26 -74.31 -14.33
N PRO G 202 -7.10 -75.17 -13.30
CA PRO G 202 -6.40 -74.73 -12.07
C PRO G 202 -4.96 -74.22 -12.23
N ASP G 203 -4.17 -74.60 -13.24
CA ASP G 203 -2.77 -74.18 -13.22
C ASP G 203 -2.63 -72.68 -13.48
N ASP G 204 -3.59 -72.07 -14.17
CA ASP G 204 -3.54 -70.65 -14.47
C ASP G 204 -4.01 -69.77 -13.30
N VAL G 205 -4.41 -70.37 -12.18
CA VAL G 205 -4.83 -69.60 -11.02
C VAL G 205 -3.62 -68.81 -10.50
N GLN G 206 -3.78 -67.49 -10.41
CA GLN G 206 -2.76 -66.60 -9.85
C GLN G 206 -3.48 -65.51 -9.08
N PHE G 207 -3.43 -65.61 -7.74
CA PHE G 207 -4.10 -64.68 -6.82
C PHE G 207 -3.02 -63.82 -6.18
N TYR G 208 -2.92 -62.59 -6.68
CA TYR G 208 -2.02 -61.59 -6.14
C TYR G 208 -2.71 -60.79 -5.04
N THR G 209 -1.92 -60.21 -4.14
CA THR G 209 -2.41 -59.29 -3.13
C THR G 209 -1.40 -58.16 -2.95
N ILE G 210 -1.92 -56.99 -2.56
CA ILE G 210 -1.05 -55.88 -2.18
C ILE G 210 -0.32 -56.22 -0.89
N GLU G 211 -0.98 -56.94 0.02
CA GLU G 211 -0.41 -57.20 1.33
C GLU G 211 0.72 -58.22 1.26
N ASN G 212 0.65 -59.17 0.33
CA ASN G 212 1.61 -60.26 0.25
C ASN G 212 2.74 -59.99 -0.74
N SER G 213 2.59 -59.02 -1.63
CA SER G 213 3.56 -58.72 -2.67
C SER G 213 4.31 -57.41 -2.41
N VAL G 214 3.60 -56.32 -2.18
CA VAL G 214 4.15 -54.97 -2.20
C VAL G 214 4.23 -54.48 -0.76
N PRO G 215 5.35 -53.90 -0.31
CA PRO G 215 5.32 -53.25 1.01
C PRO G 215 4.43 -52.01 1.01
N VAL G 216 3.83 -51.72 2.15
CA VAL G 216 2.82 -50.67 2.29
C VAL G 216 3.30 -49.70 3.35
N HIS G 217 3.22 -48.40 3.04
CA HIS G 217 3.50 -47.34 3.99
C HIS G 217 2.18 -46.87 4.61
N LEU G 218 2.14 -46.84 5.94
CA LEU G 218 0.95 -46.42 6.67
C LEU G 218 1.06 -44.92 6.92
N LEU G 219 0.67 -44.13 5.92
CA LEU G 219 0.66 -42.69 6.07
C LEU G 219 -0.40 -42.28 7.08
N ARG G 220 -0.22 -41.08 7.63
CA ARG G 220 -1.14 -40.49 8.60
C ARG G 220 -1.29 -39.01 8.28
N THR G 221 -1.87 -38.26 9.21
CA THR G 221 -2.35 -36.91 8.93
C THR G 221 -1.24 -35.91 8.61
N GLY G 222 0.02 -36.23 8.97
CA GLY G 222 1.11 -35.28 8.91
C GLY G 222 2.41 -35.82 8.33
N ASP G 223 2.32 -36.67 7.30
CA ASP G 223 3.49 -37.18 6.61
C ASP G 223 3.15 -37.41 5.15
N GLU G 224 4.19 -37.46 4.32
CA GLU G 224 4.06 -37.59 2.87
C GLU G 224 4.91 -38.76 2.38
N PHE G 225 4.58 -39.23 1.18
CA PHE G 225 5.28 -40.32 0.51
C PHE G 225 5.50 -39.94 -0.94
N ALA G 226 6.71 -40.19 -1.44
CA ALA G 226 7.11 -39.78 -2.77
C ALA G 226 7.96 -40.87 -3.40
N THR G 227 7.66 -41.18 -4.66
CA THR G 227 8.45 -42.16 -5.40
C THR G 227 9.67 -41.50 -6.03
N GLY G 228 10.71 -42.31 -6.23
CA GLY G 228 11.87 -41.84 -6.95
C GLY G 228 11.54 -41.57 -8.42
N THR G 229 12.38 -40.77 -9.05
CA THR G 229 12.15 -40.40 -10.44
C THR G 229 12.40 -41.61 -11.33
N PHE G 230 11.34 -42.30 -11.72
CA PHE G 230 11.47 -43.36 -12.70
C PHE G 230 11.88 -42.77 -14.04
N PHE G 231 12.84 -43.41 -14.69
CA PHE G 231 13.40 -42.96 -15.96
C PHE G 231 12.82 -43.82 -17.08
N PHE G 232 12.17 -43.16 -18.04
CA PHE G 232 11.58 -43.89 -19.15
C PHE G 232 12.64 -44.32 -20.16
N ASP G 233 12.27 -45.32 -20.95
CA ASP G 233 13.17 -46.01 -21.87
C ASP G 233 12.51 -46.44 -23.18
N CYS G 234 11.54 -45.67 -23.68
CA CYS G 234 10.80 -46.05 -24.88
C CYS G 234 11.49 -45.52 -26.14
N LYS G 235 11.05 -46.03 -27.28
CA LYS G 235 11.40 -45.43 -28.56
C LYS G 235 10.61 -44.14 -28.73
N PRO G 236 11.21 -43.08 -29.29
CA PRO G 236 10.49 -41.79 -29.30
C PRO G 236 9.29 -41.80 -30.24
N CYS G 237 8.28 -41.02 -29.85
CA CYS G 237 7.08 -40.82 -30.65
C CYS G 237 7.30 -39.65 -31.60
N ARG G 238 6.44 -39.56 -32.62
CA ARG G 238 6.58 -38.60 -33.70
C ARG G 238 5.20 -38.00 -33.97
N LEU G 239 5.15 -36.70 -34.26
CA LEU G 239 3.91 -35.93 -34.30
C LEU G 239 3.56 -35.46 -35.71
N THR G 240 3.96 -36.21 -36.74
CA THR G 240 3.70 -35.86 -38.14
C THR G 240 3.18 -37.08 -38.88
N HIS G 241 2.43 -36.82 -39.95
CA HIS G 241 1.76 -37.85 -40.74
C HIS G 241 2.31 -37.85 -42.17
N THR G 242 2.01 -38.94 -42.89
CA THR G 242 2.52 -39.17 -44.23
C THR G 242 1.42 -39.02 -45.26
N TRP G 243 1.63 -38.08 -46.19
CA TRP G 243 0.74 -37.93 -47.34
C TRP G 243 0.99 -39.01 -48.38
N GLN G 244 2.24 -39.42 -48.54
CA GLN G 244 2.61 -40.43 -49.53
C GLN G 244 1.94 -41.77 -49.25
N THR G 245 1.66 -42.50 -50.32
CA THR G 245 1.13 -43.86 -50.27
C THR G 245 1.65 -44.59 -51.50
N ASN G 246 1.34 -45.88 -51.60
CA ASN G 246 1.55 -46.56 -52.88
C ASN G 246 0.61 -45.94 -53.92
N ARG G 247 1.09 -45.91 -55.16
CA ARG G 247 0.61 -45.05 -56.25
C ARG G 247 1.02 -43.59 -56.09
N ALA G 248 1.81 -43.25 -55.04
CA ALA G 248 2.32 -41.89 -54.88
C ALA G 248 3.74 -41.88 -54.33
N LEU G 249 4.54 -42.91 -54.67
CA LEU G 249 5.94 -43.01 -54.26
C LEU G 249 6.81 -43.11 -55.50
N GLY G 250 7.99 -42.49 -55.44
CA GLY G 250 8.94 -42.53 -56.54
C GLY G 250 8.69 -41.45 -57.57
N LEU G 251 9.53 -41.46 -58.59
CA LEU G 251 9.49 -40.42 -59.62
C LEU G 251 8.28 -40.66 -60.52
N PRO G 252 7.33 -39.73 -60.66
CA PRO G 252 6.22 -39.96 -61.59
C PRO G 252 6.69 -39.92 -63.03
N PRO G 253 5.86 -40.34 -63.99
CA PRO G 253 6.33 -40.39 -65.37
C PRO G 253 6.54 -39.01 -65.98
N PHE G 254 7.43 -38.97 -66.96
CA PHE G 254 7.74 -37.71 -67.63
C PHE G 254 6.62 -37.33 -68.59
N LEU G 255 5.97 -36.21 -68.31
CA LEU G 255 4.84 -35.77 -69.12
C LEU G 255 5.34 -35.16 -70.44
N ASN G 256 4.43 -35.11 -71.41
CA ASN G 256 4.64 -34.48 -72.71
C ASN G 256 3.62 -33.40 -73.02
N SER G 257 2.33 -33.64 -72.76
CA SER G 257 1.26 -32.72 -73.13
C SER G 257 0.98 -31.80 -71.95
N LEU G 258 1.86 -30.84 -71.72
CA LEU G 258 1.65 -29.91 -70.62
C LEU G 258 0.58 -28.91 -70.99
N PRO G 259 -0.28 -28.46 -70.06
CA PRO G 259 -1.41 -27.63 -70.47
C PRO G 259 -0.99 -26.23 -70.89
N GLN G 260 -1.78 -25.65 -71.79
CA GLN G 260 -1.55 -24.30 -72.32
C GLN G 260 -2.43 -23.23 -71.67
N SER G 261 -3.31 -23.61 -70.74
CA SER G 261 -4.22 -22.64 -70.13
C SER G 261 -4.63 -23.13 -68.76
N GLU G 262 -5.05 -22.19 -67.92
CA GLU G 262 -5.43 -22.51 -66.55
C GLU G 262 -6.84 -23.08 -66.49
N GLY G 263 -7.14 -23.74 -65.37
CA GLY G 263 -8.45 -24.31 -65.10
C GLY G 263 -8.36 -25.79 -64.80
N ALA G 264 -9.14 -26.24 -63.81
CA ALA G 264 -9.08 -27.64 -63.39
C ALA G 264 -9.52 -28.60 -64.49
N THR G 265 -10.36 -28.15 -65.42
CA THR G 265 -10.84 -29.03 -66.48
C THR G 265 -9.78 -29.34 -67.53
N ASN G 266 -8.66 -28.61 -67.56
CA ASN G 266 -7.65 -28.76 -68.60
C ASN G 266 -6.52 -29.60 -67.99
N PHE G 267 -6.59 -30.91 -68.25
CA PHE G 267 -5.65 -31.86 -67.68
C PHE G 267 -4.47 -32.07 -68.62
N GLY G 268 -3.42 -32.71 -68.09
CA GLY G 268 -2.30 -33.15 -68.89
C GLY G 268 -2.46 -34.58 -69.38
N ASP G 269 -1.58 -34.97 -70.30
CA ASP G 269 -1.58 -36.31 -70.87
C ASP G 269 -0.15 -36.80 -70.99
N ILE G 270 0.00 -38.13 -71.05
CA ILE G 270 1.30 -38.79 -71.20
C ILE G 270 1.46 -39.18 -72.66
N GLY G 271 2.64 -38.90 -73.23
CA GLY G 271 2.84 -38.88 -74.66
C GLY G 271 3.13 -40.21 -75.34
N VAL G 272 3.12 -41.32 -74.63
CA VAL G 272 3.32 -42.66 -75.21
C VAL G 272 2.26 -43.60 -74.66
N GLN G 273 1.94 -44.63 -75.44
CA GLN G 273 0.84 -45.51 -75.09
C GLN G 273 1.26 -46.49 -73.99
N GLN G 274 0.25 -47.13 -73.38
CA GLN G 274 0.48 -47.95 -72.20
C GLN G 274 1.35 -49.17 -72.49
N ASP G 275 1.31 -49.69 -73.72
CA ASP G 275 2.18 -50.80 -74.11
C ASP G 275 3.55 -50.36 -74.61
N LYS G 276 3.92 -49.09 -74.39
CA LYS G 276 5.20 -48.53 -74.82
C LYS G 276 6.00 -47.87 -73.71
N ARG G 277 5.45 -47.77 -72.51
CA ARG G 277 6.10 -46.98 -71.46
C ARG G 277 7.29 -47.72 -70.87
N ARG G 278 8.15 -46.94 -70.21
CA ARG G 278 9.38 -47.43 -69.59
C ARG G 278 9.16 -47.49 -68.09
N GLY G 279 9.78 -48.46 -67.44
CA GLY G 279 9.73 -48.61 -66.00
C GLY G 279 9.63 -50.08 -65.63
N VAL G 280 10.27 -50.42 -64.51
CA VAL G 280 10.23 -51.79 -64.01
C VAL G 280 8.85 -52.05 -63.42
N THR G 281 8.19 -53.10 -63.90
CA THR G 281 6.83 -53.40 -63.52
C THR G 281 6.79 -54.48 -62.44
N GLN G 282 5.72 -54.46 -61.63
CA GLN G 282 5.58 -55.45 -60.58
C GLN G 282 5.32 -56.84 -61.14
N MET G 283 4.54 -56.93 -62.23
CA MET G 283 4.16 -58.20 -62.85
C MET G 283 4.87 -58.33 -64.19
N GLY G 284 5.65 -59.39 -64.34
CA GLY G 284 6.55 -59.52 -65.47
C GLY G 284 5.93 -60.01 -66.77
N ASN G 285 4.75 -60.65 -66.69
CA ASN G 285 4.11 -61.24 -67.86
C ASN G 285 3.20 -60.28 -68.60
N THR G 286 3.29 -58.97 -68.35
CA THR G 286 2.36 -57.98 -68.86
C THR G 286 3.14 -56.79 -69.41
N ASN G 287 2.75 -56.32 -70.60
CA ASN G 287 3.39 -55.20 -71.27
C ASN G 287 2.75 -53.85 -70.95
N TYR G 288 1.62 -53.83 -70.24
CA TYR G 288 0.94 -52.58 -69.89
C TYR G 288 1.56 -52.00 -68.62
N ILE G 289 2.73 -51.40 -68.78
CA ILE G 289 3.31 -50.61 -67.70
C ILE G 289 2.45 -49.35 -67.55
N THR G 290 1.87 -49.16 -66.37
CA THR G 290 0.98 -48.04 -66.12
C THR G 290 1.15 -47.58 -64.67
N GLU G 291 0.30 -46.63 -64.28
CA GLU G 291 0.44 -46.00 -62.97
C GLU G 291 0.19 -46.99 -61.84
N ALA G 292 -0.71 -47.94 -62.05
CA ALA G 292 -1.05 -48.91 -61.02
C ALA G 292 -0.09 -50.09 -60.95
N THR G 293 0.60 -50.41 -62.04
CA THR G 293 1.39 -51.63 -62.14
C THR G 293 2.88 -51.43 -61.86
N ILE G 294 3.38 -50.20 -61.85
CA ILE G 294 4.81 -49.97 -61.68
C ILE G 294 5.21 -50.35 -60.26
N MET G 295 6.41 -50.91 -60.11
CA MET G 295 6.87 -51.36 -58.81
C MET G 295 7.15 -50.16 -57.92
N ARG G 296 6.91 -50.33 -56.62
CA ARG G 296 7.32 -49.42 -55.57
C ARG G 296 8.15 -50.18 -54.55
N PRO G 297 9.00 -49.49 -53.76
CA PRO G 297 9.87 -50.25 -52.82
C PRO G 297 9.13 -51.06 -51.78
N ALA G 298 8.00 -50.56 -51.27
CA ALA G 298 7.35 -51.17 -50.11
C ALA G 298 5.85 -50.96 -50.19
N GLU G 299 5.13 -51.81 -49.47
CA GLU G 299 3.67 -51.84 -49.48
C GLU G 299 3.20 -51.10 -48.23
N VAL G 300 3.23 -49.77 -48.32
CA VAL G 300 2.88 -48.93 -47.18
C VAL G 300 1.38 -49.03 -46.93
N GLY G 301 1.00 -49.17 -45.66
CA GLY G 301 -0.36 -49.50 -45.30
C GLY G 301 -0.58 -50.99 -45.47
N TYR G 302 -1.67 -51.52 -44.93
CA TYR G 302 -1.97 -52.94 -45.06
C TYR G 302 -3.46 -53.17 -44.90
N SER G 303 -3.92 -54.32 -45.37
CA SER G 303 -5.30 -54.75 -45.28
C SER G 303 -5.38 -55.93 -44.32
N ALA G 304 -6.49 -55.98 -43.57
CA ALA G 304 -6.73 -57.03 -42.60
C ALA G 304 -8.24 -57.27 -42.53
N PRO G 305 -8.69 -58.45 -42.08
CA PRO G 305 -10.12 -58.74 -42.11
C PRO G 305 -10.89 -57.87 -41.12
N TYR G 306 -11.68 -56.94 -41.64
CA TYR G 306 -12.34 -55.96 -40.78
C TYR G 306 -13.59 -56.56 -40.14
N TYR G 307 -13.78 -56.24 -38.85
CA TYR G 307 -14.86 -56.78 -38.04
C TYR G 307 -14.84 -58.31 -38.01
N SER G 308 -13.64 -58.88 -37.89
CA SER G 308 -13.47 -60.29 -37.61
C SER G 308 -13.33 -60.52 -36.12
N PHE G 309 -13.57 -61.76 -35.71
CA PHE G 309 -13.48 -62.17 -34.30
C PHE G 309 -12.74 -63.50 -34.22
N GLU G 310 -12.11 -63.74 -33.08
CA GLU G 310 -11.41 -64.99 -32.80
C GLU G 310 -11.77 -65.44 -31.40
N ALA G 311 -11.85 -66.76 -31.22
CA ALA G 311 -12.22 -67.39 -29.96
C ALA G 311 -11.00 -68.02 -29.32
N SER G 312 -11.13 -68.34 -28.03
CA SER G 312 -10.06 -68.97 -27.27
C SER G 312 -10.62 -69.38 -25.92
N THR G 313 -9.75 -69.96 -25.09
CA THR G 313 -10.11 -70.24 -23.71
C THR G 313 -10.41 -68.96 -22.96
N GLN G 314 -9.77 -67.86 -23.32
CA GLN G 314 -10.08 -66.53 -22.79
C GLN G 314 -11.45 -66.02 -23.23
N GLY G 315 -12.11 -66.65 -24.22
CA GLY G 315 -13.37 -66.18 -24.75
C GLY G 315 -13.16 -65.39 -26.03
N PRO G 316 -14.25 -65.01 -26.67
CA PRO G 316 -14.14 -64.27 -27.93
C PRO G 316 -13.61 -62.86 -27.73
N PHE G 317 -12.95 -62.34 -28.77
CA PHE G 317 -12.48 -60.97 -28.75
C PHE G 317 -12.25 -60.49 -30.17
N LYS G 318 -12.59 -59.23 -30.40
CA LYS G 318 -12.42 -58.60 -31.71
C LYS G 318 -10.94 -58.40 -32.02
N THR G 319 -10.55 -58.74 -33.24
CA THR G 319 -9.14 -58.64 -33.62
C THR G 319 -8.77 -57.16 -33.76
N PRO G 320 -7.51 -56.76 -33.47
CA PRO G 320 -7.13 -55.36 -33.68
C PRO G 320 -6.70 -55.13 -35.13
N ILE G 321 -6.97 -53.92 -35.62
CA ILE G 321 -6.54 -53.47 -36.95
C ILE G 321 -5.69 -52.22 -36.72
N ALA G 322 -4.46 -52.23 -37.23
CA ALA G 322 -3.52 -51.17 -36.89
C ALA G 322 -3.85 -49.86 -37.57
N ALA G 323 -4.50 -49.90 -38.73
CA ALA G 323 -4.85 -48.69 -39.47
C ALA G 323 -6.11 -48.94 -40.28
N GLY G 324 -6.93 -47.90 -40.41
CA GLY G 324 -8.20 -48.01 -41.11
C GLY G 324 -8.63 -46.70 -41.71
N ARG G 325 -9.66 -46.78 -42.54
CA ARG G 325 -10.21 -45.61 -43.22
C ARG G 325 -11.67 -45.90 -43.58
N ALA G 336 -15.07 -46.07 -42.19
CA ALA G 336 -15.16 -45.52 -40.84
C ALA G 336 -14.73 -46.52 -39.76
N ASP G 337 -14.54 -47.79 -40.13
CA ASP G 337 -14.11 -48.80 -39.17
C ASP G 337 -12.62 -48.66 -38.88
N GLY G 338 -12.20 -49.26 -37.77
CA GLY G 338 -10.80 -49.26 -37.38
C GLY G 338 -10.40 -48.07 -36.52
N ASN G 339 -10.93 -46.90 -36.83
CA ASN G 339 -10.55 -45.71 -36.08
C ASN G 339 -11.18 -45.77 -34.70
N PRO G 340 -10.45 -45.45 -33.62
CA PRO G 340 -10.93 -45.82 -32.29
C PRO G 340 -12.10 -44.94 -31.84
N ARG G 341 -13.21 -45.58 -31.51
CA ARG G 341 -14.35 -44.88 -30.93
C ARG G 341 -14.09 -44.70 -29.44
N TYR G 342 -14.15 -43.45 -28.97
CA TYR G 342 -13.88 -43.09 -27.59
C TYR G 342 -15.16 -42.62 -26.92
N ALA G 343 -15.29 -42.94 -25.63
CA ALA G 343 -16.44 -42.52 -24.82
C ALA G 343 -15.95 -42.15 -23.44
N PHE G 344 -16.49 -41.07 -22.88
CA PHE G 344 -16.03 -40.54 -21.60
C PHE G 344 -17.20 -39.95 -20.84
N GLY G 345 -16.92 -39.48 -19.62
CA GLY G 345 -17.90 -38.90 -18.73
C GLY G 345 -17.55 -37.51 -18.24
N ARG G 346 -18.15 -37.11 -17.12
CA ARG G 346 -18.02 -35.73 -16.66
C ARG G 346 -16.62 -35.41 -16.15
N GLN G 347 -15.95 -36.39 -15.53
CA GLN G 347 -14.57 -36.18 -15.12
C GLN G 347 -13.63 -35.97 -16.30
N HIS G 348 -13.99 -36.48 -17.49
CA HIS G 348 -13.05 -36.66 -18.59
C HIS G 348 -13.51 -36.02 -19.89
N GLY G 349 -13.92 -34.76 -19.86
CA GLY G 349 -14.12 -33.96 -21.06
C GLY G 349 -15.56 -33.78 -21.48
N GLN G 350 -16.51 -34.52 -20.93
CA GLN G 350 -17.92 -34.26 -21.20
C GLN G 350 -18.29 -32.90 -20.63
N LYS G 351 -19.25 -32.23 -21.26
CA LYS G 351 -19.83 -31.02 -20.73
C LYS G 351 -20.42 -31.34 -19.36
N THR G 352 -19.89 -30.68 -18.33
CA THR G 352 -20.10 -31.15 -16.96
C THR G 352 -21.55 -31.00 -16.52
N THR G 353 -22.16 -29.86 -16.83
CA THR G 353 -23.46 -29.53 -16.28
C THR G 353 -24.60 -30.36 -16.86
N THR G 354 -24.37 -31.12 -17.94
CA THR G 354 -25.46 -31.87 -18.56
C THR G 354 -25.83 -33.07 -17.69
N THR G 355 -27.13 -33.32 -17.60
CA THR G 355 -27.68 -34.37 -16.76
C THR G 355 -27.69 -35.70 -17.53
N GLY G 356 -28.14 -36.74 -16.84
CA GLY G 356 -28.32 -38.04 -17.44
C GLY G 356 -27.08 -38.91 -17.35
N GLU G 357 -27.32 -40.23 -17.40
CA GLU G 357 -26.25 -41.22 -17.33
C GLU G 357 -25.58 -41.47 -18.68
N THR G 358 -26.04 -40.87 -19.77
CA THR G 358 -25.44 -41.14 -21.06
C THR G 358 -24.02 -40.56 -21.12
N PRO G 359 -23.10 -41.16 -21.88
CA PRO G 359 -21.79 -40.55 -22.07
C PRO G 359 -21.76 -39.66 -23.30
N GLU G 360 -20.63 -38.98 -23.49
CA GLU G 360 -20.33 -38.23 -24.69
C GLU G 360 -19.23 -38.95 -25.44
N ARG G 361 -19.45 -39.20 -26.73
CA ARG G 361 -18.64 -40.08 -27.55
C ARG G 361 -18.09 -39.33 -28.76
N PHE G 362 -16.86 -39.66 -29.15
CA PHE G 362 -16.28 -39.21 -30.40
C PHE G 362 -15.49 -40.36 -31.01
N THR G 363 -15.03 -40.13 -32.23
CA THR G 363 -14.19 -41.07 -32.97
C THR G 363 -13.04 -40.30 -33.58
N TYR G 364 -11.81 -40.68 -33.22
CA TYR G 364 -10.62 -39.99 -33.69
C TYR G 364 -10.41 -40.37 -35.16
N ILE G 365 -10.83 -39.47 -36.05
CA ILE G 365 -10.64 -39.66 -37.48
C ILE G 365 -9.22 -39.24 -37.80
N ALA G 366 -8.30 -40.21 -37.85
CA ALA G 366 -6.89 -39.92 -37.94
C ALA G 366 -6.52 -39.34 -39.30
N HIS G 367 -5.47 -38.54 -39.31
CA HIS G 367 -4.97 -37.91 -40.53
C HIS G 367 -4.09 -38.83 -41.36
N GLN G 368 -3.67 -39.98 -40.82
CA GLN G 368 -2.82 -40.88 -41.58
C GLN G 368 -3.58 -41.47 -42.76
N ASP G 369 -2.88 -41.57 -43.90
CA ASP G 369 -3.42 -42.16 -45.11
C ASP G 369 -3.10 -43.65 -45.25
N THR G 370 -2.43 -44.25 -44.25
CA THR G 370 -2.01 -45.64 -44.38
C THR G 370 -3.18 -46.60 -44.34
N GLY G 371 -4.30 -46.22 -43.71
CA GLY G 371 -5.47 -47.07 -43.70
C GLY G 371 -6.05 -47.25 -45.08
N ARG G 372 -6.06 -48.48 -45.58
CA ARG G 372 -6.44 -48.75 -46.95
C ARG G 372 -7.96 -48.69 -47.07
N TYR G 373 -8.44 -48.06 -48.13
CA TYR G 373 -9.88 -47.99 -48.38
C TYR G 373 -10.43 -49.39 -48.68
N PRO G 374 -11.68 -49.72 -48.22
CA PRO G 374 -12.15 -51.11 -48.38
C PRO G 374 -12.32 -51.57 -49.81
N GLU G 375 -13.09 -50.85 -50.62
CA GLU G 375 -13.43 -51.28 -51.98
C GLU G 375 -12.41 -50.80 -53.03
N GLY G 376 -11.18 -50.47 -52.63
CA GLY G 376 -10.20 -49.91 -53.54
C GLY G 376 -9.33 -50.90 -54.29
N ASP G 377 -9.58 -52.21 -54.15
CA ASP G 377 -8.76 -53.25 -54.76
C ASP G 377 -9.65 -54.37 -55.28
N TRP G 378 -9.06 -55.23 -56.10
CA TRP G 378 -9.76 -56.38 -56.66
C TRP G 378 -8.74 -57.46 -57.00
N ILE G 379 -9.23 -58.71 -57.10
CA ILE G 379 -8.41 -59.88 -57.39
C ILE G 379 -8.86 -60.43 -58.74
N GLN G 380 -7.94 -60.46 -59.71
CA GLN G 380 -8.20 -60.92 -61.06
C GLN G 380 -7.19 -61.99 -61.43
N ASN G 381 -7.49 -62.70 -62.52
CA ASN G 381 -6.67 -63.81 -62.97
C ASN G 381 -5.29 -63.30 -63.42
N ILE G 382 -4.29 -64.18 -63.33
CA ILE G 382 -2.92 -63.82 -63.65
C ILE G 382 -2.74 -63.41 -65.10
N ASN G 383 -3.62 -63.88 -66.01
CA ASN G 383 -3.52 -63.50 -67.41
C ASN G 383 -3.71 -62.00 -67.62
N PHE G 384 -4.55 -61.37 -66.80
CA PHE G 384 -4.63 -59.90 -66.73
C PHE G 384 -5.11 -59.28 -68.04
N ASN G 385 -6.30 -59.70 -68.47
CA ASN G 385 -6.96 -59.08 -69.61
C ASN G 385 -7.60 -57.78 -69.13
N LEU G 386 -7.06 -56.65 -69.57
CA LEU G 386 -7.45 -55.36 -69.01
C LEU G 386 -8.85 -54.89 -69.43
N PRO G 387 -9.37 -55.17 -70.65
CA PRO G 387 -10.76 -54.78 -70.96
C PRO G 387 -11.86 -55.64 -70.35
N VAL G 388 -11.56 -56.47 -69.34
CA VAL G 388 -12.60 -57.30 -68.73
C VAL G 388 -13.72 -56.44 -68.16
N THR G 389 -14.96 -56.81 -68.46
CA THR G 389 -16.12 -55.96 -68.14
C THR G 389 -16.74 -56.31 -66.78
N ASN G 390 -15.90 -56.39 -65.74
CA ASN G 390 -16.33 -56.50 -64.35
C ASN G 390 -17.25 -57.70 -64.13
N ASP G 391 -16.88 -58.83 -64.75
CA ASP G 391 -17.67 -60.05 -64.69
C ASP G 391 -16.83 -61.30 -64.39
N ASN G 392 -15.56 -61.30 -64.80
CA ASN G 392 -14.64 -62.42 -64.60
C ASN G 392 -13.57 -62.10 -63.56
N VAL G 393 -13.89 -61.22 -62.60
CA VAL G 393 -12.94 -60.71 -61.62
C VAL G 393 -13.63 -60.70 -60.27
N LEU G 394 -12.90 -61.07 -59.22
CA LEU G 394 -13.45 -61.10 -57.87
C LEU G 394 -13.58 -59.67 -57.39
N LEU G 395 -14.72 -59.05 -57.69
CA LEU G 395 -14.97 -57.68 -57.28
C LEU G 395 -15.39 -57.64 -55.81
N PRO G 396 -15.30 -56.48 -55.15
CA PRO G 396 -15.97 -56.34 -53.84
C PRO G 396 -17.47 -56.56 -53.93
N THR G 397 -18.10 -56.23 -55.06
CA THR G 397 -19.54 -56.37 -55.20
C THR G 397 -20.00 -57.82 -55.17
N ASP G 398 -19.11 -58.80 -55.45
CA ASP G 398 -19.50 -60.21 -55.53
C ASP G 398 -19.42 -60.86 -54.15
N PRO G 399 -20.20 -61.90 -53.86
CA PRO G 399 -20.22 -62.44 -52.50
C PRO G 399 -19.08 -63.42 -52.25
N ILE G 400 -18.87 -63.71 -50.97
CA ILE G 400 -18.10 -64.85 -50.51
C ILE G 400 -19.06 -65.73 -49.72
N GLY G 401 -19.26 -66.96 -50.19
CA GLY G 401 -20.18 -67.86 -49.53
C GLY G 401 -21.64 -67.47 -49.70
N GLY G 402 -21.99 -66.79 -50.78
CA GLY G 402 -23.38 -66.54 -51.12
C GLY G 402 -23.98 -65.28 -50.54
N LYS G 403 -23.84 -65.06 -49.24
CA LYS G 403 -24.49 -63.93 -48.60
C LYS G 403 -23.85 -62.63 -49.07
N THR G 404 -24.69 -61.69 -49.52
CA THR G 404 -24.18 -60.46 -50.12
C THR G 404 -23.49 -59.55 -49.11
N GLY G 405 -23.74 -59.73 -47.82
CA GLY G 405 -23.12 -58.87 -46.82
C GLY G 405 -21.63 -59.13 -46.62
N ILE G 406 -21.11 -60.23 -47.15
CA ILE G 406 -19.70 -60.61 -47.00
C ILE G 406 -19.09 -60.74 -48.39
N ASN G 407 -17.97 -60.06 -48.60
CA ASN G 407 -17.16 -60.19 -49.81
C ASN G 407 -15.74 -60.52 -49.39
N TYR G 408 -14.80 -60.48 -50.34
CA TYR G 408 -13.45 -60.92 -50.03
C TYR G 408 -12.72 -59.91 -49.15
N THR G 409 -13.11 -58.63 -49.18
CA THR G 409 -12.42 -57.63 -48.36
C THR G 409 -12.63 -57.87 -46.87
N ASN G 410 -13.72 -58.55 -46.49
CA ASN G 410 -13.91 -58.89 -45.09
C ASN G 410 -12.94 -59.98 -44.63
N ILE G 411 -12.33 -60.72 -45.55
CA ILE G 411 -11.44 -61.84 -45.23
C ILE G 411 -10.01 -61.66 -45.74
N PHE G 412 -9.73 -60.63 -46.53
CA PHE G 412 -8.40 -60.49 -47.10
C PHE G 412 -7.40 -59.99 -46.05
N ASN G 413 -6.14 -60.37 -46.23
CA ASN G 413 -5.06 -60.00 -45.31
C ASN G 413 -3.76 -60.03 -46.08
N THR G 414 -2.86 -59.08 -45.76
CA THR G 414 -1.53 -59.04 -46.34
C THR G 414 -0.43 -59.26 -45.31
N TYR G 415 -0.29 -58.32 -44.36
CA TYR G 415 0.70 -58.33 -43.26
C TYR G 415 2.10 -58.77 -43.71
N GLY G 416 2.50 -58.44 -44.95
CA GLY G 416 3.60 -59.12 -45.57
C GLY G 416 4.94 -58.55 -45.15
N PRO G 417 6.02 -59.12 -45.72
CA PRO G 417 7.35 -58.57 -45.45
C PRO G 417 7.54 -57.15 -45.96
N LEU G 418 6.77 -56.74 -46.97
CA LEU G 418 6.86 -55.40 -47.52
C LEU G 418 6.08 -54.37 -46.73
N THR G 419 5.38 -54.76 -45.67
CA THR G 419 4.50 -53.83 -44.98
C THR G 419 5.31 -52.76 -44.25
N ALA G 420 4.76 -51.54 -44.23
CA ALA G 420 5.33 -50.43 -43.48
C ALA G 420 4.17 -49.63 -42.91
N LEU G 421 4.24 -49.36 -41.60
CA LEU G 421 3.14 -48.74 -40.88
C LEU G 421 3.71 -47.69 -39.93
N ASN G 422 2.81 -46.85 -39.41
CA ASN G 422 3.15 -45.80 -38.46
C ASN G 422 2.50 -46.10 -37.12
N ASN G 423 3.14 -45.62 -36.06
CA ASN G 423 2.61 -45.85 -34.72
C ASN G 423 1.27 -45.14 -34.55
N VAL G 424 0.50 -45.62 -33.57
CA VAL G 424 -0.84 -45.06 -33.37
C VAL G 424 -0.72 -43.61 -32.93
N PRO G 425 -1.48 -42.66 -33.48
CA PRO G 425 -1.30 -41.27 -33.08
C PRO G 425 -1.79 -41.03 -31.66
N PRO G 426 -1.22 -40.06 -30.93
CA PRO G 426 -1.80 -39.75 -29.62
C PRO G 426 -3.21 -39.19 -29.74
N VAL G 427 -4.01 -39.45 -28.71
CA VAL G 427 -5.37 -38.93 -28.60
C VAL G 427 -5.46 -38.16 -27.29
N TYR G 428 -5.71 -36.86 -27.39
CA TYR G 428 -6.06 -36.00 -26.28
C TYR G 428 -7.57 -35.75 -26.27
N PRO G 429 -8.23 -35.81 -25.08
CA PRO G 429 -7.70 -36.02 -23.70
C PRO G 429 -7.66 -37.43 -23.18
N ASN G 430 -8.32 -38.42 -23.77
CA ASN G 430 -8.46 -39.72 -23.13
C ASN G 430 -7.51 -40.79 -23.65
N GLY G 431 -6.52 -40.44 -24.48
CA GLY G 431 -5.52 -41.42 -24.86
C GLY G 431 -4.52 -41.69 -23.75
N GLN G 432 -4.04 -42.93 -23.72
CA GLN G 432 -3.03 -43.35 -22.73
C GLN G 432 -1.64 -43.05 -23.29
N ILE G 433 -0.73 -42.66 -22.39
CA ILE G 433 0.62 -42.26 -22.82
C ILE G 433 1.52 -43.48 -22.98
N TRP G 434 1.78 -44.19 -21.89
CA TRP G 434 2.72 -45.32 -21.86
C TRP G 434 1.92 -46.60 -21.63
N ASP G 435 2.49 -47.72 -22.12
CA ASP G 435 1.88 -49.03 -21.97
C ASP G 435 2.99 -50.04 -21.74
N LYS G 436 2.63 -51.10 -21.02
CA LYS G 436 3.51 -52.24 -20.73
C LYS G 436 3.82 -53.06 -21.97
N GLU G 437 5.02 -53.62 -22.05
CA GLU G 437 5.36 -54.58 -23.08
C GLU G 437 4.85 -55.97 -22.68
N PHE G 438 4.36 -56.73 -23.66
CA PHE G 438 3.60 -57.94 -23.40
C PHE G 438 4.40 -58.97 -22.61
N ASP G 439 3.68 -59.85 -21.92
CA ASP G 439 4.30 -60.91 -21.14
C ASP G 439 5.09 -61.89 -22.01
N THR G 440 4.77 -61.99 -23.29
CA THR G 440 5.25 -63.08 -24.13
C THR G 440 6.75 -62.95 -24.42
N ASP G 441 7.29 -64.01 -25.01
CA ASP G 441 8.70 -64.03 -25.40
C ASP G 441 8.91 -63.30 -26.71
N LEU G 442 8.14 -63.66 -27.73
CA LEU G 442 8.09 -62.87 -28.97
C LEU G 442 7.04 -61.78 -28.82
N LYS G 443 7.45 -60.55 -29.12
CA LYS G 443 6.71 -59.35 -28.74
C LYS G 443 6.09 -58.70 -29.97
N PRO G 444 5.08 -57.84 -29.79
CA PRO G 444 4.48 -57.17 -30.94
C PRO G 444 5.33 -56.00 -31.40
N ARG G 445 4.99 -55.47 -32.58
CA ARG G 445 5.76 -54.37 -33.17
C ARG G 445 5.17 -53.01 -32.81
N LEU G 446 3.88 -52.93 -32.52
CA LEU G 446 3.27 -51.68 -32.07
C LEU G 446 2.03 -52.00 -31.26
N HIS G 447 1.71 -51.13 -30.32
CA HIS G 447 0.57 -51.27 -29.44
C HIS G 447 -0.52 -50.29 -29.85
N VAL G 448 -1.72 -50.81 -30.11
CA VAL G 448 -2.81 -49.98 -30.61
C VAL G 448 -3.27 -48.95 -29.59
N ASN G 449 -3.13 -49.23 -28.30
CA ASN G 449 -3.77 -48.39 -27.28
C ASN G 449 -2.98 -47.13 -26.95
N ALA G 450 -1.66 -47.11 -27.18
CA ALA G 450 -0.79 -46.03 -26.72
C ALA G 450 0.32 -45.81 -27.73
N PRO G 451 0.88 -44.56 -27.85
CA PRO G 451 2.04 -44.37 -28.72
C PRO G 451 3.36 -44.85 -28.16
N PHE G 452 3.68 -44.51 -26.91
CA PHE G 452 4.91 -44.98 -26.28
C PHE G 452 4.68 -46.35 -25.69
N VAL G 453 5.73 -47.17 -25.69
CA VAL G 453 5.69 -48.52 -25.16
C VAL G 453 6.81 -48.67 -24.15
N CYS G 454 6.46 -49.10 -22.95
CA CYS G 454 7.41 -49.47 -21.92
C CYS G 454 8.35 -50.55 -22.46
N GLN G 455 9.67 -50.31 -22.57
CA GLN G 455 10.48 -51.32 -23.26
C GLN G 455 10.73 -52.54 -22.36
N ASN G 456 11.42 -52.36 -21.21
CA ASN G 456 11.66 -53.47 -20.28
C ASN G 456 11.42 -53.15 -18.79
N ASN G 457 11.63 -51.91 -18.37
CA ASN G 457 11.21 -51.42 -17.07
C ASN G 457 10.03 -50.52 -17.31
N CYS G 458 9.15 -50.34 -16.30
CA CYS G 458 8.00 -49.54 -16.66
C CYS G 458 7.35 -49.07 -15.36
N PRO G 459 6.67 -47.91 -15.34
CA PRO G 459 6.42 -47.23 -14.06
C PRO G 459 5.53 -48.02 -13.11
N GLY G 460 5.81 -47.87 -11.82
CA GLY G 460 5.08 -48.61 -10.81
C GLY G 460 3.74 -47.97 -10.50
N GLN G 461 2.73 -48.81 -10.32
CA GLN G 461 1.40 -48.33 -9.96
C GLN G 461 1.30 -47.96 -8.49
N LEU G 462 0.51 -46.93 -8.23
CA LEU G 462 0.31 -46.37 -6.91
C LEU G 462 -1.09 -46.74 -6.45
N PHE G 463 -1.18 -47.49 -5.35
CA PHE G 463 -2.45 -47.94 -4.77
C PHE G 463 -2.70 -47.20 -3.46
N VAL G 464 -3.96 -47.11 -3.07
CA VAL G 464 -4.36 -46.45 -1.84
C VAL G 464 -5.49 -47.24 -1.19
N LYS G 465 -5.57 -47.15 0.14
CA LYS G 465 -6.60 -47.83 0.90
C LYS G 465 -6.61 -47.21 2.28
N VAL G 466 -7.76 -46.71 2.73
CA VAL G 466 -7.87 -46.23 4.09
C VAL G 466 -7.81 -47.42 5.02
N ALA G 467 -7.07 -47.27 6.12
CA ALA G 467 -6.85 -48.40 7.01
C ALA G 467 -8.16 -48.77 7.70
N PRO G 468 -8.29 -50.00 8.21
CA PRO G 468 -9.46 -50.33 9.01
C PRO G 468 -9.54 -49.48 10.27
N ASN G 469 -10.76 -49.04 10.58
CA ASN G 469 -11.07 -48.25 11.78
C ASN G 469 -12.18 -49.02 12.48
N LEU G 470 -11.84 -49.66 13.60
CA LEU G 470 -12.65 -50.73 14.15
C LEU G 470 -13.45 -50.27 15.37
N THR G 471 -14.74 -50.60 15.36
CA THR G 471 -15.58 -50.36 16.52
C THR G 471 -15.26 -51.35 17.64
N ASN G 472 -15.60 -50.97 18.87
CA ASN G 472 -15.26 -51.77 20.04
C ASN G 472 -15.94 -53.14 20.02
N GLU G 473 -17.07 -53.27 19.33
CA GLU G 473 -17.83 -54.52 19.35
C GLU G 473 -17.26 -55.60 18.43
N TYR G 474 -16.17 -55.33 17.71
CA TYR G 474 -15.69 -56.21 16.67
C TYR G 474 -15.15 -57.53 17.26
N ASP G 475 -15.36 -58.62 16.50
CA ASP G 475 -14.76 -59.93 16.76
C ASP G 475 -14.29 -60.53 15.42
N PRO G 476 -13.02 -60.94 15.26
CA PRO G 476 -12.65 -61.66 14.04
C PRO G 476 -13.39 -62.97 13.86
N ASP G 477 -13.72 -63.66 14.94
CA ASP G 477 -14.34 -64.97 14.88
C ASP G 477 -15.85 -64.91 14.60
N ALA G 478 -16.40 -63.73 14.34
CA ALA G 478 -17.77 -63.63 13.87
C ALA G 478 -17.85 -63.94 12.38
N SER G 479 -18.88 -64.70 12.00
CA SER G 479 -19.12 -64.98 10.59
C SER G 479 -19.54 -63.74 9.82
N ALA G 480 -20.28 -62.84 10.47
CA ALA G 480 -20.86 -61.70 9.78
C ALA G 480 -19.77 -60.69 9.40
N ASN G 481 -20.17 -59.72 8.59
CA ASN G 481 -19.26 -58.67 8.17
C ASN G 481 -18.82 -57.83 9.35
N MET G 482 -17.58 -57.36 9.28
CA MET G 482 -17.05 -56.50 10.34
C MET G 482 -17.77 -55.16 10.34
N SER G 483 -17.73 -54.49 11.49
CA SER G 483 -18.30 -53.17 11.69
C SER G 483 -17.18 -52.15 11.81
N ARG G 484 -17.29 -51.06 11.06
CA ARG G 484 -16.24 -50.05 10.93
C ARG G 484 -16.85 -48.68 11.13
N ILE G 485 -16.11 -47.79 11.79
CA ILE G 485 -16.54 -46.39 11.82
C ILE G 485 -16.41 -45.83 10.41
N VAL G 486 -17.47 -45.19 9.93
CA VAL G 486 -17.46 -44.65 8.58
C VAL G 486 -16.38 -43.58 8.47
N THR G 487 -15.37 -43.86 7.66
CA THR G 487 -14.18 -43.02 7.53
C THR G 487 -13.89 -42.80 6.06
N TYR G 488 -13.48 -41.58 5.73
CA TYR G 488 -13.06 -41.23 4.39
C TYR G 488 -11.91 -40.24 4.45
N SER G 489 -11.13 -40.21 3.36
CA SER G 489 -9.91 -39.44 3.27
C SER G 489 -9.89 -38.69 1.94
N ASP G 490 -9.21 -37.55 1.94
CA ASP G 490 -8.82 -36.88 0.72
C ASP G 490 -7.44 -36.27 0.87
N PHE G 491 -6.62 -36.46 -0.16
CA PHE G 491 -5.20 -36.13 -0.14
C PHE G 491 -4.85 -35.47 -1.46
N TRP G 492 -3.73 -34.72 -1.47
CA TRP G 492 -3.34 -33.93 -2.62
C TRP G 492 -2.27 -34.69 -3.40
N TRP G 493 -2.68 -35.25 -4.53
CA TRP G 493 -1.75 -35.94 -5.42
C TRP G 493 -0.95 -34.91 -6.19
N LYS G 494 0.29 -35.27 -6.52
CA LYS G 494 1.12 -34.42 -7.36
C LYS G 494 2.18 -35.25 -8.05
N GLY G 495 2.47 -34.90 -9.29
CA GLY G 495 3.46 -35.61 -10.08
C GLY G 495 4.05 -34.73 -11.16
N LYS G 496 5.29 -35.04 -11.52
CA LYS G 496 6.04 -34.35 -12.56
C LYS G 496 6.41 -35.36 -13.63
N LEU G 497 6.06 -35.05 -14.87
CA LEU G 497 6.31 -35.90 -16.03
C LEU G 497 7.07 -35.09 -17.06
N VAL G 498 8.26 -35.56 -17.42
CA VAL G 498 9.22 -34.80 -18.23
C VAL G 498 9.24 -35.39 -19.64
N PHE G 499 9.15 -34.50 -20.64
CA PHE G 499 9.31 -34.84 -22.04
C PHE G 499 10.56 -34.16 -22.58
N LYS G 500 11.01 -34.61 -23.74
CA LYS G 500 11.99 -33.89 -24.55
C LYS G 500 11.52 -33.92 -26.00
N ALA G 501 11.57 -32.77 -26.66
CA ALA G 501 10.96 -32.59 -27.98
C ALA G 501 11.86 -31.76 -28.87
N LYS G 502 11.67 -31.93 -30.18
CA LYS G 502 12.39 -31.19 -31.22
C LYS G 502 11.45 -30.25 -31.94
N LEU G 503 11.78 -28.97 -31.94
CA LEU G 503 10.97 -27.99 -32.67
C LEU G 503 11.21 -28.13 -34.17
N ARG G 504 10.12 -28.13 -34.93
CA ARG G 504 10.19 -28.40 -36.36
C ARG G 504 10.88 -27.25 -37.09
N ALA G 505 11.05 -27.44 -38.40
CA ALA G 505 11.64 -26.45 -39.29
C ALA G 505 10.86 -26.40 -40.59
N SER G 506 10.89 -25.24 -41.24
CA SER G 506 10.10 -25.00 -42.45
C SER G 506 10.84 -25.52 -43.68
N HIS G 507 10.59 -26.79 -44.00
CA HIS G 507 11.22 -27.42 -45.16
C HIS G 507 10.52 -27.11 -46.48
N THR G 508 9.29 -26.59 -46.45
CA THR G 508 8.44 -26.47 -47.63
C THR G 508 7.93 -25.05 -47.76
N TRP G 509 7.57 -24.69 -48.99
CA TRP G 509 7.09 -23.35 -49.28
C TRP G 509 5.74 -23.10 -48.65
N ASN G 510 4.87 -24.10 -48.63
CA ASN G 510 3.48 -23.88 -48.28
C ASN G 510 3.32 -23.68 -46.77
N PRO G 511 2.22 -23.04 -46.34
CA PRO G 511 1.79 -23.15 -44.94
C PRO G 511 1.39 -24.57 -44.59
N ILE G 512 1.47 -24.87 -43.29
CA ILE G 512 1.10 -26.16 -42.70
C ILE G 512 -0.14 -25.97 -41.82
N GLN G 513 -0.91 -27.05 -41.67
CA GLN G 513 -2.11 -27.04 -40.84
C GLN G 513 -1.75 -26.83 -39.38
N GLN G 514 -2.64 -26.18 -38.64
CA GLN G 514 -2.44 -25.88 -37.23
C GLN G 514 -3.73 -26.12 -36.46
N MET G 515 -3.61 -26.55 -35.21
CA MET G 515 -4.66 -26.32 -34.23
C MET G 515 -4.85 -24.83 -34.07
N SER G 516 -6.09 -24.36 -34.09
CA SER G 516 -6.34 -22.92 -34.03
C SER G 516 -7.75 -22.65 -33.52
N ILE G 517 -7.86 -21.59 -32.72
CA ILE G 517 -9.15 -21.11 -32.25
C ILE G 517 -9.92 -20.62 -33.47
N ASN G 518 -11.18 -21.05 -33.59
CA ASN G 518 -12.00 -20.81 -34.77
C ASN G 518 -13.33 -20.25 -34.29
N VAL G 519 -14.05 -19.59 -35.21
CA VAL G 519 -15.36 -19.03 -34.89
C VAL G 519 -16.33 -20.12 -34.44
N ASP G 520 -16.20 -21.33 -34.98
CA ASP G 520 -17.13 -22.40 -34.64
C ASP G 520 -16.82 -22.99 -33.26
N ASN G 521 -15.54 -23.26 -32.98
CA ASN G 521 -15.15 -24.01 -31.79
C ASN G 521 -14.87 -23.12 -30.59
N GLN G 522 -15.42 -21.91 -30.54
CA GLN G 522 -14.97 -20.92 -29.56
C GLN G 522 -15.42 -21.30 -28.16
N PHE G 523 -16.70 -21.62 -27.98
CA PHE G 523 -17.23 -21.83 -26.64
C PHE G 523 -16.81 -23.15 -26.03
N ASN G 524 -16.18 -24.05 -26.79
CA ASN G 524 -15.64 -25.27 -26.20
C ASN G 524 -14.48 -25.02 -25.24
N TYR G 525 -13.82 -23.86 -25.33
CA TYR G 525 -12.56 -23.59 -24.64
C TYR G 525 -12.71 -22.43 -23.64
N VAL G 526 -13.81 -22.38 -22.91
CA VAL G 526 -14.01 -21.32 -21.92
C VAL G 526 -15.11 -21.77 -20.96
N PRO G 527 -15.16 -21.30 -19.71
CA PRO G 527 -16.31 -21.63 -18.87
C PRO G 527 -17.61 -21.04 -19.40
N SER G 528 -18.72 -21.65 -18.98
CA SER G 528 -20.06 -21.18 -19.27
C SER G 528 -20.59 -20.35 -18.11
N ASN G 529 -21.80 -19.83 -18.27
CA ASN G 529 -22.39 -18.99 -17.23
C ASN G 529 -22.68 -19.79 -15.96
N ILE G 530 -23.17 -21.03 -16.10
CA ILE G 530 -23.35 -21.90 -14.93
C ILE G 530 -22.04 -22.49 -14.43
N GLY G 531 -20.94 -22.31 -15.17
CA GLY G 531 -19.64 -22.72 -14.69
C GLY G 531 -19.16 -24.06 -15.18
N GLY G 532 -19.75 -24.58 -16.26
CA GLY G 532 -19.32 -25.85 -16.80
C GLY G 532 -18.09 -25.73 -17.67
N MET G 533 -17.56 -26.90 -18.06
CA MET G 533 -16.38 -26.98 -18.91
C MET G 533 -16.48 -28.21 -19.80
N LYS G 534 -15.77 -28.15 -20.92
CA LYS G 534 -15.57 -29.31 -21.78
C LYS G 534 -14.17 -29.23 -22.37
N ILE G 535 -13.54 -30.41 -22.52
CA ILE G 535 -12.33 -30.58 -23.30
C ILE G 535 -12.72 -31.37 -24.55
N VAL G 536 -12.55 -30.74 -25.70
CA VAL G 536 -12.90 -31.35 -26.99
C VAL G 536 -11.64 -32.00 -27.55
N TYR G 537 -11.81 -33.14 -28.20
CA TYR G 537 -10.67 -33.86 -28.74
C TYR G 537 -9.99 -33.05 -29.83
N GLU G 538 -8.66 -33.18 -29.91
CA GLU G 538 -7.84 -32.48 -30.86
C GLU G 538 -6.88 -33.45 -31.52
N LYS G 539 -6.42 -33.10 -32.72
CA LYS G 539 -5.62 -33.99 -33.53
C LYS G 539 -4.14 -33.85 -33.15
N SER G 540 -3.51 -34.98 -32.86
CA SER G 540 -2.11 -34.97 -32.45
C SER G 540 -1.16 -34.69 -33.61
N GLN G 541 -1.38 -35.34 -34.75
CA GLN G 541 -0.49 -35.26 -35.91
C GLN G 541 -1.13 -34.35 -36.96
N LEU G 542 -0.43 -33.28 -37.32
CA LEU G 542 -0.88 -32.32 -38.33
C LEU G 542 0.11 -32.13 -39.46
N ALA G 543 1.40 -32.05 -39.16
CA ALA G 543 2.36 -31.64 -40.18
C ALA G 543 2.57 -32.79 -41.18
N PRO G 544 2.90 -32.49 -42.44
CA PRO G 544 3.23 -33.57 -43.37
C PRO G 544 4.66 -34.06 -43.17
N ARG G 545 4.98 -35.11 -43.91
CA ARG G 545 6.27 -35.78 -43.82
C ARG G 545 6.44 -36.59 -45.09
N LYS G 546 7.69 -36.84 -45.47
CA LYS G 546 8.03 -37.52 -46.71
C LYS G 546 9.01 -38.65 -46.45
N LEU G 547 9.29 -39.42 -47.51
CA LEU G 547 10.20 -40.55 -47.42
C LEU G 547 11.61 -40.10 -47.04
N TYR G 548 12.08 -39.01 -47.64
CA TYR G 548 13.40 -38.46 -47.32
C TYR G 548 13.48 -38.01 -45.87
N GLY H 1 44.13 48.17 3.13
CA GLY H 1 43.60 49.13 2.12
C GLY H 1 42.39 49.90 2.62
N VAL H 2 42.30 51.16 2.22
CA VAL H 2 41.18 52.01 2.67
C VAL H 2 39.88 51.51 2.09
N GLY H 3 39.86 51.17 0.81
CA GLY H 3 38.66 50.87 0.07
C GLY H 3 38.50 49.41 -0.29
N ILE H 4 38.80 48.51 0.65
CA ILE H 4 38.71 47.06 0.46
C ILE H 4 37.57 46.55 1.34
N SER H 5 36.75 45.67 0.77
CA SER H 5 35.68 45.03 1.53
C SER H 5 36.28 43.98 2.46
N THR H 6 35.84 44.01 3.73
CA THR H 6 36.48 43.20 4.76
C THR H 6 35.69 41.94 5.10
N GLY H 7 34.43 41.83 4.68
CA GLY H 7 33.65 40.64 4.93
C GLY H 7 32.48 40.55 3.98
N THR H 8 31.63 39.55 4.24
CA THR H 8 30.49 39.22 3.38
C THR H 8 29.19 39.29 4.17
N PHE H 9 28.20 39.97 3.59
CA PHE H 9 26.85 39.96 4.14
C PHE H 9 26.28 38.56 4.01
N ASN H 10 25.52 38.13 5.02
CA ASN H 10 24.93 36.80 5.03
C ASN H 10 23.76 36.79 6.00
N ASN H 11 22.58 36.38 5.50
CA ASN H 11 21.34 36.44 6.27
C ASN H 11 20.44 35.24 6.05
N GLN H 12 20.99 34.08 5.71
CA GLN H 12 20.22 32.87 5.43
C GLN H 12 20.40 31.85 6.54
N THR H 13 19.29 31.32 7.03
CA THR H 13 19.35 30.13 7.86
C THR H 13 19.74 28.92 7.00
N GLU H 14 20.35 27.93 7.66
CA GLU H 14 20.84 26.73 6.98
C GLU H 14 20.49 25.54 7.87
N PHE H 15 19.47 24.79 7.48
CA PHE H 15 19.02 23.62 8.24
C PHE H 15 19.89 22.44 7.84
N LYS H 16 20.93 22.18 8.63
CA LYS H 16 21.87 21.09 8.39
C LYS H 16 21.43 19.88 9.21
N PHE H 17 21.36 18.73 8.54
CA PHE H 17 20.81 17.52 9.14
C PHE H 17 21.92 16.61 9.63
N LEU H 18 21.83 16.23 10.91
CA LEU H 18 22.82 15.40 11.59
C LEU H 18 22.23 13.99 11.79
N GLU H 19 23.09 13.08 12.25
CA GLU H 19 22.64 11.72 12.53
C GLU H 19 21.69 11.71 13.72
N ASN H 20 21.01 10.57 13.88
CA ASN H 20 20.07 10.32 14.98
C ASN H 20 18.94 11.35 15.06
N GLY H 21 18.57 11.96 13.94
CA GLY H 21 17.45 12.88 13.90
C GLY H 21 17.74 14.29 14.34
N TRP H 22 18.96 14.59 14.77
CA TRP H 22 19.31 15.96 15.09
C TRP H 22 19.38 16.81 13.84
N VAL H 23 19.02 18.09 13.99
CA VAL H 23 19.21 19.11 12.98
C VAL H 23 19.90 20.30 13.64
N GLU H 24 20.93 20.83 12.98
CA GLU H 24 21.69 21.98 13.47
C GLU H 24 21.29 23.20 12.65
N ILE H 25 20.55 24.11 13.28
CA ILE H 25 20.04 25.29 12.61
C ILE H 25 21.05 26.42 12.82
N THR H 26 21.85 26.70 11.80
CA THR H 26 22.60 27.94 11.77
C THR H 26 21.67 29.07 11.38
N ALA H 27 21.85 30.22 12.02
CA ALA H 27 21.00 31.40 11.82
C ALA H 27 21.91 32.57 11.53
N ASN H 28 22.28 32.73 10.27
CA ASN H 28 23.07 33.87 9.84
C ASN H 28 22.15 35.08 9.74
N SER H 29 22.61 36.22 10.27
CA SER H 29 21.86 37.46 10.23
C SER H 29 22.84 38.61 10.10
N SER H 30 22.44 39.63 9.35
CA SER H 30 23.28 40.79 9.11
C SER H 30 22.40 42.02 8.97
N ARG H 31 22.87 43.14 9.50
CA ARG H 31 22.11 44.39 9.51
C ARG H 31 23.06 45.55 9.28
N LEU H 32 22.53 46.60 8.66
CA LEU H 32 23.24 47.87 8.54
C LEU H 32 22.85 48.74 9.74
N VAL H 33 23.82 49.04 10.58
CA VAL H 33 23.61 49.79 11.83
C VAL H 33 24.07 51.21 11.59
N HIS H 34 23.39 52.17 12.20
CA HIS H 34 23.69 53.59 12.08
C HIS H 34 23.84 54.16 13.48
N LEU H 35 24.93 54.89 13.71
CA LEU H 35 25.26 55.42 15.04
C LEU H 35 25.61 56.90 14.92
N ASN H 36 24.83 57.75 15.59
CA ASN H 36 25.17 59.15 15.75
C ASN H 36 26.10 59.33 16.95
N MET H 37 26.71 60.51 17.04
CA MET H 37 27.57 60.79 18.18
C MET H 37 26.72 61.07 19.42
N PRO H 38 27.28 60.90 20.63
CA PRO H 38 26.45 61.06 21.82
C PRO H 38 26.15 62.53 22.11
N GLU H 39 25.18 62.72 23.01
CA GLU H 39 24.82 64.08 23.42
C GLU H 39 25.98 64.76 24.11
N SER H 40 26.70 64.04 24.97
CA SER H 40 27.88 64.57 25.65
C SER H 40 28.87 63.44 25.83
N GLU H 41 30.15 63.76 25.60
CA GLU H 41 31.21 62.79 25.75
C GLU H 41 31.50 62.43 27.20
N ASN H 42 30.98 63.20 28.16
CA ASN H 42 31.11 62.88 29.58
C ASN H 42 29.95 62.00 30.03
N TYR H 43 30.21 61.17 31.03
CA TYR H 43 29.14 60.44 31.70
C TYR H 43 28.32 61.43 32.52
N ARG H 44 27.16 60.98 32.99
CA ARG H 44 26.37 61.80 33.90
C ARG H 44 25.39 60.95 34.69
N ARG H 45 25.32 61.24 36.00
CA ARG H 45 24.36 60.62 36.89
C ARG H 45 23.08 61.45 36.93
N VAL H 46 21.96 60.81 36.61
CA VAL H 46 20.67 61.47 36.41
C VAL H 46 19.63 60.76 37.26
N VAL H 47 18.76 61.56 37.89
CA VAL H 47 17.66 61.07 38.73
C VAL H 47 16.36 61.42 38.03
N VAL H 48 15.45 60.46 37.97
CA VAL H 48 14.13 60.63 37.36
C VAL H 48 13.09 60.67 38.47
N ASN H 49 12.19 61.64 38.42
CA ASN H 49 11.17 61.84 39.44
C ASN H 49 9.88 62.28 38.76
N ASN H 50 8.76 61.71 39.21
CA ASN H 50 7.42 62.08 38.76
C ASN H 50 6.53 62.35 39.97
N MET H 51 7.01 63.24 40.85
CA MET H 51 6.24 63.62 42.05
C MET H 51 4.86 64.14 41.71
N ASP H 52 4.71 64.80 40.55
CA ASP H 52 3.40 65.35 40.18
C ASP H 52 2.35 64.26 39.97
N LYS H 53 2.72 63.19 39.27
CA LYS H 53 1.75 62.12 38.99
C LYS H 53 1.52 61.24 40.22
N THR H 54 2.57 61.04 41.03
CA THR H 54 2.42 60.22 42.24
C THR H 54 1.68 60.96 43.34
N ALA H 55 1.67 62.30 43.31
CA ALA H 55 1.01 63.07 44.37
C ALA H 55 -0.49 62.82 44.41
N VAL H 56 -1.14 62.61 43.26
CA VAL H 56 -2.55 62.27 43.25
C VAL H 56 -2.69 60.87 43.84
N ASN H 57 -3.54 60.74 44.87
CA ASN H 57 -3.67 59.48 45.57
C ASN H 57 -4.31 58.43 44.67
N GLY H 58 -4.00 57.17 44.95
CA GLY H 58 -4.47 56.06 44.15
C GLY H 58 -3.67 55.77 42.90
N ASN H 59 -2.39 56.15 42.87
CA ASN H 59 -1.50 55.95 41.73
C ASN H 59 -0.18 55.31 42.16
N MET H 60 -0.24 54.30 43.03
CA MET H 60 0.99 53.64 43.47
C MET H 60 1.65 52.89 42.33
N ALA H 61 0.86 52.39 41.38
CA ALA H 61 1.43 51.60 40.28
C ALA H 61 2.15 52.46 39.25
N LEU H 62 1.91 53.77 39.23
CA LEU H 62 2.48 54.64 38.21
C LEU H 62 3.85 55.21 38.57
N ASP H 63 4.42 54.81 39.70
CA ASP H 63 5.70 55.38 40.15
C ASP H 63 6.79 54.92 39.19
N ASP H 64 7.62 55.87 38.76
CA ASP H 64 8.76 55.64 37.88
C ASP H 64 10.06 56.16 38.46
N ILE H 65 10.12 56.48 39.75
CA ILE H 65 11.27 57.19 40.29
C ILE H 65 12.45 56.23 40.34
N HIS H 66 13.58 56.66 39.77
CA HIS H 66 14.79 55.86 39.70
C HIS H 66 15.94 56.78 39.32
N ALA H 67 17.15 56.21 39.34
CA ALA H 67 18.36 56.90 38.96
C ALA H 67 19.18 56.01 38.05
N GLN H 68 19.96 56.63 37.16
CA GLN H 68 20.68 55.90 36.13
C GLN H 68 21.91 56.70 35.72
N ILE H 69 22.82 56.00 35.04
CA ILE H 69 24.07 56.57 34.53
C ILE H 69 23.86 56.62 33.02
N VAL H 70 23.47 57.78 32.49
CA VAL H 70 23.44 57.96 31.04
C VAL H 70 24.88 58.03 30.55
N THR H 71 25.18 57.30 29.47
CA THR H 71 26.53 56.92 29.11
C THR H 71 26.81 57.25 27.65
N PRO H 72 28.06 57.74 27.27
CA PRO H 72 28.42 57.89 25.85
C PRO H 72 28.90 56.58 25.21
N TRP H 73 28.01 55.60 25.15
CA TRP H 73 28.22 54.34 24.47
C TRP H 73 26.85 53.88 24.00
N SER H 74 26.84 52.90 23.10
CA SER H 74 25.59 52.38 22.57
C SER H 74 25.73 50.88 22.33
N LEU H 75 24.67 50.15 22.67
CA LEU H 75 24.71 48.69 22.75
C LEU H 75 24.15 48.09 21.48
N VAL H 76 24.91 47.15 20.90
CA VAL H 76 24.46 46.34 19.77
C VAL H 76 24.07 44.99 20.38
N ASP H 77 22.78 44.80 20.65
CA ASP H 77 22.26 43.61 21.33
C ASP H 77 21.25 42.97 20.39
N ALA H 78 21.52 41.72 19.99
CA ALA H 78 20.67 40.95 19.10
C ALA H 78 19.87 39.88 19.83
N ASN H 79 19.58 40.07 21.12
CA ASN H 79 18.83 39.10 21.91
C ASN H 79 17.33 39.25 21.65
N ALA H 80 16.91 38.77 20.47
CA ALA H 80 15.50 38.75 20.13
C ALA H 80 15.31 37.79 18.96
N TRP H 81 14.20 37.05 18.99
CA TRP H 81 14.00 35.97 18.02
C TRP H 81 13.90 36.49 16.59
N GLY H 82 13.20 37.61 16.40
CA GLY H 82 12.98 38.14 15.06
C GLY H 82 14.24 38.57 14.34
N VAL H 83 15.32 38.84 15.08
CA VAL H 83 16.58 39.19 14.46
C VAL H 83 17.14 38.05 13.63
N TRP H 84 16.81 36.80 13.96
CA TRP H 84 17.47 35.62 13.42
C TRP H 84 16.59 34.75 12.54
N PHE H 85 15.26 34.82 12.68
CA PHE H 85 14.34 33.95 11.95
C PHE H 85 13.26 34.78 11.26
N ASN H 86 13.17 34.63 9.94
CA ASN H 86 12.03 35.14 9.19
C ASN H 86 10.86 34.19 9.37
N PRO H 87 9.62 34.64 9.11
CA PRO H 87 8.46 33.78 9.44
C PRO H 87 8.40 32.48 8.65
N GLY H 88 9.06 32.41 7.50
CA GLY H 88 9.13 31.15 6.79
C GLY H 88 9.92 30.10 7.56
N ASP H 89 11.04 30.50 8.15
CA ASP H 89 11.88 29.54 8.85
C ASP H 89 11.33 29.18 10.22
N TRP H 90 10.64 30.11 10.88
CA TRP H 90 10.08 29.78 12.19
C TRP H 90 8.97 28.75 12.05
N GLN H 91 8.23 28.79 10.96
CA GLN H 91 7.22 27.76 10.71
C GLN H 91 7.88 26.40 10.61
N LEU H 92 9.03 26.33 9.93
CA LEU H 92 9.76 25.08 9.85
C LEU H 92 10.30 24.66 11.22
N ILE H 93 10.54 25.62 12.12
CA ILE H 93 11.00 25.29 13.46
C ILE H 93 9.85 24.67 14.23
N VAL H 94 8.81 25.44 14.51
CA VAL H 94 7.82 25.02 15.51
C VAL H 94 6.99 23.84 15.02
N ASN H 95 6.61 23.83 13.74
CA ASN H 95 5.74 22.76 13.26
C ASN H 95 6.45 21.42 13.22
N THR H 96 7.78 21.40 13.18
CA THR H 96 8.57 20.21 12.92
C THR H 96 9.62 19.89 13.98
N MET H 97 10.21 20.89 14.65
CA MET H 97 11.04 20.60 15.81
C MET H 97 10.17 20.03 16.93
N SER H 98 10.82 19.45 17.95
CA SER H 98 10.17 19.06 19.19
C SER H 98 10.93 19.61 20.40
N GLU H 99 12.26 19.66 20.32
CA GLU H 99 13.12 20.21 21.36
C GLU H 99 14.18 21.08 20.72
N LEU H 100 14.83 21.93 21.52
CA LEU H 100 15.75 22.93 21.01
C LEU H 100 16.83 23.23 22.03
N HIS H 101 18.05 23.42 21.55
CA HIS H 101 19.20 23.80 22.37
C HIS H 101 19.87 25.03 21.80
N LEU H 102 20.54 25.80 22.66
CA LEU H 102 21.44 26.85 22.23
C LEU H 102 22.87 26.32 22.18
N VAL H 103 23.55 26.56 21.06
CA VAL H 103 24.82 25.93 20.76
C VAL H 103 25.96 26.95 20.80
N SER H 104 25.91 27.95 19.93
CA SER H 104 27.02 28.89 19.82
C SER H 104 26.54 30.20 19.21
N PHE H 105 27.43 31.19 19.24
CA PHE H 105 27.08 32.56 18.89
C PHE H 105 28.37 33.34 18.66
N GLU H 106 28.37 34.15 17.59
CA GLU H 106 29.49 35.03 17.29
C GLU H 106 28.94 36.31 16.68
N GLN H 107 29.75 37.35 16.70
CA GLN H 107 29.40 38.63 16.09
C GLN H 107 30.62 39.21 15.38
N GLU H 108 30.37 40.17 14.51
CA GLU H 108 31.43 40.94 13.89
C GLU H 108 30.87 42.26 13.37
N ILE H 109 31.70 43.30 13.49
CA ILE H 109 31.46 44.61 12.88
C ILE H 109 32.41 44.73 11.72
N PHE H 110 31.86 44.88 10.51
CA PHE H 110 32.63 44.87 9.27
C PHE H 110 32.11 45.94 8.31
N ASN H 111 33.01 46.35 7.42
CA ASN H 111 32.74 47.41 6.45
C ASN H 111 32.36 48.70 7.17
N VAL H 112 33.33 49.23 7.94
CA VAL H 112 33.12 50.44 8.72
C VAL H 112 33.30 51.66 7.82
N VAL H 113 32.38 52.61 7.93
CA VAL H 113 32.51 53.92 7.31
C VAL H 113 32.02 54.99 8.28
N LEU H 114 32.74 56.11 8.30
CA LEU H 114 32.47 57.26 9.15
C LEU H 114 32.32 58.50 8.30
N LYS H 115 31.50 59.44 8.78
CA LYS H 115 31.09 60.62 8.03
C LYS H 115 31.16 61.85 8.91
N THR H 116 31.36 63.00 8.27
CA THR H 116 31.22 64.30 8.91
C THR H 116 30.46 65.22 7.96
N VAL H 117 29.78 66.21 8.53
CA VAL H 117 28.87 67.08 7.82
C VAL H 117 29.24 68.54 8.08
N SER H 118 28.79 69.41 7.19
CA SER H 118 29.05 70.85 7.30
C SER H 118 27.94 71.60 6.60
N GLU H 119 27.83 72.88 6.92
CA GLU H 119 26.81 73.74 6.31
C GLU H 119 27.07 73.93 4.82
N THR H 126 22.10 75.21 3.40
CA THR H 126 22.20 73.85 2.88
C THR H 126 23.20 73.04 3.70
N LYS H 127 23.22 71.72 3.48
CA LYS H 127 24.05 70.78 4.21
C LYS H 127 24.92 69.99 3.25
N VAL H 128 26.06 69.53 3.75
CA VAL H 128 27.07 68.83 2.97
C VAL H 128 27.47 67.60 3.77
N TYR H 129 27.82 66.52 3.07
CA TYR H 129 28.33 65.30 3.65
C TYR H 129 29.65 64.94 2.97
N ASN H 130 30.61 64.47 3.76
CA ASN H 130 31.98 64.23 3.30
C ASN H 130 32.55 62.99 3.97
N ASN H 131 33.37 62.25 3.22
CA ASN H 131 34.00 61.03 3.70
C ASN H 131 35.31 61.39 4.40
N ASP H 132 35.28 61.40 5.73
CA ASP H 132 36.48 61.64 6.53
C ASP H 132 37.18 60.29 6.75
N LEU H 133 38.18 60.05 5.91
CA LEU H 133 38.90 58.77 5.98
C LEU H 133 39.70 58.62 7.27
N THR H 134 40.14 59.72 7.88
CA THR H 134 41.06 59.68 9.01
C THR H 134 40.39 59.52 10.35
N ALA H 135 39.06 59.54 10.42
CA ALA H 135 38.37 59.41 11.70
C ALA H 135 38.49 57.97 12.22
N SER H 136 37.88 57.73 13.38
CA SER H 136 37.97 56.44 14.06
C SER H 136 36.65 56.10 14.74
N LEU H 137 36.45 54.81 15.03
CA LEU H 137 35.23 54.28 15.63
C LEU H 137 35.61 53.30 16.73
N MET H 138 35.20 53.62 17.97
CA MET H 138 35.55 52.78 19.12
C MET H 138 34.53 51.68 19.30
N VAL H 139 35.01 50.49 19.66
CA VAL H 139 34.18 49.32 19.91
C VAL H 139 34.77 48.57 21.10
N ALA H 140 33.91 47.95 21.88
CA ALA H 140 34.31 47.22 23.09
C ALA H 140 33.44 45.99 23.26
N LEU H 141 34.02 44.94 23.83
CA LEU H 141 33.35 43.68 24.08
C LEU H 141 33.64 43.24 25.51
N ASP H 142 32.61 43.10 26.32
CA ASP H 142 32.76 42.67 27.71
C ASP H 142 32.78 41.14 27.74
N SER H 143 33.97 40.60 27.47
CA SER H 143 34.12 39.15 27.48
C SER H 143 34.02 38.59 28.89
N ASN H 144 34.51 39.33 29.88
CA ASN H 144 34.57 38.85 31.25
C ASN H 144 33.27 38.99 32.02
N ASN H 145 32.23 39.59 31.42
CA ASN H 145 30.94 39.79 32.07
C ASN H 145 31.07 40.59 33.37
N THR H 146 31.89 41.64 33.31
CA THR H 146 32.03 42.57 34.42
C THR H 146 30.96 43.66 34.39
N MET H 147 30.61 44.13 33.20
CA MET H 147 29.60 45.17 33.08
C MET H 147 28.24 44.59 33.48
N PRO H 148 27.30 45.43 33.92
CA PRO H 148 25.99 44.91 34.29
C PRO H 148 25.17 44.58 33.06
N PHE H 149 24.53 43.41 33.06
CA PHE H 149 23.77 42.98 31.91
C PHE H 149 22.52 43.83 31.81
N THR H 150 22.33 44.48 30.66
CA THR H 150 21.13 45.26 30.36
C THR H 150 20.46 44.65 29.13
N PRO H 151 19.53 43.70 29.27
CA PRO H 151 18.88 43.16 28.07
C PRO H 151 17.94 44.19 27.46
N ALA H 152 18.17 44.51 26.18
CA ALA H 152 17.40 45.55 25.53
C ALA H 152 16.01 45.09 25.11
N ALA H 153 15.70 43.80 25.24
CA ALA H 153 14.41 43.30 24.79
C ALA H 153 13.26 43.80 25.67
N MET H 154 13.52 44.00 26.96
CA MET H 154 12.44 44.35 27.88
C MET H 154 11.87 45.73 27.58
N ARG H 155 12.73 46.73 27.47
CA ARG H 155 12.30 48.06 27.06
C ARG H 155 12.21 48.21 25.53
N SER H 156 12.36 47.11 24.78
CA SER H 156 12.08 47.06 23.35
C SER H 156 12.99 48.01 22.57
N GLU H 157 14.30 47.73 22.66
CA GLU H 157 15.33 48.54 22.01
C GLU H 157 16.36 47.69 21.29
N THR H 158 15.98 46.51 20.80
CA THR H 158 16.95 45.65 20.13
C THR H 158 17.05 46.06 18.66
N LEU H 159 17.91 45.35 17.93
CA LEU H 159 18.20 45.72 16.54
C LEU H 159 17.00 45.46 15.64
N GLY H 160 17.10 45.96 14.41
CA GLY H 160 16.01 45.84 13.47
C GLY H 160 15.71 44.40 13.09
N PHE H 161 14.44 44.14 12.82
CA PHE H 161 13.95 42.78 12.60
C PHE H 161 13.86 42.46 11.11
N TYR H 162 13.78 43.49 10.26
CA TYR H 162 13.86 43.29 8.82
C TYR H 162 15.33 43.26 8.38
N PRO H 163 15.72 42.40 7.43
CA PRO H 163 17.08 42.52 6.89
C PRO H 163 17.39 43.82 6.20
N TRP H 164 16.42 44.41 5.50
CA TRP H 164 16.74 45.48 4.55
C TRP H 164 16.65 46.86 5.19
N LYS H 165 15.70 47.07 6.08
CA LYS H 165 15.58 48.36 6.74
C LYS H 165 16.80 48.54 7.66
N PRO H 166 17.55 49.65 7.57
CA PRO H 166 18.64 49.84 8.53
C PRO H 166 18.10 50.04 9.94
N THR H 167 19.00 49.89 10.91
CA THR H 167 18.69 49.96 12.32
C THR H 167 19.69 50.86 13.03
N ILE H 168 19.41 51.13 14.30
CA ILE H 168 20.24 51.96 15.16
C ILE H 168 20.49 51.21 16.46
N PRO H 169 21.58 51.47 17.17
CA PRO H 169 21.75 50.89 18.50
C PRO H 169 21.21 51.83 19.57
N THR H 170 20.95 51.27 20.74
CA THR H 170 20.28 52.04 21.79
C THR H 170 21.31 52.79 22.63
N PRO H 171 21.05 53.99 23.14
CA PRO H 171 22.04 54.63 24.00
C PRO H 171 22.10 53.93 25.35
N TRP H 172 23.26 53.38 25.67
CA TRP H 172 23.40 52.48 26.79
C TRP H 172 23.27 53.24 28.12
N ARG H 173 22.66 52.59 29.08
CA ARG H 173 22.58 53.10 30.44
C ARG H 173 22.33 51.93 31.38
N TYR H 174 22.60 52.16 32.66
CA TYR H 174 22.32 51.17 33.70
C TYR H 174 21.78 51.91 34.92
N TYR H 175 21.04 51.17 35.73
CA TYR H 175 20.24 51.77 36.79
C TYR H 175 21.03 51.78 38.09
N PHE H 176 20.98 52.91 38.78
CA PHE H 176 21.91 53.25 39.84
C PHE H 176 21.33 52.68 41.15
N GLN H 177 21.86 53.13 42.29
CA GLN H 177 21.63 52.44 43.56
C GLN H 177 20.17 52.61 44.00
N TRP H 178 19.57 51.51 44.46
CA TRP H 178 18.21 51.50 44.99
C TRP H 178 18.04 52.50 46.13
N ASP H 179 17.07 53.44 45.99
CA ASP H 179 17.10 54.69 46.75
C ASP H 179 15.76 55.18 47.29
N ARG H 180 14.64 54.50 47.05
CA ARG H 180 13.33 55.13 47.09
C ARG H 180 12.37 54.37 48.01
N THR H 181 11.37 55.10 48.52
CA THR H 181 10.28 54.53 49.31
C THR H 181 8.97 55.27 49.01
N LEU H 182 7.85 54.62 49.31
CA LEU H 182 6.53 55.20 49.06
C LEU H 182 5.48 54.36 49.78
N ILE H 183 4.49 55.03 50.37
CA ILE H 183 3.33 54.38 50.98
C ILE H 183 2.18 54.44 49.99
N PRO H 184 1.40 53.37 49.79
CA PRO H 184 0.26 53.48 48.88
C PRO H 184 -0.88 54.27 49.50
N SER H 185 -1.81 54.70 48.64
CA SER H 185 -2.97 55.48 49.05
C SER H 185 -4.23 54.91 48.40
N HIS H 186 -5.24 54.69 49.23
CA HIS H 186 -6.54 54.24 48.73
C HIS H 186 -7.22 55.39 48.00
N THR H 187 -8.03 55.04 46.98
CA THR H 187 -8.73 56.01 46.13
C THR H 187 -9.55 57.00 46.95
N GLY H 188 -9.18 58.27 46.88
CA GLY H 188 -9.87 59.31 47.61
C GLY H 188 -9.51 59.42 49.07
N THR H 189 -8.37 58.88 49.50
CA THR H 189 -7.96 59.01 50.89
C THR H 189 -7.55 60.44 51.19
N SER H 190 -7.92 60.91 52.38
CA SER H 190 -7.69 62.31 52.73
C SER H 190 -6.22 62.61 52.96
N GLY H 191 -5.51 61.75 53.70
CA GLY H 191 -4.15 62.04 54.06
C GLY H 191 -3.19 61.98 52.89
N THR H 192 -2.10 62.75 53.02
CA THR H 192 -1.03 62.76 52.02
C THR H 192 0.01 61.70 52.40
N PRO H 193 0.21 60.64 51.62
CA PRO H 193 1.14 59.60 52.05
C PRO H 193 2.59 60.07 51.97
N THR H 194 3.44 59.40 52.74
CA THR H 194 4.87 59.69 52.71
C THR H 194 5.45 59.26 51.37
N ASN H 195 6.08 60.20 50.67
CA ASN H 195 6.60 59.95 49.31
C ASN H 195 7.86 60.81 49.16
N ILE H 196 9.01 60.19 49.43
CA ILE H 196 10.29 60.89 49.53
C ILE H 196 11.38 60.07 48.88
N TYR H 197 12.50 60.74 48.57
CA TYR H 197 13.66 60.16 47.94
C TYR H 197 14.86 60.52 48.81
N HIS H 198 15.49 59.51 49.40
CA HIS H 198 16.57 59.74 50.35
C HIS H 198 17.94 59.91 49.71
N GLY H 199 18.07 59.72 48.40
CA GLY H 199 19.38 59.76 47.81
C GLY H 199 20.14 58.48 48.13
N THR H 200 21.41 58.49 47.76
CA THR H 200 22.17 57.25 47.74
C THR H 200 22.87 56.97 49.07
N ASP H 201 22.82 55.69 49.46
CA ASP H 201 23.51 55.13 50.60
C ASP H 201 24.85 54.65 50.06
N PRO H 202 26.01 54.96 50.69
CA PRO H 202 27.29 54.64 50.03
C PRO H 202 27.59 53.16 49.89
N ASP H 203 26.88 52.27 50.60
CA ASP H 203 27.27 50.86 50.62
C ASP H 203 27.14 50.18 49.26
N ASP H 204 26.29 50.70 48.35
CA ASP H 204 26.17 50.15 47.00
C ASP H 204 26.27 51.29 45.97
N VAL H 205 27.10 52.29 46.22
CA VAL H 205 27.41 53.28 45.19
C VAL H 205 28.48 52.66 44.31
N GLN H 206 28.08 52.19 43.13
CA GLN H 206 28.96 51.52 42.18
C GLN H 206 28.84 52.22 40.84
N PHE H 207 30.00 52.56 40.27
CA PHE H 207 30.10 53.33 39.04
C PHE H 207 31.07 52.62 38.12
N TYR H 208 30.67 52.47 36.85
CA TYR H 208 31.47 51.81 35.84
C TYR H 208 31.80 52.78 34.71
N THR H 209 32.91 52.52 34.04
CA THR H 209 33.20 53.08 32.73
C THR H 209 33.73 51.98 31.84
N ILE H 210 33.39 52.06 30.55
CA ILE H 210 33.89 51.08 29.59
C ILE H 210 35.35 51.38 29.28
N GLU H 211 35.76 52.65 29.41
CA GLU H 211 37.15 53.03 29.20
C GLU H 211 38.08 52.32 30.16
N ASN H 212 37.60 51.99 31.37
CA ASN H 212 38.39 51.30 32.37
C ASN H 212 38.14 49.79 32.37
N SER H 213 36.88 49.38 32.25
CA SER H 213 36.53 47.98 32.50
C SER H 213 37.01 47.03 31.42
N VAL H 214 36.91 47.42 30.15
CA VAL H 214 37.06 46.50 29.01
C VAL H 214 38.21 47.00 28.14
N PRO H 215 39.00 46.12 27.47
CA PRO H 215 39.91 46.63 26.45
C PRO H 215 39.17 47.15 25.22
N VAL H 216 39.25 48.46 24.99
CA VAL H 216 38.60 49.06 23.83
C VAL H 216 39.50 48.88 22.61
N HIS H 217 38.87 48.60 21.47
CA HIS H 217 39.51 48.60 20.17
C HIS H 217 39.14 49.87 19.43
N LEU H 218 39.99 50.25 18.47
CA LEU H 218 39.80 51.45 17.66
C LEU H 218 39.65 51.01 16.20
N LEU H 219 38.41 50.94 15.74
CA LEU H 219 38.14 50.63 14.35
C LEU H 219 38.26 51.88 13.50
N ARG H 220 38.93 51.73 12.35
CA ARG H 220 39.02 52.75 11.32
C ARG H 220 38.31 52.21 10.10
N THR H 221 38.24 53.02 9.05
CA THR H 221 37.38 52.71 7.91
C THR H 221 37.81 51.47 7.13
N GLY H 222 39.04 50.97 7.33
CA GLY H 222 39.60 49.89 6.55
C GLY H 222 39.72 48.55 7.24
N ASP H 223 39.31 48.42 8.51
CA ASP H 223 39.52 47.21 9.30
C ASP H 223 38.19 46.73 9.88
N GLU H 224 38.24 45.60 10.58
CA GLU H 224 37.07 44.93 11.11
C GLU H 224 37.42 44.27 12.43
N PHE H 225 36.40 43.91 13.20
CA PHE H 225 36.56 43.26 14.50
C PHE H 225 35.49 42.20 14.62
N ALA H 226 35.89 41.00 15.06
CA ALA H 226 34.98 39.88 15.25
C ALA H 226 35.21 39.27 16.62
N THR H 227 34.11 38.88 17.26
CA THR H 227 34.19 38.19 18.53
C THR H 227 34.50 36.71 18.30
N GLY H 228 34.99 36.06 19.35
CA GLY H 228 35.16 34.63 19.32
C GLY H 228 33.84 33.91 19.48
N THR H 229 33.90 32.59 19.30
CA THR H 229 32.71 31.76 19.47
C THR H 229 32.47 31.49 20.95
N PHE H 230 31.38 32.05 21.48
CA PHE H 230 30.92 31.69 22.81
C PHE H 230 30.02 30.46 22.67
N PHE H 231 30.30 29.45 23.50
CA PHE H 231 29.54 28.21 23.56
C PHE H 231 28.65 28.25 24.79
N PHE H 232 27.36 28.07 24.60
CA PHE H 232 26.42 28.15 25.71
C PHE H 232 26.42 26.84 26.49
N ASP H 233 25.66 26.84 27.60
CA ASP H 233 25.45 25.64 28.41
C ASP H 233 24.01 25.50 28.92
N CYS H 234 23.04 26.05 28.20
CA CYS H 234 21.66 26.07 28.67
C CYS H 234 21.02 24.69 28.54
N LYS H 235 19.94 24.50 29.32
CA LYS H 235 19.13 23.29 29.22
C LYS H 235 18.16 23.43 28.04
N PRO H 236 17.62 22.32 27.52
CA PRO H 236 16.76 22.42 26.34
C PRO H 236 15.45 23.14 26.63
N CYS H 237 14.95 23.84 25.61
CA CYS H 237 13.61 24.41 25.63
C CYS H 237 12.64 23.49 24.92
N ARG H 238 11.41 23.42 25.45
CA ARG H 238 10.37 22.54 24.94
C ARG H 238 9.43 23.32 24.04
N LEU H 239 9.34 22.91 22.78
CA LEU H 239 8.42 23.51 21.82
C LEU H 239 7.09 22.75 21.75
N THR H 240 6.71 22.05 22.83
CA THR H 240 5.46 21.34 22.92
C THR H 240 4.83 21.61 24.28
N HIS H 241 3.53 21.86 24.28
CA HIS H 241 2.80 22.22 25.49
C HIS H 241 2.25 20.98 26.17
N THR H 242 1.75 21.17 27.39
CA THR H 242 1.26 20.10 28.25
C THR H 242 -0.16 20.44 28.67
N TRP H 243 -1.14 19.75 28.08
CA TRP H 243 -2.53 19.99 28.43
C TRP H 243 -2.92 19.33 29.74
N GLN H 244 -2.20 18.30 30.16
CA GLN H 244 -2.62 17.53 31.34
C GLN H 244 -2.42 18.36 32.59
N THR H 245 -3.48 19.02 33.02
CA THR H 245 -3.54 19.56 34.37
C THR H 245 -3.87 18.43 35.33
N ASN H 246 -4.18 18.78 36.58
CA ASN H 246 -4.78 17.79 37.44
C ASN H 246 -6.19 17.53 36.93
N ARG H 247 -6.75 16.39 37.32
CA ARG H 247 -7.89 15.69 36.71
C ARG H 247 -7.54 14.98 35.40
N ALA H 248 -6.30 15.13 34.91
CA ALA H 248 -5.84 14.44 33.70
C ALA H 248 -4.66 13.54 34.04
N LEU H 249 -4.62 13.01 35.26
CA LEU H 249 -3.49 12.26 35.79
C LEU H 249 -4.01 10.99 36.45
N GLY H 250 -3.28 9.90 36.25
CA GLY H 250 -3.63 8.63 36.84
C GLY H 250 -4.69 7.90 36.05
N LEU H 251 -5.05 6.72 36.54
CA LEU H 251 -6.02 5.88 35.85
C LEU H 251 -7.40 6.52 35.97
N PRO H 252 -8.16 6.71 34.89
CA PRO H 252 -9.53 7.21 35.04
C PRO H 252 -10.41 6.16 35.70
N PRO H 253 -11.61 6.54 36.15
CA PRO H 253 -12.51 5.57 36.77
C PRO H 253 -13.14 4.64 35.75
N PHE H 254 -13.57 3.49 36.23
CA PHE H 254 -14.26 2.51 35.38
C PHE H 254 -15.74 2.83 35.28
N LEU H 255 -16.28 2.71 34.07
CA LEU H 255 -17.69 3.00 33.77
C LEU H 255 -18.41 1.68 33.52
N ASN H 256 -19.40 1.38 34.36
CA ASN H 256 -20.20 0.19 34.18
C ASN H 256 -21.31 0.36 33.15
N SER H 257 -21.64 1.61 32.77
CA SER H 257 -22.75 1.91 31.86
C SER H 257 -22.26 2.82 30.74
N LEU H 258 -21.77 2.21 29.66
CA LEU H 258 -21.34 2.98 28.51
C LEU H 258 -22.55 3.36 27.65
N PRO H 259 -22.48 4.47 26.90
CA PRO H 259 -23.66 4.89 26.14
C PRO H 259 -23.96 3.96 24.98
N GLN H 260 -25.24 3.90 24.61
CA GLN H 260 -25.74 3.05 23.53
C GLN H 260 -26.20 3.84 22.31
N SER H 261 -26.19 5.17 22.37
CA SER H 261 -26.45 6.01 21.20
C SER H 261 -25.49 7.18 21.25
N GLU H 262 -25.35 7.87 20.12
CA GLU H 262 -24.38 8.95 19.95
C GLU H 262 -25.06 10.29 19.74
N GLY H 263 -24.28 11.33 19.92
CA GLY H 263 -24.78 12.69 20.09
C GLY H 263 -24.20 13.25 21.37
N ALA H 264 -24.39 14.55 21.57
CA ALA H 264 -23.86 15.19 22.77
C ALA H 264 -24.54 14.65 24.03
N THR H 265 -25.88 14.55 24.02
CA THR H 265 -26.62 14.27 25.24
C THR H 265 -26.40 12.86 25.77
N ASN H 266 -25.89 11.93 24.96
CA ASN H 266 -25.70 10.55 25.39
C ASN H 266 -24.44 10.42 26.26
N PHE H 267 -24.63 10.82 27.50
CA PHE H 267 -23.60 10.82 28.54
C PHE H 267 -23.38 9.40 29.08
N GLY H 268 -22.18 9.20 29.65
CA GLY H 268 -21.89 7.99 30.39
C GLY H 268 -22.31 8.11 31.85
N ASP H 269 -22.13 7.02 32.60
CA ASP H 269 -22.47 6.96 34.01
C ASP H 269 -21.53 6.02 34.75
N ILE H 270 -21.16 6.42 35.97
CA ILE H 270 -20.26 5.63 36.81
C ILE H 270 -21.11 4.64 37.61
N GLY H 271 -20.56 3.45 37.84
CA GLY H 271 -21.35 2.32 38.30
C GLY H 271 -21.97 2.48 39.67
N VAL H 272 -21.21 2.91 40.67
CA VAL H 272 -21.58 2.80 42.07
C VAL H 272 -21.70 4.18 42.70
N GLN H 273 -22.27 4.21 43.90
CA GLN H 273 -22.49 5.46 44.61
C GLN H 273 -21.17 6.10 44.99
N GLN H 274 -21.20 7.43 45.14
CA GLN H 274 -19.99 8.20 45.41
C GLN H 274 -19.38 7.87 46.76
N ASP H 275 -20.18 7.40 47.72
CA ASP H 275 -19.69 6.99 49.03
C ASP H 275 -19.31 5.52 49.11
N LYS H 276 -19.32 4.79 47.98
CA LYS H 276 -18.92 3.38 47.92
C LYS H 276 -17.80 3.11 46.92
N ARG H 277 -17.26 4.14 46.25
CA ARG H 277 -16.15 3.90 45.35
C ARG H 277 -14.91 3.51 46.15
N ARG H 278 -13.96 2.87 45.46
CA ARG H 278 -12.72 2.39 46.04
C ARG H 278 -11.56 3.07 45.35
N GLY H 279 -10.58 3.49 46.14
CA GLY H 279 -9.46 4.24 45.64
C GLY H 279 -8.74 4.91 46.79
N VAL H 280 -7.90 5.88 46.45
CA VAL H 280 -7.03 6.58 47.39
C VAL H 280 -7.44 8.05 47.41
N THR H 281 -7.51 8.62 48.61
CA THR H 281 -7.80 10.04 48.78
C THR H 281 -7.05 10.58 49.99
N GLN H 282 -6.76 11.88 49.96
CA GLN H 282 -6.02 12.53 51.05
C GLN H 282 -6.92 13.08 52.15
N MET H 283 -8.20 13.35 51.87
CA MET H 283 -9.07 13.87 52.94
C MET H 283 -9.37 12.69 53.85
N GLY H 284 -8.56 12.59 54.91
CA GLY H 284 -8.64 11.44 55.79
C GLY H 284 -9.96 11.32 56.52
N ASN H 285 -10.58 12.46 56.84
CA ASN H 285 -11.87 12.46 57.51
C ASN H 285 -13.00 12.00 56.61
N THR H 286 -12.92 12.27 55.31
CA THR H 286 -14.05 12.15 54.39
C THR H 286 -14.05 10.77 53.74
N ASN H 287 -15.25 10.20 53.59
CA ASN H 287 -15.41 8.89 52.98
C ASN H 287 -15.57 8.97 51.47
N TYR H 288 -16.09 10.08 50.95
CA TYR H 288 -16.43 10.16 49.53
C TYR H 288 -15.18 10.22 48.69
N ILE H 289 -15.22 9.56 47.53
CA ILE H 289 -14.14 9.56 46.54
C ILE H 289 -14.72 10.03 45.22
N THR H 290 -14.06 11.00 44.60
CA THR H 290 -14.52 11.70 43.40
C THR H 290 -13.31 12.25 42.67
N GLU H 291 -13.54 12.80 41.49
CA GLU H 291 -12.44 13.27 40.66
C GLU H 291 -11.77 14.49 41.26
N ALA H 292 -12.53 15.34 41.93
CA ALA H 292 -11.94 16.46 42.67
C ALA H 292 -11.31 16.03 43.99
N THR H 293 -11.51 14.77 44.41
CA THR H 293 -11.08 14.27 45.71
C THR H 293 -10.00 13.21 45.63
N ILE H 294 -9.93 12.44 44.54
CA ILE H 294 -8.96 11.35 44.43
C ILE H 294 -7.55 11.95 44.38
N MET H 295 -6.64 11.30 45.10
CA MET H 295 -5.22 11.65 45.08
C MET H 295 -4.67 11.57 43.66
N ARG H 296 -3.84 12.54 43.32
CA ARG H 296 -2.99 12.54 42.14
C ARG H 296 -1.55 12.64 42.59
N PRO H 297 -0.59 12.22 41.75
CA PRO H 297 0.80 12.09 42.24
C PRO H 297 1.41 13.39 42.70
N ALA H 298 1.07 14.50 42.06
CA ALA H 298 1.55 15.82 42.46
C ALA H 298 0.79 16.86 41.65
N GLU H 299 0.92 18.12 42.07
CA GLU H 299 0.17 19.23 41.49
C GLU H 299 1.01 19.90 40.41
N VAL H 300 0.32 20.43 39.40
CA VAL H 300 0.92 21.25 38.36
C VAL H 300 0.27 22.62 38.40
N GLY H 301 1.09 23.67 38.33
CA GLY H 301 0.61 25.02 38.48
C GLY H 301 0.45 25.38 39.95
N TYR H 302 0.12 26.64 40.18
CA TYR H 302 -0.03 27.12 41.55
C TYR H 302 -0.74 28.46 41.54
N SER H 303 -1.59 28.66 42.54
CA SER H 303 -2.15 29.99 42.77
C SER H 303 -1.07 30.92 43.27
N ALA H 304 -1.11 32.17 42.80
CA ALA H 304 -0.20 33.23 43.21
C ALA H 304 -1.03 34.49 43.44
N PRO H 305 -0.56 35.41 44.31
CA PRO H 305 -1.38 36.59 44.56
C PRO H 305 -1.34 37.56 43.39
N TYR H 306 -2.42 37.61 42.61
CA TYR H 306 -2.38 38.31 41.35
C TYR H 306 -2.61 39.80 41.53
N TYR H 307 -1.84 40.60 40.79
CA TYR H 307 -1.81 42.06 40.94
C TYR H 307 -1.49 42.48 42.37
N SER H 308 -0.58 41.74 43.00
CA SER H 308 0.02 42.14 44.27
C SER H 308 1.33 42.86 44.02
N PHE H 309 1.64 43.82 44.89
CA PHE H 309 2.84 44.63 44.79
C PHE H 309 3.57 44.62 46.13
N GLU H 310 4.90 44.50 46.06
CA GLU H 310 5.79 44.54 47.21
C GLU H 310 6.84 45.60 46.95
N ALA H 311 7.49 46.04 48.03
CA ALA H 311 8.40 47.19 47.97
C ALA H 311 9.62 46.93 48.83
N SER H 312 10.70 47.63 48.48
CA SER H 312 11.96 47.61 49.20
C SER H 312 12.62 48.98 49.01
N THR H 313 13.92 49.06 49.25
CA THR H 313 14.66 50.27 48.90
C THR H 313 14.64 50.52 47.41
N GLN H 314 14.48 49.48 46.58
CA GLN H 314 14.28 49.65 45.15
C GLN H 314 13.02 50.44 44.83
N GLY H 315 12.02 50.46 45.72
CA GLY H 315 10.72 51.00 45.45
C GLY H 315 9.73 49.88 45.19
N PRO H 316 8.45 50.22 45.02
CA PRO H 316 7.44 49.19 44.78
C PRO H 316 7.63 48.51 43.44
N PHE H 317 7.23 47.24 43.38
CA PHE H 317 7.37 46.45 42.16
C PHE H 317 6.27 45.42 42.09
N LYS H 318 5.91 45.06 40.86
CA LYS H 318 4.95 44.00 40.60
C LYS H 318 5.65 42.65 40.73
N THR H 319 5.05 41.73 41.49
CA THR H 319 5.67 40.44 41.69
C THR H 319 5.59 39.63 40.38
N PRO H 320 6.50 38.67 40.17
CA PRO H 320 6.41 37.86 38.97
C PRO H 320 5.38 36.74 39.13
N ILE H 321 4.80 36.35 38.00
CA ILE H 321 3.85 35.25 37.91
C ILE H 321 4.38 34.27 36.87
N ALA H 322 4.03 32.99 37.03
CA ALA H 322 4.48 31.97 36.08
C ALA H 322 3.55 31.86 34.89
N ALA H 323 2.28 31.58 35.14
CA ALA H 323 1.29 31.44 34.06
C ALA H 323 -0.10 31.67 34.66
N GLY H 324 -1.06 31.84 33.77
CA GLY H 324 -2.43 32.09 34.20
C GLY H 324 -3.40 31.93 33.06
N ARG H 325 -4.68 32.14 33.39
CA ARG H 325 -5.75 32.07 32.42
C ARG H 325 -6.96 32.86 32.93
N ALA H 336 -5.86 38.98 30.69
CA ALA H 336 -5.73 38.11 31.84
C ALA H 336 -4.41 38.34 32.56
N ASP H 337 -4.37 38.02 33.85
CA ASP H 337 -3.15 38.17 34.63
C ASP H 337 -2.17 37.04 34.29
N GLY H 338 -0.89 37.35 34.42
CA GLY H 338 0.17 36.38 34.22
C GLY H 338 0.60 36.16 32.78
N ASN H 339 -0.03 36.82 31.81
CA ASN H 339 0.30 36.71 30.39
C ASN H 339 0.99 38.01 29.95
N PRO H 340 2.15 37.98 29.29
CA PRO H 340 2.85 39.24 29.02
C PRO H 340 2.14 40.07 27.95
N ARG H 341 1.97 41.37 28.22
CA ARG H 341 1.36 42.31 27.29
C ARG H 341 2.48 43.07 26.59
N TYR H 342 2.97 42.51 25.49
CA TYR H 342 4.06 43.14 24.76
C TYR H 342 3.61 44.39 24.05
N ALA H 343 4.50 45.38 23.98
CA ALA H 343 4.31 46.61 23.22
C ALA H 343 5.58 46.91 22.46
N PHE H 344 5.45 47.53 21.28
CA PHE H 344 6.57 47.55 20.34
C PHE H 344 6.34 48.64 19.30
N GLY H 345 7.43 48.99 18.62
CA GLY H 345 7.43 50.05 17.63
C GLY H 345 7.63 49.53 16.22
N ARG H 346 8.05 50.44 15.35
CA ARG H 346 8.12 50.14 13.91
C ARG H 346 9.30 49.25 13.58
N GLN H 347 10.37 49.33 14.37
CA GLN H 347 11.53 48.46 14.14
C GLN H 347 11.17 47.00 14.29
N HIS H 348 10.24 46.68 15.20
CA HIS H 348 10.07 45.32 15.72
C HIS H 348 8.67 44.76 15.46
N GLY H 349 8.04 45.15 14.35
CA GLY H 349 6.86 44.45 13.84
C GLY H 349 5.67 45.31 13.51
N GLN H 350 5.57 46.51 14.08
CA GLN H 350 4.46 47.39 13.75
C GLN H 350 4.57 47.82 12.29
N LYS H 351 3.42 48.01 11.65
CA LYS H 351 3.37 48.38 10.24
C LYS H 351 4.10 49.70 9.99
N THR H 352 5.13 49.62 9.15
CA THR H 352 6.16 50.66 9.10
C THR H 352 5.61 52.00 8.62
N THR H 353 4.59 51.98 7.76
CA THR H 353 4.08 53.22 7.21
C THR H 353 3.21 54.00 8.20
N THR H 354 2.68 53.33 9.23
CA THR H 354 1.68 53.97 10.08
C THR H 354 2.29 55.13 10.86
N THR H 355 1.52 56.20 10.97
CA THR H 355 1.94 57.43 11.64
C THR H 355 1.50 57.41 13.10
N GLY H 356 2.06 58.34 13.87
CA GLY H 356 1.77 58.46 15.27
C GLY H 356 2.70 57.63 16.14
N GLU H 357 2.79 58.04 17.40
CA GLU H 357 3.68 57.41 18.38
C GLU H 357 3.04 56.23 19.10
N THR H 358 1.82 55.84 18.75
CA THR H 358 1.15 54.77 19.47
C THR H 358 1.80 53.43 19.11
N PRO H 359 2.29 52.64 20.07
CA PRO H 359 2.87 51.34 19.71
C PRO H 359 1.81 50.27 19.56
N GLU H 360 2.07 49.36 18.63
CA GLU H 360 1.22 48.19 18.47
C GLU H 360 1.46 47.26 19.66
N ARG H 361 0.43 46.50 20.04
CA ARG H 361 0.45 45.67 21.24
C ARG H 361 -0.14 44.30 20.92
N PHE H 362 0.29 43.31 21.71
CA PHE H 362 -0.42 42.05 21.80
C PHE H 362 -0.20 41.47 23.18
N THR H 363 -1.10 40.58 23.58
CA THR H 363 -0.94 39.77 24.79
C THR H 363 -0.77 38.32 24.35
N TYR H 364 0.32 37.69 24.80
CA TYR H 364 0.64 36.33 24.40
C TYR H 364 -0.09 35.37 25.32
N ILE H 365 -1.15 34.75 24.80
CA ILE H 365 -1.82 33.68 25.53
C ILE H 365 -0.82 32.54 25.66
N ALA H 366 -0.74 31.95 26.84
CA ALA H 366 0.31 30.97 27.13
C ALA H 366 0.20 29.72 26.28
N HIS H 367 -1.02 29.33 25.91
CA HIS H 367 -1.25 28.15 25.06
C HIS H 367 -0.77 26.85 25.71
N GLN H 368 -0.73 26.81 27.04
CA GLN H 368 -0.37 25.61 27.78
C GLN H 368 -1.24 25.34 28.99
N ASP H 369 -2.17 26.25 29.32
CA ASP H 369 -2.83 26.26 30.63
C ASP H 369 -1.73 26.29 31.70
N THR H 370 -1.66 25.31 32.61
CA THR H 370 -0.72 25.31 33.73
C THR H 370 -0.86 26.57 34.58
N GLY H 371 -2.08 27.11 34.66
CA GLY H 371 -2.41 28.29 35.43
C GLY H 371 -3.52 27.99 36.42
N ARG H 372 -4.32 29.01 36.71
CA ARG H 372 -5.46 28.87 37.60
C ARG H 372 -6.54 29.83 37.15
N TYR H 373 -7.78 29.52 37.54
CA TYR H 373 -8.97 30.27 37.16
C TYR H 373 -9.56 30.64 38.52
N PRO H 374 -9.21 31.81 39.10
CA PRO H 374 -9.51 32.02 40.54
C PRO H 374 -10.99 32.06 40.88
N GLU H 375 -11.89 32.28 39.92
CA GLU H 375 -13.30 32.32 40.25
C GLU H 375 -13.86 30.95 40.61
N GLY H 376 -13.14 29.87 40.30
CA GLY H 376 -13.59 28.53 40.64
C GLY H 376 -12.99 27.95 41.91
N ASP H 377 -12.02 28.64 42.51
CA ASP H 377 -11.35 28.12 43.71
C ASP H 377 -12.21 28.36 44.93
N TRP H 378 -12.06 27.49 45.93
CA TRP H 378 -12.74 27.69 47.20
C TRP H 378 -12.01 26.92 48.30
N ILE H 379 -12.34 27.26 49.54
CA ILE H 379 -11.87 26.57 50.73
C ILE H 379 -13.09 26.23 51.57
N GLN H 380 -13.09 25.03 52.17
CA GLN H 380 -14.15 24.60 53.07
C GLN H 380 -13.52 23.99 54.32
N ASN H 381 -14.30 23.97 55.40
CA ASN H 381 -13.78 23.62 56.71
C ASN H 381 -13.40 22.13 56.76
N ILE H 382 -12.51 21.79 57.70
CA ILE H 382 -11.99 20.44 57.86
C ILE H 382 -13.10 19.41 58.05
N ASN H 383 -14.19 19.78 58.72
CA ASN H 383 -15.24 18.81 59.05
C ASN H 383 -15.89 18.17 57.83
N PHE H 384 -16.15 18.94 56.77
CA PHE H 384 -16.66 18.39 55.52
C PHE H 384 -18.05 17.78 55.70
N ASN H 385 -18.96 18.57 56.27
CA ASN H 385 -20.38 18.21 56.22
C ASN H 385 -20.89 18.52 54.81
N LEU H 386 -21.28 17.47 54.08
CA LEU H 386 -21.23 17.38 52.62
C LEU H 386 -21.86 18.58 51.91
N PRO H 387 -23.16 18.88 52.07
CA PRO H 387 -23.67 20.13 51.48
C PRO H 387 -23.26 21.31 52.34
N VAL H 388 -22.27 22.08 51.88
CA VAL H 388 -21.67 23.08 52.73
C VAL H 388 -22.62 24.26 52.89
N THR H 389 -22.65 24.86 54.08
CA THR H 389 -23.79 25.63 54.56
C THR H 389 -23.48 27.07 54.99
N ASN H 390 -22.73 27.80 54.16
CA ASN H 390 -22.68 29.26 54.19
C ASN H 390 -21.95 29.89 55.37
N ASP H 391 -21.45 29.09 56.31
CA ASP H 391 -20.64 29.58 57.41
C ASP H 391 -19.45 28.68 57.74
N ASN H 392 -19.17 27.68 56.91
CA ASN H 392 -17.94 26.89 56.96
C ASN H 392 -17.29 26.81 55.59
N VAL H 393 -17.33 27.89 54.82
CA VAL H 393 -16.88 27.90 53.43
C VAL H 393 -16.57 29.34 53.03
N LEU H 394 -15.58 29.49 52.15
CA LEU H 394 -15.10 30.79 51.68
C LEU H 394 -14.99 30.75 50.16
N LEU H 395 -16.00 31.29 49.48
CA LEU H 395 -16.01 31.39 48.03
C LEU H 395 -15.30 32.64 47.56
N PRO H 396 -15.03 32.78 46.27
CA PRO H 396 -14.52 34.06 45.76
C PRO H 396 -15.52 35.20 45.91
N THR H 397 -16.82 34.90 45.99
CA THR H 397 -17.83 35.94 46.11
C THR H 397 -17.72 36.71 47.43
N ASP H 398 -17.06 36.15 48.46
CA ASP H 398 -17.06 36.77 49.78
C ASP H 398 -15.95 37.80 49.89
N PRO H 399 -16.06 38.84 50.73
CA PRO H 399 -15.01 39.85 50.80
C PRO H 399 -13.94 39.50 51.83
N ILE H 400 -12.81 40.19 51.70
CA ILE H 400 -11.70 40.07 52.66
C ILE H 400 -11.47 41.46 53.25
N GLY H 401 -12.03 41.69 54.44
CA GLY H 401 -11.71 42.85 55.26
C GLY H 401 -11.93 44.20 54.62
N GLY H 402 -12.79 44.31 53.62
CA GLY H 402 -12.87 45.56 52.88
C GLY H 402 -13.64 45.48 51.57
N LYS H 403 -12.98 45.93 50.50
CA LYS H 403 -13.61 46.06 49.19
C LYS H 403 -14.16 44.73 48.70
N THR H 404 -15.34 44.79 48.08
CA THR H 404 -15.95 43.58 47.53
C THR H 404 -15.11 43.00 46.39
N GLY H 405 -14.35 43.83 45.68
CA GLY H 405 -13.54 43.35 44.58
C GLY H 405 -12.38 42.44 45.00
N ILE H 406 -11.95 42.51 46.25
CA ILE H 406 -10.83 41.73 46.76
C ILE H 406 -11.41 40.53 47.51
N ASN H 407 -11.08 39.32 47.04
CA ASN H 407 -11.47 38.07 47.66
C ASN H 407 -10.21 37.33 48.10
N TYR H 408 -10.41 36.08 48.54
CA TYR H 408 -9.30 35.32 49.13
C TYR H 408 -8.24 34.97 48.09
N THR H 409 -8.63 34.76 46.84
CA THR H 409 -7.66 34.35 45.83
C THR H 409 -6.67 35.46 45.48
N ASN H 410 -6.98 36.70 45.84
CA ASN H 410 -6.02 37.79 45.64
C ASN H 410 -4.76 37.59 46.48
N ILE H 411 -4.89 37.00 47.66
CA ILE H 411 -3.81 36.86 48.63
C ILE H 411 -3.37 35.41 48.81
N PHE H 412 -3.82 34.52 47.93
CA PHE H 412 -3.68 33.07 48.13
C PHE H 412 -2.48 32.56 47.36
N ASN H 413 -1.49 32.03 48.07
CA ASN H 413 -0.29 31.42 47.50
C ASN H 413 -0.38 29.93 47.82
N THR H 414 -0.11 29.09 46.82
CA THR H 414 -0.03 27.65 46.99
C THR H 414 1.18 27.05 46.28
N TYR H 415 2.24 27.84 46.10
CA TYR H 415 3.52 27.25 45.73
C TYR H 415 3.98 26.33 46.84
N GLY H 416 4.31 25.09 46.46
CA GLY H 416 4.60 24.06 47.41
C GLY H 416 5.58 23.05 46.86
N PRO H 417 5.99 22.09 47.68
CA PRO H 417 6.95 21.06 47.21
C PRO H 417 6.39 20.20 46.10
N LEU H 418 5.07 20.04 46.02
CA LEU H 418 4.42 19.19 45.04
C LEU H 418 4.00 19.95 43.78
N THR H 419 4.44 21.20 43.61
CA THR H 419 3.97 22.06 42.52
C THR H 419 4.94 21.95 41.36
N ALA H 420 4.54 21.20 40.33
CA ALA H 420 5.29 21.15 39.08
C ALA H 420 4.95 22.37 38.22
N LEU H 421 5.89 22.75 37.37
CA LEU H 421 5.74 23.92 36.51
C LEU H 421 6.41 23.65 35.17
N ASN H 422 6.00 24.43 34.17
CA ASN H 422 6.58 24.41 32.83
C ASN H 422 7.28 25.74 32.60
N ASN H 423 8.44 25.68 31.94
CA ASN H 423 9.18 26.91 31.63
C ASN H 423 8.37 27.77 30.68
N VAL H 424 8.66 29.07 30.70
CA VAL H 424 7.85 30.01 29.91
C VAL H 424 8.10 29.76 28.43
N PRO H 425 7.12 29.98 27.54
CA PRO H 425 7.33 29.63 26.15
C PRO H 425 8.16 30.69 25.45
N PRO H 426 8.75 30.38 24.30
CA PRO H 426 9.32 31.46 23.49
C PRO H 426 8.23 32.33 22.92
N VAL H 427 8.59 33.58 22.62
CA VAL H 427 7.70 34.54 21.97
C VAL H 427 8.40 35.03 20.71
N TYR H 428 7.83 34.70 19.54
CA TYR H 428 8.26 35.16 18.25
C TYR H 428 7.50 36.45 17.97
N PRO H 429 8.13 37.59 17.62
CA PRO H 429 9.54 37.97 17.48
C PRO H 429 10.07 38.86 18.58
N ASN H 430 9.23 39.37 19.48
CA ASN H 430 9.70 40.29 20.50
C ASN H 430 10.39 39.60 21.67
N GLY H 431 10.31 38.28 21.77
CA GLY H 431 10.78 37.60 22.96
C GLY H 431 12.29 37.51 23.03
N GLN H 432 12.80 37.57 24.25
CA GLN H 432 14.22 37.36 24.49
C GLN H 432 14.57 35.90 24.26
N ILE H 433 15.85 35.65 23.94
CA ILE H 433 16.32 34.28 23.73
C ILE H 433 17.03 33.84 25.00
N TRP H 434 18.12 34.54 25.35
CA TRP H 434 18.99 34.18 26.45
C TRP H 434 18.92 35.24 27.54
N ASP H 435 19.26 34.83 28.77
CA ASP H 435 19.32 35.75 29.90
C ASP H 435 20.32 35.19 30.91
N LYS H 436 20.84 36.08 31.76
CA LYS H 436 21.91 35.69 32.68
C LYS H 436 21.34 35.14 33.98
N GLU H 437 21.97 34.06 34.46
CA GLU H 437 21.78 33.60 35.83
C GLU H 437 22.09 34.71 36.83
N PHE H 438 21.15 34.93 37.74
CA PHE H 438 21.37 35.82 38.88
C PHE H 438 22.37 35.20 39.83
N ASP H 439 23.26 36.02 40.38
CA ASP H 439 24.34 35.56 41.25
C ASP H 439 23.93 35.67 42.72
N THR H 440 22.66 35.44 43.00
CA THR H 440 22.10 35.60 44.33
C THR H 440 22.48 34.40 45.21
N ASP H 441 21.88 34.35 46.40
CA ASP H 441 22.11 33.23 47.34
C ASP H 441 21.78 31.89 46.69
N LEU H 442 20.51 31.70 46.31
CA LEU H 442 20.05 30.52 45.60
C LEU H 442 19.40 30.96 44.30
N LYS H 443 19.52 30.11 43.30
CA LYS H 443 19.20 30.50 41.95
C LYS H 443 17.68 30.49 41.77
N PRO H 444 17.12 31.29 40.85
CA PRO H 444 15.70 31.12 40.53
C PRO H 444 15.50 29.86 39.69
N ARG H 445 14.33 29.24 39.85
CA ARG H 445 14.09 27.99 39.15
C ARG H 445 13.79 28.24 37.67
N LEU H 446 13.25 29.41 37.34
CA LEU H 446 13.08 29.83 35.95
C LEU H 446 13.21 31.34 35.88
N HIS H 447 13.49 31.82 34.67
CA HIS H 447 13.41 33.23 34.32
C HIS H 447 12.14 33.46 33.52
N VAL H 448 11.35 34.46 33.93
CA VAL H 448 10.08 34.72 33.27
C VAL H 448 10.24 35.42 31.92
N ASN H 449 11.39 36.03 31.65
CA ASN H 449 11.58 36.90 30.49
C ASN H 449 12.50 36.29 29.44
N ALA H 450 12.81 34.99 29.52
CA ALA H 450 13.61 34.35 28.49
C ALA H 450 13.48 32.85 28.64
N PRO H 451 13.39 32.06 27.56
CA PRO H 451 13.33 30.61 27.74
C PRO H 451 14.65 30.02 28.18
N PHE H 452 15.76 30.47 27.60
CA PHE H 452 17.09 29.95 27.89
C PHE H 452 17.75 30.84 28.93
N VAL H 453 18.37 30.22 29.93
CA VAL H 453 19.13 30.91 30.96
C VAL H 453 20.58 30.43 30.88
N CYS H 454 21.50 31.38 30.82
CA CYS H 454 22.93 31.08 30.90
C CYS H 454 23.24 30.68 32.33
N GLN H 455 23.90 29.53 32.53
CA GLN H 455 24.18 29.07 33.89
C GLN H 455 25.44 29.74 34.44
N ASN H 456 26.60 29.48 33.83
CA ASN H 456 27.87 29.93 34.39
C ASN H 456 28.34 31.22 33.75
N ASN H 457 28.10 31.41 32.46
CA ASN H 457 28.50 32.62 31.75
C ASN H 457 27.63 32.78 30.52
N CYS H 458 27.50 34.02 30.06
CA CYS H 458 26.55 34.42 29.03
C CYS H 458 27.30 35.30 28.04
N PRO H 459 26.80 35.52 26.81
CA PRO H 459 27.60 36.23 25.80
C PRO H 459 27.94 37.66 26.20
N GLY H 460 29.16 38.06 25.87
CA GLY H 460 29.62 39.41 26.12
C GLY H 460 28.91 40.42 25.26
N GLN H 461 28.45 41.51 25.87
CA GLN H 461 27.78 42.56 25.12
C GLN H 461 28.79 43.36 24.31
N LEU H 462 28.28 44.00 23.25
CA LEU H 462 29.09 44.72 22.27
C LEU H 462 28.67 46.18 22.26
N PHE H 463 29.58 47.06 22.69
CA PHE H 463 29.35 48.49 22.88
C PHE H 463 30.11 49.29 21.82
N VAL H 464 29.53 50.42 21.42
CA VAL H 464 30.04 51.24 20.31
C VAL H 464 29.88 52.73 20.67
N LYS H 465 30.86 53.53 20.25
CA LYS H 465 30.74 54.98 20.16
C LYS H 465 31.65 55.46 19.04
N VAL H 466 31.23 56.53 18.37
CA VAL H 466 32.10 57.17 17.38
C VAL H 466 33.09 58.04 18.12
N ALA H 467 34.34 58.02 17.68
CA ALA H 467 35.39 58.65 18.45
C ALA H 467 35.25 60.17 18.42
N PRO H 468 35.83 60.88 19.38
CA PRO H 468 35.79 62.34 19.32
C PRO H 468 36.56 62.87 18.12
N ASN H 469 35.91 63.78 17.39
CA ASN H 469 36.52 64.56 16.32
C ASN H 469 36.50 66.01 16.77
N LEU H 470 37.63 66.46 17.32
CA LEU H 470 37.67 67.73 18.03
C LEU H 470 38.05 68.87 17.10
N THR H 471 37.34 70.00 17.23
CA THR H 471 37.70 71.20 16.50
C THR H 471 38.99 71.79 17.05
N ASN H 472 39.63 72.64 16.24
CA ASN H 472 40.87 73.27 16.66
C ASN H 472 40.69 74.23 17.84
N GLU H 473 39.52 74.83 17.99
CA GLU H 473 39.27 75.75 19.08
C GLU H 473 39.16 75.06 20.43
N TYR H 474 38.92 73.75 20.46
CA TYR H 474 38.71 73.05 21.72
C TYR H 474 40.00 73.02 22.55
N ASP H 475 39.83 73.21 23.86
CA ASP H 475 40.88 72.97 24.85
C ASP H 475 40.23 72.22 26.00
N PRO H 476 40.98 71.35 26.72
CA PRO H 476 40.40 70.77 27.94
C PRO H 476 40.39 71.71 29.15
N ASP H 477 41.04 72.87 29.06
CA ASP H 477 41.18 73.73 30.23
C ASP H 477 39.91 74.50 30.55
N ALA H 478 39.18 74.94 29.54
CA ALA H 478 38.00 75.75 29.77
C ALA H 478 36.88 74.94 30.39
N SER H 479 36.05 75.61 31.20
CA SER H 479 34.91 74.94 31.81
C SER H 479 33.80 74.61 30.83
N ALA H 480 33.80 75.22 29.64
CA ALA H 480 32.73 75.00 28.69
C ALA H 480 32.78 73.57 28.13
N ASN H 481 31.60 73.07 27.76
CA ASN H 481 31.52 71.78 27.10
C ASN H 481 32.28 71.81 25.77
N MET H 482 32.78 70.64 25.37
CA MET H 482 33.68 70.56 24.23
C MET H 482 32.95 70.90 22.93
N SER H 483 33.71 71.45 21.98
CA SER H 483 33.26 71.70 20.61
C SER H 483 33.95 70.69 19.71
N ARG H 484 33.17 70.05 18.83
CA ARG H 484 33.65 68.94 18.02
C ARG H 484 32.98 68.96 16.67
N ILE H 485 33.57 68.25 15.71
CA ILE H 485 33.01 68.17 14.37
C ILE H 485 31.90 67.14 14.39
N VAL H 486 30.68 67.58 14.10
CA VAL H 486 29.51 66.69 14.13
C VAL H 486 29.70 65.60 13.11
N THR H 487 29.81 64.36 13.60
CA THR H 487 30.17 63.19 12.80
C THR H 487 29.20 62.07 13.10
N TYR H 488 29.10 61.13 12.16
CA TYR H 488 28.31 59.94 12.36
C TYR H 488 28.93 58.81 11.57
N SER H 489 28.59 57.59 11.98
CA SER H 489 29.01 56.38 11.30
C SER H 489 27.79 55.50 11.09
N ASP H 490 27.85 54.73 10.01
CA ASP H 490 27.03 53.54 9.86
C ASP H 490 27.94 52.37 9.51
N PHE H 491 27.65 51.22 10.11
CA PHE H 491 28.48 50.03 9.94
C PHE H 491 27.58 48.82 9.91
N TRP H 492 28.10 47.76 9.32
CA TRP H 492 27.35 46.54 9.07
C TRP H 492 27.71 45.51 10.15
N TRP H 493 26.68 44.96 10.78
CA TRP H 493 26.81 43.90 11.78
C TRP H 493 26.51 42.57 11.11
N LYS H 494 27.13 41.50 11.61
CA LYS H 494 26.84 40.15 11.15
C LYS H 494 27.02 39.20 12.32
N GLY H 495 26.05 38.32 12.51
CA GLY H 495 26.07 37.34 13.59
C GLY H 495 25.66 35.97 13.08
N LYS H 496 26.27 34.93 13.64
CA LYS H 496 26.00 33.54 13.31
C LYS H 496 25.69 32.80 14.59
N LEU H 497 24.41 32.54 14.82
CA LEU H 497 23.90 31.89 16.02
C LEU H 497 23.37 30.51 15.66
N VAL H 498 23.86 29.49 16.37
CA VAL H 498 23.62 28.09 16.04
C VAL H 498 22.73 27.46 17.10
N PHE H 499 21.77 26.64 16.64
CA PHE H 499 20.88 25.87 17.50
C PHE H 499 21.09 24.40 17.21
N LYS H 500 20.39 23.55 17.96
CA LYS H 500 20.33 22.11 17.72
C LYS H 500 18.98 21.61 18.20
N ALA H 501 18.34 20.73 17.41
CA ALA H 501 16.95 20.37 17.66
C ALA H 501 16.64 18.97 17.14
N LYS H 502 15.58 18.39 17.71
CA LYS H 502 15.01 17.11 17.33
C LYS H 502 13.75 17.32 16.50
N LEU H 503 13.65 16.59 15.38
CA LEU H 503 12.41 16.53 14.63
C LEU H 503 11.42 15.64 15.36
N ARG H 504 10.15 16.04 15.36
CA ARG H 504 9.14 15.33 16.14
C ARG H 504 8.78 14.00 15.47
N ALA H 505 8.16 13.14 16.26
CA ALA H 505 7.60 11.87 15.80
C ALA H 505 6.10 11.86 16.07
N SER H 506 5.35 11.33 15.12
CA SER H 506 3.89 11.27 15.23
C SER H 506 3.52 10.10 16.14
N HIS H 507 3.37 10.41 17.43
CA HIS H 507 3.05 9.37 18.40
C HIS H 507 1.58 8.98 18.33
N THR H 508 0.70 9.93 18.02
CA THR H 508 -0.74 9.76 18.17
C THR H 508 -1.42 9.64 16.82
N TRP H 509 -2.59 9.00 16.83
CA TRP H 509 -3.36 8.83 15.59
C TRP H 509 -3.80 10.16 15.02
N ASN H 510 -4.32 11.05 15.85
CA ASN H 510 -4.96 12.24 15.32
C ASN H 510 -3.91 13.22 14.80
N PRO H 511 -4.29 14.14 13.90
CA PRO H 511 -3.36 15.19 13.50
C PRO H 511 -3.24 16.26 14.58
N ILE H 512 -2.18 17.06 14.45
CA ILE H 512 -1.76 17.99 15.49
C ILE H 512 -1.79 19.40 14.92
N GLN H 513 -1.99 20.39 15.80
CA GLN H 513 -2.02 21.78 15.39
C GLN H 513 -0.70 22.18 14.76
N GLN H 514 -0.79 22.96 13.68
CA GLN H 514 0.38 23.54 13.02
C GLN H 514 0.09 24.98 12.69
N MET H 515 1.12 25.81 12.76
CA MET H 515 1.01 27.16 12.23
C MET H 515 0.76 27.07 10.74
N SER H 516 -0.19 27.87 10.25
CA SER H 516 -0.59 27.83 8.86
C SER H 516 -1.03 29.21 8.40
N ILE H 517 -0.68 29.56 7.16
CA ILE H 517 -1.28 30.71 6.52
C ILE H 517 -2.72 30.37 6.12
N ASN H 518 -3.62 31.32 6.32
CA ASN H 518 -5.02 31.15 5.99
C ASN H 518 -5.54 32.48 5.43
N VAL H 519 -6.78 32.45 4.94
CA VAL H 519 -7.35 33.61 4.29
C VAL H 519 -7.54 34.78 5.24
N ASP H 520 -7.61 34.52 6.56
CA ASP H 520 -7.71 35.62 7.52
C ASP H 520 -6.38 36.34 7.68
N ASN H 521 -5.30 35.59 7.90
CA ASN H 521 -3.97 36.15 8.16
C ASN H 521 -3.08 36.19 6.92
N GLN H 522 -3.68 36.27 5.73
CA GLN H 522 -2.89 36.19 4.49
C GLN H 522 -1.99 37.41 4.36
N PHE H 523 -2.56 38.61 4.50
CA PHE H 523 -1.85 39.84 4.22
C PHE H 523 -1.00 40.33 5.39
N ASN H 524 -0.85 39.54 6.45
CA ASN H 524 0.10 39.90 7.50
C ASN H 524 1.53 39.65 7.08
N TYR H 525 1.78 38.58 6.31
CA TYR H 525 3.12 38.10 6.04
C TYR H 525 3.65 38.49 4.67
N VAL H 526 3.03 39.47 4.01
CA VAL H 526 3.49 39.96 2.70
C VAL H 526 3.42 41.48 2.68
N PRO H 527 4.24 42.13 1.86
CA PRO H 527 4.27 43.60 1.90
C PRO H 527 3.04 44.21 1.25
N SER H 528 2.81 45.47 1.57
CA SER H 528 1.61 46.19 1.16
C SER H 528 1.84 46.89 -0.18
N ASN H 529 0.86 47.70 -0.58
CA ASN H 529 0.94 48.41 -1.86
C ASN H 529 2.10 49.39 -1.87
N ILE H 530 2.26 50.14 -0.78
CA ILE H 530 3.26 51.20 -0.68
C ILE H 530 4.51 50.75 0.08
N GLY H 531 4.77 49.45 0.14
CA GLY H 531 6.01 48.96 0.70
C GLY H 531 6.04 48.80 2.20
N GLY H 532 4.89 48.83 2.87
CA GLY H 532 4.86 48.56 4.30
C GLY H 532 4.98 47.07 4.59
N MET H 533 5.46 46.76 5.79
CA MET H 533 5.60 45.38 6.26
C MET H 533 5.29 45.32 7.74
N LYS H 534 4.80 44.16 8.17
CA LYS H 534 4.52 43.89 9.57
C LYS H 534 4.97 42.47 9.89
N ILE H 535 5.23 42.22 11.17
CA ILE H 535 5.50 40.88 11.69
C ILE H 535 4.56 40.68 12.85
N VAL H 536 3.46 39.97 12.62
CA VAL H 536 2.53 39.65 13.69
C VAL H 536 3.14 38.56 14.58
N TYR H 537 2.51 38.35 15.73
CA TYR H 537 3.01 37.37 16.69
C TYR H 537 2.55 35.96 16.33
N GLU H 538 3.44 35.00 16.54
CA GLU H 538 3.20 33.57 16.34
C GLU H 538 3.30 32.84 17.66
N LYS H 539 2.45 31.83 17.83
CA LYS H 539 2.49 31.00 19.01
C LYS H 539 3.65 30.01 18.87
N SER H 540 4.50 29.95 19.90
CA SER H 540 5.71 29.14 19.80
C SER H 540 5.44 27.67 20.01
N GLN H 541 4.74 27.30 21.08
CA GLN H 541 4.46 25.90 21.40
C GLN H 541 3.11 25.53 20.83
N LEU H 542 3.10 24.52 19.95
CA LEU H 542 1.90 24.10 19.23
C LEU H 542 1.52 22.67 19.57
N ALA H 543 2.46 21.74 19.48
CA ALA H 543 2.13 20.33 19.65
C ALA H 543 1.90 20.02 21.12
N PRO H 544 1.06 19.04 21.45
CA PRO H 544 0.93 18.62 22.85
C PRO H 544 2.00 17.63 23.24
N ARG H 545 2.14 17.45 24.55
CA ARG H 545 3.07 16.49 25.12
C ARG H 545 2.46 15.83 26.34
N LYS H 546 2.58 14.51 26.41
CA LYS H 546 2.15 13.78 27.60
C LYS H 546 2.96 14.21 28.81
N LEU H 547 2.28 14.79 29.81
CA LEU H 547 2.93 15.13 31.06
C LEU H 547 3.21 13.90 31.90
N TYR H 548 2.33 12.91 31.85
CA TYR H 548 2.39 11.78 32.77
C TYR H 548 1.72 10.55 32.14
N GLY I 1 5.77 -33.69 22.19
CA GLY I 1 4.37 -33.22 21.92
C GLY I 1 3.37 -33.85 22.86
N VAL I 2 2.09 -33.74 22.50
CA VAL I 2 1.03 -34.35 23.29
C VAL I 2 1.18 -35.86 23.30
N GLY I 3 1.63 -36.44 22.20
CA GLY I 3 1.71 -37.88 22.08
C GLY I 3 2.71 -38.56 22.99
N ILE I 4 3.98 -38.14 22.93
CA ILE I 4 5.09 -39.00 23.36
C ILE I 4 5.06 -39.18 24.87
N SER I 5 5.08 -40.44 25.30
CA SER I 5 5.15 -40.77 26.72
C SER I 5 6.55 -40.47 27.26
N THR I 6 6.63 -40.27 28.58
CA THR I 6 7.81 -39.71 29.24
C THR I 6 8.32 -40.58 30.37
N GLY I 7 8.27 -41.90 30.22
CA GLY I 7 8.86 -42.78 31.20
C GLY I 7 8.31 -44.18 31.06
N THR I 8 8.59 -45.00 32.08
CA THR I 8 8.24 -46.41 32.05
C THR I 8 7.84 -46.90 33.44
N PHE I 9 6.74 -47.63 33.49
CA PHE I 9 6.39 -48.44 34.65
C PHE I 9 7.52 -49.40 34.99
N ASN I 10 7.87 -49.47 36.28
CA ASN I 10 8.89 -50.39 36.77
C ASN I 10 8.66 -50.63 38.24
N ASN I 11 8.25 -51.86 38.60
CA ASN I 11 8.03 -52.27 39.98
C ASN I 11 8.66 -53.64 40.20
N GLN I 12 9.91 -53.79 39.79
CA GLN I 12 10.67 -55.05 39.90
C GLN I 12 11.88 -54.80 40.80
N THR I 13 11.72 -55.14 42.08
CA THR I 13 12.82 -55.03 43.03
C THR I 13 13.83 -56.16 42.80
N GLU I 14 15.11 -55.82 42.94
CA GLU I 14 16.20 -56.76 42.72
C GLU I 14 17.28 -56.53 43.76
N PHE I 15 18.10 -57.55 43.98
CA PHE I 15 19.21 -57.47 44.91
C PHE I 15 20.31 -56.58 44.37
N ILE I 25 20.32 -54.07 47.98
CA ILE I 25 19.01 -54.28 47.39
C ILE I 25 18.53 -52.99 46.76
N THR I 26 18.05 -53.08 45.52
CA THR I 26 17.62 -51.94 44.72
C THR I 26 16.10 -52.00 44.56
N ALA I 27 15.37 -51.39 45.49
CA ALA I 27 13.91 -51.44 45.47
C ALA I 27 13.35 -50.38 44.54
N ASN I 28 12.18 -50.66 43.98
CA ASN I 28 11.54 -49.77 43.02
C ASN I 28 10.04 -50.04 43.01
N SER I 29 9.26 -48.97 42.85
CA SER I 29 7.81 -49.07 42.90
C SER I 29 7.20 -47.90 42.15
N SER I 30 6.03 -48.13 41.56
CA SER I 30 5.42 -47.19 40.65
C SER I 30 3.92 -47.46 40.54
N ARG I 31 3.11 -46.39 40.53
CA ARG I 31 1.66 -46.49 40.68
C ARG I 31 0.95 -45.41 39.87
N LEU I 32 -0.26 -45.74 39.40
CA LEU I 32 -1.27 -44.72 39.08
C LEU I 32 -1.76 -44.03 40.33
N VAL I 33 -1.92 -42.71 40.22
CA VAL I 33 -2.45 -41.86 41.28
C VAL I 33 -3.58 -41.03 40.68
N HIS I 34 -4.65 -40.84 41.44
CA HIS I 34 -5.86 -40.17 41.00
C HIS I 34 -6.16 -39.03 41.97
N LEU I 35 -6.15 -37.80 41.44
CA LEU I 35 -6.36 -36.60 42.23
C LEU I 35 -7.51 -35.82 41.62
N ASN I 36 -8.66 -35.82 42.31
CA ASN I 36 -9.75 -34.92 41.97
C ASN I 36 -9.44 -33.54 42.49
N MET I 37 -10.16 -32.53 41.98
CA MET I 37 -9.82 -31.16 42.30
C MET I 37 -10.13 -30.87 43.76
N PRO I 38 -9.52 -29.84 44.36
CA PRO I 38 -9.73 -29.59 45.78
C PRO I 38 -11.17 -29.27 46.11
N GLU I 39 -11.60 -29.67 47.30
CA GLU I 39 -12.98 -29.44 47.72
C GLU I 39 -13.28 -27.96 47.86
N SER I 40 -12.31 -27.18 48.31
CA SER I 40 -12.41 -25.72 48.32
C SER I 40 -11.03 -25.15 48.02
N GLU I 41 -11.01 -24.12 47.17
CA GLU I 41 -9.75 -23.61 46.66
C GLU I 41 -8.98 -22.77 47.70
N ASN I 42 -9.64 -22.33 48.77
CA ASN I 42 -8.99 -21.50 49.79
C ASN I 42 -8.48 -22.36 50.94
N TYR I 43 -7.41 -21.89 51.58
CA TYR I 43 -6.98 -22.45 52.84
C TYR I 43 -8.05 -22.20 53.90
N ARG I 44 -8.24 -23.17 54.80
CA ARG I 44 -9.27 -23.10 55.83
C ARG I 44 -8.69 -23.53 57.17
N ARG I 45 -8.95 -22.72 58.20
CA ARG I 45 -8.57 -23.01 59.59
C ARG I 45 -9.81 -23.51 60.32
N VAL I 46 -9.77 -24.79 60.71
CA VAL I 46 -10.92 -25.47 61.30
C VAL I 46 -10.52 -26.02 62.66
N VAL I 47 -11.36 -25.77 63.66
CA VAL I 47 -11.27 -26.37 64.98
C VAL I 47 -12.34 -27.44 65.05
N VAL I 48 -12.01 -28.57 65.68
CA VAL I 48 -12.96 -29.66 65.93
C VAL I 48 -13.07 -29.87 67.43
N ASN I 49 -14.32 -29.96 67.91
CA ASN I 49 -14.62 -30.12 69.33
C ASN I 49 -15.57 -31.29 69.47
N ASN I 50 -15.23 -32.22 70.37
CA ASN I 50 -16.04 -33.40 70.66
C ASN I 50 -16.54 -33.38 72.10
N MET I 51 -17.02 -32.21 72.55
CA MET I 51 -17.63 -32.12 73.87
C MET I 51 -18.89 -32.97 73.99
N ASP I 52 -19.54 -33.27 72.85
CA ASP I 52 -20.69 -34.17 72.85
C ASP I 52 -20.37 -35.55 73.41
N LYS I 53 -19.14 -36.03 73.23
CA LYS I 53 -18.67 -37.31 73.77
C LYS I 53 -17.76 -37.14 74.97
N THR I 54 -16.90 -36.12 74.97
CA THR I 54 -15.93 -35.95 76.05
C THR I 54 -16.61 -35.64 77.39
N ALA I 55 -17.80 -35.04 77.38
CA ALA I 55 -18.51 -34.66 78.59
C ALA I 55 -19.51 -35.71 79.06
N VAL I 56 -19.40 -36.96 78.57
CA VAL I 56 -20.35 -38.03 78.87
C VAL I 56 -19.70 -38.99 79.85
N ASN I 57 -20.52 -39.54 80.75
CA ASN I 57 -20.02 -40.48 81.75
C ASN I 57 -19.47 -41.73 81.09
N GLY I 58 -18.32 -42.19 81.58
CA GLY I 58 -17.63 -43.32 81.00
C GLY I 58 -16.82 -43.02 79.76
N ASN I 59 -16.73 -41.76 79.33
CA ASN I 59 -16.00 -41.36 78.15
C ASN I 59 -15.20 -40.07 78.35
N MET I 60 -14.83 -39.75 79.59
CA MET I 60 -14.11 -38.51 79.86
C MET I 60 -12.73 -38.48 79.23
N ALA I 61 -12.08 -39.64 79.06
CA ALA I 61 -10.72 -39.71 78.55
C ALA I 61 -10.62 -39.67 77.03
N LEU I 62 -11.74 -39.76 76.30
CA LEU I 62 -11.73 -39.84 74.85
C LEU I 62 -11.75 -38.45 74.21
N ASP I 63 -10.72 -37.65 74.47
CA ASP I 63 -10.63 -36.31 73.90
C ASP I 63 -10.10 -36.39 72.47
N ASP I 64 -10.68 -35.57 71.59
CA ASP I 64 -10.27 -35.47 70.19
C ASP I 64 -10.18 -34.03 69.70
N ILE I 65 -9.99 -33.07 70.60
CA ILE I 65 -9.99 -31.66 70.20
C ILE I 65 -8.65 -31.33 69.57
N HIS I 66 -8.69 -30.72 68.39
CA HIS I 66 -7.50 -30.14 67.77
C HIS I 66 -7.95 -29.17 66.70
N ALA I 67 -6.98 -28.42 66.18
CA ALA I 67 -7.18 -27.43 65.14
C ALA I 67 -6.17 -27.66 64.03
N GLN I 68 -6.64 -27.57 62.78
CA GLN I 68 -5.84 -27.88 61.61
C GLN I 68 -6.08 -26.85 60.52
N ILE I 69 -5.09 -26.70 59.65
CA ILE I 69 -5.18 -25.86 58.47
C ILE I 69 -5.46 -26.79 57.29
N VAL I 70 -6.70 -26.81 56.84
CA VAL I 70 -7.06 -27.62 55.68
C VAL I 70 -6.57 -26.90 54.43
N THR I 71 -5.66 -27.55 53.70
CA THR I 71 -4.97 -26.96 52.57
C THR I 71 -5.64 -27.39 51.27
N PRO I 72 -5.53 -26.61 50.17
CA PRO I 72 -6.03 -27.10 48.86
C PRO I 72 -4.95 -27.85 48.10
N TRP I 73 -4.30 -28.79 48.77
CA TRP I 73 -3.15 -29.52 48.24
C TRP I 73 -3.24 -30.96 48.69
N SER I 74 -2.46 -31.82 48.04
CA SER I 74 -2.40 -33.23 48.36
C SER I 74 -0.95 -33.70 48.33
N LEU I 75 -0.68 -34.75 49.10
CA LEU I 75 0.67 -35.30 49.30
C LEU I 75 0.64 -36.77 48.89
N VAL I 76 1.71 -37.21 48.22
CA VAL I 76 1.81 -38.53 47.64
C VAL I 76 2.92 -39.31 48.34
N ASP I 77 3.04 -39.10 49.66
CA ASP I 77 4.08 -39.71 50.49
C ASP I 77 4.05 -41.23 50.38
N ALA I 78 5.16 -41.81 49.94
CA ALA I 78 5.30 -43.25 49.72
C ALA I 78 5.96 -43.95 50.89
N ASN I 79 5.97 -43.34 52.07
CA ASN I 79 6.78 -43.81 53.19
C ASN I 79 6.04 -44.85 54.03
N ALA I 80 5.82 -46.01 53.42
CA ALA I 80 5.35 -47.19 54.14
C ALA I 80 5.92 -48.42 53.45
N TRP I 81 6.17 -49.47 54.24
CA TRP I 81 6.90 -50.63 53.74
C TRP I 81 6.16 -51.34 52.61
N GLY I 82 4.84 -51.47 52.75
CA GLY I 82 4.06 -52.17 51.73
C GLY I 82 4.03 -51.50 50.39
N VAL I 83 4.33 -50.19 50.33
CA VAL I 83 4.35 -49.46 49.07
C VAL I 83 5.41 -50.01 48.12
N TRP I 84 6.52 -50.51 48.65
CA TRP I 84 7.70 -50.85 47.86
C TRP I 84 7.88 -52.34 47.65
N PHE I 85 7.50 -53.18 48.61
CA PHE I 85 7.82 -54.61 48.62
C PHE I 85 6.57 -55.43 48.34
N ASN I 86 6.72 -56.44 47.49
CA ASN I 86 5.63 -57.30 47.09
C ASN I 86 5.26 -58.22 48.26
N PRO I 87 4.17 -58.99 48.14
CA PRO I 87 3.82 -59.92 49.24
C PRO I 87 4.88 -60.94 49.56
N GLY I 88 5.65 -61.39 48.55
CA GLY I 88 6.74 -62.31 48.80
C GLY I 88 7.83 -61.77 49.70
N ASP I 89 8.03 -60.45 49.72
CA ASP I 89 9.02 -59.80 50.58
C ASP I 89 8.35 -58.98 51.67
N LEU I 102 17.62 -46.14 52.53
CA LEU I 102 18.75 -46.33 53.44
C LEU I 102 20.04 -45.79 52.83
N VAL I 103 20.18 -45.98 51.51
CA VAL I 103 21.33 -45.44 50.76
C VAL I 103 20.87 -44.20 50.01
N SER I 104 19.80 -44.31 49.23
CA SER I 104 19.28 -43.16 48.50
C SER I 104 17.82 -43.39 48.14
N PHE I 105 17.19 -42.34 47.63
CA PHE I 105 15.78 -42.36 47.29
C PHE I 105 15.49 -41.25 46.29
N GLU I 106 14.75 -41.58 45.23
CA GLU I 106 14.35 -40.61 44.23
C GLU I 106 12.91 -40.89 43.81
N GLN I 107 12.31 -39.88 43.18
CA GLN I 107 10.94 -39.97 42.66
C GLN I 107 10.87 -39.26 41.32
N GLU I 108 9.76 -39.48 40.63
CA GLU I 108 9.46 -38.77 39.40
C GLU I 108 7.98 -38.97 39.09
N ILE I 109 7.42 -38.01 38.35
CA ILE I 109 6.02 -38.03 37.92
C ILE I 109 6.05 -37.99 36.39
N PHE I 110 5.29 -38.89 35.78
CA PHE I 110 5.34 -39.07 34.33
C PHE I 110 4.01 -39.54 33.79
N ASN I 111 3.78 -39.23 32.51
CA ASN I 111 2.55 -39.49 31.78
C ASN I 111 1.41 -38.84 32.56
N VAL I 112 1.36 -37.51 32.47
CA VAL I 112 0.31 -36.74 33.12
C VAL I 112 -0.89 -36.64 32.19
N VAL I 113 -2.07 -36.89 32.75
CA VAL I 113 -3.32 -36.81 32.02
C VAL I 113 -4.29 -35.96 32.83
N LEU I 114 -4.94 -35.01 32.17
CA LEU I 114 -5.93 -34.13 32.77
C LEU I 114 -7.18 -34.16 31.92
N LYS I 115 -8.32 -34.36 32.57
CA LYS I 115 -9.61 -34.53 31.90
C LYS I 115 -10.66 -33.69 32.61
N THR I 116 -11.70 -33.32 31.86
CA THR I 116 -12.80 -32.51 32.36
C THR I 116 -14.11 -33.25 32.17
N VAL I 117 -15.07 -32.92 33.04
CA VAL I 117 -16.31 -33.68 33.19
C VAL I 117 -17.49 -32.73 32.98
N SER I 118 -18.52 -33.24 32.32
CA SER I 118 -19.75 -32.50 32.11
C SER I 118 -20.93 -33.47 32.13
N GLU I 119 -22.10 -32.95 32.45
CA GLU I 119 -23.31 -33.76 32.50
C GLU I 119 -23.72 -34.17 31.09
N THR I 126 -25.67 -40.17 32.57
CA THR I 126 -25.69 -39.11 31.56
C THR I 126 -24.39 -38.30 31.54
N LYS I 127 -23.32 -38.84 32.12
CA LYS I 127 -22.06 -38.11 32.17
C LYS I 127 -21.35 -38.20 30.83
N VAL I 128 -20.39 -37.31 30.63
CA VAL I 128 -19.51 -37.35 29.47
C VAL I 128 -18.16 -36.76 29.88
N TYR I 129 -17.09 -37.39 29.39
CA TYR I 129 -15.72 -37.06 29.75
C TYR I 129 -14.93 -36.72 28.50
N ASN I 130 -14.05 -35.72 28.60
CA ASN I 130 -13.24 -35.27 27.49
C ASN I 130 -11.89 -34.80 28.00
N ASN I 131 -10.89 -34.86 27.12
CA ASN I 131 -9.55 -34.44 27.48
C ASN I 131 -9.45 -32.91 27.47
N ASP I 132 -8.50 -32.40 28.24
CA ASP I 132 -8.15 -30.98 28.28
C ASP I 132 -6.63 -30.90 28.20
N LEU I 133 -6.13 -30.68 26.98
CA LEU I 133 -4.69 -30.61 26.77
C LEU I 133 -4.06 -29.39 27.44
N THR I 134 -4.84 -28.35 27.73
CA THR I 134 -4.32 -27.10 28.24
C THR I 134 -4.20 -27.05 29.77
N ALA I 135 -4.95 -27.88 30.49
CA ALA I 135 -4.91 -27.84 31.94
C ALA I 135 -3.55 -28.29 32.45
N SER I 136 -3.22 -27.83 33.66
CA SER I 136 -1.89 -28.01 34.24
C SER I 136 -2.00 -28.73 35.58
N LEU I 137 -1.08 -29.66 35.82
CA LEU I 137 -0.92 -30.32 37.11
C LEU I 137 0.14 -29.57 37.90
N MET I 138 -0.26 -29.07 39.07
CA MET I 138 0.66 -28.31 39.91
C MET I 138 1.40 -29.26 40.84
N VAL I 139 2.73 -29.20 40.80
CA VAL I 139 3.59 -30.11 41.56
C VAL I 139 4.71 -29.29 42.19
N ALA I 140 5.06 -29.64 43.44
CA ALA I 140 6.17 -29.03 44.14
C ALA I 140 6.81 -30.05 45.05
N LEU I 141 8.07 -29.81 45.39
CA LEU I 141 8.85 -30.68 46.28
C LEU I 141 9.54 -29.82 47.32
N ASP I 142 9.20 -30.03 48.58
CA ASP I 142 9.82 -29.30 49.70
C ASP I 142 11.22 -29.87 49.93
N SER I 143 12.14 -29.45 49.06
CA SER I 143 13.51 -29.94 49.09
C SER I 143 14.24 -29.57 50.38
N ASN I 144 13.92 -28.43 50.99
CA ASN I 144 14.60 -27.94 52.18
C ASN I 144 13.83 -28.20 53.47
N ASN I 145 12.73 -28.97 53.41
CA ASN I 145 11.95 -29.32 54.60
C ASN I 145 11.38 -28.09 55.29
N THR I 146 11.01 -27.09 54.50
CA THR I 146 10.40 -25.88 55.07
C THR I 146 9.04 -26.19 55.69
N MET I 147 8.24 -27.02 55.02
CA MET I 147 6.91 -27.35 55.51
C MET I 147 7.02 -28.32 56.69
N PRO I 148 5.97 -28.44 57.51
CA PRO I 148 6.03 -29.43 58.59
C PRO I 148 6.00 -30.86 58.05
N PHE I 149 6.82 -31.70 58.66
CA PHE I 149 6.84 -33.11 58.28
C PHE I 149 5.54 -33.75 58.74
N THR I 150 4.93 -34.54 57.86
CA THR I 150 3.59 -35.09 58.06
C THR I 150 3.58 -36.53 57.54
N PRO I 151 3.91 -37.52 58.39
CA PRO I 151 3.93 -38.90 57.87
C PRO I 151 2.53 -39.42 57.64
N ALA I 152 2.17 -39.66 56.38
CA ALA I 152 0.80 -40.06 56.06
C ALA I 152 0.43 -41.42 56.62
N ALA I 153 1.40 -42.26 56.97
CA ALA I 153 1.11 -43.58 57.50
C ALA I 153 0.64 -43.56 58.95
N MET I 154 0.78 -42.43 59.65
CA MET I 154 0.37 -42.40 61.07
C MET I 154 -1.14 -42.55 61.20
N ARG I 155 -1.91 -41.73 60.47
CA ARG I 155 -3.36 -41.89 60.35
C ARG I 155 -3.75 -42.81 59.19
N SER I 156 -2.81 -43.65 58.71
CA SER I 156 -3.06 -44.74 57.76
C SER I 156 -3.71 -44.24 56.47
N GLU I 157 -3.03 -43.34 55.78
CA GLU I 157 -3.47 -42.87 54.46
C GLU I 157 -2.24 -42.71 53.55
N THR I 158 -1.38 -43.72 53.54
CA THR I 158 -0.29 -43.79 52.57
C THR I 158 -0.85 -44.26 51.23
N LEU I 159 0.02 -44.64 50.30
CA LEU I 159 -0.42 -45.12 49.00
C LEU I 159 -0.82 -46.59 49.08
N GLY I 160 -1.62 -47.02 48.10
CA GLY I 160 -2.02 -48.41 48.00
C GLY I 160 -0.85 -49.34 47.78
N PHE I 161 -0.77 -50.41 48.57
CA PHE I 161 0.38 -51.29 48.51
C PHE I 161 0.33 -52.20 47.29
N TYR I 162 -0.85 -52.51 46.79
CA TYR I 162 -0.98 -53.36 45.61
C TYR I 162 -0.41 -52.63 44.39
N PRO I 163 0.51 -53.23 43.60
CA PRO I 163 0.97 -52.53 42.39
C PRO I 163 -0.12 -52.18 41.40
N TRP I 164 -1.13 -53.04 41.25
CA TRP I 164 -2.01 -52.94 40.08
C TRP I 164 -3.23 -52.08 40.34
N LYS I 165 -3.68 -51.98 41.59
CA LYS I 165 -4.80 -51.11 41.90
C LYS I 165 -4.34 -49.65 41.92
N PRO I 166 -5.02 -48.74 41.21
CA PRO I 166 -4.71 -47.31 41.40
C PRO I 166 -5.06 -46.83 42.80
N THR I 167 -4.43 -45.71 43.17
CA THR I 167 -4.57 -45.10 44.49
C THR I 167 -4.79 -43.60 44.33
N ILE I 168 -4.82 -42.91 45.47
CA ILE I 168 -5.02 -41.46 45.54
C ILE I 168 -4.02 -40.87 46.52
N PRO I 169 -3.75 -39.56 46.48
CA PRO I 169 -2.90 -38.96 47.50
C PRO I 169 -3.72 -38.53 48.71
N THR I 170 -3.04 -38.37 49.83
CA THR I 170 -3.74 -37.85 51.01
C THR I 170 -4.03 -36.37 50.80
N PRO I 171 -5.17 -35.84 51.25
CA PRO I 171 -5.31 -34.38 51.29
C PRO I 171 -4.46 -33.81 52.42
N TRP I 172 -3.50 -32.96 52.05
CA TRP I 172 -2.52 -32.50 53.02
C TRP I 172 -3.18 -31.60 54.05
N ARG I 173 -2.76 -31.74 55.30
CA ARG I 173 -3.34 -31.04 56.43
C ARG I 173 -2.32 -31.05 57.56
N TYR I 174 -2.05 -29.88 58.12
CA TYR I 174 -1.08 -29.72 59.20
C TYR I 174 -1.76 -29.10 60.40
N TYR I 175 -1.08 -29.16 61.55
CA TYR I 175 -1.72 -28.99 62.84
C TYR I 175 -1.43 -27.59 63.37
N PHE I 176 -2.49 -26.89 63.77
CA PHE I 176 -2.44 -25.49 64.19
C PHE I 176 -2.37 -25.47 65.71
N GLN I 177 -1.43 -24.70 66.26
CA GLN I 177 -1.23 -24.65 67.70
C GLN I 177 -2.45 -24.10 68.40
N TRP I 178 -2.83 -24.76 69.51
CA TRP I 178 -4.04 -24.45 70.25
C TRP I 178 -3.73 -24.49 71.74
N ASP I 179 -4.70 -24.00 72.54
CA ASP I 179 -4.67 -24.09 73.99
C ASP I 179 -5.96 -24.73 74.47
N ARG I 180 -5.84 -25.74 75.32
CA ARG I 180 -7.00 -26.50 75.78
C ARG I 180 -6.66 -27.17 77.09
N THR I 181 -7.61 -27.14 78.02
CA THR I 181 -7.48 -27.77 79.33
C THR I 181 -8.70 -28.64 79.57
N LEU I 182 -8.49 -29.75 80.30
CA LEU I 182 -9.54 -30.70 80.57
C LEU I 182 -9.27 -31.37 81.91
N ILE I 183 -10.34 -31.81 82.57
CA ILE I 183 -10.25 -32.53 83.84
C ILE I 183 -11.14 -33.76 83.75
N PRO I 193 -16.98 -31.87 84.72
CA PRO I 193 -15.63 -31.41 85.01
C PRO I 193 -15.24 -30.18 84.21
N THR I 194 -14.08 -29.60 84.50
CA THR I 194 -13.61 -28.43 83.76
C THR I 194 -13.28 -28.84 82.33
N ASN I 195 -13.90 -28.14 81.37
CA ASN I 195 -13.77 -28.51 79.96
C ASN I 195 -14.03 -27.25 79.14
N ILE I 196 -12.95 -26.64 78.63
CA ILE I 196 -13.02 -25.38 77.91
C ILE I 196 -11.90 -25.34 76.87
N TYR I 197 -11.99 -24.34 75.99
CA TYR I 197 -11.06 -24.16 74.88
C TYR I 197 -10.70 -22.69 74.77
N HIS I 198 -9.40 -22.42 74.66
CA HIS I 198 -8.85 -21.07 74.81
C HIS I 198 -8.32 -20.46 73.52
N GLY I 199 -8.74 -20.97 72.36
CA GLY I 199 -8.17 -20.48 71.12
C GLY I 199 -6.71 -20.85 71.00
N THR I 200 -5.84 -19.86 70.84
CA THR I 200 -4.40 -20.09 70.81
C THR I 200 -3.68 -18.79 71.14
N ASP I 201 -2.58 -18.91 71.86
CA ASP I 201 -1.79 -17.74 72.20
C ASP I 201 -1.12 -17.21 70.93
N PRO I 202 -0.91 -15.90 70.80
CA PRO I 202 -0.42 -15.38 69.51
C PRO I 202 1.01 -15.78 69.19
N ASP I 203 1.85 -15.96 70.20
CA ASP I 203 3.29 -16.15 69.97
C ASP I 203 3.62 -17.46 69.27
N ASP I 204 2.74 -18.46 69.34
CA ASP I 204 3.03 -19.79 68.81
C ASP I 204 2.49 -20.00 67.39
N VAL I 205 1.92 -18.99 66.76
CA VAL I 205 1.21 -19.19 65.49
C VAL I 205 2.21 -19.40 64.36
N GLN I 206 1.87 -20.31 63.45
CA GLN I 206 2.60 -20.46 62.19
C GLN I 206 1.63 -20.92 61.12
N PHE I 207 1.58 -20.17 60.00
CA PHE I 207 0.64 -20.39 58.91
C PHE I 207 1.56 -20.59 57.69
N TYR I 208 1.86 -21.85 57.37
CA TYR I 208 2.65 -22.16 56.19
C TYR I 208 1.74 -22.32 54.98
N THR I 209 2.30 -22.06 53.78
CA THR I 209 1.63 -22.32 52.52
C THR I 209 2.65 -22.83 51.51
N ILE I 210 2.18 -23.63 50.55
CA ILE I 210 3.05 -24.13 49.49
C ILE I 210 3.51 -22.98 48.61
N GLU I 211 2.64 -22.01 48.37
CA GLU I 211 2.95 -20.96 47.40
C GLU I 211 4.09 -20.07 47.87
N ASN I 212 4.03 -19.60 49.11
CA ASN I 212 5.02 -18.65 49.61
C ASN I 212 6.32 -19.31 50.04
N SER I 213 6.43 -20.65 49.94
CA SER I 213 7.51 -21.40 50.59
C SER I 213 8.39 -22.17 49.61
N VAL I 214 7.79 -22.84 48.63
CA VAL I 214 8.48 -23.80 47.76
C VAL I 214 8.25 -23.40 46.30
N PRO I 215 9.16 -23.70 45.37
CA PRO I 215 8.82 -23.52 43.95
C PRO I 215 7.80 -24.56 43.51
N VAL I 216 7.04 -24.21 42.47
CA VAL I 216 5.97 -25.05 41.94
C VAL I 216 6.22 -25.19 40.44
N HIS I 217 6.21 -26.43 39.94
CA HIS I 217 6.26 -26.70 38.51
C HIS I 217 4.86 -26.99 37.98
N LEU I 218 4.50 -26.30 36.90
CA LEU I 218 3.17 -26.40 36.30
C LEU I 218 3.26 -27.38 35.13
N LEU I 219 3.25 -28.67 35.45
CA LEU I 219 3.32 -29.68 34.40
C LEU I 219 2.00 -29.74 33.64
N ARG I 220 2.11 -29.97 32.34
CA ARG I 220 0.99 -30.21 31.45
C ARG I 220 1.13 -31.65 30.93
N THR I 221 0.19 -32.04 30.06
CA THR I 221 0.08 -33.45 29.66
C THR I 221 1.34 -34.00 28.99
N GLY I 222 2.13 -33.14 28.35
CA GLY I 222 3.25 -33.55 27.54
C GLY I 222 4.63 -33.38 28.14
N ASP I 223 4.76 -33.24 29.46
CA ASP I 223 6.05 -33.03 30.11
C ASP I 223 6.10 -33.83 31.42
N GLU I 224 7.20 -33.69 32.15
CA GLU I 224 7.58 -34.62 33.21
C GLU I 224 8.21 -33.83 34.35
N PHE I 225 8.14 -34.42 35.55
CA PHE I 225 8.87 -33.98 36.73
C PHE I 225 9.70 -35.16 37.22
N ALA I 226 10.96 -34.87 37.56
CA ALA I 226 11.85 -35.85 38.16
C ALA I 226 12.61 -35.18 39.29
N THR I 227 12.68 -35.86 40.43
CA THR I 227 13.45 -35.40 41.58
C THR I 227 14.85 -35.96 41.53
N GLY I 228 15.79 -35.22 42.10
CA GLY I 228 17.11 -35.75 42.30
C GLY I 228 17.11 -36.83 43.37
N THR I 229 18.09 -37.70 43.30
CA THR I 229 18.18 -38.82 44.24
C THR I 229 18.67 -38.28 45.59
N PHE I 230 17.76 -38.23 46.56
CA PHE I 230 18.13 -37.85 47.90
C PHE I 230 19.00 -38.95 48.50
N PHE I 231 19.98 -38.55 49.30
CA PHE I 231 20.90 -39.48 49.95
C PHE I 231 20.64 -39.49 51.45
N PHE I 232 20.50 -40.69 52.02
CA PHE I 232 20.50 -40.89 53.47
C PHE I 232 21.94 -41.02 53.94
N ASP I 233 22.66 -39.90 53.86
CA ASP I 233 24.10 -39.89 54.14
C ASP I 233 24.44 -40.27 55.58
N CYS I 234 23.54 -40.04 56.52
CA CYS I 234 23.73 -40.39 57.94
C CYS I 234 24.99 -39.73 58.52
N GLN I 314 -3.56 -36.08 77.20
CA GLN I 314 -2.23 -36.46 77.67
C GLN I 314 -1.44 -35.20 78.03
N GLY I 315 -0.27 -35.40 78.65
CA GLY I 315 0.59 -34.30 79.02
C GLY I 315 2.00 -34.75 79.32
N PRO I 316 2.90 -33.80 79.58
CA PRO I 316 4.30 -34.17 79.83
C PRO I 316 4.47 -34.89 81.15
N PHE I 317 5.52 -35.71 81.21
CA PHE I 317 5.84 -36.45 82.43
C PHE I 317 6.47 -35.52 83.47
N LYS I 318 6.51 -36.01 84.71
CA LYS I 318 7.11 -35.26 85.80
C LYS I 318 8.61 -35.10 85.60
N ARG I 341 -1.26 -45.70 63.23
CA ARG I 341 -2.19 -46.40 64.11
C ARG I 341 -2.04 -47.90 63.86
N TYR I 342 -2.75 -48.71 64.67
CA TYR I 342 -2.57 -50.15 64.68
C TYR I 342 -3.67 -50.85 63.88
N ALA I 343 -4.16 -50.17 62.83
CA ALA I 343 -5.21 -50.71 61.99
C ALA I 343 -5.07 -50.07 60.61
N PHE I 344 -5.72 -50.69 59.62
CA PHE I 344 -5.55 -50.25 58.24
C PHE I 344 -6.73 -50.69 57.39
N GLY I 345 -6.85 -50.07 56.21
CA GLY I 345 -8.01 -50.23 55.35
C GLY I 345 -7.74 -51.11 54.15
N ARG I 346 -8.64 -50.99 53.16
CA ARG I 346 -8.64 -51.89 52.00
C ARG I 346 -7.40 -51.69 51.15
N GLN I 347 -7.04 -50.43 50.90
CA GLN I 347 -5.83 -50.15 50.13
C GLN I 347 -4.58 -50.68 50.81
N HIS I 348 -4.54 -50.58 52.15
CA HIS I 348 -3.32 -50.76 52.91
C HIS I 348 -3.26 -52.10 53.63
N GLY I 349 -4.04 -53.10 53.19
CA GLY I 349 -3.88 -54.47 53.65
C GLY I 349 -5.16 -55.25 53.89
N GLN I 350 -6.26 -54.58 54.20
CA GLN I 350 -7.51 -55.30 54.47
C GLN I 350 -8.03 -55.92 53.18
N LYS I 351 -8.79 -57.01 53.33
CA LYS I 351 -9.34 -57.76 52.21
C LYS I 351 -10.23 -56.87 51.35
N THR I 352 -10.00 -56.88 50.03
CA THR I 352 -10.51 -55.80 49.18
C THR I 352 -12.02 -55.90 48.99
N THR I 353 -12.54 -57.10 48.74
CA THR I 353 -13.94 -57.25 48.37
C THR I 353 -14.89 -57.29 49.55
N THR I 354 -14.39 -57.27 50.79
CA THR I 354 -15.27 -57.31 51.94
C THR I 354 -16.10 -56.03 52.02
N THR I 355 -17.32 -56.18 52.53
CA THR I 355 -18.20 -55.04 52.73
C THR I 355 -17.91 -54.40 54.08
N GLY I 356 -18.75 -53.44 54.46
CA GLY I 356 -18.59 -52.77 55.72
C GLY I 356 -17.52 -51.71 55.69
N GLU I 357 -17.25 -51.16 56.89
CA GLU I 357 -16.32 -50.06 57.06
C GLU I 357 -15.40 -50.20 58.27
N THR I 358 -15.54 -51.26 59.06
CA THR I 358 -14.64 -51.45 60.20
C THR I 358 -13.25 -51.83 59.70
N PRO I 359 -12.18 -51.16 60.13
CA PRO I 359 -10.84 -51.52 59.62
C PRO I 359 -10.32 -52.79 60.28
N GLU I 360 -9.31 -53.38 59.62
CA GLU I 360 -8.68 -54.59 60.11
C GLU I 360 -7.58 -54.18 61.09
N ARG I 361 -7.58 -54.83 62.26
CA ARG I 361 -6.72 -54.42 63.39
C ARG I 361 -5.50 -55.31 63.55
N VAL I 427 8.29 -52.15 60.25
CA VAL I 427 7.12 -52.95 60.63
C VAL I 427 6.29 -53.23 59.39
N TYR I 428 6.63 -54.30 58.69
CA TYR I 428 5.95 -54.63 57.45
C TYR I 428 4.50 -55.01 57.76
N PRO I 429 3.52 -54.65 56.91
CA PRO I 429 3.54 -53.79 55.70
C PRO I 429 3.24 -52.33 56.01
N ASN I 430 2.55 -52.05 57.12
CA ASN I 430 2.06 -50.71 57.39
C ASN I 430 3.10 -49.79 58.03
N GLY I 431 4.29 -50.28 58.32
CA GLY I 431 5.24 -49.49 59.09
C GLY I 431 5.89 -48.41 58.25
N GLN I 432 6.09 -47.25 58.86
CA GLN I 432 6.89 -46.19 58.26
C GLN I 432 8.35 -46.61 58.24
N ILE I 433 9.09 -46.17 57.22
CA ILE I 433 10.51 -46.52 57.08
C ILE I 433 11.41 -45.51 57.77
N TRP I 434 11.23 -44.22 57.46
CA TRP I 434 12.06 -43.14 57.98
C TRP I 434 11.17 -42.11 58.66
N ASP I 435 11.74 -41.44 59.67
CA ASP I 435 10.99 -40.49 60.50
C ASP I 435 11.89 -39.30 60.83
N LYS I 436 11.22 -38.16 61.03
CA LYS I 436 11.91 -36.94 61.42
C LYS I 436 12.29 -36.99 62.90
N GLU I 437 13.40 -36.34 63.25
CA GLU I 437 13.86 -36.26 64.63
C GLU I 437 12.83 -35.56 65.51
N VAL I 448 8.54 -42.57 67.46
CA VAL I 448 9.82 -43.01 66.90
C VAL I 448 9.73 -44.47 66.48
N ASN I 449 8.57 -44.86 65.96
CA ASN I 449 8.33 -46.27 65.65
C ASN I 449 9.05 -46.72 64.38
N ALA I 450 9.47 -45.79 63.52
CA ALA I 450 10.10 -46.20 62.27
C ALA I 450 11.48 -46.78 62.55
N PRO I 451 11.95 -47.77 61.77
CA PRO I 451 13.25 -48.38 62.06
C PRO I 451 14.43 -47.45 61.79
N PHE I 452 14.24 -46.38 61.01
CA PHE I 452 15.29 -45.41 60.69
C PHE I 452 14.80 -44.02 61.05
N VAL I 453 15.75 -43.12 61.29
CA VAL I 453 15.49 -41.72 61.61
C VAL I 453 16.39 -40.85 60.75
N CYS I 454 15.84 -39.76 60.23
CA CYS I 454 16.62 -38.84 59.40
C CYS I 454 17.72 -38.20 60.23
N GLN I 455 18.89 -37.99 59.62
CA GLN I 455 20.01 -37.42 60.35
C GLN I 455 19.78 -35.94 60.62
N ASN I 456 19.67 -35.13 59.55
CA ASN I 456 19.36 -33.70 59.66
C ASN I 456 18.20 -33.33 58.75
N ASN I 457 18.12 -33.94 57.57
CA ASN I 457 17.06 -33.69 56.60
C ASN I 457 16.49 -35.01 56.13
N CYS I 458 15.17 -35.08 56.07
CA CYS I 458 14.47 -36.21 55.49
C CYS I 458 14.35 -36.02 53.97
N PRO I 459 13.94 -37.05 53.23
CA PRO I 459 13.55 -36.81 51.84
C PRO I 459 12.37 -35.87 51.77
N GLY I 460 12.38 -34.99 50.77
CA GLY I 460 11.38 -33.94 50.71
C GLY I 460 10.00 -34.49 50.40
N GLN I 461 8.99 -33.87 51.01
CA GLN I 461 7.61 -34.22 50.70
C GLN I 461 7.22 -33.64 49.35
N LEU I 462 6.63 -34.46 48.50
CA LEU I 462 6.22 -34.08 47.16
C LEU I 462 4.72 -33.81 47.19
N PHE I 463 4.34 -32.57 46.90
CA PHE I 463 2.95 -32.12 46.94
C PHE I 463 2.43 -31.94 45.53
N VAL I 464 1.17 -32.31 45.33
CA VAL I 464 0.51 -32.31 44.02
C VAL I 464 -0.78 -31.51 44.13
N LYS I 465 -1.23 -30.98 42.99
CA LYS I 465 -2.45 -30.19 42.93
C LYS I 465 -2.79 -30.02 41.45
N VAL I 466 -4.10 -29.90 41.16
CA VAL I 466 -4.58 -29.51 39.84
C VAL I 466 -4.84 -28.02 39.86
N ALA I 467 -4.41 -27.33 38.82
CA ALA I 467 -4.49 -25.88 38.80
C ALA I 467 -5.95 -25.45 38.67
N PRO I 468 -6.26 -24.18 38.98
CA PRO I 468 -7.62 -23.71 38.77
C PRO I 468 -7.97 -23.74 37.28
N ASN I 469 -9.23 -24.06 37.00
CA ASN I 469 -9.77 -24.09 35.64
C ASN I 469 -11.11 -23.36 35.69
N LEU I 470 -11.06 -22.05 35.47
CA LEU I 470 -12.20 -21.19 35.73
C LEU I 470 -13.15 -21.16 34.54
N THR I 471 -14.38 -20.74 34.80
CA THR I 471 -15.35 -20.49 33.75
C THR I 471 -15.24 -19.04 33.28
N ASN I 472 -16.03 -18.70 32.26
CA ASN I 472 -16.08 -17.33 31.79
C ASN I 472 -16.85 -16.40 32.71
N GLU I 473 -17.63 -16.95 33.65
CA GLU I 473 -18.43 -16.15 34.57
C GLU I 473 -17.66 -15.68 35.80
N TYR I 474 -16.38 -16.05 35.93
CA TYR I 474 -15.65 -15.75 37.15
C TYR I 474 -15.39 -14.27 37.32
N ASP I 475 -15.57 -13.80 38.55
CA ASP I 475 -14.94 -12.57 39.03
C ASP I 475 -14.51 -12.81 40.48
N PRO I 476 -13.45 -12.14 40.95
CA PRO I 476 -13.13 -12.24 42.39
C PRO I 476 -14.03 -11.40 43.28
N ASP I 477 -14.68 -10.37 42.73
CA ASP I 477 -15.44 -9.43 43.56
C ASP I 477 -16.61 -10.10 44.28
N ALA I 478 -17.12 -11.21 43.76
CA ALA I 478 -18.11 -11.99 44.49
C ALA I 478 -17.46 -12.68 45.68
N SER I 479 -18.18 -12.68 46.81
CA SER I 479 -17.69 -13.34 48.01
C SER I 479 -17.86 -14.86 47.97
N ALA I 480 -18.69 -15.37 47.07
CA ALA I 480 -18.93 -16.81 47.02
C ALA I 480 -17.68 -17.54 46.54
N ASN I 481 -17.61 -18.82 46.87
CA ASN I 481 -16.54 -19.67 46.37
C ASN I 481 -16.60 -19.76 44.86
N MET I 482 -15.45 -19.63 44.22
CA MET I 482 -15.41 -19.54 42.75
C MET I 482 -15.82 -20.87 42.13
N SER I 483 -16.48 -20.77 40.98
CA SER I 483 -16.97 -21.95 40.26
C SER I 483 -15.88 -22.43 39.33
N ARG I 484 -15.33 -23.60 39.64
CA ARG I 484 -14.36 -24.24 38.77
C ARG I 484 -15.07 -25.07 37.69
N ILE I 485 -14.36 -25.33 36.60
CA ILE I 485 -14.74 -26.40 35.70
C ILE I 485 -14.33 -27.70 36.38
N VAL I 486 -15.24 -28.68 36.41
CA VAL I 486 -14.97 -29.91 37.12
C VAL I 486 -13.87 -30.66 36.38
N THR I 487 -12.68 -30.65 36.95
CA THR I 487 -11.48 -31.21 36.34
C THR I 487 -10.94 -32.30 37.24
N TYR I 488 -10.37 -33.33 36.61
CA TYR I 488 -9.70 -34.41 37.33
C TYR I 488 -8.54 -34.90 36.49
N SER I 489 -7.61 -35.58 37.17
CA SER I 489 -6.33 -35.93 36.57
C SER I 489 -5.90 -37.31 37.04
N ASP I 490 -5.06 -37.94 36.23
CA ASP I 490 -4.37 -39.18 36.59
C ASP I 490 -2.96 -39.12 36.05
N PHE I 491 -2.00 -39.52 36.89
CA PHE I 491 -0.60 -39.57 36.51
C PHE I 491 0.03 -40.81 37.13
N TRP I 492 1.07 -41.33 36.48
CA TRP I 492 1.85 -42.39 37.08
C TRP I 492 2.87 -41.74 38.00
N TRP I 493 3.20 -42.45 39.08
CA TRP I 493 4.31 -42.11 39.96
C TRP I 493 5.33 -43.23 39.86
N LYS I 494 6.61 -42.88 40.00
CA LYS I 494 7.69 -43.86 40.10
C LYS I 494 8.57 -43.46 41.28
N GLY I 495 9.06 -44.46 42.00
CA GLY I 495 10.03 -44.26 43.05
C GLY I 495 11.09 -45.33 42.98
N LYS I 496 12.27 -45.00 43.49
CA LYS I 496 13.43 -45.89 43.47
C LYS I 496 14.19 -45.73 44.77
N LEU I 497 14.23 -46.80 45.56
CA LEU I 497 14.82 -46.81 46.89
C LEU I 497 15.81 -47.97 46.94
N VAL I 498 17.03 -47.70 47.41
CA VAL I 498 18.13 -48.66 47.39
C VAL I 498 18.72 -48.75 48.78
N PHE I 499 19.05 -49.98 49.20
CA PHE I 499 19.62 -50.28 50.51
C PHE I 499 21.06 -50.76 50.39
N TYR I 525 -3.15 -64.39 51.18
CA TYR I 525 -1.81 -64.64 50.64
C TYR I 525 -1.80 -64.90 49.14
N VAL I 526 -2.97 -65.20 48.55
CA VAL I 526 -3.11 -65.41 47.12
C VAL I 526 -4.42 -64.78 46.65
N PRO I 527 -4.57 -64.50 45.36
CA PRO I 527 -5.83 -63.93 44.88
C PRO I 527 -6.98 -64.90 45.02
N SER I 528 -8.19 -64.35 45.20
CA SER I 528 -9.41 -65.11 45.34
C SER I 528 -10.13 -65.26 43.99
N ASN I 529 -11.31 -65.88 44.04
CA ASN I 529 -12.03 -66.17 42.80
C ASN I 529 -12.70 -64.92 42.24
N ILE I 530 -13.18 -64.03 43.10
CA ILE I 530 -13.87 -62.80 42.68
C ILE I 530 -12.90 -61.61 42.65
N GLY I 531 -11.59 -61.90 42.57
CA GLY I 531 -10.60 -60.84 42.46
C GLY I 531 -10.09 -60.27 43.77
N GLY I 532 -10.39 -60.92 44.89
CA GLY I 532 -9.98 -60.38 46.17
C GLY I 532 -8.50 -60.62 46.45
N MET I 533 -7.95 -59.77 47.31
CA MET I 533 -6.57 -59.89 47.76
C MET I 533 -6.44 -59.30 49.16
N LYS I 534 -5.49 -59.83 49.92
CA LYS I 534 -5.15 -59.34 51.24
C LYS I 534 -3.64 -59.27 51.37
N ILE I 535 -3.17 -58.25 52.07
CA ILE I 535 -1.78 -58.09 52.47
C ILE I 535 -1.77 -58.02 53.99
N VAL I 536 -0.92 -58.83 54.61
CA VAL I 536 -0.93 -59.05 56.06
C VAL I 536 0.48 -59.01 56.63
N GLY J 1 5.62 -27.12 22.11
CA GLY J 1 4.32 -27.51 21.50
C GLY J 1 3.14 -27.24 22.41
N VAL J 2 2.00 -27.84 22.10
CA VAL J 2 0.79 -27.63 22.89
C VAL J 2 0.94 -28.22 24.28
N GLY J 3 1.42 -29.46 24.35
CA GLY J 3 1.36 -30.22 25.59
C GLY J 3 2.43 -29.92 26.61
N ILE J 4 3.44 -29.12 26.27
CA ILE J 4 4.61 -28.89 27.13
C ILE J 4 4.44 -27.53 27.79
N SER J 5 4.69 -27.47 29.09
CA SER J 5 4.58 -26.22 29.82
C SER J 5 5.74 -25.29 29.46
N THR J 6 5.50 -23.98 29.66
CA THR J 6 6.43 -22.93 29.24
C THR J 6 6.89 -22.05 30.39
N GLY J 7 6.88 -22.55 31.62
CA GLY J 7 7.40 -21.77 32.73
C GLY J 7 7.14 -22.48 34.04
N THR J 8 7.49 -21.78 35.13
CA THR J 8 7.36 -22.31 36.49
C THR J 8 6.87 -21.22 37.43
N PHE J 9 5.93 -21.58 38.29
CA PHE J 9 5.44 -20.69 39.34
C PHE J 9 6.57 -20.46 40.34
N ASN J 10 6.62 -19.24 40.88
CA ASN J 10 7.55 -18.92 41.96
C ASN J 10 6.98 -17.67 42.62
N ASN J 11 6.46 -17.84 43.84
CA ASN J 11 6.11 -16.74 44.73
C ASN J 11 7.14 -16.55 45.85
N GLN J 12 8.17 -17.40 45.91
CA GLN J 12 9.12 -17.34 47.00
C GLN J 12 9.97 -16.07 46.90
N THR J 13 10.29 -15.51 48.07
CA THR J 13 11.14 -14.33 48.20
C THR J 13 12.37 -14.71 49.01
N GLU J 14 13.55 -14.41 48.47
CA GLU J 14 14.83 -14.76 49.07
C GLU J 14 15.53 -13.51 49.58
N PHE J 15 16.42 -13.72 50.55
CA PHE J 15 17.16 -12.65 51.23
C PHE J 15 18.65 -13.00 51.15
N LYS J 16 19.30 -12.57 50.07
CA LYS J 16 20.73 -12.84 49.87
C LYS J 16 21.53 -11.76 50.58
N PHE J 17 22.13 -12.11 51.71
CA PHE J 17 22.95 -11.14 52.44
C PHE J 17 24.20 -10.82 51.64
N LEU J 18 24.60 -9.54 51.66
CA LEU J 18 25.78 -9.02 50.99
C LEU J 18 26.79 -8.53 52.03
N GLU J 19 27.98 -8.16 51.55
CA GLU J 19 29.02 -7.67 52.43
C GLU J 19 28.63 -6.30 53.01
N ASN J 20 29.27 -5.97 54.15
CA ASN J 20 29.14 -4.66 54.79
C ASN J 20 27.69 -4.33 55.15
N GLY J 21 26.92 -5.34 55.54
CA GLY J 21 25.58 -5.09 56.04
C GLY J 21 24.56 -4.69 55.01
N TRP J 22 24.72 -5.11 53.76
CA TRP J 22 23.69 -4.95 52.72
C TRP J 22 23.05 -6.31 52.43
N VAL J 23 21.82 -6.26 51.93
CA VAL J 23 21.06 -7.46 51.59
C VAL J 23 20.31 -7.21 50.29
N GLU J 24 20.35 -8.19 49.39
CA GLU J 24 19.63 -8.14 48.11
C GLU J 24 18.37 -8.97 48.33
N ILE J 25 17.21 -8.33 48.21
CA ILE J 25 15.91 -8.97 48.41
C ILE J 25 15.32 -9.21 47.03
N THR J 26 15.30 -10.46 46.61
CA THR J 26 14.75 -10.87 45.31
C THR J 26 13.30 -11.27 45.53
N ALA J 27 12.38 -10.33 45.28
CA ALA J 27 10.96 -10.60 45.43
C ALA J 27 10.41 -11.18 44.13
N ASN J 28 9.88 -12.40 44.21
CA ASN J 28 9.25 -13.08 43.09
C ASN J 28 7.78 -13.29 43.40
N SER J 29 6.95 -13.16 42.36
CA SER J 29 5.51 -13.30 42.50
C SER J 29 4.94 -13.97 41.26
N SER J 30 3.80 -14.63 41.44
CA SER J 30 3.11 -15.31 40.35
C SER J 30 1.62 -15.33 40.64
N ARG J 31 0.82 -15.22 39.58
CA ARG J 31 -0.63 -15.22 39.69
C ARG J 31 -1.23 -15.86 38.44
N LEU J 32 -2.24 -16.70 38.65
CA LEU J 32 -3.19 -17.03 37.59
C LEU J 32 -4.08 -15.83 37.31
N VAL J 33 -3.96 -15.28 36.11
CA VAL J 33 -4.73 -14.15 35.65
C VAL J 33 -5.85 -14.67 34.75
N HIS J 34 -7.02 -14.06 34.85
CA HIS J 34 -8.19 -14.38 34.03
C HIS J 34 -8.57 -13.15 33.25
N LEU J 35 -9.07 -13.34 32.02
CA LEU J 35 -9.28 -12.22 31.09
C LEU J 35 -10.41 -12.58 30.13
N ASN J 36 -11.54 -11.91 30.26
CA ASN J 36 -12.63 -12.07 29.29
C ASN J 36 -12.38 -11.23 28.05
N MET J 37 -13.18 -11.48 27.03
CA MET J 37 -13.08 -10.69 25.81
C MET J 37 -13.60 -9.28 26.06
N PRO J 38 -13.26 -8.32 25.20
CA PRO J 38 -13.74 -6.95 25.43
C PRO J 38 -15.25 -6.85 25.28
N GLU J 39 -15.82 -5.90 26.01
CA GLU J 39 -17.25 -5.62 25.87
C GLU J 39 -17.59 -5.14 24.46
N SER J 40 -16.65 -4.44 23.82
CA SER J 40 -16.79 -4.06 22.43
C SER J 40 -15.40 -3.95 21.81
N GLU J 41 -15.27 -4.44 20.57
CA GLU J 41 -13.98 -4.42 19.91
C GLU J 41 -13.52 -3.01 19.58
N ASN J 42 -14.43 -2.08 19.34
CA ASN J 42 -14.05 -0.73 18.94
C ASN J 42 -13.55 0.06 20.14
N TYR J 43 -12.69 1.03 19.86
CA TYR J 43 -12.40 2.06 20.85
C TYR J 43 -13.64 2.91 21.05
N ARG J 44 -13.68 3.63 22.17
CA ARG J 44 -14.80 4.46 22.56
C ARG J 44 -14.28 5.79 23.06
N ARG J 45 -15.10 6.83 22.93
CA ARG J 45 -14.94 8.08 23.66
C ARG J 45 -16.22 8.30 24.45
N VAL J 46 -16.09 8.71 25.70
CA VAL J 46 -17.22 8.77 26.61
C VAL J 46 -16.98 9.90 27.61
N VAL J 47 -18.03 10.69 27.82
CA VAL J 47 -17.99 11.85 28.72
C VAL J 47 -18.90 11.54 29.90
N VAL J 48 -18.33 11.54 31.09
CA VAL J 48 -19.08 11.44 32.33
C VAL J 48 -19.40 12.85 32.79
N ASN J 49 -20.63 13.03 33.28
CA ASN J 49 -21.10 14.32 33.79
C ASN J 49 -22.22 14.03 34.78
N ASN J 50 -21.94 14.30 36.05
CA ASN J 50 -22.94 14.22 37.12
C ASN J 50 -23.53 15.60 37.38
N MET J 51 -24.07 16.23 36.33
CA MET J 51 -24.66 17.56 36.47
C MET J 51 -25.85 17.52 37.41
N ASP J 52 -26.62 16.43 37.37
CA ASP J 52 -27.79 16.30 38.24
C ASP J 52 -27.39 16.29 39.71
N LYS J 53 -26.30 15.60 40.05
CA LYS J 53 -25.85 15.56 41.44
C LYS J 53 -25.19 16.89 41.80
N THR J 54 -24.34 17.40 40.92
CA THR J 54 -23.63 18.65 41.17
C THR J 54 -24.58 19.85 41.20
N ALA J 55 -25.74 19.76 40.53
CA ALA J 55 -26.62 20.91 40.39
C ALA J 55 -27.14 21.42 41.73
N VAL J 56 -27.31 20.54 42.71
CA VAL J 56 -27.73 21.00 44.03
C VAL J 56 -26.60 21.80 44.66
N ASN J 57 -26.94 22.95 45.23
CA ASN J 57 -25.92 23.90 45.64
C ASN J 57 -25.20 23.45 46.90
N GLY J 58 -23.96 23.89 47.04
CA GLY J 58 -23.13 23.51 48.17
C GLY J 58 -22.51 22.15 48.07
N ASN J 59 -22.79 21.39 47.01
CA ASN J 59 -22.30 20.03 46.80
C ASN J 59 -21.09 19.99 45.87
N MET J 60 -20.28 21.05 45.86
CA MET J 60 -19.32 21.27 44.78
C MET J 60 -18.17 20.28 44.83
N ALA J 61 -17.80 19.80 46.02
CA ALA J 61 -16.61 18.98 46.16
C ALA J 61 -16.73 17.63 45.45
N LEU J 62 -17.95 17.13 45.25
CA LEU J 62 -18.17 15.81 44.67
C LEU J 62 -18.35 15.86 43.15
N ASP J 63 -17.76 16.84 42.48
CA ASP J 63 -17.87 16.92 41.03
C ASP J 63 -17.07 15.81 40.37
N ASP J 64 -17.60 15.25 39.28
CA ASP J 64 -17.00 14.13 38.57
C ASP J 64 -17.11 14.27 37.05
N ILE J 65 -17.16 15.50 36.50
CA ILE J 65 -17.07 15.64 35.05
C ILE J 65 -15.70 15.19 34.61
N HIS J 66 -15.67 14.33 33.60
CA HIS J 66 -14.44 13.87 32.97
C HIS J 66 -14.79 13.13 31.70
N ALA J 67 -13.82 13.07 30.79
CA ALA J 67 -13.96 12.42 29.50
C ALA J 67 -12.73 11.54 29.29
N GLN J 68 -12.93 10.36 28.71
CA GLN J 68 -11.85 9.40 28.56
C GLN J 68 -12.07 8.57 27.32
N ILE J 69 -11.03 7.85 26.93
CA ILE J 69 -11.05 6.90 25.83
C ILE J 69 -11.02 5.50 26.44
N VAL J 70 -12.09 4.73 26.22
CA VAL J 70 -12.18 3.35 26.67
C VAL J 70 -11.76 2.46 25.51
N THR J 71 -10.90 1.48 25.80
CA THR J 71 -10.20 0.68 24.80
C THR J 71 -10.55 -0.80 24.96
N PRO J 72 -10.46 -1.61 23.90
CA PRO J 72 -10.64 -3.06 24.10
C PRO J 72 -9.53 -3.72 24.89
N TRP J 73 -8.38 -3.09 25.04
CA TRP J 73 -7.26 -3.68 25.75
C TRP J 73 -7.51 -3.66 27.26
N SER J 74 -6.72 -4.47 27.97
CA SER J 74 -6.69 -4.48 29.43
C SER J 74 -5.24 -4.49 29.88
N LEU J 75 -5.00 -3.89 31.05
CA LEU J 75 -3.65 -3.58 31.53
C LEU J 75 -3.32 -4.39 32.77
N VAL J 76 -2.12 -4.95 32.79
CA VAL J 76 -1.59 -5.76 33.89
C VAL J 76 -0.65 -4.86 34.67
N ASP J 77 -0.99 -4.60 35.94
CA ASP J 77 -0.22 -3.72 36.82
C ASP J 77 0.21 -4.50 38.05
N ALA J 78 1.51 -4.53 38.30
CA ALA J 78 2.09 -5.07 39.52
C ALA J 78 2.61 -3.97 40.44
N ASN J 79 2.17 -2.73 40.25
CA ASN J 79 2.56 -1.62 41.12
C ASN J 79 1.67 -1.58 42.37
N ALA J 80 1.99 -2.48 43.29
CA ALA J 80 1.46 -2.41 44.65
C ALA J 80 2.28 -3.34 45.52
N TRP J 81 2.53 -2.90 46.76
CA TRP J 81 3.39 -3.66 47.66
C TRP J 81 2.77 -5.01 48.01
N GLY J 82 1.44 -5.09 48.05
CA GLY J 82 0.79 -6.34 48.38
C GLY J 82 1.04 -7.45 47.37
N VAL J 83 1.29 -7.09 46.11
CA VAL J 83 1.47 -8.09 45.06
C VAL J 83 2.69 -8.96 45.32
N TRP J 84 3.71 -8.44 45.99
CA TRP J 84 5.01 -9.08 46.05
C TRP J 84 5.21 -9.63 47.46
N PHE J 85 5.10 -8.79 48.48
CA PHE J 85 5.57 -9.16 49.81
C PHE J 85 4.38 -9.65 50.61
N ASN J 86 4.46 -10.88 51.14
CA ASN J 86 3.41 -11.33 52.05
C ASN J 86 3.57 -10.58 53.37
N PRO J 87 2.64 -10.76 54.32
CA PRO J 87 2.92 -10.21 55.66
C PRO J 87 4.15 -10.78 56.33
N GLY J 88 4.65 -11.93 55.88
CA GLY J 88 5.90 -12.44 56.43
C GLY J 88 7.09 -11.53 56.19
N ASP J 89 7.30 -11.10 54.95
CA ASP J 89 8.47 -10.27 54.65
C ASP J 89 8.30 -8.87 55.23
N TRP J 90 7.10 -8.30 55.14
CA TRP J 90 6.88 -6.99 55.73
C TRP J 90 7.02 -7.04 57.24
N GLN J 91 6.64 -8.16 57.85
CA GLN J 91 6.91 -8.35 59.28
C GLN J 91 8.41 -8.40 59.58
N LEU J 92 9.24 -8.75 58.60
CA LEU J 92 10.70 -8.81 58.74
C LEU J 92 11.36 -7.52 58.26
N ILE J 93 10.88 -6.97 57.14
CA ILE J 93 11.66 -5.98 56.41
C ILE J 93 11.62 -4.64 57.13
N VAL J 94 10.42 -4.14 57.43
CA VAL J 94 10.30 -2.90 58.20
C VAL J 94 10.85 -3.05 59.61
N ASN J 95 10.91 -4.26 60.14
CA ASN J 95 11.36 -4.49 61.50
C ASN J 95 12.88 -4.41 61.66
N THR J 96 13.66 -4.72 60.61
CA THR J 96 15.11 -4.82 60.69
C THR J 96 15.89 -4.01 59.67
N MET J 97 15.42 -3.87 58.42
CA MET J 97 16.05 -2.92 57.51
C MET J 97 15.93 -1.48 58.00
N SER J 98 16.81 -0.64 57.45
CA SER J 98 16.91 0.79 57.73
C SER J 98 16.70 1.67 56.52
N GLU J 99 17.31 1.30 55.39
CA GLU J 99 17.16 2.01 54.12
C GLU J 99 16.88 0.98 53.03
N LEU J 100 16.31 1.45 51.92
CA LEU J 100 15.85 0.57 50.85
C LEU J 100 16.10 1.23 49.51
N HIS J 101 16.68 0.46 48.59
CA HIS J 101 16.81 0.81 47.19
C HIS J 101 15.95 -0.14 46.38
N LEU J 102 15.66 0.24 45.15
CA LEU J 102 14.79 -0.52 44.27
C LEU J 102 15.51 -0.67 42.93
N VAL J 103 15.93 -1.89 42.61
CA VAL J 103 17.00 -2.15 41.65
C VAL J 103 16.45 -2.45 40.26
N SER J 104 15.68 -3.55 40.14
CA SER J 104 15.29 -4.06 38.83
C SER J 104 13.94 -4.73 38.93
N PHE J 105 13.29 -4.85 37.77
CA PHE J 105 11.95 -5.42 37.65
C PHE J 105 11.85 -6.14 36.30
N GLU J 106 11.36 -7.37 36.34
CA GLU J 106 11.12 -8.15 35.14
C GLU J 106 9.83 -8.92 35.32
N GLN J 107 9.14 -9.17 34.21
CA GLN J 107 7.91 -9.94 34.21
C GLN J 107 7.87 -10.80 32.96
N GLU J 108 7.11 -11.88 33.04
CA GLU J 108 7.02 -12.85 31.94
C GLU J 108 5.63 -13.44 31.94
N ILE J 109 5.28 -14.07 30.82
CA ILE J 109 3.95 -14.62 30.56
C ILE J 109 4.17 -16.06 30.12
N PHE J 110 3.46 -16.99 30.76
CA PHE J 110 3.64 -18.40 30.47
C PHE J 110 2.36 -19.18 30.75
N ASN J 111 2.28 -20.36 30.12
CA ASN J 111 1.15 -21.29 30.21
C ASN J 111 -0.15 -20.56 29.88
N VAL J 112 -0.16 -19.88 28.72
CA VAL J 112 -1.38 -19.23 28.27
C VAL J 112 -2.36 -20.28 27.77
N VAL J 113 -3.64 -20.05 28.07
CA VAL J 113 -4.73 -20.95 27.70
C VAL J 113 -5.89 -20.12 27.23
N LEU J 114 -6.51 -20.54 26.12
CA LEU J 114 -7.70 -19.91 25.56
C LEU J 114 -8.79 -20.97 25.40
N LYS J 115 -10.03 -20.59 25.72
CA LYS J 115 -11.17 -21.49 25.66
C LYS J 115 -12.36 -20.75 25.10
N THR J 116 -13.38 -21.51 24.71
CA THR J 116 -14.60 -20.99 24.09
C THR J 116 -15.80 -21.64 24.77
N VAL J 117 -16.88 -20.87 24.86
CA VAL J 117 -18.08 -21.23 25.61
C VAL J 117 -19.26 -21.29 24.64
N SER J 118 -20.16 -22.24 24.86
CA SER J 118 -21.33 -22.41 24.03
C SER J 118 -22.46 -23.00 24.85
N GLU J 119 -23.69 -22.79 24.38
CA GLU J 119 -24.87 -23.33 25.04
C GLU J 119 -24.99 -24.84 24.78
N THR J 126 -26.50 -25.31 31.44
CA THR J 126 -26.65 -25.76 30.05
C THR J 126 -25.47 -25.38 29.15
N LYS J 127 -24.37 -24.92 29.74
CA LYS J 127 -23.22 -24.48 28.95
C LYS J 127 -22.27 -25.65 28.70
N VAL J 128 -21.49 -25.52 27.63
CA VAL J 128 -20.46 -26.49 27.27
C VAL J 128 -19.17 -25.72 27.00
N TYR J 129 -18.07 -26.16 27.62
CA TYR J 129 -16.80 -25.46 27.59
C TYR J 129 -15.77 -26.35 26.92
N ASN J 130 -14.98 -25.76 26.02
CA ASN J 130 -14.00 -26.52 25.26
C ASN J 130 -12.83 -25.60 24.92
N ASN J 131 -11.69 -26.23 24.61
CA ASN J 131 -10.49 -25.49 24.26
C ASN J 131 -10.51 -25.10 22.79
N ASP J 132 -10.03 -23.89 22.51
CA ASP J 132 -9.74 -23.43 21.16
C ASP J 132 -8.22 -23.28 21.06
N LEU J 133 -7.57 -24.37 20.66
CA LEU J 133 -6.12 -24.35 20.49
C LEU J 133 -5.67 -23.37 19.41
N THR J 134 -6.52 -23.12 18.41
CA THR J 134 -6.12 -22.27 17.29
C THR J 134 -6.18 -20.78 17.61
N ALA J 135 -6.87 -20.38 18.68
CA ALA J 135 -7.00 -18.96 19.00
C ALA J 135 -5.65 -18.41 19.46
N SER J 136 -5.60 -17.08 19.63
CA SER J 136 -4.39 -16.38 20.02
C SER J 136 -4.74 -15.25 20.98
N LEU J 137 -3.77 -14.94 21.85
CA LEU J 137 -3.85 -13.84 22.80
C LEU J 137 -2.89 -12.75 22.34
N MET J 138 -3.35 -11.50 22.33
CA MET J 138 -2.49 -10.37 22.03
C MET J 138 -1.82 -9.87 23.31
N VAL J 139 -0.52 -9.66 23.24
CA VAL J 139 0.27 -9.11 24.34
C VAL J 139 1.23 -8.06 23.77
N ALA J 140 1.33 -6.92 24.45
CA ALA J 140 2.12 -5.79 23.98
C ALA J 140 2.72 -5.06 25.16
N LEU J 141 4.02 -4.80 25.10
CA LEU J 141 4.76 -4.07 26.13
C LEU J 141 5.19 -2.72 25.59
N ASP J 142 4.74 -1.65 26.24
CA ASP J 142 5.17 -0.29 25.92
C ASP J 142 6.57 -0.04 26.48
N SER J 143 7.56 -0.63 25.80
CA SER J 143 8.94 -0.58 26.29
C SER J 143 9.51 0.83 26.29
N ASN J 144 9.03 1.71 25.41
CA ASN J 144 9.54 3.07 25.27
C ASN J 144 8.59 4.10 25.89
N ASN J 145 7.77 3.69 26.88
CA ASN J 145 6.69 4.45 27.56
C ASN J 145 6.02 5.49 26.65
N THR J 146 5.62 5.04 25.46
CA THR J 146 4.91 5.93 24.55
C THR J 146 3.53 6.29 25.08
N MET J 147 2.79 5.30 25.56
CA MET J 147 1.41 5.47 25.98
C MET J 147 1.37 6.29 27.28
N PRO J 148 0.23 6.93 27.60
CA PRO J 148 0.15 7.65 28.87
C PRO J 148 0.17 6.68 30.04
N PHE J 149 0.69 7.16 31.18
CA PHE J 149 0.96 6.32 32.32
C PHE J 149 -0.25 6.32 33.26
N THR J 150 -0.66 5.12 33.69
CA THR J 150 -1.89 4.92 34.45
C THR J 150 -1.65 3.83 35.49
N PRO J 151 -1.12 4.18 36.67
CA PRO J 151 -0.92 3.16 37.70
C PRO J 151 -2.24 2.82 38.38
N ALA J 152 -2.54 1.52 38.43
CA ALA J 152 -3.87 1.06 38.86
C ALA J 152 -4.08 1.15 40.36
N ALA J 153 -3.03 1.34 41.16
CA ALA J 153 -3.19 1.38 42.60
C ALA J 153 -3.90 2.65 43.08
N MET J 154 -4.00 3.67 42.23
CA MET J 154 -4.65 4.91 42.64
C MET J 154 -6.13 4.69 42.90
N ARG J 155 -6.77 3.84 42.09
CA ARG J 155 -8.15 3.43 42.27
C ARG J 155 -8.29 2.02 42.82
N SER J 156 -7.20 1.45 43.36
CA SER J 156 -7.17 0.09 43.90
C SER J 156 -7.72 -0.94 42.92
N GLU J 157 -7.02 -1.07 41.78
CA GLU J 157 -7.39 -2.00 40.72
C GLU J 157 -6.19 -2.76 40.19
N THR J 158 -5.23 -3.09 41.06
CA THR J 158 -4.02 -3.77 40.64
C THR J 158 -4.25 -5.28 40.63
N LEU J 159 -3.16 -6.02 40.42
CA LEU J 159 -3.20 -7.46 40.55
C LEU J 159 -3.50 -7.85 41.99
N GLY J 160 -4.31 -8.89 42.15
CA GLY J 160 -4.68 -9.33 43.49
C GLY J 160 -3.48 -9.82 44.27
N PHE J 161 -3.44 -9.43 45.54
CA PHE J 161 -2.28 -9.69 46.37
C PHE J 161 -2.12 -11.15 46.75
N TYR J 162 -3.16 -11.95 46.64
CA TYR J 162 -3.13 -13.29 47.18
C TYR J 162 -2.51 -14.22 46.13
N PRO J 163 -1.49 -15.04 46.48
CA PRO J 163 -0.94 -15.95 45.46
C PRO J 163 -1.92 -16.95 44.88
N TRP J 164 -2.89 -17.41 45.67
CA TRP J 164 -3.71 -18.55 45.25
C TRP J 164 -5.01 -18.14 44.57
N LYS J 165 -5.64 -17.05 45.00
CA LYS J 165 -6.85 -16.59 44.35
C LYS J 165 -6.52 -16.14 42.93
N PRO J 166 -7.35 -16.46 41.92
CA PRO J 166 -7.12 -15.85 40.60
C PRO J 166 -7.43 -14.37 40.63
N THR J 167 -7.19 -13.71 39.50
CA THR J 167 -7.27 -12.25 39.41
C THR J 167 -7.55 -11.84 37.96
N ILE J 168 -8.03 -10.60 37.83
CA ILE J 168 -8.43 -10.01 36.55
C ILE J 168 -7.69 -8.68 36.41
N PRO J 169 -7.15 -8.30 35.24
CA PRO J 169 -6.60 -6.95 35.12
C PRO J 169 -7.69 -5.90 35.09
N THR J 170 -7.29 -4.67 35.42
CA THR J 170 -8.15 -3.52 35.17
C THR J 170 -8.35 -3.37 33.67
N PRO J 171 -9.58 -3.23 33.17
CA PRO J 171 -9.73 -2.76 31.78
C PRO J 171 -9.17 -1.35 31.64
N TRP J 172 -8.40 -1.13 30.58
CA TRP J 172 -7.63 0.09 30.46
C TRP J 172 -8.49 1.24 29.95
N ARG J 173 -8.15 2.44 30.37
CA ARG J 173 -8.76 3.66 29.87
C ARG J 173 -7.78 4.79 30.15
N TYR J 174 -7.92 5.90 29.42
CA TYR J 174 -7.05 7.03 29.64
C TYR J 174 -7.78 8.32 29.28
N TYR J 175 -7.30 9.40 29.89
CA TYR J 175 -7.99 10.68 29.86
C TYR J 175 -7.85 11.36 28.50
N PHE J 176 -8.90 12.10 28.14
CA PHE J 176 -8.97 12.89 26.92
C PHE J 176 -9.44 14.28 27.33
N GLN J 177 -8.84 15.30 26.73
CA GLN J 177 -8.93 16.65 27.27
C GLN J 177 -10.36 17.19 27.21
N TRP J 178 -10.70 17.99 28.23
CA TRP J 178 -11.97 18.69 28.29
C TRP J 178 -11.74 20.07 28.89
N ASP J 179 -12.67 20.97 28.62
CA ASP J 179 -12.81 22.24 29.33
C ASP J 179 -14.10 22.20 30.13
N ARG J 180 -14.02 22.60 31.39
CA ARG J 180 -15.16 22.55 32.31
C ARG J 180 -15.03 23.66 33.33
N THR J 181 -16.12 24.39 33.55
CA THR J 181 -16.19 25.50 34.48
C THR J 181 -17.28 25.24 35.50
N LEU J 182 -16.97 25.52 36.77
CA LEU J 182 -17.90 25.18 37.85
C LEU J 182 -17.67 26.22 38.97
N ILE J 183 -18.50 27.25 38.96
CA ILE J 183 -18.35 28.35 39.90
C ILE J 183 -19.01 27.91 41.21
N PRO J 184 -18.30 27.85 42.35
CA PRO J 184 -18.93 27.31 43.55
C PRO J 184 -19.94 28.27 44.15
N SER J 185 -20.76 27.72 45.06
CA SER J 185 -21.83 28.48 45.68
C SER J 185 -22.16 27.88 47.04
N HIS J 186 -22.79 28.69 47.89
CA HIS J 186 -23.24 28.20 49.18
C HIS J 186 -24.50 27.38 49.00
N THR J 187 -24.88 26.67 50.06
CA THR J 187 -26.25 26.22 50.20
C THR J 187 -27.11 27.43 50.50
N GLY J 188 -28.16 27.61 49.71
CA GLY J 188 -29.06 28.74 49.89
C GLY J 188 -28.70 29.99 49.14
N THR J 189 -27.87 29.91 48.10
CA THR J 189 -27.67 31.07 47.24
C THR J 189 -28.93 31.34 46.44
N SER J 190 -28.99 32.51 45.82
CA SER J 190 -30.22 32.96 45.17
C SER J 190 -30.58 32.08 43.98
N GLY J 191 -29.59 31.50 43.30
CA GLY J 191 -29.87 30.67 42.16
C GLY J 191 -28.68 29.80 41.80
N THR J 192 -28.83 29.06 40.71
CA THR J 192 -27.78 28.16 40.28
C THR J 192 -26.58 28.97 39.79
N PRO J 193 -25.35 28.50 39.98
CA PRO J 193 -24.21 29.13 39.31
C PRO J 193 -24.02 28.55 37.91
N THR J 194 -23.29 29.29 37.09
CA THR J 194 -22.96 28.80 35.75
C THR J 194 -22.12 27.54 35.86
N ASN J 195 -22.60 26.47 35.23
CA ASN J 195 -22.03 25.13 35.40
C ASN J 195 -22.24 24.34 34.12
N ILE J 196 -21.26 24.35 33.21
CA ILE J 196 -21.37 23.71 31.91
C ILE J 196 -20.05 23.06 31.54
N TYR J 197 -20.11 22.23 30.49
CA TYR J 197 -18.97 21.53 29.91
C TYR J 197 -18.86 21.94 28.44
N HIS J 198 -17.76 22.62 28.09
CA HIS J 198 -17.65 23.26 26.80
C HIS J 198 -17.40 22.29 25.65
N GLY J 199 -16.89 21.08 25.93
CA GLY J 199 -16.39 20.18 24.91
C GLY J 199 -14.90 19.98 25.04
N THR J 200 -14.17 20.07 23.92
CA THR J 200 -12.75 19.83 23.86
C THR J 200 -12.06 20.88 23.01
N ASP J 201 -10.95 21.39 23.53
CA ASP J 201 -10.10 22.31 22.79
C ASP J 201 -9.38 21.55 21.69
N PRO J 202 -9.27 22.07 20.46
CA PRO J 202 -8.67 21.25 19.40
C PRO J 202 -7.16 21.12 19.51
N ASP J 203 -6.51 21.87 20.40
CA ASP J 203 -5.06 21.87 20.48
C ASP J 203 -4.54 20.78 21.40
N ASP J 204 -5.40 20.20 22.24
CA ASP J 204 -5.02 19.23 23.26
C ASP J 204 -5.41 17.80 22.92
N VAL J 205 -5.88 17.54 21.69
CA VAL J 205 -6.40 16.22 21.38
C VAL J 205 -5.24 15.24 21.27
N GLN J 206 -5.39 14.08 21.91
CA GLN J 206 -4.41 13.01 21.84
C GLN J 206 -5.17 11.68 21.94
N PHE J 207 -5.49 11.10 20.79
CA PHE J 207 -6.16 9.81 20.71
C PHE J 207 -5.09 8.75 20.44
N TYR J 208 -4.42 8.32 21.51
CA TYR J 208 -3.45 7.26 21.37
C TYR J 208 -4.15 5.95 21.08
N THR J 209 -3.39 4.97 20.60
CA THR J 209 -3.91 3.63 20.36
C THR J 209 -2.76 2.65 20.45
N ILE J 210 -3.04 1.45 20.96
CA ILE J 210 -1.97 0.47 21.17
C ILE J 210 -1.44 -0.03 19.84
N GLU J 211 -2.31 -0.13 18.83
CA GLU J 211 -1.93 -0.78 17.58
C GLU J 211 -0.86 0.00 16.83
N ASN J 212 -0.92 1.33 16.86
CA ASN J 212 0.01 2.17 16.10
C ASN J 212 1.23 2.63 16.89
N SER J 213 1.37 2.22 18.16
CA SER J 213 2.42 2.74 19.04
C SER J 213 3.32 1.68 19.64
N VAL J 214 2.88 0.43 19.77
CA VAL J 214 3.59 -0.61 20.51
C VAL J 214 3.68 -1.85 19.62
N PRO J 215 4.80 -2.58 19.58
CA PRO J 215 4.76 -3.91 18.96
C PRO J 215 3.93 -4.88 19.80
N VAL J 216 3.29 -5.82 19.14
CA VAL J 216 2.38 -6.78 19.76
C VAL J 216 2.80 -8.19 19.36
N HIS J 217 2.61 -9.13 20.27
CA HIS J 217 2.93 -10.54 20.07
C HIS J 217 1.65 -11.36 20.22
N LEU J 218 1.29 -12.09 19.18
CA LEU J 218 0.07 -12.90 19.17
C LEU J 218 0.43 -14.28 19.73
N LEU J 219 0.37 -14.39 21.05
CA LEU J 219 0.71 -15.64 21.71
C LEU J 219 -0.41 -16.66 21.52
N ARG J 220 -0.05 -17.80 20.94
CA ARG J 220 -0.95 -18.94 20.82
C ARG J 220 -0.78 -19.80 22.07
N THR J 221 -1.40 -20.97 22.07
CA THR J 221 -1.51 -21.73 23.31
C THR J 221 -0.19 -22.35 23.80
N GLY J 222 0.99 -22.15 23.20
CA GLY J 222 2.20 -22.85 23.60
C GLY J 222 3.50 -22.08 23.58
N ASP J 223 3.46 -20.75 23.72
CA ASP J 223 4.67 -19.92 23.67
C ASP J 223 4.69 -18.93 24.83
N GLU J 224 5.89 -18.44 25.14
CA GLU J 224 6.16 -17.57 26.27
C GLU J 224 6.53 -16.18 25.77
N PHE J 225 6.08 -15.16 26.50
CA PHE J 225 6.55 -13.78 26.35
C PHE J 225 7.33 -13.45 27.61
N ALA J 226 8.54 -12.92 27.43
CA ALA J 226 9.45 -12.60 28.51
C ALA J 226 9.99 -11.19 28.32
N THR J 227 9.71 -10.33 29.28
CA THR J 227 10.29 -8.99 29.27
C THR J 227 11.76 -9.05 29.66
N GLY J 228 12.52 -8.09 29.16
CA GLY J 228 13.88 -7.92 29.63
C GLY J 228 13.91 -7.36 31.03
N THR J 229 15.06 -7.53 31.68
CA THR J 229 15.23 -7.01 33.03
C THR J 229 15.47 -5.51 32.97
N PHE J 230 14.42 -4.74 33.25
CA PHE J 230 14.53 -3.28 33.26
C PHE J 230 15.11 -2.82 34.59
N PHE J 231 15.99 -1.83 34.51
CA PHE J 231 16.82 -1.38 35.62
C PHE J 231 16.38 0.01 36.04
N PHE J 232 16.37 0.26 37.36
CA PHE J 232 15.82 1.50 37.90
C PHE J 232 16.96 2.45 38.27
N ASP J 233 16.61 3.68 38.69
CA ASP J 233 17.58 4.67 39.13
C ASP J 233 17.11 5.50 40.31
N CYS J 234 16.09 5.07 41.05
CA CYS J 234 15.43 5.93 42.03
C CYS J 234 16.34 6.26 43.20
N LYS J 235 15.97 7.32 43.92
CA LYS J 235 16.70 7.69 45.12
C LYS J 235 16.33 6.72 46.26
N PRO J 236 17.18 6.57 47.27
CA PRO J 236 16.82 5.67 48.38
C PRO J 236 15.64 6.19 49.17
N CYS J 237 14.80 5.26 49.64
CA CYS J 237 13.77 5.55 50.61
C CYS J 237 14.31 5.28 52.00
N ARG J 238 13.66 5.88 52.99
CA ARG J 238 13.99 5.70 54.40
C ARG J 238 12.88 4.90 55.05
N LEU J 239 13.25 3.83 55.76
CA LEU J 239 12.33 3.04 56.59
C LEU J 239 12.40 3.46 58.04
N THR J 240 12.58 4.77 58.26
CA THR J 240 12.74 5.38 59.57
C THR J 240 11.98 6.69 59.57
N HIS J 241 11.65 7.17 60.77
CA HIS J 241 10.90 8.41 60.95
C HIS J 241 11.65 9.35 61.87
N THR J 242 11.55 10.65 61.56
CA THR J 242 12.19 11.71 62.32
C THR J 242 11.17 12.29 63.30
N TRP J 243 11.38 12.03 64.59
CA TRP J 243 10.48 12.55 65.61
C TRP J 243 10.68 14.03 65.87
N GLN J 244 11.82 14.59 65.51
CA GLN J 244 12.11 15.98 65.84
C GLN J 244 11.26 16.93 64.99
N THR J 245 10.89 18.04 65.62
CA THR J 245 10.27 19.17 64.96
C THR J 245 11.03 20.42 65.39
N ASN J 246 10.53 21.58 65.00
CA ASN J 246 10.99 22.80 65.64
C ASN J 246 10.53 22.76 67.10
N ARG J 247 11.25 23.48 67.96
CA ARG J 247 11.18 23.36 69.42
C ARG J 247 11.70 22.02 69.93
N ALA J 248 12.44 21.26 69.10
CA ALA J 248 13.08 20.02 69.54
C ALA J 248 14.45 19.81 68.91
N LEU J 249 15.07 20.88 68.39
CA LEU J 249 16.40 20.84 67.79
C LEU J 249 17.36 21.64 68.66
N GLY J 250 18.66 21.31 68.54
CA GLY J 250 19.70 22.11 69.13
C GLY J 250 19.97 21.80 70.59
N LEU J 251 21.02 22.45 71.09
CA LEU J 251 21.38 22.32 72.50
C LEU J 251 20.38 23.10 73.35
N PRO J 252 19.66 22.49 74.29
CA PRO J 252 18.71 23.28 75.09
C PRO J 252 19.44 24.19 76.06
N PRO J 253 18.73 25.09 76.74
CA PRO J 253 19.37 25.88 77.81
C PRO J 253 19.70 25.01 79.02
N PHE J 254 20.63 25.49 79.83
CA PHE J 254 21.01 24.77 81.04
C PHE J 254 19.86 24.74 82.03
N LEU J 255 19.77 23.64 82.77
CA LEU J 255 18.72 23.46 83.80
C LEU J 255 19.16 24.15 85.09
N ASN J 256 18.98 25.47 85.10
CA ASN J 256 19.27 26.26 86.29
C ASN J 256 18.18 26.15 87.36
N SER J 257 17.02 25.58 87.04
CA SER J 257 15.93 25.48 88.00
C SER J 257 15.03 24.31 87.62
N LEU J 258 14.02 24.09 88.45
CA LEU J 258 12.99 23.08 88.18
C LEU J 258 11.64 23.56 88.72
N GLY J 263 -1.53 24.10 78.97
CA GLY J 263 -1.71 22.83 78.31
C GLY J 263 -0.80 21.74 78.87
N ALA J 264 -1.05 20.49 78.47
CA ALA J 264 -0.28 19.37 78.99
C ALA J 264 1.07 19.19 78.32
N THR J 265 1.28 19.79 77.14
CA THR J 265 2.48 19.56 76.36
C THR J 265 3.62 20.54 76.65
N ASN J 266 3.44 21.44 77.61
CA ASN J 266 4.44 22.48 77.82
C ASN J 266 5.72 21.89 78.42
N PHE J 267 6.82 22.60 78.19
CA PHE J 267 8.15 22.15 78.59
C PHE J 267 8.42 22.51 80.04
N GLY J 268 9.46 21.89 80.62
CA GLY J 268 9.87 22.22 81.96
C GLY J 268 10.37 23.64 82.05
N ASP J 269 9.59 24.51 82.67
CA ASP J 269 9.91 25.93 82.69
C ASP J 269 11.09 26.20 83.63
N ILE J 270 11.96 27.12 83.21
CA ILE J 270 13.16 27.51 83.96
C ILE J 270 12.92 28.91 84.50
N GLY J 271 13.29 29.12 85.77
CA GLY J 271 12.98 30.34 86.48
C GLY J 271 13.94 31.50 86.29
N VAL J 272 15.00 31.31 85.51
CA VAL J 272 15.88 32.44 85.18
C VAL J 272 15.06 33.42 84.34
N GLN J 273 15.21 34.72 84.64
CA GLN J 273 14.35 35.73 84.05
C GLN J 273 14.60 35.81 82.54
N GLN J 274 13.50 35.92 81.78
CA GLN J 274 13.54 35.63 80.36
C GLN J 274 14.39 36.62 79.58
N ASP J 275 14.31 37.91 79.89
CA ASP J 275 15.16 38.90 79.24
C ASP J 275 16.62 38.77 79.64
N LYS J 276 16.91 38.26 80.83
CA LYS J 276 18.27 38.11 81.30
C LYS J 276 18.96 36.86 80.75
N ARG J 277 18.24 35.99 80.04
CA ARG J 277 18.87 34.80 79.47
C ARG J 277 19.82 35.20 78.34
N ARG J 278 20.62 34.23 77.90
CA ARG J 278 21.62 34.39 76.86
C ARG J 278 21.30 33.45 75.70
N GLY J 279 21.61 33.90 74.49
CA GLY J 279 21.29 33.16 73.28
C GLY J 279 21.14 34.12 72.11
N VAL J 280 20.49 33.62 71.06
CA VAL J 280 20.30 34.35 69.81
C VAL J 280 18.87 34.15 69.33
N THR J 281 18.25 35.23 68.85
CA THR J 281 16.85 35.23 68.45
C THR J 281 16.70 35.85 67.07
N GLN J 282 15.74 35.34 66.32
CA GLN J 282 15.42 35.90 65.02
C GLN J 282 14.61 37.19 65.12
N MET J 283 13.66 37.25 66.07
CA MET J 283 12.86 38.46 66.28
C MET J 283 13.73 39.49 67.02
N GLY J 284 14.32 40.38 66.22
CA GLY J 284 15.38 41.23 66.73
C GLY J 284 14.92 42.36 67.63
N ASN J 285 13.65 42.76 67.54
CA ASN J 285 13.17 43.92 68.27
C ASN J 285 12.79 43.62 69.72
N THR J 286 12.91 42.38 70.18
CA THR J 286 12.47 41.96 71.51
C THR J 286 13.60 41.21 72.19
N ASN J 287 13.73 41.42 73.50
CA ASN J 287 14.90 40.98 74.26
C ASN J 287 14.73 39.63 74.95
N TYR J 288 13.51 39.08 75.01
CA TYR J 288 13.30 37.83 75.71
C TYR J 288 13.73 36.65 74.86
N ILE J 289 14.33 35.65 75.50
CA ILE J 289 14.81 34.42 74.87
C ILE J 289 14.00 33.28 75.45
N THR J 290 13.24 32.58 74.61
CA THR J 290 12.44 31.44 75.00
C THR J 290 12.64 30.34 73.98
N GLU J 291 11.98 29.19 74.22
CA GLU J 291 12.02 28.10 73.26
C GLU J 291 11.38 28.48 71.94
N ALA J 292 10.40 29.39 71.96
CA ALA J 292 9.78 29.85 70.72
C ALA J 292 10.63 30.87 70.00
N THR J 293 11.19 31.84 70.72
CA THR J 293 11.90 32.95 70.10
C THR J 293 13.33 32.63 69.70
N ILE J 294 13.91 31.55 70.24
CA ILE J 294 15.29 31.20 69.89
C ILE J 294 15.33 30.78 68.42
N MET J 295 16.38 31.19 67.73
CA MET J 295 16.55 30.94 66.29
C MET J 295 17.11 29.53 66.14
N ARG J 296 16.34 28.67 65.47
CA ARG J 296 16.78 27.33 65.10
C ARG J 296 17.17 27.34 63.62
N PRO J 297 18.00 26.40 63.16
CA PRO J 297 18.59 26.53 61.82
C PRO J 297 17.57 26.49 60.67
N ALA J 298 16.47 25.76 60.82
CA ALA J 298 15.53 25.60 59.73
C ALA J 298 14.18 25.17 60.28
N GLU J 299 13.17 25.25 59.42
CA GLU J 299 11.79 24.90 59.77
C GLU J 299 11.49 23.50 59.25
N VAL J 300 11.07 22.61 60.14
CA VAL J 300 10.70 21.25 59.76
C VAL J 300 9.22 21.24 59.42
N GLY J 301 8.89 20.69 58.25
CA GLY J 301 7.52 20.66 57.80
C GLY J 301 7.07 22.02 57.33
N TYR J 302 5.79 22.09 56.96
CA TYR J 302 5.21 23.34 56.51
C TYR J 302 3.69 23.27 56.64
N SER J 303 3.11 24.38 57.10
CA SER J 303 1.67 24.54 57.07
C SER J 303 1.24 25.01 55.69
N ALA J 304 0.16 24.43 55.19
CA ALA J 304 -0.39 24.73 53.88
C ALA J 304 -1.91 24.79 54.00
N PRO J 305 -2.59 25.44 53.06
CA PRO J 305 -4.04 25.62 53.22
C PRO J 305 -4.81 24.31 53.13
N TYR J 306 -5.36 23.87 54.25
CA TYR J 306 -6.03 22.57 54.27
C TYR J 306 -7.40 22.67 53.61
N TYR J 307 -7.75 21.58 52.90
CA TYR J 307 -9.02 21.46 52.18
C TYR J 307 -9.22 22.61 51.20
N SER J 308 -8.12 23.03 50.57
CA SER J 308 -8.14 24.09 49.57
C SER J 308 -8.34 23.46 48.20
N PHE J 309 -9.22 24.06 47.42
CA PHE J 309 -9.60 23.55 46.11
C PHE J 309 -9.35 24.67 45.11
N GLU J 310 -8.80 24.32 43.96
CA GLU J 310 -8.41 25.27 42.93
C GLU J 310 -8.91 24.80 41.58
N ALA J 311 -9.22 25.75 40.71
CA ALA J 311 -9.87 25.47 39.43
C ALA J 311 -8.88 25.63 38.27
N SER J 312 -8.55 24.50 37.64
CA SER J 312 -7.93 24.53 36.33
C SER J 312 -8.99 24.75 35.25
N THR J 313 -8.58 24.69 34.00
CA THR J 313 -9.56 24.69 32.91
C THR J 313 -10.41 23.42 32.92
N GLN J 314 -9.90 22.32 33.46
CA GLN J 314 -10.61 21.05 33.47
C GLN J 314 -11.60 20.92 34.63
N GLY J 315 -11.59 21.85 35.60
CA GLY J 315 -12.49 21.81 36.73
C GLY J 315 -11.73 21.74 38.04
N PRO J 316 -12.45 21.82 39.15
CA PRO J 316 -11.79 21.91 40.45
C PRO J 316 -11.12 20.62 40.89
N PHE J 317 -10.06 20.79 41.68
CA PHE J 317 -9.34 19.69 42.33
C PHE J 317 -8.78 20.18 43.65
N LYS J 318 -8.52 19.22 44.55
CA LYS J 318 -7.88 19.53 45.82
C LYS J 318 -6.38 19.71 45.64
N THR J 319 -5.80 20.67 46.34
CA THR J 319 -4.36 20.90 46.29
C THR J 319 -3.68 19.95 47.27
N PRO J 320 -2.78 19.06 46.83
CA PRO J 320 -2.23 18.07 47.77
C PRO J 320 -1.28 18.71 48.77
N ILE J 321 -1.36 18.20 50.01
CA ILE J 321 -0.50 18.61 51.11
C ILE J 321 0.43 17.45 51.42
N ALA J 322 1.72 17.76 51.60
CA ALA J 322 2.71 16.71 51.72
C ALA J 322 2.79 16.08 53.11
N ALA J 323 2.17 16.69 54.12
CA ALA J 323 2.19 16.16 55.48
C ALA J 323 0.86 16.47 56.16
N GLY J 324 0.56 15.71 57.20
CA GLY J 324 -0.69 15.85 57.91
C GLY J 324 -0.62 15.39 59.35
N ARG J 325 -1.45 15.99 60.21
CA ARG J 325 -1.48 15.63 61.62
C ARG J 325 -2.78 16.13 62.25
N ALA J 336 -7.17 14.06 61.37
CA ALA J 336 -7.41 13.38 60.10
C ALA J 336 -7.14 14.25 58.87
N ASP J 337 -6.45 15.38 59.07
CA ASP J 337 -6.14 16.26 57.95
C ASP J 337 -4.89 15.77 57.22
N GLY J 338 -4.99 15.66 55.90
CA GLY J 338 -3.82 15.38 55.08
C GLY J 338 -3.40 13.92 54.97
N ASN J 339 -3.73 13.11 55.97
CA ASN J 339 -3.30 11.72 55.96
C ASN J 339 -4.05 10.95 54.87
N PRO J 340 -3.44 9.97 54.20
CA PRO J 340 -4.13 9.32 53.08
C PRO J 340 -5.12 8.28 53.57
N ARG J 341 -6.30 8.28 52.95
CA ARG J 341 -7.37 7.32 53.22
C ARG J 341 -7.49 6.36 52.05
N TYR J 342 -7.40 5.07 52.35
CA TYR J 342 -7.33 4.01 51.35
C TYR J 342 -8.59 3.17 51.42
N ALA J 343 -9.18 2.88 50.25
CA ALA J 343 -10.35 2.02 50.12
C ALA J 343 -10.06 0.97 49.06
N PHE J 344 -10.60 -0.23 49.24
CA PHE J 344 -10.14 -1.38 48.47
C PHE J 344 -11.19 -2.48 48.49
N GLY J 345 -11.00 -3.45 47.59
CA GLY J 345 -11.94 -4.55 47.41
C GLY J 345 -11.41 -5.87 47.94
N ARG J 346 -12.16 -6.92 47.62
CA ARG J 346 -11.88 -8.24 48.19
C ARG J 346 -10.55 -8.80 47.75
N GLN J 347 -10.16 -8.57 46.49
CA GLN J 347 -8.83 -8.94 46.05
C GLN J 347 -7.73 -8.20 46.81
N HIS J 348 -8.03 -7.02 47.32
CA HIS J 348 -7.03 -6.09 47.83
C HIS J 348 -7.13 -5.92 49.34
N GLY J 349 -7.32 -7.01 50.06
CA GLY J 349 -7.17 -7.05 51.51
C GLY J 349 -8.45 -7.05 52.30
N GLN J 350 -9.61 -6.82 51.69
CA GLN J 350 -10.85 -6.85 52.45
C GLN J 350 -11.15 -8.29 52.86
N LYS J 351 -11.89 -8.43 53.97
CA LYS J 351 -12.30 -9.74 54.44
C LYS J 351 -13.16 -10.42 53.38
N THR J 352 -12.65 -11.49 52.78
CA THR J 352 -13.26 -12.02 51.57
C THR J 352 -14.62 -12.66 51.84
N THR J 353 -14.89 -13.08 53.08
CA THR J 353 -16.19 -13.66 53.39
C THR J 353 -17.28 -12.60 53.50
N THR J 354 -16.93 -11.33 53.75
CA THR J 354 -17.94 -10.30 53.88
C THR J 354 -18.61 -10.05 52.53
N THR J 355 -19.94 -10.06 52.53
CA THR J 355 -20.76 -9.92 51.34
C THR J 355 -21.40 -8.55 51.34
N GLY J 356 -21.30 -7.85 50.22
CA GLY J 356 -21.83 -6.50 50.08
C GLY J 356 -20.97 -5.62 49.21
N GLU J 357 -21.51 -4.46 48.83
CA GLU J 357 -20.78 -3.51 47.99
C GLU J 357 -19.85 -2.60 48.79
N THR J 358 -19.91 -2.63 50.12
CA THR J 358 -19.14 -1.69 50.93
C THR J 358 -17.67 -2.09 50.93
N PRO J 359 -16.73 -1.24 50.47
CA PRO J 359 -15.32 -1.58 50.64
C PRO J 359 -14.84 -1.31 52.07
N GLU J 360 -13.86 -2.11 52.49
CA GLU J 360 -13.20 -1.90 53.77
C GLU J 360 -12.08 -0.88 53.59
N ARG J 361 -12.00 0.05 54.55
CA ARG J 361 -11.21 1.28 54.39
C ARG J 361 -10.45 1.57 55.68
N PHE J 362 -9.36 2.33 55.54
CA PHE J 362 -8.63 2.83 56.69
C PHE J 362 -8.02 4.18 56.32
N THR J 363 -7.46 4.84 57.32
CA THR J 363 -6.69 6.07 57.15
C THR J 363 -5.31 5.86 57.76
N TYR J 364 -4.28 6.10 56.96
CA TYR J 364 -2.91 5.77 57.35
C TYR J 364 -2.34 6.95 58.14
N ILE J 365 -2.21 6.76 59.45
CA ILE J 365 -1.66 7.78 60.34
C ILE J 365 -0.15 7.57 60.38
N ALA J 366 0.59 8.43 59.68
CA ALA J 366 2.04 8.30 59.62
C ALA J 366 2.67 8.66 60.96
N HIS J 367 3.75 7.96 61.29
CA HIS J 367 4.42 8.20 62.57
C HIS J 367 5.28 9.46 62.55
N GLN J 368 5.82 9.84 61.40
CA GLN J 368 6.74 10.98 61.34
C GLN J 368 6.01 12.28 61.69
N ASP J 369 6.69 13.16 62.42
CA ASP J 369 6.08 14.32 63.03
C ASP J 369 6.25 15.57 62.18
N THR J 370 6.22 15.41 60.85
CA THR J 370 6.33 16.54 59.94
C THR J 370 5.07 17.40 59.91
N GLY J 371 3.95 16.94 60.48
CA GLY J 371 2.70 17.66 60.36
C GLY J 371 2.67 18.90 61.22
N ARG J 372 1.48 19.50 61.27
CA ARG J 372 1.22 20.73 62.00
C ARG J 372 -0.06 20.59 62.80
N TYR J 373 -0.23 21.50 63.76
CA TYR J 373 -1.36 21.50 64.72
C TYR J 373 -1.99 22.88 64.56
N PRO J 374 -2.94 23.06 63.63
CA PRO J 374 -3.41 24.43 63.33
C PRO J 374 -4.09 25.14 64.49
N GLU J 375 -4.73 24.42 65.41
CA GLU J 375 -5.44 25.09 66.49
C GLU J 375 -4.50 25.78 67.48
N GLY J 376 -3.21 25.42 67.49
CA GLY J 376 -2.25 26.03 68.39
C GLY J 376 -1.48 27.21 67.82
N ASP J 377 -1.68 27.53 66.54
CA ASP J 377 -0.88 28.55 65.87
C ASP J 377 -1.48 29.93 66.07
N TRP J 378 -0.64 30.96 65.88
CA TRP J 378 -1.08 32.34 66.00
C TRP J 378 -0.17 33.25 65.18
N ILE J 379 -0.57 34.51 65.04
CA ILE J 379 0.25 35.56 64.46
C ILE J 379 0.14 36.77 65.38
N GLN J 380 1.26 37.44 65.62
CA GLN J 380 1.35 38.54 66.58
C GLN J 380 1.92 39.77 65.91
N ASN J 381 1.52 40.94 66.42
CA ASN J 381 1.92 42.20 65.82
C ASN J 381 3.41 42.42 66.07
N ILE J 382 4.02 43.25 65.23
CA ILE J 382 5.48 43.38 65.21
C ILE J 382 5.96 44.09 66.48
N ASN J 383 5.10 44.87 67.14
CA ASN J 383 5.52 45.53 68.38
C ASN J 383 5.83 44.51 69.47
N PHE J 384 5.09 43.41 69.54
CA PHE J 384 5.44 42.24 70.34
C PHE J 384 5.57 42.55 71.83
N ASN J 385 4.64 43.32 72.36
CA ASN J 385 4.49 43.43 73.80
C ASN J 385 3.90 42.13 74.34
N LEU J 386 4.37 41.72 75.52
CA LEU J 386 4.04 40.37 75.98
C LEU J 386 2.60 40.24 76.44
N PRO J 387 2.12 40.99 77.44
CA PRO J 387 0.70 40.80 77.83
C PRO J 387 -0.24 41.40 76.79
N VAL J 388 -0.47 40.60 75.74
CA VAL J 388 -1.09 41.11 74.52
C VAL J 388 -2.57 41.41 74.76
N THR J 389 -3.14 42.20 73.86
CA THR J 389 -4.45 42.83 74.07
C THR J 389 -5.63 41.97 73.68
N ASN J 390 -5.41 40.81 73.03
CA ASN J 390 -6.45 40.10 72.27
C ASN J 390 -7.10 40.99 71.21
N ASP J 391 -6.31 41.94 70.66
CA ASP J 391 -6.68 42.73 69.50
C ASP J 391 -5.58 42.78 68.45
N ASN J 392 -4.31 42.63 68.85
CA ASN J 392 -3.16 42.57 67.95
C ASN J 392 -2.73 41.13 67.64
N VAL J 393 -3.52 40.13 68.05
CA VAL J 393 -3.22 38.71 67.82
C VAL J 393 -4.32 38.15 66.93
N LEU J 394 -3.93 37.33 65.97
CA LEU J 394 -4.85 36.61 65.10
C LEU J 394 -4.85 35.15 65.50
N LEU J 395 -5.98 34.69 66.03
CA LEU J 395 -6.13 33.36 66.59
C LEU J 395 -6.88 32.50 65.59
N PRO J 396 -6.97 31.18 65.82
CA PRO J 396 -7.94 30.38 65.07
C PRO J 396 -9.38 30.76 65.37
N THR J 397 -9.67 31.36 66.52
CA THR J 397 -11.03 31.73 66.87
C THR J 397 -11.57 32.85 65.98
N ASP J 398 -10.69 33.69 65.40
CA ASP J 398 -11.16 34.84 64.65
C ASP J 398 -11.63 34.41 63.27
N PRO J 399 -12.64 35.05 62.66
CA PRO J 399 -13.13 34.59 61.35
C PRO J 399 -12.42 35.31 60.21
N ILE J 400 -12.12 34.57 59.15
CA ILE J 400 -11.66 35.17 57.89
C ILE J 400 -12.88 35.54 57.06
N GLY J 401 -13.01 36.83 56.74
CA GLY J 401 -14.11 37.29 55.92
C GLY J 401 -15.47 37.11 56.55
N GLY J 402 -15.56 37.09 57.87
CA GLY J 402 -16.82 36.97 58.55
C GLY J 402 -17.37 35.57 58.67
N LYS J 403 -16.66 34.56 58.14
CA LYS J 403 -17.10 33.17 58.22
C LYS J 403 -16.57 32.57 59.52
N THR J 404 -17.46 32.13 60.40
CA THR J 404 -17.03 31.61 61.69
C THR J 404 -16.26 30.31 61.56
N GLY J 405 -16.55 29.52 60.53
CA GLY J 405 -15.89 28.24 60.32
C GLY J 405 -14.55 28.29 59.62
N ILE J 406 -14.15 29.42 59.06
CA ILE J 406 -12.91 29.59 58.32
C ILE J 406 -12.05 30.58 59.07
N ASN J 407 -10.79 30.20 59.32
CA ASN J 407 -9.84 30.99 60.09
C ASN J 407 -8.51 31.05 59.32
N TYR J 408 -7.53 31.75 59.91
CA TYR J 408 -6.34 32.14 59.17
C TYR J 408 -5.46 30.94 58.81
N THR J 409 -5.53 29.85 59.57
CA THR J 409 -4.79 28.65 59.17
C THR J 409 -5.36 28.00 57.92
N ASN J 410 -6.60 28.32 57.54
CA ASN J 410 -7.14 27.79 56.30
C ASN J 410 -6.42 28.33 55.08
N ILE J 411 -5.81 29.52 55.17
CA ILE J 411 -5.22 30.22 54.03
C ILE J 411 -3.71 30.41 54.15
N PHE J 412 -3.08 29.94 55.22
CA PHE J 412 -1.68 30.25 55.47
C PHE J 412 -0.84 29.17 54.78
N ASN J 413 0.08 29.59 53.91
CA ASN J 413 1.10 28.72 53.33
C ASN J 413 2.45 29.19 53.84
N THR J 414 3.19 28.29 54.47
CA THR J 414 4.49 28.57 55.06
C THR J 414 5.66 28.04 54.23
N TYR J 415 5.41 27.51 53.04
CA TYR J 415 6.49 26.94 52.24
C TYR J 415 7.47 28.03 51.82
N GLY J 416 8.76 27.78 52.07
CA GLY J 416 9.77 28.78 51.86
C GLY J 416 11.14 28.17 51.70
N PRO J 417 12.17 29.00 51.58
CA PRO J 417 13.53 28.46 51.37
C PRO J 417 14.03 27.63 52.54
N LEU J 418 13.61 27.93 53.76
CA LEU J 418 14.12 27.24 54.95
C LEU J 418 13.35 25.96 55.27
N THR J 419 12.26 25.66 54.57
CA THR J 419 11.46 24.49 54.90
C THR J 419 12.18 23.21 54.47
N ALA J 420 12.11 22.19 55.33
CA ALA J 420 12.74 20.89 55.10
C ALA J 420 11.71 19.80 55.40
N LEU J 421 11.63 18.83 54.48
CA LEU J 421 10.58 17.81 54.48
C LEU J 421 11.22 16.44 54.39
N ASN J 422 10.37 15.41 54.45
CA ASN J 422 10.78 14.02 54.27
C ASN J 422 9.78 13.32 53.35
N ASN J 423 10.25 12.27 52.70
CA ASN J 423 9.45 11.56 51.72
C ASN J 423 8.26 10.87 52.39
N VAL J 424 7.24 10.58 51.60
CA VAL J 424 6.00 10.00 52.13
C VAL J 424 6.29 8.59 52.63
N PRO J 425 5.57 8.06 53.61
CA PRO J 425 5.82 6.67 54.02
C PRO J 425 5.47 5.69 52.92
N PRO J 426 6.09 4.51 52.87
CA PRO J 426 5.43 3.38 52.23
C PRO J 426 4.20 2.99 53.03
N VAL J 427 3.27 2.32 52.37
CA VAL J 427 2.05 1.86 53.04
C VAL J 427 1.60 0.56 52.39
N TYR J 428 1.59 -0.49 53.18
CA TYR J 428 1.32 -1.85 52.77
C TYR J 428 -0.12 -2.21 53.09
N PRO J 429 -0.79 -3.07 52.30
CA PRO J 429 -0.46 -3.67 51.00
C PRO J 429 -0.92 -2.90 49.78
N ASN J 430 -1.60 -1.75 49.91
CA ASN J 430 -2.20 -1.05 48.78
C ASN J 430 -1.37 0.10 48.24
N GLY J 431 -0.22 0.42 48.85
CA GLY J 431 0.54 1.56 48.40
C GLY J 431 1.36 1.26 47.15
N GLN J 432 1.66 2.32 46.41
CA GLN J 432 2.50 2.20 45.22
C GLN J 432 3.95 1.94 45.59
N ILE J 433 4.69 1.44 44.60
CA ILE J 433 6.12 1.21 44.73
C ILE J 433 6.90 2.26 43.94
N TRP J 434 6.72 2.32 42.62
CA TRP J 434 7.41 3.28 41.76
C TRP J 434 6.38 4.11 41.00
N ASP J 435 6.81 5.30 40.59
CA ASP J 435 5.96 6.22 39.85
C ASP J 435 6.83 7.05 38.93
N LYS J 436 6.21 7.59 37.88
CA LYS J 436 6.97 8.29 36.85
C LYS J 436 7.18 9.75 37.21
N GLU J 437 8.40 10.24 36.98
CA GLU J 437 8.66 11.66 36.98
C GLU J 437 7.79 12.35 35.93
N PHE J 438 7.20 13.47 36.32
CA PHE J 438 6.50 14.32 35.34
C PHE J 438 7.51 14.90 34.36
N ASP J 439 7.09 14.99 33.10
CA ASP J 439 7.93 15.52 32.03
C ASP J 439 7.68 17.02 31.86
N THR J 440 8.10 17.78 32.89
CA THR J 440 8.06 19.23 32.90
C THR J 440 9.47 19.75 33.15
N ASP J 441 9.66 21.04 32.84
CA ASP J 441 10.99 21.63 32.98
C ASP J 441 11.43 21.68 34.44
N LEU J 442 10.55 22.12 35.33
CA LEU J 442 10.78 22.12 36.77
C LEU J 442 10.03 20.96 37.39
N LYS J 443 10.78 20.06 38.02
CA LYS J 443 10.19 18.87 38.62
C LYS J 443 9.62 19.20 39.99
N PRO J 444 8.68 18.39 40.50
CA PRO J 444 8.32 18.51 41.91
C PRO J 444 9.37 17.86 42.80
N ARG J 445 9.44 18.32 44.05
CA ARG J 445 10.44 17.79 44.98
C ARG J 445 10.18 16.33 45.31
N LEU J 446 8.92 15.95 45.49
CA LEU J 446 8.56 14.57 45.81
C LEU J 446 7.20 14.27 45.21
N HIS J 447 6.95 12.99 44.98
CA HIS J 447 5.66 12.49 44.52
C HIS J 447 4.90 11.98 45.75
N VAL J 448 3.78 12.62 46.06
CA VAL J 448 3.10 12.33 47.32
C VAL J 448 2.45 10.95 47.35
N ASN J 449 2.37 10.24 46.22
CA ASN J 449 1.74 8.93 46.14
C ASN J 449 2.67 7.74 46.39
N ALA J 450 3.93 7.80 45.94
CA ALA J 450 4.87 6.68 45.95
C ALA J 450 6.17 7.08 46.65
N PRO J 451 6.88 6.12 47.27
CA PRO J 451 8.17 6.50 47.89
C PRO J 451 9.28 6.67 46.87
N PHE J 452 9.30 5.83 45.84
CA PHE J 452 10.29 5.84 44.78
C PHE J 452 9.71 6.52 43.55
N VAL J 453 10.57 7.24 42.82
CA VAL J 453 10.17 8.02 41.65
C VAL J 453 11.14 7.71 40.52
N CYS J 454 10.60 7.34 39.37
CA CYS J 454 11.42 6.96 38.23
C CYS J 454 12.03 8.22 37.62
N GLN J 455 13.35 8.35 37.68
CA GLN J 455 13.97 9.63 37.31
C GLN J 455 13.90 9.92 35.82
N ASN J 456 14.28 8.96 34.95
CA ASN J 456 14.34 9.20 33.50
C ASN J 456 13.65 8.14 32.66
N ASN J 457 13.66 6.87 33.05
CA ASN J 457 12.90 5.82 32.38
C ASN J 457 12.19 5.03 33.46
N CYS J 458 10.97 4.58 33.15
CA CYS J 458 10.14 3.97 34.16
C CYS J 458 9.46 2.80 33.47
N PRO J 459 9.16 1.68 34.15
CA PRO J 459 8.90 0.43 33.43
C PRO J 459 7.67 0.46 32.53
N GLY J 460 7.80 -0.18 31.38
CA GLY J 460 6.73 -0.24 30.41
C GLY J 460 5.56 -1.08 30.87
N GLN J 461 4.35 -0.60 30.61
CA GLN J 461 3.16 -1.37 30.94
C GLN J 461 2.99 -2.55 30.01
N LEU J 462 2.38 -3.60 30.52
CA LEU J 462 2.06 -4.82 29.80
C LEU J 462 0.55 -4.83 29.54
N PHE J 463 0.17 -4.65 28.28
CA PHE J 463 -1.21 -4.72 27.84
C PHE J 463 -1.51 -6.11 27.32
N VAL J 464 -2.75 -6.56 27.53
CA VAL J 464 -3.22 -7.87 27.10
C VAL J 464 -4.58 -7.72 26.45
N LYS J 465 -4.88 -8.63 25.52
CA LYS J 465 -6.16 -8.62 24.82
C LYS J 465 -6.28 -9.93 24.07
N VAL J 466 -7.41 -10.63 24.26
CA VAL J 466 -7.68 -11.80 23.43
C VAL J 466 -7.98 -11.33 22.02
N ALA J 467 -7.34 -11.97 21.04
CA ALA J 467 -7.51 -11.54 19.67
C ALA J 467 -8.94 -11.85 19.23
N PRO J 468 -9.44 -11.17 18.19
CA PRO J 468 -10.81 -11.46 17.75
C PRO J 468 -10.95 -12.88 17.23
N ASN J 469 -12.11 -13.47 17.52
CA ASN J 469 -12.57 -14.70 16.88
C ASN J 469 -13.95 -14.41 16.31
N LEU J 470 -14.08 -14.54 14.99
CA LEU J 470 -15.25 -14.07 14.25
C LEU J 470 -16.15 -15.23 13.85
N THR J 471 -17.45 -14.95 13.79
CA THR J 471 -18.39 -15.89 13.21
C THR J 471 -18.26 -15.90 11.69
N ASN J 472 -18.86 -16.91 11.07
CA ASN J 472 -18.89 -16.97 9.61
C ASN J 472 -19.77 -15.89 9.00
N GLU J 473 -20.73 -15.35 9.76
CA GLU J 473 -21.63 -14.32 9.28
C GLU J 473 -21.04 -12.92 9.28
N TYR J 474 -19.72 -12.75 9.41
CA TYR J 474 -19.15 -11.42 9.49
C TYR J 474 -19.26 -10.69 8.15
N ASP J 475 -19.50 -9.39 8.24
CA ASP J 475 -19.55 -8.49 7.10
C ASP J 475 -19.14 -7.10 7.57
N PRO J 476 -18.02 -6.52 7.12
CA PRO J 476 -17.66 -5.17 7.60
C PRO J 476 -18.67 -4.09 7.23
N ASP J 477 -19.48 -4.30 6.19
CA ASP J 477 -20.55 -3.37 5.86
C ASP J 477 -21.68 -3.38 6.88
N ALA J 478 -21.74 -4.39 7.76
CA ALA J 478 -22.73 -4.39 8.82
C ALA J 478 -22.46 -3.26 9.81
N SER J 479 -23.51 -2.51 10.14
CA SER J 479 -23.38 -1.43 11.10
C SER J 479 -23.20 -1.96 12.52
N ALA J 480 -23.80 -3.10 12.83
CA ALA J 480 -23.81 -3.62 14.20
C ALA J 480 -22.40 -4.04 14.62
N ASN J 481 -22.25 -4.21 15.93
CA ASN J 481 -21.00 -4.75 16.46
C ASN J 481 -20.78 -6.15 15.93
N MET J 482 -19.52 -6.46 15.65
CA MET J 482 -19.17 -7.75 15.04
C MET J 482 -19.55 -8.90 15.96
N SER J 483 -20.26 -9.88 15.41
CA SER J 483 -20.73 -11.00 16.22
C SER J 483 -19.58 -11.94 16.53
N ARG J 484 -18.98 -11.77 17.70
CA ARG J 484 -17.82 -12.53 18.11
C ARG J 484 -18.22 -13.85 18.72
N ILE J 485 -17.28 -14.79 18.74
CA ILE J 485 -17.44 -16.05 19.45
C ILE J 485 -16.99 -15.83 20.89
N VAL J 486 -17.76 -16.35 21.84
CA VAL J 486 -17.52 -16.07 23.25
C VAL J 486 -16.22 -16.76 23.64
N THR J 487 -15.17 -15.96 23.80
CA THR J 487 -13.82 -16.45 24.07
C THR J 487 -13.32 -15.84 25.37
N TYR J 488 -12.57 -16.64 26.13
CA TYR J 488 -11.91 -16.16 27.33
C TYR J 488 -10.52 -16.80 27.37
N SER J 489 -9.64 -16.21 28.16
CA SER J 489 -8.29 -16.72 28.36
C SER J 489 -7.91 -16.61 29.82
N ASP J 490 -7.09 -17.55 30.26
CA ASP J 490 -6.46 -17.55 31.57
C ASP J 490 -4.99 -17.86 31.38
N PHE J 491 -4.13 -17.13 32.08
CA PHE J 491 -2.69 -17.33 31.92
C PHE J 491 -2.00 -17.03 33.23
N TRP J 492 -0.78 -17.54 33.38
CA TRP J 492 0.04 -17.22 34.52
C TRP J 492 0.88 -15.98 34.23
N TRP J 493 0.72 -14.95 35.06
CA TRP J 493 1.68 -13.86 35.12
C TRP J 493 2.73 -14.19 36.17
N LYS J 494 3.98 -13.86 35.88
CA LYS J 494 5.09 -14.03 36.80
C LYS J 494 5.92 -12.75 36.78
N GLY J 495 6.44 -12.38 37.94
CA GLY J 495 7.26 -11.19 38.06
C GLY J 495 8.33 -11.37 39.12
N LYS J 496 9.46 -10.73 38.87
CA LYS J 496 10.59 -10.69 39.80
C LYS J 496 10.96 -9.23 40.01
N LEU J 497 11.30 -8.87 41.24
CA LEU J 497 11.58 -7.50 41.60
C LEU J 497 12.67 -7.50 42.67
N VAL J 498 13.78 -6.82 42.38
CA VAL J 498 15.01 -6.91 43.16
C VAL J 498 15.17 -5.61 43.94
N PHE J 499 15.43 -5.74 45.24
CA PHE J 499 15.72 -4.62 46.13
C PHE J 499 17.14 -4.74 46.65
N LYS J 500 17.59 -3.68 47.33
CA LYS J 500 18.92 -3.61 47.92
C LYS J 500 18.85 -2.69 49.12
N ALA J 501 19.05 -3.25 50.33
CA ALA J 501 18.66 -2.62 51.58
C ALA J 501 19.77 -2.68 52.59
N LYS J 502 19.68 -1.80 53.59
CA LYS J 502 20.64 -1.68 54.68
C LYS J 502 20.01 -2.18 55.97
N LEU J 503 20.68 -3.13 56.64
CA LEU J 503 20.22 -3.56 57.94
C LEU J 503 20.44 -2.46 58.99
N ARG J 504 19.73 -2.59 60.10
CA ARG J 504 19.85 -1.63 61.19
C ARG J 504 21.21 -1.77 61.88
N ALA J 505 21.52 -0.78 62.72
CA ALA J 505 22.66 -0.84 63.63
C ALA J 505 22.21 -0.35 65.00
N SER J 506 22.89 -0.84 66.03
CA SER J 506 22.54 -0.52 67.42
C SER J 506 23.00 0.90 67.77
N HIS J 507 22.18 1.87 67.36
CA HIS J 507 22.54 3.27 67.60
C HIS J 507 22.38 3.67 69.06
N THR J 508 21.28 3.26 69.69
CA THR J 508 20.83 3.87 70.94
C THR J 508 20.66 2.81 72.02
N TRP J 509 20.61 3.27 73.27
CA TRP J 509 20.48 2.37 74.41
C TRP J 509 19.07 1.79 74.51
N ASN J 510 18.06 2.63 74.30
CA ASN J 510 16.68 2.19 74.55
C ASN J 510 16.27 1.14 73.51
N PRO J 511 15.25 0.34 73.79
CA PRO J 511 14.70 -0.52 72.74
C PRO J 511 13.77 0.27 71.83
N ILE J 512 13.92 0.06 70.54
CA ILE J 512 13.17 0.84 69.53
C ILE J 512 11.77 0.26 69.38
N GLN J 513 10.90 1.03 68.72
CA GLN J 513 9.58 0.52 68.39
C GLN J 513 9.71 -0.64 67.41
N GLN J 514 9.07 -1.75 67.75
CA GLN J 514 9.12 -2.98 66.97
C GLN J 514 7.70 -3.50 66.79
N MET J 515 7.30 -3.69 65.54
CA MET J 515 5.98 -4.17 65.21
C MET J 515 5.99 -5.69 65.27
N SER J 516 4.97 -6.27 65.89
CA SER J 516 4.90 -7.71 66.06
C SER J 516 3.45 -8.09 66.36
N ILE J 517 3.18 -9.39 66.24
CA ILE J 517 1.86 -9.91 66.53
C ILE J 517 1.59 -9.76 68.02
N ASN J 518 0.34 -9.43 68.36
CA ASN J 518 -0.13 -9.43 69.73
C ASN J 518 -1.50 -10.09 69.75
N VAL J 519 -2.09 -10.17 70.95
CA VAL J 519 -3.38 -10.83 71.09
C VAL J 519 -4.47 -10.09 70.33
N ASP J 520 -4.38 -8.76 70.25
CA ASP J 520 -5.44 -7.99 69.60
C ASP J 520 -5.46 -8.25 68.09
N ASN J 521 -4.30 -8.16 67.44
CA ASN J 521 -4.23 -8.25 65.98
C ASN J 521 -4.03 -9.67 65.47
N GLN J 522 -4.19 -10.68 66.32
CA GLN J 522 -3.73 -12.03 65.98
C GLN J 522 -4.59 -12.65 64.87
N PHE J 523 -5.91 -12.54 65.00
CA PHE J 523 -6.81 -13.18 64.03
C PHE J 523 -6.71 -12.57 62.64
N ASN J 524 -6.20 -11.35 62.51
CA ASN J 524 -6.12 -10.69 61.21
C ASN J 524 -5.15 -11.37 60.26
N TYR J 525 -4.20 -12.17 60.76
CA TYR J 525 -3.10 -12.71 59.95
C TYR J 525 -3.27 -14.19 59.61
N VAL J 526 -4.42 -14.80 59.88
CA VAL J 526 -4.61 -16.24 59.68
C VAL J 526 -6.03 -16.51 59.21
N PRO J 527 -6.25 -17.59 58.45
CA PRO J 527 -7.55 -17.77 57.81
C PRO J 527 -8.61 -18.26 58.79
N SER J 528 -9.86 -18.28 58.30
CA SER J 528 -11.03 -18.57 59.10
C SER J 528 -11.62 -19.93 58.70
N ASN J 529 -12.75 -20.27 59.34
CA ASN J 529 -13.41 -21.54 59.06
C ASN J 529 -13.94 -21.59 57.63
N ILE J 530 -14.62 -20.52 57.20
CA ILE J 530 -15.12 -20.45 55.83
C ILE J 530 -13.99 -20.43 54.81
N GLY J 531 -12.80 -19.96 55.21
CA GLY J 531 -11.64 -19.92 54.34
C GLY J 531 -11.21 -18.53 53.92
N GLY J 532 -11.80 -17.48 54.49
CA GLY J 532 -11.42 -16.14 54.12
C GLY J 532 -10.14 -15.70 54.80
N MET J 533 -9.69 -14.50 54.42
CA MET J 533 -8.46 -13.93 54.92
C MET J 533 -8.57 -12.41 54.83
N LYS J 534 -7.73 -11.72 55.60
CA LYS J 534 -7.62 -10.27 55.50
C LYS J 534 -6.17 -9.87 55.72
N ILE J 535 -5.79 -8.77 55.06
CA ILE J 535 -4.47 -8.15 55.21
C ILE J 535 -4.72 -6.78 55.81
N VAL J 536 -4.58 -6.66 57.14
CA VAL J 536 -4.67 -5.34 57.75
C VAL J 536 -3.48 -4.49 57.34
N TYR J 537 -3.60 -3.18 57.56
CA TYR J 537 -2.58 -2.25 57.09
C TYR J 537 -1.38 -2.29 58.02
N GLU J 538 -0.19 -2.41 57.42
CA GLU J 538 1.06 -2.50 58.18
C GLU J 538 1.79 -1.17 58.15
N LYS J 539 2.26 -0.73 59.31
CA LYS J 539 3.06 0.49 59.39
C LYS J 539 4.40 0.28 58.69
N SER J 540 5.01 1.40 58.27
CA SER J 540 6.24 1.37 57.46
C SER J 540 7.46 1.90 58.20
N GLN J 541 7.41 3.15 58.66
CA GLN J 541 8.56 3.77 59.33
C GLN J 541 8.50 3.59 60.84
N LEU J 542 8.79 2.38 61.34
CA LEU J 542 8.74 2.13 62.76
C LEU J 542 9.94 2.72 63.49
N ALA J 543 11.12 2.53 62.94
CA ALA J 543 12.33 2.87 63.70
C ALA J 543 12.54 4.38 63.71
N PRO J 544 13.16 4.95 64.75
CA PRO J 544 13.46 6.39 64.74
C PRO J 544 14.86 6.69 64.24
N ARG J 545 15.06 7.93 63.83
CA ARG J 545 16.39 8.47 63.56
C ARG J 545 16.39 9.96 63.85
N LYS J 546 17.57 10.51 64.08
CA LYS J 546 17.71 11.92 64.41
C LYS J 546 17.86 12.75 63.14
N LEU J 547 17.09 13.84 63.07
CA LEU J 547 17.11 14.75 61.93
C LEU J 547 18.33 15.65 61.96
N TYR J 548 18.72 16.12 63.14
CA TYR J 548 19.86 17.02 63.28
C TYR J 548 20.38 17.02 64.71
#